data_9DZ7
#
_entry.id   9DZ7
#
_cell.length_a   59.672
_cell.length_b   112.518
_cell.length_c   117.388
_cell.angle_alpha   115.76
_cell.angle_beta   98.31
_cell.angle_gamma   91.49
#
_symmetry.space_group_name_H-M   'P 1'
#
loop_
_entity.id
_entity.type
_entity.pdbx_description
1 polymer '5-aminolevulinate synthase, mitochondrial'
2 non-polymer N-GLYCINE-[3-HYDROXY-2-METHYL-5-PHOSPHONOOXYMETHYL-PYRIDIN-4-YL-METHANE]
3 non-polymer DI(HYDROXYETHYL)ETHER
4 water water
#
_entity_poly.entity_id   1
_entity_poly.type   'polypeptide(L)'
_entity_poly.pdbx_seq_one_letter_code
;AAAAANHSTQESGFDYEGLIDSELQKKRLDKSYRYFNNINRLAKEFPLAHRQREADKVTVWCSNDYLALSKHPEVLDAMH
KTIDKYGCGAGGTRNIAGHNIPTLNLEAELATLHKKEGALVFSSCYVANDAVLSLLGQKMKDLVIFSDELNHASMIVGIK
HANVKKHIFKHNDLNELEQLLQSYPKSVPKLIAFESVYSMAGSVADIEKICDLADKYGALTFLDEVHAVGLYGPHGAGVA
EHCDFESHRASGIATPKTNDKGGAKTVMDRVDMITGTLGKSFGSVGGYVAASRKLIDWFRSFAPGFIFTTTLPPSVMAGA
TAAIRYQRCHIDLRTSQQKHTMYVKKAFHELGIPVIPNPSHIVPVLIGNADLAKQASDILINKHQIYVQAINFPTVARGT
ERLRITPTPGHTNDLSDILINAVDDVFNELQLPRVRDWESQGGLLGVGESGFVEESNLWTSSQLSLTNDDLNPNVRDPIV
KQLEVSSGIKQ
;
_entity_poly.pdbx_strand_id   F,A,C,E,D,B
#
loop_
_chem_comp.id
_chem_comp.type
_chem_comp.name
_chem_comp.formula
PEG non-polymer DI(HYDROXYETHYL)ETHER 'C4 H10 O3'
PLG non-polymer N-GLYCINE-[3-HYDROXY-2-METHYL-5-PHOSPHONOOXYMETHYL-PYRIDIN-4-YL-METHANE] 'C10 H15 N2 O7 P'
#
# COMPACT_ATOMS: atom_id res chain seq x y z
N SER A 12 23.87 13.44 5.06
CA SER A 12 23.62 12.51 6.18
C SER A 12 22.18 12.66 6.68
N GLY A 13 21.75 11.66 7.46
CA GLY A 13 20.38 11.52 7.87
C GLY A 13 20.10 12.20 9.21
N PHE A 14 19.22 11.55 9.96
CA PHE A 14 18.69 12.09 11.20
C PHE A 14 19.82 12.28 12.19
N ASP A 15 19.74 13.31 13.03
CA ASP A 15 20.72 13.58 14.07
C ASP A 15 20.30 12.83 15.35
N TYR A 16 20.68 11.54 15.41
CA TYR A 16 20.33 10.67 16.52
C TYR A 16 21.03 11.13 17.80
N GLU A 17 22.29 11.54 17.66
CA GLU A 17 23.11 11.95 18.79
C GLU A 17 22.58 13.26 19.37
N GLY A 18 22.13 14.17 18.49
CA GLY A 18 21.47 15.41 18.89
C GLY A 18 20.19 15.19 19.70
N LEU A 19 19.34 14.23 19.28
CA LEU A 19 18.10 13.95 19.98
C LEU A 19 18.41 13.48 21.41
N ILE A 20 19.41 12.59 21.53
CA ILE A 20 19.77 11.96 22.79
C ILE A 20 20.40 13.02 23.72
N ASP A 21 21.33 13.84 23.20
CA ASP A 21 21.98 14.92 23.94
C ASP A 21 20.96 15.83 24.62
N SER A 22 19.98 16.31 23.84
CA SER A 22 18.99 17.24 24.35
C SER A 22 18.09 16.55 25.38
N GLU A 23 17.82 15.25 25.18
CA GLU A 23 16.98 14.45 26.08
C GLU A 23 17.68 14.30 27.45
N LEU A 24 19.00 14.05 27.44
CA LEU A 24 19.83 13.92 28.63
C LEU A 24 20.00 15.26 29.34
N GLN A 25 20.00 16.35 28.56
CA GLN A 25 20.14 17.70 29.08
C GLN A 25 18.91 18.13 29.86
N LYS A 26 17.72 17.66 29.44
CA LYS A 26 16.48 17.95 30.15
C LYS A 26 16.50 17.33 31.54
N LYS A 27 17.12 16.16 31.68
CA LYS A 27 17.24 15.47 32.97
C LYS A 27 18.13 16.29 33.93
N ARG A 28 19.22 16.86 33.39
CA ARG A 28 20.17 17.63 34.19
C ARG A 28 19.59 18.98 34.61
N LEU A 29 18.94 19.68 33.67
CA LEU A 29 18.33 20.98 33.92
C LEU A 29 17.17 20.88 34.92
N ASP A 30 16.31 19.86 34.79
CA ASP A 30 15.18 19.66 35.71
C ASP A 30 15.65 18.95 36.98
N LYS A 31 16.91 18.48 37.01
CA LYS A 31 17.59 18.03 38.22
C LYS A 31 17.02 16.70 38.73
N SER A 32 16.51 15.87 37.80
CA SER A 32 16.05 14.52 38.10
C SER A 32 17.08 13.50 37.60
N TYR A 33 18.20 13.97 37.04
CA TYR A 33 19.30 13.12 36.62
C TYR A 33 19.93 12.46 37.85
N ARG A 34 19.95 11.12 37.86
CA ARG A 34 20.25 10.32 39.06
C ARG A 34 21.73 9.91 39.09
N TYR A 35 22.31 9.98 40.31
CA TYR A 35 23.64 9.46 40.60
C TYR A 35 23.48 8.26 41.53
N PHE A 36 23.89 7.08 41.06
CA PHE A 36 23.81 5.87 41.86
C PHE A 36 24.96 5.86 42.87
N ASN A 37 24.66 5.39 44.09
CA ASN A 37 25.67 5.21 45.13
C ASN A 37 26.22 3.78 45.10
N ASN A 38 27.55 3.68 45.22
CA ASN A 38 28.25 2.41 45.35
C ASN A 38 28.02 1.89 46.76
N ILE A 39 27.08 0.94 46.89
CA ILE A 39 26.63 0.40 48.17
C ILE A 39 26.79 -1.12 48.14
N ASN A 40 27.71 -1.61 48.99
CA ASN A 40 28.09 -3.01 49.02
C ASN A 40 27.66 -3.60 50.36
N ARG A 41 26.47 -4.22 50.37
CA ARG A 41 25.80 -4.64 51.59
C ARG A 41 26.55 -5.84 52.18
N LEU A 42 26.75 -5.82 53.50
CA LEU A 42 27.57 -6.79 54.20
C LEU A 42 26.66 -7.78 54.92
N ALA A 43 26.67 -9.03 54.43
CA ALA A 43 25.85 -10.12 54.94
C ALA A 43 26.19 -10.41 56.40
N LYS A 44 27.49 -10.28 56.74
CA LYS A 44 28.00 -10.59 58.07
C LYS A 44 27.81 -9.40 59.03
N GLU A 45 27.33 -8.26 58.56
CA GLU A 45 27.26 -7.07 59.41
C GLU A 45 26.01 -6.25 59.10
N PHE A 46 24.89 -6.92 58.86
CA PHE A 46 23.66 -6.24 58.51
C PHE A 46 23.28 -5.23 59.61
N PRO A 47 22.80 -3.99 59.33
CA PRO A 47 22.57 -3.44 57.99
C PRO A 47 23.65 -2.49 57.47
N LEU A 48 24.91 -2.81 57.74
CA LEU A 48 26.03 -2.06 57.20
C LEU A 48 26.27 -2.38 55.72
N ALA A 49 26.94 -1.44 55.06
CA ALA A 49 27.45 -1.59 53.70
C ALA A 49 28.75 -0.81 53.59
N HIS A 50 29.60 -1.15 52.64
CA HIS A 50 30.76 -0.33 52.34
C HIS A 50 30.54 0.36 50.99
N ARG A 51 31.27 1.45 50.80
CA ARG A 51 31.25 2.18 49.55
C ARG A 51 32.38 1.67 48.66
N GLN A 52 33.10 2.57 47.97
CA GLN A 52 34.18 2.19 47.07
C GLN A 52 35.21 1.38 47.85
N ARG A 53 35.64 1.89 49.02
CA ARG A 53 36.64 1.23 49.85
C ARG A 53 35.91 0.36 50.87
N GLU A 54 36.50 -0.80 51.20
CA GLU A 54 35.92 -1.73 52.16
C GLU A 54 35.82 -1.09 53.54
N ALA A 55 36.79 -0.23 53.87
CA ALA A 55 36.93 0.39 55.18
C ALA A 55 35.88 1.49 55.38
N ASP A 56 35.28 1.98 54.30
CA ASP A 56 34.33 3.10 54.36
C ASP A 56 32.90 2.56 54.44
N LYS A 57 32.39 2.42 55.67
CA LYS A 57 31.10 1.78 55.94
C LYS A 57 30.02 2.81 56.27
N VAL A 58 28.78 2.44 55.93
CA VAL A 58 27.61 3.25 56.25
C VAL A 58 26.52 2.32 56.77
N THR A 59 25.51 2.90 57.40
CA THR A 59 24.34 2.13 57.80
C THR A 59 23.24 2.35 56.78
N VAL A 60 22.73 1.24 56.24
CA VAL A 60 21.73 1.31 55.20
C VAL A 60 20.36 1.36 55.85
N TRP A 61 19.60 2.40 55.46
CA TRP A 61 18.28 2.67 56.01
C TRP A 61 17.22 2.78 54.92
N CYS A 62 17.53 2.37 53.67
CA CYS A 62 16.59 2.50 52.57
C CYS A 62 16.52 1.25 51.71
N SER A 63 17.03 0.11 52.21
CA SER A 63 16.96 -1.15 51.50
C SER A 63 15.54 -1.71 51.57
N ASN A 64 15.19 -2.54 50.58
CA ASN A 64 13.91 -3.23 50.57
C ASN A 64 14.09 -4.68 51.01
N ASP A 65 15.27 -4.98 51.57
CA ASP A 65 15.49 -6.24 52.25
C ASP A 65 14.82 -6.14 53.62
N TYR A 66 13.48 -6.13 53.59
CA TYR A 66 12.66 -5.62 54.69
C TYR A 66 12.82 -6.44 55.96
N LEU A 67 13.09 -7.74 55.84
CA LEU A 67 13.19 -8.66 56.96
C LEU A 67 14.63 -9.13 57.18
N ALA A 68 15.58 -8.58 56.42
CA ALA A 68 16.99 -8.95 56.50
C ALA A 68 17.24 -10.40 56.10
N LEU A 69 16.36 -10.97 55.26
CA LEU A 69 16.45 -12.37 54.92
C LEU A 69 17.47 -12.62 53.80
N SER A 70 18.01 -11.55 53.18
CA SER A 70 19.03 -11.70 52.15
C SER A 70 20.27 -12.38 52.72
N LYS A 71 20.47 -12.30 54.04
CA LYS A 71 21.68 -12.84 54.64
C LYS A 71 21.31 -13.93 55.67
N HIS A 72 20.06 -14.40 55.67
CA HIS A 72 19.62 -15.41 56.62
C HIS A 72 20.35 -16.73 56.35
N PRO A 73 20.85 -17.43 57.40
CA PRO A 73 21.62 -18.66 57.21
C PRO A 73 20.92 -19.72 56.38
N GLU A 74 19.59 -19.83 56.49
CA GLU A 74 18.87 -20.85 55.75
C GLU A 74 18.80 -20.48 54.28
N VAL A 75 18.78 -19.18 53.97
CA VAL A 75 18.81 -18.68 52.60
C VAL A 75 20.18 -18.94 51.98
N LEU A 76 21.25 -18.59 52.71
CA LEU A 76 22.61 -18.73 52.20
C LEU A 76 22.95 -20.19 52.02
N ASP A 77 22.52 -21.02 52.99
CA ASP A 77 22.81 -22.44 52.97
C ASP A 77 22.11 -23.11 51.78
N ALA A 78 20.86 -22.71 51.52
CA ALA A 78 20.09 -23.21 50.41
C ALA A 78 20.79 -22.85 49.09
N MET A 79 21.33 -21.64 49.01
CA MET A 79 22.07 -21.19 47.84
C MET A 79 23.31 -22.05 47.63
N HIS A 80 24.14 -22.15 48.68
CA HIS A 80 25.41 -22.86 48.57
C HIS A 80 25.19 -24.30 48.11
N LYS A 81 24.24 -24.98 48.73
CA LYS A 81 23.97 -26.38 48.42
C LYS A 81 23.42 -26.52 47.00
N THR A 82 22.57 -25.60 46.57
CA THR A 82 21.96 -25.67 45.24
C THR A 82 23.02 -25.44 44.16
N ILE A 83 23.94 -24.48 44.39
CA ILE A 83 25.04 -24.19 43.48
C ILE A 83 25.92 -25.42 43.28
N ASP A 84 26.20 -26.13 44.37
CA ASP A 84 27.07 -27.31 44.30
C ASP A 84 26.43 -28.41 43.48
N LYS A 85 25.10 -28.49 43.47
CA LYS A 85 24.39 -29.56 42.77
C LYS A 85 24.03 -29.14 41.34
N TYR A 86 23.52 -27.92 41.16
CA TYR A 86 22.92 -27.47 39.91
C TYR A 86 23.84 -26.57 39.08
N GLY A 87 24.83 -25.95 39.75
CA GLY A 87 25.61 -24.88 39.16
C GLY A 87 24.94 -23.51 39.36
N CYS A 88 25.29 -22.56 38.48
CA CYS A 88 24.80 -21.19 38.53
C CYS A 88 23.52 -21.06 37.68
N GLY A 89 23.66 -21.00 36.36
CA GLY A 89 22.51 -20.76 35.51
C GLY A 89 21.60 -21.99 35.37
N ALA A 90 20.31 -21.70 35.11
CA ALA A 90 19.32 -22.71 34.74
C ALA A 90 19.71 -23.41 33.43
N GLY A 91 20.35 -22.66 32.52
CA GLY A 91 20.84 -23.19 31.25
C GLY A 91 19.77 -23.28 30.17
N GLY A 92 18.64 -22.61 30.38
CA GLY A 92 17.54 -22.66 29.42
C GLY A 92 16.27 -21.99 29.97
N THR A 93 15.22 -22.02 29.12
CA THR A 93 13.88 -21.56 29.46
C THR A 93 13.05 -22.70 30.05
N ARG A 94 11.89 -22.36 30.60
CA ARG A 94 11.01 -23.35 31.23
C ARG A 94 10.64 -24.44 30.22
N ASN A 95 10.48 -24.09 28.94
CA ASN A 95 10.17 -25.08 27.92
C ASN A 95 11.36 -26.00 27.65
N ILE A 96 12.58 -25.46 27.64
CA ILE A 96 13.75 -26.18 27.17
C ILE A 96 14.83 -26.17 28.25
N ALA A 97 14.82 -27.20 29.11
CA ALA A 97 15.93 -27.57 29.98
C ALA A 97 16.02 -26.68 31.23
N GLY A 98 15.09 -25.72 31.37
CA GLY A 98 15.09 -24.80 32.50
C GLY A 98 13.86 -24.95 33.40
N HIS A 99 13.26 -26.16 33.42
CA HIS A 99 12.22 -26.52 34.38
C HIS A 99 12.72 -27.63 35.31
N ASN A 100 12.52 -27.47 36.63
CA ASN A 100 13.30 -28.20 37.63
C ASN A 100 12.64 -28.15 39.01
N ILE A 101 13.21 -28.89 39.96
CA ILE A 101 12.65 -29.08 41.29
C ILE A 101 12.62 -27.77 42.09
N PRO A 102 13.72 -26.97 42.11
CA PRO A 102 13.69 -25.65 42.75
C PRO A 102 12.56 -24.75 42.26
N THR A 103 12.26 -24.81 40.96
CA THR A 103 11.16 -24.06 40.36
C THR A 103 9.82 -24.56 40.91
N LEU A 104 9.66 -25.88 40.92
CA LEU A 104 8.44 -26.51 41.41
C LEU A 104 8.22 -26.20 42.89
N ASN A 105 9.27 -26.30 43.71
CA ASN A 105 9.14 -26.04 45.14
C ASN A 105 8.75 -24.59 45.41
N LEU A 106 9.30 -23.66 44.63
CA LEU A 106 9.05 -22.24 44.85
C LEU A 106 7.61 -21.88 44.46
N GLU A 107 7.15 -22.35 43.30
CA GLU A 107 5.79 -22.08 42.87
C GLU A 107 4.82 -22.68 43.90
N ALA A 108 5.13 -23.88 44.41
CA ALA A 108 4.27 -24.52 45.40
C ALA A 108 4.22 -23.72 46.69
N GLU A 109 5.37 -23.15 47.09
CA GLU A 109 5.46 -22.39 48.32
C GLU A 109 4.63 -21.12 48.25
N LEU A 110 4.66 -20.45 47.09
CA LEU A 110 3.96 -19.20 46.91
C LEU A 110 2.45 -19.42 46.88
N ALA A 111 2.00 -20.50 46.22
CA ALA A 111 0.61 -20.88 46.17
C ALA A 111 0.09 -21.18 47.58
N THR A 112 0.91 -21.89 48.37
CA THR A 112 0.61 -22.20 49.75
C THR A 112 0.46 -20.92 50.58
N LEU A 113 1.39 -19.95 50.37
CA LEU A 113 1.43 -18.72 51.14
C LEU A 113 0.14 -17.92 50.97
N HIS A 114 -0.32 -17.80 49.72
CA HIS A 114 -1.50 -17.03 49.39
C HIS A 114 -2.76 -17.90 49.43
N LYS A 115 -2.60 -19.20 49.75
CA LYS A 115 -3.70 -20.16 49.84
C LYS A 115 -4.50 -20.15 48.54
N LYS A 116 -3.77 -20.19 47.41
CA LYS A 116 -4.34 -20.24 46.07
C LYS A 116 -4.02 -21.60 45.45
N GLU A 117 -4.75 -21.92 44.37
CA GLU A 117 -4.53 -23.16 43.63
C GLU A 117 -3.15 -23.18 42.98
N GLY A 118 -2.67 -22.03 42.48
CA GLY A 118 -1.43 -21.99 41.72
C GLY A 118 -0.64 -20.70 41.90
N ALA A 119 0.65 -20.76 41.52
CA ALA A 119 1.50 -19.58 41.38
C ALA A 119 2.49 -19.82 40.23
N LEU A 120 2.90 -18.71 39.58
CA LEU A 120 3.82 -18.74 38.46
C LEU A 120 4.92 -17.73 38.70
N VAL A 121 6.17 -18.18 38.56
CA VAL A 121 7.33 -17.33 38.81
C VAL A 121 7.81 -16.75 37.48
N PHE A 122 8.19 -15.46 37.53
CA PHE A 122 8.74 -14.70 36.43
C PHE A 122 10.11 -14.15 36.85
N SER A 123 10.85 -13.58 35.88
CA SER A 123 12.16 -12.95 36.12
C SER A 123 12.13 -11.91 37.23
N SER A 124 11.02 -11.17 37.31
CA SER A 124 10.86 -10.04 38.20
C SER A 124 9.37 -9.77 38.37
N CYS A 125 8.97 -9.03 39.42
CA CYS A 125 7.57 -8.63 39.52
C CYS A 125 7.26 -7.57 38.45
N TYR A 126 8.24 -6.80 38.01
CA TYR A 126 8.02 -5.86 36.92
C TYR A 126 7.48 -6.64 35.73
N VAL A 127 8.11 -7.78 35.41
CA VAL A 127 7.75 -8.61 34.27
C VAL A 127 6.42 -9.33 34.52
N ALA A 128 6.20 -9.80 35.75
CA ALA A 128 4.95 -10.46 36.12
C ALA A 128 3.77 -9.51 35.88
N ASN A 129 3.87 -8.28 36.41
CA ASN A 129 2.84 -7.27 36.31
C ASN A 129 2.56 -6.96 34.84
N ASP A 130 3.62 -6.77 34.07
CA ASP A 130 3.49 -6.43 32.66
C ASP A 130 2.81 -7.58 31.92
N ALA A 131 3.22 -8.83 32.20
CA ALA A 131 2.75 -10.02 31.49
C ALA A 131 1.25 -10.23 31.72
N VAL A 132 0.84 -10.16 32.98
CA VAL A 132 -0.54 -10.44 33.35
C VAL A 132 -1.48 -9.37 32.77
N LEU A 133 -1.12 -8.10 32.98
CA LEU A 133 -1.92 -6.97 32.53
C LEU A 133 -1.98 -6.92 31.01
N SER A 134 -0.84 -7.15 30.34
CA SER A 134 -0.77 -7.15 28.88
C SER A 134 -1.75 -8.18 28.30
N LEU A 135 -1.73 -9.39 28.88
CA LEU A 135 -2.44 -10.51 28.32
C LEU A 135 -3.94 -10.33 28.49
N LEU A 136 -4.35 -9.89 29.68
CA LEU A 136 -5.75 -9.63 29.97
C LEU A 136 -6.33 -8.68 28.92
N GLY A 137 -5.66 -7.55 28.70
CA GLY A 137 -6.10 -6.54 27.76
C GLY A 137 -6.01 -7.00 26.30
N GLN A 138 -5.03 -7.84 25.99
CA GLN A 138 -4.81 -8.28 24.62
C GLN A 138 -5.81 -9.36 24.25
N LYS A 139 -6.38 -10.04 25.26
CA LYS A 139 -7.32 -11.13 25.00
C LYS A 139 -8.76 -10.70 25.25
N MET A 140 -8.95 -9.58 25.98
CA MET A 140 -10.27 -8.98 26.12
C MET A 140 -10.18 -7.52 25.73
N LYS A 141 -10.46 -7.23 24.43
CA LYS A 141 -10.30 -5.89 23.89
C LYS A 141 -11.38 -4.94 24.43
N ASP A 142 -12.46 -5.53 24.96
CA ASP A 142 -13.55 -4.79 25.58
C ASP A 142 -13.26 -4.47 27.05
N LEU A 143 -12.10 -4.89 27.59
CA LEU A 143 -11.80 -4.73 29.00
C LEU A 143 -11.63 -3.25 29.34
N VAL A 144 -12.12 -2.88 30.52
CA VAL A 144 -11.89 -1.56 31.09
C VAL A 144 -11.11 -1.73 32.39
N ILE A 145 -9.96 -1.07 32.47
CA ILE A 145 -9.09 -1.15 33.63
C ILE A 145 -9.26 0.11 34.47
N PHE A 146 -9.43 -0.11 35.76
CA PHE A 146 -9.56 0.96 36.74
C PHE A 146 -8.31 0.92 37.61
N SER A 147 -7.52 1.98 37.53
CA SER A 147 -6.17 2.01 38.05
C SER A 147 -5.98 3.17 39.03
N ASP A 148 -5.44 2.83 40.20
CA ASP A 148 -5.14 3.81 41.24
C ASP A 148 -4.05 4.74 40.72
N GLU A 149 -4.20 6.04 40.96
CA GLU A 149 -3.29 7.01 40.39
C GLU A 149 -1.85 6.75 40.89
N LEU A 150 -1.65 6.09 42.04
CA LEU A 150 -0.30 5.92 42.56
C LEU A 150 0.27 4.53 42.27
N ASN A 151 -0.32 3.81 41.31
CA ASN A 151 0.21 2.52 40.90
C ASN A 151 1.62 2.67 40.34
N HIS A 152 2.45 1.67 40.65
CA HIS A 152 3.84 1.55 40.24
C HIS A 152 4.01 1.59 38.72
N ALA A 153 5.22 1.97 38.27
CA ALA A 153 5.59 2.02 36.86
C ALA A 153 5.26 0.71 36.13
N SER A 154 5.53 -0.44 36.77
CA SER A 154 5.32 -1.75 36.16
C SER A 154 3.85 -1.94 35.76
N MET A 155 2.94 -1.49 36.63
CA MET A 155 1.51 -1.61 36.38
C MET A 155 1.06 -0.60 35.34
N ILE A 156 1.61 0.61 35.39
CA ILE A 156 1.30 1.64 34.42
C ILE A 156 1.64 1.14 33.01
N VAL A 157 2.84 0.56 32.89
CA VAL A 157 3.38 0.04 31.64
C VAL A 157 2.55 -1.17 31.18
N GLY A 158 2.25 -2.09 32.09
CA GLY A 158 1.32 -3.18 31.81
C GLY A 158 -0.03 -2.71 31.29
N ILE A 159 -0.57 -1.64 31.89
CA ILE A 159 -1.87 -1.11 31.50
C ILE A 159 -1.82 -0.46 30.12
N LYS A 160 -0.74 0.27 29.81
CA LYS A 160 -0.52 0.80 28.48
C LYS A 160 -0.45 -0.35 27.47
N HIS A 161 0.37 -1.37 27.77
CA HIS A 161 0.56 -2.53 26.90
C HIS A 161 -0.75 -3.28 26.65
N ALA A 162 -1.60 -3.39 27.67
CA ALA A 162 -2.90 -4.03 27.57
C ALA A 162 -3.71 -3.41 26.43
N ASN A 163 -3.57 -2.09 26.24
CA ASN A 163 -4.08 -1.41 25.07
C ASN A 163 -5.61 -1.51 25.04
N VAL A 164 -6.24 -1.07 26.15
CA VAL A 164 -7.69 -1.09 26.34
C VAL A 164 -8.09 0.23 27.00
N LYS A 165 -9.40 0.45 27.18
CA LYS A 165 -9.89 1.62 27.90
C LYS A 165 -9.42 1.55 29.36
N LYS A 166 -8.93 2.69 29.90
CA LYS A 166 -8.43 2.75 31.27
C LYS A 166 -8.98 4.01 31.95
N HIS A 167 -9.35 3.87 33.23
CA HIS A 167 -9.72 5.01 34.05
C HIS A 167 -8.78 5.07 35.25
N ILE A 168 -8.24 6.25 35.54
CA ILE A 168 -7.42 6.46 36.72
C ILE A 168 -8.29 7.08 37.81
N PHE A 169 -8.32 6.47 39.01
CA PHE A 169 -9.06 7.07 40.12
C PHE A 169 -8.09 7.70 41.10
N LYS A 170 -8.53 8.79 41.75
CA LYS A 170 -7.78 9.44 42.80
C LYS A 170 -7.38 8.41 43.84
N HIS A 171 -6.16 8.59 44.37
CA HIS A 171 -5.51 7.64 45.24
C HIS A 171 -6.43 7.23 46.41
N ASN A 172 -6.76 5.93 46.46
CA ASN A 172 -7.51 5.31 47.54
C ASN A 172 -8.93 5.88 47.64
N ASP A 173 -9.43 6.51 46.58
CA ASP A 173 -10.73 7.16 46.61
C ASP A 173 -11.78 6.20 46.03
N LEU A 174 -12.49 5.49 46.92
CA LEU A 174 -13.38 4.41 46.51
C LEU A 174 -14.77 4.93 46.16
N ASN A 175 -15.05 6.21 46.49
CA ASN A 175 -16.21 6.91 45.99
C ASN A 175 -16.05 7.14 44.48
N GLU A 176 -14.88 7.66 44.08
CA GLU A 176 -14.60 7.91 42.68
C GLU A 176 -14.53 6.59 41.92
N LEU A 177 -13.95 5.55 42.54
CA LEU A 177 -13.85 4.25 41.87
C LEU A 177 -15.25 3.71 41.61
N GLU A 178 -16.14 3.81 42.62
CA GLU A 178 -17.48 3.28 42.48
C GLU A 178 -18.24 4.04 41.39
N GLN A 179 -18.04 5.36 41.30
CA GLN A 179 -18.73 6.15 40.29
C GLN A 179 -18.29 5.75 38.89
N LEU A 180 -17.02 5.38 38.73
CA LEU A 180 -16.49 4.96 37.45
C LEU A 180 -17.05 3.58 37.10
N LEU A 181 -17.05 2.67 38.08
CA LEU A 181 -17.55 1.31 37.88
C LEU A 181 -19.03 1.33 37.48
N GLN A 182 -19.79 2.19 38.17
CA GLN A 182 -21.23 2.34 38.00
C GLN A 182 -21.60 2.83 36.59
N SER A 183 -20.69 3.53 35.90
CA SER A 183 -21.08 4.18 34.65
C SER A 183 -20.93 3.20 33.48
N TYR A 184 -20.64 1.93 33.78
CA TYR A 184 -20.60 0.87 32.79
C TYR A 184 -21.65 -0.19 33.12
N PRO A 185 -22.26 -0.85 32.12
CA PRO A 185 -23.05 -2.05 32.37
C PRO A 185 -22.21 -3.12 33.07
N LYS A 186 -22.88 -3.96 33.88
CA LYS A 186 -22.21 -5.00 34.65
C LYS A 186 -21.50 -5.99 33.73
N SER A 187 -22.09 -6.24 32.55
CA SER A 187 -21.60 -7.25 31.63
C SER A 187 -20.33 -6.81 30.90
N VAL A 188 -19.93 -5.54 31.03
CA VAL A 188 -18.65 -5.12 30.47
C VAL A 188 -17.54 -5.73 31.33
N PRO A 189 -16.52 -6.39 30.73
CA PRO A 189 -15.39 -6.91 31.50
C PRO A 189 -14.58 -5.75 32.08
N LYS A 190 -14.20 -5.90 33.36
CA LYS A 190 -13.52 -4.84 34.08
C LYS A 190 -12.37 -5.44 34.89
N LEU A 191 -11.34 -4.62 35.13
CA LEU A 191 -10.23 -5.01 36.00
C LEU A 191 -9.92 -3.85 36.93
N ILE A 192 -9.86 -4.13 38.23
CA ILE A 192 -9.41 -3.15 39.19
C ILE A 192 -7.97 -3.49 39.57
N ALA A 193 -7.05 -2.57 39.25
CA ALA A 193 -5.63 -2.78 39.46
C ALA A 193 -5.14 -1.81 40.53
N PHE A 194 -4.54 -2.35 41.58
CA PHE A 194 -4.11 -1.58 42.73
C PHE A 194 -3.02 -2.33 43.50
N GLU A 195 -2.38 -1.61 44.41
CA GLU A 195 -1.41 -2.16 45.34
C GLU A 195 -2.01 -2.22 46.74
N SER A 196 -1.50 -3.14 47.56
CA SER A 196 -1.86 -3.21 48.97
C SER A 196 -1.17 -2.08 49.73
N VAL A 197 0.16 -1.99 49.57
CA VAL A 197 0.96 -0.96 50.21
C VAL A 197 1.70 -0.22 49.10
N TYR A 198 1.52 1.11 49.11
CA TYR A 198 2.17 1.99 48.15
C TYR A 198 3.49 2.47 48.74
N SER A 199 4.59 2.23 48.01
CA SER A 199 5.92 2.26 48.60
C SER A 199 6.39 3.67 48.89
N MET A 200 5.89 4.68 48.15
CA MET A 200 6.50 5.99 48.24
C MET A 200 5.87 6.78 49.39
N ALA A 201 4.63 6.41 49.76
CA ALA A 201 3.82 7.05 50.78
C ALA A 201 3.56 6.14 52.00
N GLY A 202 3.62 4.83 51.75
CA GLY A 202 3.29 3.83 52.75
C GLY A 202 1.78 3.67 52.98
N SER A 203 0.95 4.25 52.11
CA SER A 203 -0.50 4.17 52.26
C SER A 203 -0.97 2.77 51.88
N VAL A 204 -2.15 2.41 52.39
CA VAL A 204 -2.65 1.05 52.29
C VAL A 204 -4.04 1.10 51.66
N ALA A 205 -4.33 0.12 50.79
CA ALA A 205 -5.63 0.02 50.15
C ALA A 205 -6.60 -0.71 51.07
N ASP A 206 -7.88 -0.33 50.97
CA ASP A 206 -8.97 -1.09 51.56
C ASP A 206 -9.34 -2.23 50.61
N ILE A 207 -8.59 -3.32 50.72
CA ILE A 207 -8.73 -4.42 49.78
C ILE A 207 -10.13 -5.00 49.88
N GLU A 208 -10.70 -5.07 51.08
CA GLU A 208 -12.00 -5.69 51.25
C GLU A 208 -13.10 -4.89 50.52
N LYS A 209 -13.08 -3.56 50.66
CA LYS A 209 -14.07 -2.73 50.03
C LYS A 209 -13.94 -2.83 48.51
N ILE A 210 -12.71 -2.95 48.01
CA ILE A 210 -12.48 -3.08 46.58
C ILE A 210 -13.05 -4.40 46.08
N CYS A 211 -12.89 -5.48 46.85
CA CYS A 211 -13.45 -6.78 46.49
C CYS A 211 -14.98 -6.71 46.44
N ASP A 212 -15.57 -5.94 47.36
CA ASP A 212 -17.01 -5.74 47.39
C ASP A 212 -17.48 -5.03 46.12
N LEU A 213 -16.72 -3.99 45.71
CA LEU A 213 -17.01 -3.23 44.50
C LEU A 213 -16.88 -4.13 43.26
N ALA A 214 -15.87 -5.02 43.28
CA ALA A 214 -15.66 -5.94 42.16
C ALA A 214 -16.83 -6.89 42.02
N ASP A 215 -17.33 -7.41 43.16
CA ASP A 215 -18.48 -8.32 43.15
C ASP A 215 -19.70 -7.63 42.55
N LYS A 216 -19.94 -6.40 42.98
CA LYS A 216 -21.13 -5.66 42.62
C LYS A 216 -21.11 -5.25 41.15
N TYR A 217 -19.95 -4.89 40.61
CA TYR A 217 -19.89 -4.32 39.26
C TYR A 217 -19.24 -5.28 38.25
N GLY A 218 -18.89 -6.49 38.70
CA GLY A 218 -18.49 -7.56 37.81
C GLY A 218 -17.07 -7.35 37.27
N ALA A 219 -16.12 -7.05 38.16
CA ALA A 219 -14.74 -6.82 37.80
C ALA A 219 -13.83 -7.91 38.38
N LEU A 220 -12.74 -8.20 37.66
CA LEU A 220 -11.59 -8.89 38.22
C LEU A 220 -10.80 -7.93 39.11
N THR A 221 -10.05 -8.52 40.06
CA THR A 221 -9.15 -7.74 40.89
C THR A 221 -7.72 -8.21 40.64
N PHE A 222 -6.84 -7.21 40.49
CA PHE A 222 -5.40 -7.41 40.36
C PHE A 222 -4.71 -6.61 41.46
N LEU A 223 -4.03 -7.34 42.36
CA LEU A 223 -3.47 -6.79 43.58
C LEU A 223 -1.96 -7.01 43.61
N ASP A 224 -1.22 -5.90 43.70
CA ASP A 224 0.22 -5.94 43.86
C ASP A 224 0.57 -5.80 45.35
N GLU A 225 1.08 -6.90 45.94
CA GLU A 225 1.45 -6.99 47.34
C GLU A 225 2.98 -6.97 47.51
N VAL A 226 3.69 -6.27 46.62
CA VAL A 226 5.14 -6.33 46.56
C VAL A 226 5.76 -5.77 47.83
N HIS A 227 5.17 -4.68 48.37
CA HIS A 227 5.67 -4.07 49.59
C HIS A 227 4.95 -4.59 50.82
N ALA A 228 4.28 -5.75 50.72
CA ALA A 228 3.46 -6.29 51.82
C ALA A 228 3.81 -7.73 52.13
N VAL A 229 4.21 -8.54 51.14
CA VAL A 229 4.55 -9.93 51.40
C VAL A 229 5.77 -9.99 52.31
N GLY A 230 5.69 -10.90 53.29
CA GLY A 230 6.66 -11.01 54.36
C GLY A 230 6.27 -10.23 55.60
N LEU A 231 5.42 -9.19 55.42
CA LEU A 231 5.32 -8.10 56.38
C LEU A 231 3.96 -8.01 57.06
N TYR A 232 2.90 -8.46 56.38
CA TYR A 232 1.54 -8.34 56.90
C TYR A 232 0.89 -9.73 56.89
N GLY A 233 -0.12 -9.89 57.75
CA GLY A 233 -0.71 -11.18 58.02
C GLY A 233 0.16 -11.96 59.02
N PRO A 234 -0.39 -12.99 59.71
CA PRO A 234 0.41 -13.75 60.66
C PRO A 234 1.58 -14.51 60.03
N HIS A 235 1.47 -14.78 58.71
CA HIS A 235 2.44 -15.61 58.01
C HIS A 235 3.17 -14.82 56.92
N GLY A 236 2.93 -13.50 56.85
CA GLY A 236 3.57 -12.67 55.86
C GLY A 236 2.99 -12.85 54.45
N ALA A 237 1.73 -13.26 54.33
CA ALA A 237 1.11 -13.45 53.02
C ALA A 237 0.60 -12.12 52.47
N GLY A 238 0.64 -11.06 53.28
CA GLY A 238 0.33 -9.71 52.81
C GLY A 238 -0.86 -9.09 53.54
N VAL A 239 -1.27 -7.91 53.06
CA VAL A 239 -2.35 -7.14 53.66
C VAL A 239 -3.66 -7.89 53.47
N ALA A 240 -3.80 -8.62 52.35
CA ALA A 240 -5.01 -9.41 52.13
C ALA A 240 -5.18 -10.42 53.26
N GLU A 241 -4.08 -11.03 53.71
CA GLU A 241 -4.10 -11.97 54.83
C GLU A 241 -4.40 -11.22 56.13
N HIS A 242 -3.82 -10.02 56.29
CA HIS A 242 -3.99 -9.22 57.49
C HIS A 242 -5.46 -8.86 57.71
N CYS A 243 -6.24 -8.73 56.61
CA CYS A 243 -7.67 -8.47 56.67
C CYS A 243 -8.41 -9.53 57.47
N ASP A 244 -7.91 -10.78 57.45
CA ASP A 244 -8.53 -11.86 58.22
C ASP A 244 -7.47 -12.51 59.09
N PHE A 245 -6.80 -11.65 59.89
CA PHE A 245 -5.60 -12.00 60.62
C PHE A 245 -5.84 -13.22 61.49
N GLU A 246 -6.94 -13.17 62.25
CA GLU A 246 -7.19 -14.15 63.30
C GLU A 246 -7.66 -15.47 62.70
N SER A 247 -8.50 -15.41 61.66
CA SER A 247 -8.90 -16.59 60.90
C SER A 247 -7.68 -17.30 60.33
N HIS A 248 -6.78 -16.55 59.69
CA HIS A 248 -5.59 -17.13 59.08
C HIS A 248 -4.67 -17.69 60.16
N ARG A 249 -4.50 -16.94 61.26
CA ARG A 249 -3.63 -17.40 62.34
C ARG A 249 -4.12 -18.73 62.91
N ALA A 250 -5.43 -18.85 63.16
CA ALA A 250 -6.01 -20.07 63.71
C ALA A 250 -5.80 -21.25 62.75
N SER A 251 -6.03 -21.04 61.44
CA SER A 251 -6.03 -22.13 60.47
C SER A 251 -4.61 -22.45 59.98
N GLY A 252 -3.65 -21.53 60.20
CA GLY A 252 -2.30 -21.73 59.74
C GLY A 252 -2.20 -21.78 58.20
N ILE A 253 -1.80 -22.95 57.69
CA ILE A 253 -1.62 -23.22 56.26
C ILE A 253 -2.97 -23.45 55.59
N ALA A 254 -3.94 -23.97 56.34
CA ALA A 254 -5.23 -24.32 55.77
C ALA A 254 -6.04 -23.07 55.48
N THR A 255 -6.94 -23.17 54.49
CA THR A 255 -7.98 -22.17 54.29
C THR A 255 -8.90 -22.14 55.50
N PRO A 256 -9.14 -20.98 56.14
CA PRO A 256 -10.03 -20.92 57.31
C PRO A 256 -11.48 -21.22 56.95
N LYS A 257 -12.23 -21.74 57.92
CA LYS A 257 -13.65 -22.06 57.77
C LYS A 257 -14.43 -20.77 57.47
N THR A 258 -14.05 -19.67 58.15
CA THR A 258 -14.74 -18.40 58.02
C THR A 258 -13.70 -17.28 57.99
N ASN A 259 -14.11 -16.11 57.49
CA ASN A 259 -13.32 -14.90 57.58
C ASN A 259 -13.51 -14.29 58.96
N ASP A 260 -12.85 -13.15 59.22
CA ASP A 260 -12.78 -12.56 60.55
C ASP A 260 -14.13 -12.00 61.00
N LYS A 261 -15.09 -11.87 60.07
CA LYS A 261 -16.41 -11.37 60.42
C LYS A 261 -17.44 -12.49 60.45
N GLY A 262 -17.01 -13.74 60.27
CA GLY A 262 -17.89 -14.90 60.30
C GLY A 262 -18.50 -15.24 58.95
N GLY A 263 -18.13 -14.50 57.88
CA GLY A 263 -18.53 -14.82 56.52
C GLY A 263 -17.73 -16.01 55.96
N ALA A 264 -18.11 -16.46 54.76
CA ALA A 264 -17.59 -17.71 54.22
C ALA A 264 -16.20 -17.57 53.59
N LYS A 265 -15.91 -16.40 52.96
CA LYS A 265 -14.70 -16.23 52.17
C LYS A 265 -13.79 -15.15 52.74
N THR A 266 -12.50 -15.47 52.85
CA THR A 266 -11.50 -14.47 53.23
C THR A 266 -11.28 -13.49 52.08
N VAL A 267 -10.71 -12.33 52.44
CA VAL A 267 -10.36 -11.31 51.45
C VAL A 267 -9.33 -11.88 50.47
N MET A 268 -8.32 -12.59 51.00
CA MET A 268 -7.23 -13.09 50.19
C MET A 268 -7.77 -14.10 49.17
N ASP A 269 -8.82 -14.84 49.54
CA ASP A 269 -9.47 -15.78 48.66
C ASP A 269 -10.26 -15.07 47.55
N ARG A 270 -10.81 -13.88 47.83
CA ARG A 270 -11.68 -13.18 46.90
C ARG A 270 -10.87 -12.42 45.83
N VAL A 271 -9.61 -12.12 46.09
CA VAL A 271 -8.76 -11.43 45.12
C VAL A 271 -8.40 -12.41 44.00
N ASP A 272 -8.62 -12.01 42.74
CA ASP A 272 -8.44 -12.94 41.63
C ASP A 272 -6.97 -13.18 41.34
N MET A 273 -6.16 -12.12 41.38
CA MET A 273 -4.75 -12.20 41.01
C MET A 273 -3.93 -11.39 42.01
N ILE A 274 -2.95 -12.06 42.66
CA ILE A 274 -2.03 -11.43 43.57
C ILE A 274 -0.62 -11.57 43.03
N THR A 275 0.06 -10.43 42.85
CA THR A 275 1.47 -10.45 42.45
C THR A 275 2.35 -10.06 43.64
N GLY A 276 3.52 -10.69 43.69
CA GLY A 276 4.54 -10.31 44.64
C GLY A 276 5.92 -10.33 43.99
N THR A 277 6.93 -9.99 44.81
CA THR A 277 8.33 -10.05 44.43
C THR A 277 9.02 -11.06 45.34
N LEU A 278 10.14 -11.61 44.84
CA LEU A 278 11.04 -12.38 45.66
C LEU A 278 12.24 -11.50 46.05
N GLY A 279 12.20 -10.21 45.66
CA GLY A 279 13.39 -9.37 45.65
C GLY A 279 13.45 -8.43 46.85
N LYS A 280 12.46 -8.54 47.74
CA LYS A 280 12.42 -7.63 48.88
C LYS A 280 12.45 -8.44 50.17
N SER A 281 11.29 -8.68 50.80
CA SER A 281 11.22 -9.45 52.04
C SER A 281 11.85 -10.83 51.88
N PHE A 282 11.64 -11.46 50.71
CA PHE A 282 12.08 -12.83 50.46
C PHE A 282 13.55 -12.91 50.03
N GLY A 283 14.25 -11.78 50.00
CA GLY A 283 15.70 -11.72 50.12
C GLY A 283 16.46 -12.20 48.87
N SER A 284 15.82 -12.20 47.69
CA SER A 284 16.37 -12.81 46.49
C SER A 284 16.10 -11.94 45.26
N VAL A 285 15.52 -12.54 44.20
CA VAL A 285 15.08 -11.81 43.02
C VAL A 285 13.99 -12.64 42.34
N GLY A 286 13.10 -11.94 41.64
CA GLY A 286 12.06 -12.60 40.88
C GLY A 286 10.69 -12.00 41.20
N GLY A 287 9.71 -12.44 40.42
CA GLY A 287 8.33 -12.04 40.63
C GLY A 287 7.41 -13.23 40.51
N TYR A 288 6.13 -13.03 40.86
CA TYR A 288 5.16 -14.10 40.74
C TYR A 288 3.74 -13.56 40.74
N VAL A 289 2.84 -14.40 40.23
CA VAL A 289 1.41 -14.20 40.41
C VAL A 289 0.82 -15.46 41.03
N ALA A 290 -0.09 -15.27 42.00
CA ALA A 290 -0.83 -16.35 42.62
C ALA A 290 -2.31 -16.18 42.28
N ALA A 291 -2.96 -17.30 41.92
CA ALA A 291 -4.29 -17.27 41.32
C ALA A 291 -4.81 -18.70 41.15
N SER A 292 -5.99 -18.80 40.53
CA SER A 292 -6.61 -20.08 40.21
C SER A 292 -5.72 -20.82 39.22
N ARG A 293 -5.86 -22.15 39.23
CA ARG A 293 -5.13 -23.04 38.33
C ARG A 293 -5.35 -22.59 36.89
N LYS A 294 -6.58 -22.21 36.55
CA LYS A 294 -6.92 -21.87 35.17
C LYS A 294 -6.16 -20.63 34.71
N LEU A 295 -6.16 -19.57 35.55
CA LEU A 295 -5.44 -18.35 35.24
C LEU A 295 -3.94 -18.63 35.09
N ILE A 296 -3.37 -19.39 36.01
CA ILE A 296 -1.95 -19.69 36.00
C ILE A 296 -1.58 -20.44 34.73
N ASP A 297 -2.40 -21.42 34.35
CA ASP A 297 -2.12 -22.25 33.18
C ASP A 297 -2.13 -21.38 31.93
N TRP A 298 -3.03 -20.39 31.95
CA TRP A 298 -3.19 -19.43 30.87
C TRP A 298 -1.94 -18.56 30.70
N PHE A 299 -1.44 -18.00 31.81
CA PHE A 299 -0.24 -17.18 31.75
C PHE A 299 0.96 -18.02 31.29
N ARG A 300 1.05 -19.24 31.83
CA ARG A 300 2.12 -20.16 31.51
C ARG A 300 2.12 -20.45 30.00
N SER A 301 0.91 -20.57 29.43
CA SER A 301 0.76 -21.03 28.06
C SER A 301 0.92 -19.89 27.04
N PHE A 302 0.69 -18.65 27.46
CA PHE A 302 0.50 -17.54 26.53
C PHE A 302 1.43 -16.33 26.78
N ALA A 303 1.94 -16.12 28.00
CA ALA A 303 2.66 -14.89 28.30
C ALA A 303 4.08 -14.94 27.71
N PRO A 304 4.42 -14.12 26.69
CA PRO A 304 5.75 -14.19 26.09
C PRO A 304 6.89 -13.83 27.05
N GLY A 305 6.59 -12.96 28.02
CA GLY A 305 7.56 -12.57 29.03
C GLY A 305 7.88 -13.69 30.02
N PHE A 306 7.02 -14.71 30.06
CA PHE A 306 7.26 -15.94 30.80
C PHE A 306 8.01 -16.96 29.94
N ILE A 307 7.56 -17.12 28.69
CA ILE A 307 7.93 -18.24 27.85
C ILE A 307 9.35 -18.07 27.31
N PHE A 308 9.71 -16.85 26.88
CA PHE A 308 10.85 -16.63 25.96
C PHE A 308 12.06 -16.02 26.69
N THR A 309 12.34 -16.53 27.88
CA THR A 309 13.35 -15.94 28.75
C THR A 309 13.94 -17.03 29.63
N THR A 310 15.26 -16.91 29.88
CA THR A 310 16.02 -17.83 30.70
C THR A 310 15.34 -17.91 32.07
N THR A 311 15.24 -19.14 32.57
CA THR A 311 14.75 -19.38 33.93
C THR A 311 15.74 -18.80 34.93
N LEU A 312 15.22 -18.26 36.03
CA LEU A 312 16.07 -17.80 37.12
C LEU A 312 16.95 -18.95 37.59
N PRO A 313 18.19 -18.66 38.06
CA PRO A 313 19.06 -19.70 38.59
C PRO A 313 18.36 -20.52 39.67
N PRO A 314 18.58 -21.86 39.70
CA PRO A 314 18.04 -22.70 40.76
C PRO A 314 18.36 -22.19 42.16
N SER A 315 19.59 -21.69 42.37
CA SER A 315 20.05 -21.25 43.68
C SER A 315 19.25 -20.05 44.17
N VAL A 316 18.86 -19.19 43.23
CA VAL A 316 18.14 -17.97 43.52
C VAL A 316 16.72 -18.32 43.94
N MET A 317 16.16 -19.34 43.30
CA MET A 317 14.86 -19.88 43.64
C MET A 317 14.90 -20.59 44.99
N ALA A 318 15.95 -21.41 45.20
CA ALA A 318 16.12 -22.12 46.44
C ALA A 318 16.20 -21.16 47.63
N GLY A 319 16.95 -20.07 47.44
CA GLY A 319 17.06 -19.01 48.44
C GLY A 319 15.70 -18.44 48.84
N ALA A 320 14.90 -18.05 47.83
CA ALA A 320 13.60 -17.45 48.06
C ALA A 320 12.67 -18.44 48.76
N THR A 321 12.71 -19.71 48.34
CA THR A 321 11.89 -20.75 48.95
C THR A 321 12.21 -20.86 50.44
N ALA A 322 13.51 -20.90 50.76
CA ALA A 322 13.97 -20.96 52.14
C ALA A 322 13.50 -19.75 52.95
N ALA A 323 13.57 -18.56 52.32
CA ALA A 323 13.16 -17.33 52.96
C ALA A 323 11.66 -17.38 53.27
N ILE A 324 10.85 -17.81 52.29
CA ILE A 324 9.40 -17.88 52.44
C ILE A 324 9.01 -18.83 53.58
N ARG A 325 9.58 -20.05 53.56
CA ARG A 325 9.32 -21.08 54.57
C ARG A 325 9.67 -20.56 55.96
N TYR A 326 10.85 -19.93 56.10
CA TYR A 326 11.30 -19.46 57.39
C TYR A 326 10.35 -18.37 57.92
N GLN A 327 10.05 -17.37 57.07
CA GLN A 327 9.30 -16.21 57.53
C GLN A 327 7.85 -16.58 57.87
N ARG A 328 7.33 -17.65 57.24
CA ARG A 328 5.95 -18.04 57.45
C ARG A 328 5.71 -18.32 58.94
N CYS A 329 6.67 -18.98 59.59
CA CYS A 329 6.51 -19.42 60.97
C CYS A 329 7.33 -18.57 61.95
N HIS A 330 7.91 -17.46 61.48
CA HIS A 330 8.62 -16.53 62.35
C HIS A 330 7.93 -15.16 62.32
N ILE A 331 6.81 -15.05 63.03
CA ILE A 331 6.09 -13.78 63.15
C ILE A 331 6.92 -12.74 63.91
N ASP A 332 7.96 -13.18 64.64
CA ASP A 332 8.82 -12.27 65.36
C ASP A 332 9.52 -11.31 64.38
N LEU A 333 9.70 -11.73 63.12
CA LEU A 333 10.29 -10.86 62.11
C LEU A 333 9.43 -9.60 61.90
N ARG A 334 8.11 -9.81 61.85
CA ARG A 334 7.18 -8.73 61.60
C ARG A 334 6.99 -7.87 62.84
N THR A 335 6.87 -8.51 64.02
CA THR A 335 6.63 -7.77 65.23
C THR A 335 7.85 -6.86 65.49
N SER A 336 9.06 -7.38 65.29
CA SER A 336 10.24 -6.56 65.56
C SER A 336 10.41 -5.46 64.50
N GLN A 337 10.07 -5.74 63.24
CA GLN A 337 10.08 -4.68 62.24
C GLN A 337 9.11 -3.56 62.61
N GLN A 338 7.89 -3.92 62.99
CA GLN A 338 6.88 -2.93 63.28
C GLN A 338 7.31 -2.08 64.48
N LYS A 339 7.92 -2.73 65.48
CA LYS A 339 8.37 -2.03 66.67
C LYS A 339 9.46 -1.01 66.34
N HIS A 340 10.41 -1.46 65.52
CA HIS A 340 11.50 -0.60 65.08
C HIS A 340 10.94 0.61 64.32
N THR A 341 10.00 0.35 63.40
CA THR A 341 9.38 1.41 62.61
C THR A 341 8.68 2.40 63.53
N MET A 342 7.88 1.87 64.47
CA MET A 342 7.10 2.70 65.36
C MET A 342 8.03 3.57 66.24
N TYR A 343 9.16 3.00 66.66
CA TYR A 343 10.16 3.70 67.45
C TYR A 343 10.69 4.92 66.68
N VAL A 344 11.10 4.70 65.43
CA VAL A 344 11.61 5.77 64.59
C VAL A 344 10.52 6.83 64.35
N LYS A 345 9.29 6.37 64.03
CA LYS A 345 8.19 7.29 63.74
C LYS A 345 7.87 8.20 64.91
N LYS A 346 7.86 7.65 66.14
CA LYS A 346 7.47 8.41 67.32
C LYS A 346 8.57 9.39 67.72
N ALA A 347 9.83 8.98 67.54
CA ALA A 347 10.95 9.86 67.79
C ALA A 347 10.92 11.05 66.82
N PHE A 348 10.63 10.80 65.55
CA PHE A 348 10.50 11.84 64.55
C PHE A 348 9.35 12.79 64.91
N HIS A 349 8.21 12.23 65.34
CA HIS A 349 7.08 13.05 65.73
C HIS A 349 7.51 13.99 66.87
N GLU A 350 8.18 13.47 67.91
CA GLU A 350 8.62 14.27 69.04
C GLU A 350 9.55 15.40 68.60
N LEU A 351 10.39 15.19 67.57
CA LEU A 351 11.35 16.18 67.13
C LEU A 351 10.78 17.09 66.03
N GLY A 352 9.52 16.84 65.63
CA GLY A 352 8.90 17.64 64.59
C GLY A 352 9.53 17.38 63.22
N ILE A 353 10.17 16.21 63.06
CA ILE A 353 10.64 15.76 61.76
C ILE A 353 9.43 15.27 60.98
N PRO A 354 9.08 15.89 59.82
CA PRO A 354 7.81 15.61 59.17
C PRO A 354 7.80 14.28 58.41
N VAL A 355 6.96 13.36 58.89
CA VAL A 355 6.79 12.06 58.26
C VAL A 355 5.41 12.01 57.63
N ILE A 356 5.32 11.61 56.36
CA ILE A 356 4.03 11.33 55.75
C ILE A 356 3.33 10.25 56.58
N PRO A 357 2.20 10.57 57.24
CA PRO A 357 1.51 9.61 58.10
C PRO A 357 0.95 8.45 57.27
N ASN A 358 1.20 7.22 57.75
CA ASN A 358 0.77 6.01 57.08
C ASN A 358 0.67 4.90 58.13
N PRO A 359 -0.12 3.82 57.88
CA PRO A 359 -0.21 2.70 58.83
C PRO A 359 0.71 1.52 58.58
N SER A 360 1.81 1.76 57.83
CA SER A 360 2.68 0.69 57.35
C SER A 360 4.10 0.86 57.88
N HIS A 361 5.04 0.14 57.28
CA HIS A 361 6.41 0.01 57.78
C HIS A 361 7.33 1.06 57.16
N ILE A 362 6.79 1.93 56.30
CA ILE A 362 7.59 2.91 55.59
C ILE A 362 7.56 4.26 56.31
N VAL A 363 8.74 4.91 56.35
CA VAL A 363 8.93 6.20 57.00
C VAL A 363 9.38 7.23 55.97
N PRO A 364 8.43 7.91 55.27
CA PRO A 364 8.80 8.91 54.27
C PRO A 364 8.93 10.27 54.94
N VAL A 365 10.16 10.78 54.98
CA VAL A 365 10.43 12.09 55.57
C VAL A 365 10.32 13.14 54.48
N LEU A 366 9.42 14.09 54.69
CA LEU A 366 9.09 15.10 53.71
C LEU A 366 10.13 16.21 53.71
N ILE A 367 10.67 16.51 52.53
CA ILE A 367 11.66 17.56 52.34
C ILE A 367 10.99 18.72 51.60
N GLY A 368 10.43 18.42 50.41
CA GLY A 368 9.58 19.34 49.66
C GLY A 368 10.33 20.01 48.50
N ASN A 369 11.61 19.63 48.29
CA ASN A 369 12.48 20.32 47.35
C ASN A 369 13.53 19.33 46.84
N ALA A 370 13.71 19.28 45.52
CA ALA A 370 14.55 18.30 44.86
C ALA A 370 16.00 18.43 45.33
N ASP A 371 16.53 19.66 45.27
CA ASP A 371 17.92 19.95 45.57
C ASP A 371 18.20 19.70 47.06
N LEU A 372 17.26 20.11 47.93
CA LEU A 372 17.43 19.94 49.36
C LEU A 372 17.38 18.46 49.76
N ALA A 373 16.54 17.65 49.08
CA ALA A 373 16.46 16.22 49.36
C ALA A 373 17.77 15.53 48.98
N LYS A 374 18.33 15.87 47.82
CA LYS A 374 19.60 15.29 47.38
C LYS A 374 20.74 15.72 48.33
N GLN A 375 20.73 16.97 48.80
CA GLN A 375 21.75 17.46 49.69
C GLN A 375 21.65 16.80 51.07
N ALA A 376 20.42 16.58 51.53
CA ALA A 376 20.17 15.87 52.78
C ALA A 376 20.72 14.44 52.72
N SER A 377 20.47 13.78 51.58
CA SER A 377 20.95 12.43 51.34
C SER A 377 22.48 12.43 51.36
N ASP A 378 23.05 13.44 50.70
CA ASP A 378 24.50 13.61 50.55
C ASP A 378 25.18 13.81 51.91
N ILE A 379 24.60 14.68 52.75
CA ILE A 379 25.16 14.97 54.05
C ILE A 379 25.04 13.75 54.95
N LEU A 380 23.90 13.05 54.86
CA LEU A 380 23.67 11.88 55.70
C LEU A 380 24.75 10.84 55.44
N ILE A 381 25.06 10.60 54.17
CA ILE A 381 25.97 9.50 53.87
C ILE A 381 27.43 9.91 54.13
N ASN A 382 27.79 11.16 53.80
CA ASN A 382 29.19 11.58 53.85
C ASN A 382 29.58 12.01 55.25
N LYS A 383 28.69 12.67 55.99
CA LYS A 383 28.99 13.19 57.30
C LYS A 383 28.52 12.23 58.40
N HIS A 384 27.36 11.57 58.22
CA HIS A 384 26.81 10.73 59.27
C HIS A 384 26.90 9.24 58.99
N GLN A 385 27.45 8.84 57.83
CA GLN A 385 27.49 7.44 57.41
C GLN A 385 26.12 6.75 57.51
N ILE A 386 25.09 7.47 57.05
CA ILE A 386 23.72 6.97 56.97
C ILE A 386 23.32 6.99 55.50
N TYR A 387 22.94 5.82 54.95
CA TYR A 387 22.45 5.77 53.60
C TYR A 387 20.93 5.74 53.55
N VAL A 388 20.35 6.85 53.08
CA VAL A 388 18.95 7.01 52.79
C VAL A 388 18.86 7.71 51.45
N GLN A 389 17.96 7.27 50.57
CA GLN A 389 17.91 7.83 49.22
C GLN A 389 16.81 8.89 49.14
N ALA A 390 17.11 9.95 48.39
CA ALA A 390 16.18 11.00 48.02
C ALA A 390 15.26 10.47 46.91
N ILE A 391 13.96 10.73 47.07
CA ILE A 391 12.95 10.38 46.09
C ILE A 391 12.43 11.68 45.49
N ASN A 392 12.67 11.84 44.17
CA ASN A 392 12.29 13.04 43.44
C ASN A 392 11.43 12.64 42.23
N PHE A 393 10.91 13.67 41.55
CA PHE A 393 10.30 13.53 40.24
C PHE A 393 11.27 12.80 39.31
N PRO A 394 10.81 11.85 38.44
CA PRO A 394 9.38 11.54 38.27
C PRO A 394 8.78 10.45 39.16
N THR A 395 9.52 9.93 40.15
CA THR A 395 9.00 8.87 41.00
C THR A 395 7.88 9.42 41.89
N VAL A 396 7.94 10.70 42.25
CA VAL A 396 6.91 11.36 43.05
C VAL A 396 6.66 12.74 42.45
N ALA A 397 5.56 13.39 42.86
CA ALA A 397 5.24 14.72 42.37
C ALA A 397 6.30 15.74 42.81
N ARG A 398 6.63 16.67 41.91
CA ARG A 398 7.50 17.79 42.24
C ARG A 398 6.87 18.57 43.39
N GLY A 399 7.67 18.94 44.39
CA GLY A 399 7.17 19.61 45.57
C GLY A 399 6.89 18.64 46.72
N THR A 400 6.93 17.33 46.44
CA THR A 400 6.66 16.33 47.46
C THR A 400 7.90 15.47 47.73
N GLU A 401 9.08 15.95 47.33
CA GLU A 401 10.30 15.16 47.41
C GLU A 401 10.54 14.75 48.86
N ARG A 402 11.22 13.61 49.04
CA ARG A 402 11.32 13.00 50.37
C ARG A 402 12.51 12.05 50.47
N LEU A 403 12.82 11.69 51.72
CA LEU A 403 13.77 10.65 52.03
C LEU A 403 12.99 9.41 52.47
N ARG A 404 13.29 8.26 51.87
CA ARG A 404 12.57 7.06 52.22
C ARG A 404 13.39 6.23 53.19
N ILE A 405 12.82 5.96 54.37
CA ILE A 405 13.48 5.18 55.41
C ILE A 405 12.63 3.94 55.66
N THR A 406 13.30 2.77 55.65
CA THR A 406 12.65 1.47 55.76
C THR A 406 13.35 0.64 56.84
N PRO A 407 12.92 0.73 58.12
CA PRO A 407 13.47 -0.12 59.18
C PRO A 407 13.15 -1.62 59.02
N THR A 408 14.06 -2.45 59.53
CA THR A 408 13.99 -3.90 59.46
C THR A 408 14.12 -4.47 60.88
N PRO A 409 13.97 -5.80 61.05
CA PRO A 409 14.29 -6.44 62.34
C PRO A 409 15.73 -6.18 62.80
N GLY A 410 16.62 -5.79 61.88
CA GLY A 410 18.02 -5.57 62.20
C GLY A 410 18.31 -4.15 62.68
N HIS A 411 17.37 -3.23 62.48
CA HIS A 411 17.55 -1.85 62.92
C HIS A 411 17.11 -1.69 64.38
N THR A 412 18.00 -2.11 65.28
CA THR A 412 17.76 -2.00 66.72
C THR A 412 17.76 -0.53 67.16
N ASN A 413 17.31 -0.29 68.40
CA ASN A 413 17.02 1.05 68.88
C ASN A 413 18.30 1.89 68.94
N ASP A 414 19.46 1.29 69.21
CA ASP A 414 20.71 2.01 69.20
C ASP A 414 21.02 2.58 67.82
N LEU A 415 20.77 1.80 66.74
CA LEU A 415 20.95 2.29 65.38
C LEU A 415 19.91 3.36 65.04
N SER A 416 18.67 3.13 65.48
CA SER A 416 17.60 4.11 65.30
C SER A 416 18.00 5.45 65.92
N ASP A 417 18.58 5.41 67.13
CA ASP A 417 18.93 6.60 67.87
C ASP A 417 19.93 7.44 67.07
N ILE A 418 20.90 6.75 66.47
CA ILE A 418 21.89 7.42 65.62
C ILE A 418 21.20 8.06 64.43
N LEU A 419 20.27 7.33 63.78
CA LEU A 419 19.53 7.85 62.64
C LEU A 419 18.76 9.11 63.02
N ILE A 420 18.03 9.04 64.13
CA ILE A 420 17.17 10.11 64.58
C ILE A 420 18.02 11.36 64.84
N ASN A 421 19.14 11.16 65.54
CA ASN A 421 20.06 12.23 65.85
C ASN A 421 20.58 12.86 64.56
N ALA A 422 20.93 12.02 63.57
CA ALA A 422 21.56 12.49 62.34
C ALA A 422 20.57 13.29 61.50
N VAL A 423 19.33 12.78 61.40
CA VAL A 423 18.30 13.41 60.60
C VAL A 423 17.93 14.76 61.23
N ASP A 424 17.79 14.76 62.56
CA ASP A 424 17.54 15.99 63.30
C ASP A 424 18.64 17.01 62.96
N ASP A 425 19.89 16.54 62.99
CA ASP A 425 21.05 17.38 62.79
C ASP A 425 21.02 17.96 61.37
N VAL A 426 20.70 17.12 60.38
CA VAL A 426 20.67 17.52 58.98
C VAL A 426 19.55 18.53 58.75
N PHE A 427 18.41 18.34 59.43
CA PHE A 427 17.32 19.30 59.33
C PHE A 427 17.79 20.69 59.74
N ASN A 428 18.60 20.77 60.83
CA ASN A 428 19.11 22.06 61.29
C ASN A 428 20.16 22.59 60.31
N GLU A 429 21.06 21.73 59.85
CA GLU A 429 22.13 22.16 58.96
C GLU A 429 21.55 22.83 57.72
N LEU A 430 20.46 22.27 57.18
CA LEU A 430 19.83 22.80 55.97
C LEU A 430 18.65 23.73 56.30
N GLN A 431 18.38 23.92 57.59
CA GLN A 431 17.24 24.73 58.06
C GLN A 431 15.97 24.29 57.34
N LEU A 432 15.74 22.97 57.28
CA LEU A 432 14.58 22.40 56.63
C LEU A 432 13.33 22.61 57.48
N PRO A 433 12.13 22.70 56.87
CA PRO A 433 10.88 22.84 57.61
C PRO A 433 10.54 21.63 58.48
N ARG A 434 10.19 21.92 59.75
CA ARG A 434 9.65 20.96 60.69
C ARG A 434 8.14 20.87 60.46
N VAL A 435 7.47 20.00 61.24
CA VAL A 435 6.03 19.80 61.12
C VAL A 435 5.32 21.13 61.34
N ARG A 436 5.73 21.88 62.39
CA ARG A 436 5.13 23.17 62.73
C ARG A 436 5.11 24.09 61.51
N ASP A 437 6.22 24.09 60.75
CA ASP A 437 6.41 24.98 59.62
C ASP A 437 5.46 24.59 58.48
N TRP A 438 5.29 23.28 58.27
CA TRP A 438 4.35 22.79 57.26
C TRP A 438 2.91 23.15 57.62
N GLU A 439 2.53 23.07 58.91
CA GLU A 439 1.20 23.45 59.34
C GLU A 439 0.88 24.91 59.00
N SER A 440 1.86 25.81 59.14
CA SER A 440 1.63 27.24 58.89
C SER A 440 1.41 27.51 57.40
N GLN A 441 1.84 26.61 56.52
CA GLN A 441 1.97 26.88 55.09
C GLN A 441 0.83 26.15 54.37
N LEU A 444 0.59 19.51 53.91
CA LEU A 444 0.80 18.75 52.65
C LEU A 444 0.98 17.27 52.99
N LEU A 445 0.13 16.43 52.39
CA LEU A 445 0.14 14.98 52.56
C LEU A 445 0.09 14.59 54.05
N GLY A 446 -0.64 15.38 54.87
CA GLY A 446 -0.63 15.26 56.32
C GLY A 446 0.76 15.43 56.90
N SER A 456 -4.84 3.85 62.98
CA SER A 456 -3.70 4.36 62.17
C SER A 456 -2.46 3.49 62.42
N ASN A 457 -2.65 2.16 62.49
CA ASN A 457 -1.56 1.21 62.28
C ASN A 457 -2.13 -0.19 62.00
N LEU A 458 -1.67 -0.81 60.92
CA LEU A 458 -2.17 -2.12 60.55
C LEU A 458 -1.92 -3.14 61.66
N TRP A 459 -0.68 -3.17 62.16
CA TRP A 459 -0.36 -4.04 63.29
C TRP A 459 -0.83 -3.37 64.58
N THR A 460 -1.78 -4.05 65.26
CA THR A 460 -2.33 -3.60 66.53
C THR A 460 -1.43 -4.07 67.67
N SER A 461 -1.66 -3.54 68.88
CA SER A 461 -0.92 -3.95 70.06
C SER A 461 -1.10 -5.45 70.33
N SER A 462 -2.34 -5.91 70.15
CA SER A 462 -2.71 -7.31 70.28
C SER A 462 -1.84 -8.15 69.37
N GLN A 463 -1.83 -7.83 68.08
CA GLN A 463 -1.09 -8.60 67.09
C GLN A 463 0.42 -8.53 67.37
N LEU A 464 0.88 -7.37 67.85
CA LEU A 464 2.31 -7.12 68.07
C LEU A 464 2.85 -7.85 69.30
N SER A 465 1.98 -8.41 70.14
CA SER A 465 2.43 -9.17 71.29
C SER A 465 2.41 -10.67 71.05
N LEU A 466 2.07 -11.10 69.82
CA LEU A 466 2.10 -12.50 69.46
C LEU A 466 3.55 -12.96 69.28
N THR A 467 3.79 -14.23 69.59
CA THR A 467 5.08 -14.89 69.37
C THR A 467 4.85 -16.06 68.42
N ASN A 468 5.95 -16.73 68.07
CA ASN A 468 5.92 -17.88 67.17
C ASN A 468 5.11 -19.03 67.77
N ASP A 469 5.01 -19.11 69.12
CA ASP A 469 4.22 -20.11 69.81
C ASP A 469 2.72 -19.92 69.56
N ASP A 470 2.32 -18.71 69.16
CA ASP A 470 0.91 -18.42 68.95
C ASP A 470 0.51 -18.72 67.50
N LEU A 471 1.38 -19.33 66.71
CA LEU A 471 1.05 -19.74 65.36
C LEU A 471 0.60 -21.19 65.37
N ASN A 472 -0.16 -21.57 64.35
CA ASN A 472 -0.58 -22.93 64.16
C ASN A 472 0.67 -23.75 63.87
N PRO A 473 0.94 -24.86 64.58
CA PRO A 473 2.13 -25.68 64.30
C PRO A 473 2.22 -26.25 62.89
N ASN A 474 1.13 -26.21 62.11
CA ASN A 474 1.13 -26.76 60.76
C ASN A 474 1.95 -25.88 59.79
N VAL A 475 2.36 -24.68 60.24
CA VAL A 475 3.18 -23.78 59.44
C VAL A 475 4.68 -24.10 59.56
N ARG A 476 5.08 -24.95 60.53
CA ARG A 476 6.47 -25.33 60.71
C ARG A 476 6.69 -26.50 59.76
N ASP A 477 7.75 -26.39 58.96
CA ASP A 477 8.13 -27.32 57.92
C ASP A 477 6.93 -28.08 57.38
N PRO A 478 5.97 -27.39 56.71
CA PRO A 478 4.97 -28.13 55.93
C PRO A 478 5.66 -28.97 54.85
N ILE A 479 5.14 -30.15 54.59
CA ILE A 479 5.53 -30.96 53.43
C ILE A 479 4.71 -30.50 52.22
N VAL A 480 5.18 -29.41 51.59
CA VAL A 480 4.49 -28.74 50.50
C VAL A 480 4.74 -29.53 49.20
N LYS A 481 3.64 -29.98 48.57
CA LYS A 481 3.67 -30.80 47.36
C LYS A 481 3.67 -29.92 46.11
N GLN A 482 4.35 -30.42 45.07
CA GLN A 482 4.56 -29.68 43.83
C GLN A 482 3.24 -29.61 43.04
N LEU A 483 3.03 -28.51 42.31
CA LEU A 483 1.80 -28.27 41.56
C LEU A 483 1.91 -28.89 40.16
N GLU A 484 0.80 -29.47 39.69
CA GLU A 484 0.73 -30.08 38.37
C GLU A 484 0.80 -29.01 37.29
N VAL A 485 0.25 -27.82 37.58
CA VAL A 485 0.07 -26.73 36.62
C VAL A 485 1.42 -26.13 36.21
N SER A 486 2.42 -26.19 37.13
CA SER A 486 3.76 -25.69 36.89
C SER A 486 4.38 -26.36 35.65
N SER A 487 4.02 -27.66 35.42
CA SER A 487 4.56 -28.49 34.35
C SER A 487 3.59 -28.67 33.19
N GLY A 488 2.30 -28.44 33.42
CA GLY A 488 1.26 -28.71 32.43
C GLY A 488 0.24 -29.75 32.94
N ILE A 489 -1.04 -29.56 32.59
CA ILE A 489 -2.16 -30.30 33.16
C ILE A 489 -2.66 -31.32 32.14
N LYS A 490 -3.02 -32.51 32.63
CA LYS A 490 -3.63 -33.56 31.81
C LYS A 490 -5.16 -33.50 31.96
N SER B 12 -29.71 8.18 -35.06
CA SER B 12 -30.13 9.12 -34.00
C SER B 12 -28.96 9.37 -33.03
N GLY B 13 -29.10 10.42 -32.23
CA GLY B 13 -28.03 10.89 -31.37
C GLY B 13 -27.93 10.13 -30.05
N PHE B 14 -26.99 10.58 -29.23
CA PHE B 14 -26.86 10.13 -27.85
C PHE B 14 -28.16 10.44 -27.12
N ASP B 15 -28.56 9.56 -26.18
CA ASP B 15 -29.76 9.77 -25.39
C ASP B 15 -29.40 10.56 -24.12
N TYR B 16 -29.34 11.89 -24.26
CA TYR B 16 -28.95 12.79 -23.19
C TYR B 16 -30.03 12.77 -22.11
N GLU B 17 -31.30 12.73 -22.52
CA GLU B 17 -32.43 12.77 -21.60
C GLU B 17 -32.50 11.48 -20.79
N GLY B 18 -32.20 10.34 -21.46
CA GLY B 18 -32.07 9.05 -20.80
C GLY B 18 -30.99 9.01 -19.72
N LEU B 19 -29.82 9.58 -19.99
CA LEU B 19 -28.72 9.60 -19.03
C LEU B 19 -29.13 10.40 -17.80
N ILE B 20 -29.77 11.56 -18.01
CA ILE B 20 -30.20 12.45 -16.93
C ILE B 20 -31.28 11.78 -16.07
N ASP B 21 -32.29 11.19 -16.73
CA ASP B 21 -33.40 10.49 -16.07
C ASP B 21 -32.88 9.42 -15.09
N SER B 22 -31.97 8.56 -15.58
CA SER B 22 -31.46 7.47 -14.77
C SER B 22 -30.58 8.00 -13.64
N GLU B 23 -29.90 9.13 -13.88
CA GLU B 23 -29.04 9.74 -12.88
C GLU B 23 -29.88 10.31 -11.72
N LEU B 24 -31.01 10.94 -12.05
CA LEU B 24 -31.98 11.46 -11.08
C LEU B 24 -32.68 10.32 -10.32
N GLN B 25 -32.87 9.19 -10.99
CA GLN B 25 -33.52 8.03 -10.41
C GLN B 25 -32.62 7.34 -9.38
N LYS B 26 -31.30 7.39 -9.56
CA LYS B 26 -30.35 6.86 -8.58
C LYS B 26 -30.44 7.65 -7.28
N LYS B 27 -30.70 8.95 -7.37
CA LYS B 27 -30.89 9.81 -6.20
C LYS B 27 -32.14 9.41 -5.42
N ARG B 28 -33.23 9.08 -6.12
CA ARG B 28 -34.49 8.71 -5.51
C ARG B 28 -34.42 7.32 -4.88
N LEU B 29 -33.82 6.35 -5.58
CA LEU B 29 -33.68 4.98 -5.11
C LEU B 29 -32.77 4.91 -3.87
N ASP B 30 -31.64 5.65 -3.86
CA ASP B 30 -30.70 5.66 -2.74
C ASP B 30 -31.16 6.66 -1.68
N LYS B 31 -32.21 7.45 -1.98
CA LYS B 31 -32.95 8.25 -1.01
C LYS B 31 -32.14 9.45 -0.51
N SER B 32 -31.25 9.96 -1.38
CA SER B 32 -30.49 11.18 -1.11
C SER B 32 -31.03 12.34 -1.93
N TYR B 33 -32.12 12.10 -2.68
CA TYR B 33 -32.80 13.14 -3.44
C TYR B 33 -33.44 14.13 -2.46
N ARG B 34 -33.04 15.42 -2.57
CA ARG B 34 -33.32 16.44 -1.56
C ARG B 34 -34.57 17.24 -1.94
N TYR B 35 -35.40 17.51 -0.91
CA TYR B 35 -36.48 18.49 -1.00
C TYR B 35 -36.10 19.67 -0.12
N PHE B 36 -35.99 20.85 -0.72
CA PHE B 36 -35.68 22.06 0.00
C PHE B 36 -36.96 22.55 0.72
N ASN B 37 -36.77 23.07 1.94
CA ASN B 37 -37.84 23.67 2.71
C ASN B 37 -37.87 25.17 2.45
N ASN B 38 -39.09 25.70 2.26
CA ASN B 38 -39.33 27.13 2.15
C ASN B 38 -39.20 27.75 3.54
N ILE B 39 -38.03 28.35 3.80
CA ILE B 39 -37.69 28.90 5.10
C ILE B 39 -37.34 30.38 4.95
N ASN B 40 -38.19 31.22 5.53
CA ASN B 40 -38.10 32.67 5.39
C ASN B 40 -37.76 33.30 6.73
N ARG B 41 -36.46 33.52 6.96
CA ARG B 41 -35.95 33.90 8.28
C ARG B 41 -36.36 35.34 8.58
N LEU B 42 -36.82 35.56 9.80
CA LEU B 42 -37.40 36.82 10.24
C LEU B 42 -36.37 37.57 11.09
N ALA B 43 -35.86 38.67 10.54
CA ALA B 43 -34.81 39.48 11.15
C ALA B 43 -35.29 40.07 12.47
N LYS B 44 -36.57 40.44 12.57
CA LYS B 44 -37.11 41.05 13.78
C LYS B 44 -37.51 40.00 14.82
N GLU B 45 -37.42 38.70 14.51
CA GLU B 45 -37.93 37.68 15.40
C GLU B 45 -37.04 36.44 15.42
N PHE B 46 -35.72 36.65 15.34
CA PHE B 46 -34.76 35.56 15.33
C PHE B 46 -34.98 34.68 16.57
N PRO B 47 -34.93 33.31 16.50
CA PRO B 47 -34.65 32.53 15.28
C PRO B 47 -35.85 31.93 14.57
N LEU B 48 -36.95 32.69 14.52
CA LEU B 48 -38.14 32.29 13.81
C LEU B 48 -37.96 32.51 12.31
N ALA B 49 -38.76 31.73 11.56
CA ALA B 49 -38.90 31.82 10.12
C ALA B 49 -40.34 31.47 9.79
N HIS B 50 -40.83 31.92 8.62
CA HIS B 50 -42.11 31.46 8.14
C HIS B 50 -41.87 30.54 6.95
N ARG B 51 -42.87 29.71 6.67
CA ARG B 51 -42.86 28.83 5.51
C ARG B 51 -43.56 29.55 4.34
N GLN B 52 -44.37 28.82 3.57
CA GLN B 52 -45.03 29.42 2.40
C GLN B 52 -45.88 30.60 2.86
N ARG B 53 -46.68 30.40 3.92
CA ARG B 53 -47.53 31.45 4.47
C ARG B 53 -46.77 32.20 5.56
N GLU B 54 -47.00 33.51 5.65
CA GLU B 54 -46.34 34.37 6.63
C GLU B 54 -46.72 33.94 8.06
N ALA B 55 -47.98 33.49 8.21
CA ALA B 55 -48.56 33.15 9.50
C ALA B 55 -48.02 31.83 10.03
N ASP B 56 -47.41 31.00 9.16
CA ASP B 56 -46.95 29.67 9.53
C ASP B 56 -45.46 29.73 9.92
N LYS B 57 -45.19 29.87 11.22
CA LYS B 57 -43.86 30.14 11.73
C LYS B 57 -43.24 28.88 12.39
N VAL B 58 -41.91 28.77 12.30
CA VAL B 58 -41.16 27.68 12.90
C VAL B 58 -39.92 28.29 13.57
N THR B 59 -39.32 27.52 14.47
CA THR B 59 -38.05 27.93 15.06
C THR B 59 -36.91 27.20 14.35
N VAL B 60 -35.96 27.98 13.86
CA VAL B 60 -34.86 27.45 13.08
C VAL B 60 -33.74 27.07 14.05
N TRP B 61 -33.31 25.81 13.94
CA TRP B 61 -32.30 25.21 14.80
C TRP B 61 -31.16 24.59 14.01
N CYS B 62 -31.06 24.89 12.70
CA CYS B 62 -30.02 24.29 11.86
C CYS B 62 -29.38 25.31 10.94
N SER B 63 -29.56 26.60 11.25
CA SER B 63 -28.92 27.68 10.50
C SER B 63 -27.44 27.73 10.82
N ASN B 64 -26.66 28.25 9.87
CA ASN B 64 -25.24 28.48 10.12
C ASN B 64 -24.99 29.97 10.40
N ASP B 65 -26.06 30.71 10.66
CA ASP B 65 -25.99 32.07 11.17
C ASP B 65 -25.66 31.98 12.66
N TYR B 66 -24.42 31.55 12.93
CA TYR B 66 -24.04 30.97 14.20
C TYR B 66 -24.13 31.99 15.35
N LEU B 67 -23.94 33.29 15.06
CA LEU B 67 -23.95 34.34 16.08
C LEU B 67 -25.18 35.24 15.95
N ALA B 68 -26.10 34.90 15.04
CA ALA B 68 -27.32 35.66 14.79
C ALA B 68 -27.03 37.06 14.23
N LEU B 69 -25.87 37.23 13.58
CA LEU B 69 -25.44 38.55 13.12
C LEU B 69 -26.10 38.93 11.79
N SER B 70 -26.80 37.97 11.13
CA SER B 70 -27.48 38.26 9.87
C SER B 70 -28.53 39.35 10.07
N LYS B 71 -29.02 39.51 11.32
CA LYS B 71 -30.10 40.44 11.57
C LYS B 71 -29.65 41.54 12.53
N HIS B 72 -28.33 41.65 12.80
CA HIS B 72 -27.86 42.61 13.78
C HIS B 72 -28.08 44.02 13.26
N PRO B 73 -28.60 44.98 14.08
CA PRO B 73 -28.86 46.33 13.62
C PRO B 73 -27.66 47.04 12.98
N GLU B 74 -26.43 46.78 13.44
CA GLU B 74 -25.26 47.40 12.85
C GLU B 74 -24.98 46.83 11.46
N VAL B 75 -25.31 45.55 11.25
CA VAL B 75 -25.17 44.91 9.95
C VAL B 75 -26.21 45.47 8.98
N LEU B 76 -27.48 45.56 9.42
CA LEU B 76 -28.57 46.03 8.59
C LEU B 76 -28.36 47.51 8.25
N ASP B 77 -27.92 48.30 9.23
CA ASP B 77 -27.69 49.72 9.08
C ASP B 77 -26.57 49.98 8.06
N ALA B 78 -25.50 49.18 8.15
CA ALA B 78 -24.39 49.26 7.22
C ALA B 78 -24.86 48.97 5.80
N MET B 79 -25.75 47.98 5.66
CA MET B 79 -26.31 47.63 4.37
C MET B 79 -27.13 48.78 3.82
N HIS B 80 -28.08 49.29 4.62
CA HIS B 80 -28.99 50.32 4.16
C HIS B 80 -28.21 51.54 3.66
N LYS B 81 -27.22 51.97 4.45
CA LYS B 81 -26.45 53.16 4.12
C LYS B 81 -25.61 52.93 2.86
N THR B 82 -25.06 51.73 2.72
CA THR B 82 -24.21 51.42 1.57
C THR B 82 -25.03 51.38 0.28
N ILE B 83 -26.23 50.78 0.35
CA ILE B 83 -27.18 50.70 -0.76
C ILE B 83 -27.53 52.11 -1.24
N ASP B 84 -27.76 53.04 -0.32
CA ASP B 84 -28.15 54.39 -0.69
C ASP B 84 -27.05 55.11 -1.44
N LYS B 85 -25.80 54.77 -1.15
CA LYS B 85 -24.65 55.46 -1.74
C LYS B 85 -24.18 54.75 -3.01
N TYR B 86 -24.07 53.42 -2.96
CA TYR B 86 -23.44 52.62 -4.01
C TYR B 86 -24.42 51.91 -4.93
N GLY B 87 -25.66 51.72 -4.46
CA GLY B 87 -26.66 50.92 -5.15
C GLY B 87 -26.58 49.47 -4.73
N CYS B 88 -27.02 48.58 -5.62
CA CYS B 88 -27.07 47.14 -5.38
C CYS B 88 -25.77 46.49 -5.86
N GLY B 89 -25.62 46.29 -7.18
CA GLY B 89 -24.45 45.60 -7.70
C GLY B 89 -23.20 46.48 -7.65
N ALA B 90 -22.04 45.81 -7.58
CA ALA B 90 -20.73 46.44 -7.71
C ALA B 90 -20.59 47.11 -9.08
N GLY B 91 -21.20 46.50 -10.12
CA GLY B 91 -21.17 47.03 -11.47
C GLY B 91 -19.87 46.72 -12.23
N GLY B 92 -19.09 45.75 -11.71
CA GLY B 92 -18.04 45.11 -12.49
C GLY B 92 -17.22 44.14 -11.65
N THR B 93 -16.09 43.71 -12.24
CA THR B 93 -15.06 42.91 -11.59
C THR B 93 -14.03 43.81 -10.91
N ARG B 94 -13.17 43.22 -10.06
CA ARG B 94 -12.15 43.97 -9.34
C ARG B 94 -11.25 44.74 -10.31
N ASN B 95 -10.98 44.17 -11.48
CA ASN B 95 -10.18 44.83 -12.49
C ASN B 95 -10.93 46.01 -13.11
N ILE B 96 -12.24 45.87 -13.34
CA ILE B 96 -13.00 46.83 -14.13
C ILE B 96 -14.19 47.34 -13.33
N ALA B 97 -13.99 48.44 -12.58
CA ALA B 97 -15.04 49.25 -12.00
C ALA B 97 -15.66 48.62 -10.74
N GLY B 98 -15.14 47.47 -10.31
CA GLY B 98 -15.66 46.77 -9.15
C GLY B 98 -14.67 46.65 -8.00
N HIS B 99 -13.74 47.61 -7.93
CA HIS B 99 -12.82 47.77 -6.81
C HIS B 99 -13.13 49.11 -6.11
N ASN B 100 -13.28 49.06 -4.77
CA ASN B 100 -13.97 50.11 -4.04
C ASN B 100 -13.65 50.04 -2.54
N ILE B 101 -14.13 51.04 -1.80
CA ILE B 101 -13.78 51.24 -0.40
C ILE B 101 -14.37 50.12 0.46
N PRO B 102 -15.64 49.72 0.29
CA PRO B 102 -16.17 48.56 1.02
C PRO B 102 -15.34 47.29 0.87
N THR B 103 -14.80 47.06 -0.33
CA THR B 103 -13.92 45.93 -0.59
C THR B 103 -12.62 46.07 0.19
N LEU B 104 -12.02 47.26 0.14
CA LEU B 104 -10.80 47.56 0.85
C LEU B 104 -10.97 47.42 2.36
N ASN B 105 -12.06 47.96 2.91
CA ASN B 105 -12.30 47.88 4.35
C ASN B 105 -12.46 46.43 4.79
N LEU B 106 -13.15 45.61 3.98
CA LEU B 106 -13.43 44.22 4.34
C LEU B 106 -12.14 43.40 4.33
N GLU B 107 -11.33 43.53 3.27
CA GLU B 107 -10.09 42.80 3.20
C GLU B 107 -9.19 43.21 4.37
N ALA B 108 -9.16 44.51 4.71
CA ALA B 108 -8.37 44.98 5.83
C ALA B 108 -8.86 44.40 7.15
N GLU B 109 -10.19 44.28 7.32
CA GLU B 109 -10.75 43.76 8.55
C GLU B 109 -10.39 42.30 8.75
N LEU B 110 -10.42 41.53 7.66
CA LEU B 110 -10.14 40.10 7.70
C LEU B 110 -8.67 39.86 8.02
N ALA B 111 -7.77 40.64 7.40
CA ALA B 111 -6.35 40.59 7.66
C ALA B 111 -6.06 40.90 9.13
N THR B 112 -6.75 41.92 9.67
CA THR B 112 -6.65 42.27 11.07
C THR B 112 -7.11 41.13 11.98
N LEU B 113 -8.22 40.47 11.61
CA LEU B 113 -8.82 39.39 12.40
C LEU B 113 -7.84 38.24 12.57
N HIS B 114 -7.21 37.84 11.48
CA HIS B 114 -6.29 36.71 11.47
C HIS B 114 -4.86 37.17 11.73
N LYS B 115 -4.66 38.48 11.96
CA LYS B 115 -3.35 39.08 12.24
C LYS B 115 -2.36 38.68 11.15
N LYS B 116 -2.80 38.77 9.88
CA LYS B 116 -1.99 38.48 8.71
C LYS B 116 -1.70 39.75 7.94
N GLU B 117 -0.71 39.69 7.05
CA GLU B 117 -0.33 40.83 6.21
C GLU B 117 -1.47 41.20 5.26
N GLY B 118 -2.19 40.20 4.73
CA GLY B 118 -3.22 40.44 3.71
C GLY B 118 -4.40 39.48 3.81
N ALA B 119 -5.49 39.86 3.15
CA ALA B 119 -6.63 39.00 2.86
C ALA B 119 -7.21 39.35 1.49
N LEU B 120 -7.84 38.36 0.84
CA LEU B 120 -8.44 38.50 -0.46
C LEU B 120 -9.85 37.91 -0.40
N VAL B 121 -10.82 38.70 -0.86
CA VAL B 121 -12.23 38.31 -0.83
C VAL B 121 -12.61 37.72 -2.19
N PHE B 122 -13.38 36.63 -2.13
CA PHE B 122 -13.93 35.93 -3.29
C PHE B 122 -15.47 35.92 -3.16
N SER B 123 -16.16 35.50 -4.23
CA SER B 123 -17.60 35.30 -4.28
C SER B 123 -18.12 34.47 -3.11
N SER B 124 -17.36 33.44 -2.74
CA SER B 124 -17.77 32.45 -1.77
C SER B 124 -16.51 31.75 -1.25
N CYS B 125 -16.60 31.06 -0.10
CA CYS B 125 -15.46 30.27 0.34
C CYS B 125 -15.31 29.02 -0.55
N TYR B 126 -16.41 28.54 -1.16
CA TYR B 126 -16.27 27.46 -2.11
C TYR B 126 -15.27 27.87 -3.20
N VAL B 127 -15.43 29.09 -3.71
CA VAL B 127 -14.60 29.63 -4.77
C VAL B 127 -13.18 29.93 -4.28
N ALA B 128 -13.07 30.46 -3.05
CA ALA B 128 -11.78 30.73 -2.44
C ALA B 128 -10.94 29.45 -2.36
N ASN B 129 -11.53 28.39 -1.80
CA ASN B 129 -10.87 27.10 -1.61
C ASN B 129 -10.43 26.55 -2.96
N ASP B 130 -11.33 26.60 -3.94
CA ASP B 130 -11.05 26.06 -5.27
C ASP B 130 -9.89 26.85 -5.91
N ALA B 131 -9.92 28.18 -5.79
CA ALA B 131 -8.96 29.07 -6.43
C ALA B 131 -7.55 28.86 -5.89
N VAL B 132 -7.43 28.82 -4.58
CA VAL B 132 -6.14 28.71 -3.92
C VAL B 132 -5.52 27.34 -4.21
N LEU B 133 -6.30 26.28 -4.02
CA LEU B 133 -5.83 24.92 -4.21
C LEU B 133 -5.49 24.67 -5.69
N SER B 134 -6.34 25.15 -6.61
CA SER B 134 -6.10 25.00 -8.05
C SER B 134 -4.78 25.61 -8.45
N LEU B 135 -4.50 26.82 -7.93
CA LEU B 135 -3.37 27.61 -8.35
C LEU B 135 -2.07 26.99 -7.86
N LEU B 136 -2.08 26.59 -6.59
CA LEU B 136 -0.91 25.97 -5.98
C LEU B 136 -0.48 24.77 -6.81
N GLY B 137 -1.43 23.88 -7.14
CA GLY B 137 -1.16 22.68 -7.91
C GLY B 137 -0.80 22.95 -9.36
N GLN B 138 -1.38 24.02 -9.93
CA GLN B 138 -1.16 24.31 -11.33
C GLN B 138 0.21 24.99 -11.51
N LYS B 139 0.73 25.61 -10.44
CA LYS B 139 1.99 26.32 -10.54
C LYS B 139 3.14 25.55 -9.91
N MET B 140 2.84 24.50 -9.11
CA MET B 140 3.85 23.57 -8.64
C MET B 140 3.37 22.16 -8.99
N LYS B 141 3.82 21.66 -10.15
CA LYS B 141 3.32 20.41 -10.69
C LYS B 141 3.88 19.23 -9.89
N ASP B 142 4.96 19.48 -9.14
CA ASP B 142 5.60 18.52 -8.27
C ASP B 142 4.95 18.51 -6.87
N LEU B 143 3.91 19.32 -6.65
CA LEU B 143 3.27 19.46 -5.34
C LEU B 143 2.60 18.16 -4.95
N VAL B 144 2.71 17.84 -3.66
CA VAL B 144 1.95 16.74 -3.07
C VAL B 144 1.01 17.32 -2.01
N ILE B 145 -0.28 17.04 -2.16
CA ILE B 145 -1.30 17.51 -1.23
C ILE B 145 -1.71 16.37 -0.30
N PHE B 146 -1.74 16.68 0.99
CA PHE B 146 -2.15 15.76 2.02
C PHE B 146 -3.45 16.28 2.60
N SER B 147 -4.53 15.52 2.40
CA SER B 147 -5.89 15.96 2.63
C SER B 147 -6.62 15.03 3.63
N ASP B 148 -7.24 15.65 4.64
CA ASP B 148 -8.01 14.95 5.64
C ASP B 148 -9.22 14.33 4.95
N GLU B 149 -9.54 13.09 5.31
CA GLU B 149 -10.60 12.38 4.61
C GLU B 149 -11.93 13.12 4.75
N LEU B 150 -12.14 13.94 5.78
CA LEU B 150 -13.44 14.58 6.00
C LEU B 150 -13.48 16.02 5.49
N ASN B 151 -12.52 16.40 4.65
CA ASN B 151 -12.51 17.73 4.06
C ASN B 151 -13.74 17.96 3.20
N HIS B 152 -14.23 19.20 3.25
CA HIS B 152 -15.40 19.69 2.53
C HIS B 152 -15.27 19.49 1.01
N ALA B 153 -16.43 19.48 0.33
CA ALA B 153 -16.50 19.30 -1.12
C ALA B 153 -15.65 20.31 -1.86
N SER B 154 -15.67 21.58 -1.39
CA SER B 154 -14.92 22.66 -2.01
C SER B 154 -13.41 22.34 -2.07
N MET B 155 -12.89 21.77 -0.99
CA MET B 155 -11.49 21.42 -0.89
C MET B 155 -11.19 20.19 -1.76
N ILE B 156 -12.10 19.22 -1.76
CA ILE B 156 -11.94 18.01 -2.57
C ILE B 156 -11.81 18.39 -4.04
N VAL B 157 -12.72 19.29 -4.47
CA VAL B 157 -12.80 19.77 -5.83
C VAL B 157 -11.56 20.59 -6.18
N GLY B 158 -11.18 21.51 -5.28
CA GLY B 158 -9.92 22.23 -5.42
C GLY B 158 -8.71 21.33 -5.61
N ILE B 159 -8.66 20.25 -4.83
CA ILE B 159 -7.52 19.34 -4.86
C ILE B 159 -7.50 18.53 -6.17
N LYS B 160 -8.67 18.09 -6.65
CA LYS B 160 -8.78 17.50 -7.98
C LYS B 160 -8.29 18.48 -9.05
N HIS B 161 -8.80 19.72 -9.02
CA HIS B 161 -8.46 20.75 -9.99
C HIS B 161 -6.96 21.06 -9.99
N ALA B 162 -6.32 21.04 -8.81
CA ALA B 162 -4.90 21.25 -8.67
C ALA B 162 -4.11 20.30 -9.56
N ASN B 163 -4.63 19.06 -9.69
CA ASN B 163 -4.14 18.12 -10.69
C ASN B 163 -2.71 17.73 -10.38
N VAL B 164 -2.47 17.27 -9.14
CA VAL B 164 -1.16 16.88 -8.62
C VAL B 164 -1.32 15.59 -7.82
N LYS B 165 -0.21 15.03 -7.33
CA LYS B 165 -0.26 13.89 -6.43
C LYS B 165 -0.94 14.29 -5.12
N LYS B 166 -1.85 13.44 -4.64
CA LYS B 166 -2.66 13.73 -3.46
C LYS B 166 -2.77 12.47 -2.60
N HIS B 167 -2.63 12.64 -1.28
CA HIS B 167 -2.82 11.55 -0.34
C HIS B 167 -3.92 11.94 0.64
N ILE B 168 -4.88 11.05 0.88
CA ILE B 168 -5.90 11.25 1.90
C ILE B 168 -5.50 10.52 3.18
N PHE B 169 -5.49 11.22 4.31
CA PHE B 169 -5.20 10.57 5.59
C PHE B 169 -6.50 10.37 6.39
N LYS B 170 -6.55 9.31 7.18
CA LYS B 170 -7.68 9.05 8.08
C LYS B 170 -7.93 10.28 8.94
N HIS B 171 -9.21 10.54 9.19
CA HIS B 171 -9.65 11.76 9.84
C HIS B 171 -8.91 12.01 11.15
N ASN B 172 -8.20 13.15 11.20
CA ASN B 172 -7.50 13.63 12.38
C ASN B 172 -6.39 12.68 12.81
N ASP B 173 -5.93 11.80 11.92
CA ASP B 173 -4.91 10.82 12.26
C ASP B 173 -3.53 11.35 11.83
N LEU B 174 -2.80 11.93 12.81
CA LEU B 174 -1.56 12.65 12.52
C LEU B 174 -0.36 11.69 12.52
N ASN B 175 -0.56 10.46 12.97
CA ASN B 175 0.41 9.39 12.79
C ASN B 175 0.45 9.02 11.31
N GLU B 176 -0.72 8.80 10.71
CA GLU B 176 -0.80 8.46 9.29
C GLU B 176 -0.32 9.64 8.45
N LEU B 177 -0.67 10.87 8.85
CA LEU B 177 -0.20 12.03 8.10
C LEU B 177 1.33 12.10 8.12
N GLU B 178 1.93 11.88 9.30
CA GLU B 178 3.38 11.94 9.42
C GLU B 178 4.04 10.85 8.57
N GLN B 179 3.45 9.66 8.50
CA GLN B 179 4.03 8.57 7.73
C GLN B 179 4.01 8.92 6.23
N LEU B 180 2.95 9.61 5.78
CA LEU B 180 2.85 10.02 4.40
C LEU B 180 3.86 11.12 4.11
N LEU B 181 3.96 12.11 5.01
CA LEU B 181 4.88 13.22 4.86
C LEU B 181 6.31 12.74 4.77
N GLN B 182 6.65 11.78 5.64
CA GLN B 182 8.00 11.27 5.78
C GLN B 182 8.45 10.48 4.56
N SER B 183 7.53 9.99 3.73
CA SER B 183 7.94 9.14 2.61
C SER B 183 8.34 9.98 1.40
N TYR B 184 8.39 11.30 1.56
CA TYR B 184 8.88 12.22 0.55
C TYR B 184 10.11 12.96 1.05
N PRO B 185 11.08 13.27 0.14
CA PRO B 185 12.17 14.18 0.47
C PRO B 185 11.63 15.53 0.94
N LYS B 186 12.39 16.20 1.82
CA LYS B 186 11.96 17.46 2.42
C LYS B 186 11.79 18.54 1.33
N SER B 187 12.63 18.48 0.30
CA SER B 187 12.65 19.49 -0.74
C SER B 187 11.48 19.37 -1.71
N VAL B 188 10.69 18.29 -1.63
CA VAL B 188 9.49 18.18 -2.45
C VAL B 188 8.47 19.15 -1.87
N PRO B 189 7.82 19.99 -2.71
CA PRO B 189 6.76 20.89 -2.24
C PRO B 189 5.55 20.10 -1.77
N LYS B 190 5.00 20.51 -0.64
CA LYS B 190 3.90 19.77 -0.03
C LYS B 190 2.85 20.76 0.49
N LEU B 191 1.60 20.31 0.57
CA LEU B 191 0.53 21.10 1.14
C LEU B 191 -0.31 20.21 2.05
N ILE B 192 -0.53 20.65 3.29
CA ILE B 192 -1.44 19.97 4.18
C ILE B 192 -2.75 20.78 4.24
N ALA B 193 -3.83 20.15 3.79
CA ALA B 193 -5.12 20.80 3.66
C ALA B 193 -6.09 20.16 4.65
N PHE B 194 -6.70 21.00 5.50
CA PHE B 194 -7.55 20.52 6.57
C PHE B 194 -8.48 21.65 7.03
N GLU B 195 -9.47 21.29 7.84
CA GLU B 195 -10.38 22.22 8.48
C GLU B 195 -10.08 22.26 9.99
N SER B 196 -10.47 23.37 10.62
CA SER B 196 -10.37 23.51 12.05
C SER B 196 -11.52 22.72 12.70
N VAL B 197 -12.75 23.01 12.27
CA VAL B 197 -13.95 22.36 12.80
C VAL B 197 -14.71 21.71 11.65
N TYR B 198 -14.94 20.40 11.76
CA TYR B 198 -15.65 19.63 10.77
C TYR B 198 -17.14 19.59 11.16
N SER B 199 -17.99 20.03 10.23
CA SER B 199 -19.32 20.51 10.56
C SER B 199 -20.29 19.37 10.87
N MET B 200 -20.04 18.17 10.38
CA MET B 200 -21.08 17.15 10.40
C MET B 200 -21.05 16.39 11.72
N ALA B 201 -19.88 16.35 12.38
CA ALA B 201 -19.85 15.81 13.73
C ALA B 201 -19.15 16.72 14.72
N GLY B 202 -18.57 17.84 14.29
CA GLY B 202 -18.07 18.83 15.23
C GLY B 202 -16.68 18.54 15.79
N SER B 203 -15.96 17.61 15.13
CA SER B 203 -14.58 17.31 15.52
C SER B 203 -13.66 18.47 15.15
N VAL B 204 -12.52 18.53 15.84
CA VAL B 204 -11.60 19.65 15.74
C VAL B 204 -10.20 19.12 15.41
N ALA B 205 -9.46 19.86 14.58
CA ALA B 205 -8.09 19.50 14.23
C ALA B 205 -7.12 19.98 15.29
N ASP B 206 -6.03 19.24 15.45
CA ASP B 206 -4.89 19.66 16.23
C ASP B 206 -3.98 20.51 15.35
N ILE B 207 -4.35 21.78 15.22
CA ILE B 207 -3.70 22.66 14.28
C ILE B 207 -2.23 22.80 14.65
N GLU B 208 -1.92 22.83 15.95
CA GLU B 208 -0.56 23.07 16.37
C GLU B 208 0.36 21.91 15.94
N LYS B 209 -0.11 20.68 16.15
CA LYS B 209 0.68 19.51 15.79
C LYS B 209 0.89 19.47 14.27
N ILE B 210 -0.12 19.90 13.50
CA ILE B 210 -0.01 19.92 12.05
C ILE B 210 1.01 20.96 11.61
N CYS B 211 1.06 22.12 12.28
CA CYS B 211 2.06 23.13 11.97
C CYS B 211 3.47 22.61 12.26
N ASP B 212 3.61 21.82 13.33
CA ASP B 212 4.88 21.20 13.68
C ASP B 212 5.32 20.24 12.58
N LEU B 213 4.37 19.44 12.08
CA LEU B 213 4.62 18.50 10.98
C LEU B 213 5.00 19.26 9.71
N ALA B 214 4.35 20.40 9.45
CA ALA B 214 4.66 21.20 8.28
C ALA B 214 6.09 21.74 8.35
N ASP B 215 6.50 22.22 9.53
CA ASP B 215 7.84 22.73 9.72
C ASP B 215 8.88 21.63 9.46
N LYS B 216 8.62 20.43 9.99
CA LYS B 216 9.56 19.34 9.94
C LYS B 216 9.69 18.80 8.51
N TYR B 217 8.60 18.77 7.73
CA TYR B 217 8.64 18.12 6.43
C TYR B 217 8.61 19.12 5.28
N GLY B 218 8.58 20.42 5.59
CA GLY B 218 8.70 21.47 4.60
C GLY B 218 7.45 21.63 3.75
N ALA B 219 6.27 21.66 4.40
CA ALA B 219 4.98 21.75 3.75
C ALA B 219 4.34 23.10 4.07
N LEU B 220 3.54 23.58 3.13
CA LEU B 220 2.58 24.65 3.38
C LEU B 220 1.38 24.06 4.12
N THR B 221 0.68 24.95 4.84
CA THR B 221 -0.56 24.61 5.50
C THR B 221 -1.69 25.44 4.91
N PHE B 222 -2.79 24.74 4.63
CA PHE B 222 -4.03 25.33 4.17
C PHE B 222 -5.15 24.92 5.14
N LEU B 223 -5.72 25.93 5.82
CA LEU B 223 -6.64 25.73 6.94
C LEU B 223 -7.97 26.40 6.63
N ASP B 224 -9.04 25.59 6.62
CA ASP B 224 -10.39 26.09 6.44
C ASP B 224 -11.05 26.24 7.81
N GLU B 225 -11.29 27.51 8.19
CA GLU B 225 -11.88 27.88 9.47
C GLU B 225 -13.33 28.34 9.29
N VAL B 226 -14.04 27.78 8.31
CA VAL B 226 -15.36 28.24 7.92
C VAL B 226 -16.35 28.03 9.07
N HIS B 227 -16.25 26.90 9.80
CA HIS B 227 -17.16 26.64 10.91
C HIS B 227 -16.57 27.10 12.25
N ALA B 228 -15.54 27.97 12.21
CA ALA B 228 -14.82 28.37 13.41
C ALA B 228 -14.73 29.88 13.55
N VAL B 229 -14.65 30.63 12.45
CA VAL B 229 -14.54 32.08 12.54
C VAL B 229 -15.83 32.62 13.15
N GLY B 230 -15.65 33.59 14.06
CA GLY B 230 -16.72 34.11 14.88
C GLY B 230 -16.85 33.41 16.23
N LEU B 231 -16.36 32.16 16.31
CA LEU B 231 -16.80 31.22 17.33
C LEU B 231 -15.71 30.83 18.31
N TYR B 232 -14.44 30.82 17.85
CA TYR B 232 -13.32 30.38 18.67
C TYR B 232 -12.28 31.49 18.73
N GLY B 233 -11.44 31.43 19.78
CA GLY B 233 -10.51 32.52 20.08
C GLY B 233 -11.26 33.65 20.80
N PRO B 234 -10.55 34.53 21.52
CA PRO B 234 -11.22 35.62 22.22
C PRO B 234 -11.94 36.61 21.30
N HIS B 235 -11.52 36.66 20.03
CA HIS B 235 -12.02 37.65 19.09
C HIS B 235 -12.76 37.00 17.93
N GLY B 236 -12.95 35.68 17.99
CA GLY B 236 -13.61 34.94 16.92
C GLY B 236 -12.75 34.76 15.67
N ALA B 237 -11.42 34.75 15.81
CA ALA B 237 -10.55 34.56 14.65
C ALA B 237 -10.40 33.08 14.31
N GLY B 238 -10.95 32.19 15.16
CA GLY B 238 -10.99 30.78 14.87
C GLY B 238 -10.24 29.92 15.88
N VAL B 239 -10.16 28.62 15.58
CA VAL B 239 -9.51 27.65 16.45
C VAL B 239 -8.00 27.94 16.51
N ALA B 240 -7.43 28.45 15.41
CA ALA B 240 -6.03 28.82 15.38
C ALA B 240 -5.75 29.85 16.47
N GLU B 241 -6.66 30.81 16.63
CA GLU B 241 -6.54 31.83 17.65
C GLU B 241 -6.73 31.20 19.03
N HIS B 242 -7.69 30.27 19.15
CA HIS B 242 -8.00 29.60 20.41
C HIS B 242 -6.78 28.84 20.95
N CYS B 243 -5.91 28.35 20.06
CA CYS B 243 -4.68 27.68 20.43
C CYS B 243 -3.78 28.57 21.30
N ASP B 244 -3.84 29.90 21.11
CA ASP B 244 -3.06 30.82 21.92
C ASP B 244 -4.00 31.85 22.51
N PHE B 245 -5.03 31.35 23.19
CA PHE B 245 -6.18 32.14 23.61
C PHE B 245 -5.72 33.30 24.47
N GLU B 246 -4.85 33.01 25.45
CA GLU B 246 -4.49 33.99 26.46
C GLU B 246 -3.52 35.04 25.89
N SER B 247 -2.57 34.60 25.05
CA SER B 247 -1.69 35.50 24.33
C SER B 247 -2.49 36.47 23.48
N HIS B 248 -3.45 35.96 22.70
CA HIS B 248 -4.26 36.79 21.83
C HIS B 248 -5.14 37.72 22.66
N ARG B 249 -5.72 37.20 23.75
CA ARG B 249 -6.58 38.03 24.55
C ARG B 249 -5.83 39.21 25.14
N ALA B 250 -4.61 38.97 25.67
CA ALA B 250 -3.79 40.02 26.25
C ALA B 250 -3.43 41.09 25.21
N SER B 251 -3.05 40.65 23.99
CA SER B 251 -2.53 41.55 22.97
C SER B 251 -3.65 42.22 22.18
N GLY B 252 -4.87 41.68 22.25
CA GLY B 252 -5.99 42.19 21.48
C GLY B 252 -5.78 42.07 19.95
N ILE B 253 -5.69 43.23 19.29
CA ILE B 253 -5.51 43.35 17.85
C ILE B 253 -4.05 43.10 17.46
N ALA B 254 -3.12 43.40 18.38
CA ALA B 254 -1.70 43.31 18.10
C ALA B 254 -1.28 41.84 18.05
N THR B 255 -0.21 41.57 17.30
CA THR B 255 0.50 40.31 17.38
C THR B 255 1.08 40.15 18.79
N PRO B 256 0.83 39.04 19.52
CA PRO B 256 1.39 38.86 20.85
C PRO B 256 2.92 38.69 20.81
N LYS B 257 3.58 39.09 21.91
CA LYS B 257 5.02 38.96 22.05
C LYS B 257 5.43 37.48 21.99
N THR B 258 4.62 36.61 22.60
CA THR B 258 4.88 35.19 22.66
C THR B 258 3.56 34.44 22.46
N ASN B 259 3.67 33.13 22.11
CA ASN B 259 2.52 32.24 22.10
C ASN B 259 2.24 31.78 23.53
N ASP B 260 1.22 30.92 23.71
CA ASP B 260 0.75 30.52 25.02
C ASP B 260 1.76 29.63 25.75
N LYS B 261 2.80 29.14 25.06
CA LYS B 261 3.83 28.32 25.69
C LYS B 261 5.11 29.11 25.88
N GLY B 262 5.13 30.39 25.53
CA GLY B 262 6.30 31.23 25.68
C GLY B 262 7.23 31.21 24.48
N GLY B 263 6.83 30.51 23.40
CA GLY B 263 7.56 30.52 22.14
C GLY B 263 7.29 31.80 21.36
N ALA B 264 7.98 31.95 20.22
CA ALA B 264 8.03 33.21 19.49
C ALA B 264 6.78 33.44 18.64
N LYS B 265 6.23 32.37 18.04
CA LYS B 265 5.20 32.47 17.02
C LYS B 265 3.91 31.76 17.46
N THR B 266 2.77 32.44 17.30
CA THR B 266 1.47 31.82 17.54
C THR B 266 1.14 30.81 16.45
N VAL B 267 0.20 29.91 16.74
CA VAL B 267 -0.27 28.93 15.77
C VAL B 267 -0.88 29.66 14.57
N MET B 268 -1.69 30.70 14.82
CA MET B 268 -2.40 31.39 13.75
C MET B 268 -1.39 32.06 12.81
N ASP B 269 -0.25 32.50 13.37
CA ASP B 269 0.83 33.07 12.58
C ASP B 269 1.55 32.02 11.74
N ARG B 270 1.63 30.78 12.21
CA ARG B 270 2.40 29.72 11.56
C ARG B 270 1.62 29.08 10.41
N VAL B 271 0.29 29.21 10.39
CA VAL B 271 -0.53 28.69 9.31
C VAL B 271 -0.32 29.58 8.09
N ASP B 272 0.00 29.01 6.93
CA ASP B 272 0.34 29.81 5.76
C ASP B 272 -0.91 30.44 5.16
N MET B 273 -2.02 29.68 5.09
CA MET B 273 -3.21 30.15 4.42
C MET B 273 -4.43 29.75 5.24
N ILE B 274 -5.24 30.75 5.60
CA ILE B 274 -6.48 30.54 6.31
C ILE B 274 -7.63 31.03 5.45
N THR B 275 -8.59 30.12 5.20
CA THR B 275 -9.81 30.49 4.49
C THR B 275 -10.97 30.55 5.45
N GLY B 276 -11.88 31.50 5.17
CA GLY B 276 -13.15 31.56 5.89
C GLY B 276 -14.28 31.93 4.93
N THR B 277 -15.48 32.00 5.50
CA THR B 277 -16.69 32.44 4.81
C THR B 277 -17.17 33.70 5.52
N LEU B 278 -17.91 34.50 4.77
CA LEU B 278 -18.67 35.60 5.34
C LEU B 278 -20.14 35.18 5.51
N GLY B 279 -20.45 33.93 5.18
CA GLY B 279 -21.82 33.49 4.97
C GLY B 279 -22.40 32.73 6.16
N LYS B 280 -21.64 32.64 7.26
CA LYS B 280 -22.11 31.95 8.46
C LYS B 280 -22.12 32.93 9.63
N SER B 281 -21.11 32.88 10.50
CA SER B 281 -21.02 33.74 11.68
C SER B 281 -21.16 35.21 11.31
N PHE B 282 -20.53 35.60 10.17
CA PHE B 282 -20.41 36.99 9.76
C PHE B 282 -21.65 37.47 9.00
N GLY B 283 -22.65 36.61 8.85
CA GLY B 283 -24.03 37.02 8.64
C GLY B 283 -24.32 37.57 7.24
N SER B 284 -23.49 37.20 6.25
CA SER B 284 -23.55 37.79 4.92
C SER B 284 -23.37 36.70 3.84
N VAL B 285 -22.44 36.94 2.91
CA VAL B 285 -22.05 35.98 1.90
C VAL B 285 -20.65 36.35 1.41
N GLY B 286 -19.92 35.35 0.92
CA GLY B 286 -18.58 35.56 0.41
C GLY B 286 -17.57 34.64 1.07
N GLY B 287 -16.36 34.67 0.51
CA GLY B 287 -15.26 33.87 1.05
C GLY B 287 -13.99 34.69 1.06
N TYR B 288 -12.95 34.14 1.69
CA TYR B 288 -11.68 34.84 1.75
C TYR B 288 -10.53 33.89 2.09
N VAL B 289 -9.33 34.34 1.75
CA VAL B 289 -8.11 33.75 2.27
C VAL B 289 -7.27 34.85 2.93
N ALA B 290 -6.73 34.54 4.10
CA ALA B 290 -5.80 35.41 4.80
C ALA B 290 -4.42 34.76 4.81
N ALA B 291 -3.39 35.57 4.54
CA ALA B 291 -2.05 35.06 4.28
C ALA B 291 -1.06 36.22 4.14
N SER B 292 0.19 35.87 3.86
CA SER B 292 1.24 36.84 3.58
C SER B 292 0.88 37.66 2.35
N ARG B 293 1.45 38.86 2.30
CA ARG B 293 1.28 39.80 1.21
C ARG B 293 1.60 39.12 -0.12
N LYS B 294 2.69 38.33 -0.14
CA LYS B 294 3.15 37.70 -1.38
C LYS B 294 2.12 36.69 -1.89
N LEU B 295 1.61 35.83 -1.01
CA LEU B 295 0.59 34.85 -1.38
C LEU B 295 -0.67 35.54 -1.90
N ILE B 296 -1.12 36.57 -1.19
CA ILE B 296 -2.33 37.29 -1.57
C ILE B 296 -2.16 37.91 -2.95
N ASP B 297 -1.00 38.53 -3.19
CA ASP B 297 -0.76 39.24 -4.44
C ASP B 297 -0.78 38.23 -5.60
N TRP B 298 -0.29 37.03 -5.30
CA TRP B 298 -0.22 35.93 -6.23
C TRP B 298 -1.61 35.47 -6.64
N PHE B 299 -2.49 35.23 -5.66
CA PHE B 299 -3.87 34.83 -5.94
C PHE B 299 -4.60 35.92 -6.74
N ARG B 300 -4.39 37.16 -6.31
CA ARG B 300 -5.01 38.32 -6.92
C ARG B 300 -4.62 38.40 -8.39
N SER B 301 -3.34 38.07 -8.69
CA SER B 301 -2.76 38.28 -10.00
C SER B 301 -3.08 37.13 -10.96
N PHE B 302 -3.35 35.94 -10.42
CA PHE B 302 -3.35 34.73 -11.23
C PHE B 302 -4.65 33.90 -11.14
N ALA B 303 -5.43 34.00 -10.06
CA ALA B 303 -6.55 33.10 -9.86
C ALA B 303 -7.72 33.50 -10.75
N PRO B 304 -8.10 32.70 -11.79
CA PRO B 304 -9.19 33.11 -12.69
C PRO B 304 -10.55 33.20 -11.98
N GLY B 305 -10.75 32.41 -10.91
CA GLY B 305 -11.97 32.45 -10.13
C GLY B 305 -12.13 33.73 -9.31
N PHE B 306 -10.99 34.45 -9.13
CA PHE B 306 -10.98 35.77 -8.52
C PHE B 306 -11.17 36.86 -9.60
N ILE B 307 -10.46 36.70 -10.72
CA ILE B 307 -10.26 37.76 -11.69
C ILE B 307 -11.53 37.97 -12.51
N PHE B 308 -12.17 36.87 -12.94
CA PHE B 308 -13.15 36.91 -14.02
C PHE B 308 -14.60 36.80 -13.52
N THR B 309 -14.90 37.50 -12.42
CA THR B 309 -16.20 37.37 -11.79
C THR B 309 -16.60 38.70 -11.14
N THR B 310 -17.91 39.02 -11.23
CA THR B 310 -18.44 40.25 -10.68
C THR B 310 -18.11 40.29 -9.18
N THR B 311 -17.69 41.47 -8.72
CA THR B 311 -17.44 41.73 -7.32
C THR B 311 -18.77 41.66 -6.55
N LEU B 312 -18.71 41.13 -5.33
CA LEU B 312 -19.86 41.12 -4.45
C LEU B 312 -20.39 42.53 -4.27
N PRO B 313 -21.72 42.68 -4.09
CA PRO B 313 -22.31 43.99 -3.81
C PRO B 313 -21.61 44.68 -2.64
N PRO B 314 -21.39 46.02 -2.75
CA PRO B 314 -20.78 46.79 -1.66
C PRO B 314 -21.50 46.61 -0.33
N SER B 315 -22.84 46.55 -0.37
CA SER B 315 -23.66 46.47 0.83
C SER B 315 -23.40 45.17 1.57
N VAL B 316 -23.15 44.11 0.80
CA VAL B 316 -22.95 42.77 1.33
C VAL B 316 -21.60 42.73 2.04
N MET B 317 -20.60 43.42 1.47
CA MET B 317 -19.30 43.58 2.07
C MET B 317 -19.37 44.45 3.31
N ALA B 318 -20.10 45.57 3.23
CA ALA B 318 -20.23 46.48 4.35
C ALA B 318 -20.88 45.77 5.54
N GLY B 319 -21.91 44.95 5.27
CA GLY B 319 -22.57 44.14 6.28
C GLY B 319 -21.58 43.22 7.01
N ALA B 320 -20.78 42.46 6.24
CA ALA B 320 -19.82 41.52 6.79
C ALA B 320 -18.79 42.26 7.63
N THR B 321 -18.31 43.41 7.14
CA THR B 321 -17.34 44.22 7.87
C THR B 321 -17.90 44.63 9.22
N ALA B 322 -19.15 45.11 9.23
CA ALA B 322 -19.84 45.48 10.46
C ALA B 322 -19.95 44.28 11.42
N ALA B 323 -20.27 43.11 10.87
CA ALA B 323 -20.42 41.90 11.66
C ALA B 323 -19.09 41.51 12.29
N ILE B 324 -18.01 41.56 11.50
CA ILE B 324 -16.67 41.19 11.96
C ILE B 324 -16.24 42.12 13.08
N ARG B 325 -16.35 43.44 12.86
CA ARG B 325 -16.01 44.46 13.85
C ARG B 325 -16.77 44.26 15.16
N TYR B 326 -18.09 44.03 15.07
CA TYR B 326 -18.93 43.88 16.25
C TYR B 326 -18.49 42.64 17.03
N GLN B 327 -18.33 41.50 16.35
CA GLN B 327 -18.12 40.24 17.03
C GLN B 327 -16.72 40.21 17.66
N ARG B 328 -15.77 40.97 17.10
CA ARG B 328 -14.40 40.96 17.60
C ARG B 328 -14.38 41.36 19.08
N CYS B 329 -15.19 42.35 19.44
CA CYS B 329 -15.18 42.89 20.80
C CYS B 329 -16.41 42.47 21.61
N HIS B 330 -17.22 41.54 21.09
CA HIS B 330 -18.33 40.97 21.85
C HIS B 330 -18.09 39.47 22.07
N ILE B 331 -17.20 39.13 23.01
CA ILE B 331 -16.94 37.75 23.37
C ILE B 331 -18.18 37.11 24.01
N ASP B 332 -19.11 37.93 24.48
CA ASP B 332 -20.33 37.41 25.09
C ASP B 332 -21.14 36.64 24.05
N LEU B 333 -20.95 36.93 22.75
CA LEU B 333 -21.61 36.17 21.70
C LEU B 333 -21.16 34.70 21.75
N ARG B 334 -19.87 34.47 21.95
CA ARG B 334 -19.32 33.13 21.96
C ARG B 334 -19.63 32.42 23.28
N THR B 335 -19.52 33.12 24.40
CA THR B 335 -19.75 32.50 25.68
C THR B 335 -21.23 32.07 25.75
N SER B 336 -22.14 32.91 25.26
CA SER B 336 -23.54 32.54 25.33
C SER B 336 -23.87 31.46 24.31
N GLN B 337 -23.24 31.43 23.14
CA GLN B 337 -23.43 30.32 22.21
C GLN B 337 -22.97 29.00 22.86
N GLN B 338 -21.78 29.02 23.46
CA GLN B 338 -21.24 27.80 24.05
C GLN B 338 -22.17 27.30 25.16
N LYS B 339 -22.69 28.23 25.97
CA LYS B 339 -23.56 27.86 27.08
C LYS B 339 -24.87 27.27 26.57
N HIS B 340 -25.44 27.88 25.55
CA HIS B 340 -26.65 27.39 24.91
C HIS B 340 -26.41 25.96 24.39
N THR B 341 -25.30 25.75 23.68
CA THR B 341 -24.96 24.44 23.15
C THR B 341 -24.80 23.43 24.28
N MET B 342 -24.06 23.81 25.32
CA MET B 342 -23.80 22.93 26.44
C MET B 342 -25.10 22.56 27.18
N TYR B 343 -26.03 23.52 27.26
CA TYR B 343 -27.34 23.33 27.87
C TYR B 343 -28.11 22.25 27.11
N VAL B 344 -28.17 22.39 25.79
CA VAL B 344 -28.86 21.42 24.93
C VAL B 344 -28.18 20.06 25.03
N LYS B 345 -26.83 20.02 24.96
CA LYS B 345 -26.10 18.78 25.02
C LYS B 345 -26.36 18.01 26.32
N LYS B 346 -26.39 18.70 27.46
CA LYS B 346 -26.52 18.06 28.75
C LYS B 346 -27.97 17.62 28.99
N ALA B 347 -28.93 18.38 28.48
CA ALA B 347 -30.32 17.99 28.54
C ALA B 347 -30.56 16.72 27.71
N PHE B 348 -29.96 16.64 26.53
CA PHE B 348 -30.02 15.45 25.70
C PHE B 348 -29.38 14.26 26.41
N HIS B 349 -28.22 14.48 27.04
CA HIS B 349 -27.57 13.42 27.78
C HIS B 349 -28.52 12.88 28.86
N GLU B 350 -29.15 13.77 29.64
CA GLU B 350 -30.04 13.36 30.71
C GLU B 350 -31.22 12.52 30.18
N LEU B 351 -31.70 12.82 28.96
CA LEU B 351 -32.85 12.13 28.40
C LEU B 351 -32.42 10.94 27.54
N GLY B 352 -31.11 10.67 27.44
CA GLY B 352 -30.61 9.57 26.64
C GLY B 352 -30.83 9.79 25.15
N ILE B 353 -30.99 11.06 24.73
CA ILE B 353 -31.00 11.40 23.32
C ILE B 353 -29.55 11.38 22.83
N PRO B 354 -29.17 10.50 21.86
CA PRO B 354 -27.78 10.28 21.51
C PRO B 354 -27.16 11.42 20.69
N VAL B 355 -26.16 12.10 21.28
CA VAL B 355 -25.44 13.14 20.59
C VAL B 355 -24.02 12.66 20.33
N ILE B 356 -23.57 12.80 19.08
CA ILE B 356 -22.17 12.51 18.77
C ILE B 356 -21.30 13.45 19.60
N PRO B 357 -20.49 12.92 20.54
CA PRO B 357 -19.66 13.75 21.41
C PRO B 357 -18.60 14.50 20.60
N ASN B 358 -18.47 15.80 20.87
CA ASN B 358 -17.51 16.66 20.20
C ASN B 358 -17.20 17.84 21.12
N PRO B 359 -16.07 18.55 20.95
CA PRO B 359 -15.76 19.73 21.76
C PRO B 359 -16.16 21.09 21.21
N SER B 360 -17.12 21.09 20.29
CA SER B 360 -17.46 22.29 19.52
C SER B 360 -18.93 22.67 19.73
N HIS B 361 -19.45 23.54 18.86
CA HIS B 361 -20.75 24.18 19.04
C HIS B 361 -21.86 23.40 18.32
N ILE B 362 -21.51 22.25 17.73
CA ILE B 362 -22.47 21.48 16.94
C ILE B 362 -23.04 20.34 17.77
N VAL B 363 -24.36 20.12 17.60
CA VAL B 363 -25.10 19.07 18.28
C VAL B 363 -25.65 18.09 17.24
N PRO B 364 -24.88 17.03 16.85
CA PRO B 364 -25.35 16.04 15.91
C PRO B 364 -26.08 14.92 16.64
N VAL B 365 -27.41 14.85 16.43
CA VAL B 365 -28.24 13.85 17.09
C VAL B 365 -28.33 12.64 16.18
N LEU B 366 -27.86 11.50 16.70
CA LEU B 366 -27.73 10.28 15.93
C LEU B 366 -29.09 9.59 15.79
N ILE B 367 -29.46 9.28 14.54
CA ILE B 367 -30.70 8.60 14.21
C ILE B 367 -30.34 7.18 13.78
N GLY B 368 -29.50 7.07 12.76
CA GLY B 368 -28.94 5.80 12.33
C GLY B 368 -29.62 5.23 11.10
N ASN B 369 -30.58 5.98 10.54
CA ASN B 369 -31.43 5.48 9.46
C ASN B 369 -31.92 6.67 8.64
N ALA B 370 -31.80 6.57 7.31
CA ALA B 370 -32.07 7.67 6.41
C ALA B 370 -33.53 8.08 6.50
N ASP B 371 -34.45 7.10 6.39
CA ASP B 371 -35.88 7.35 6.38
C ASP B 371 -36.34 7.90 7.72
N LEU B 372 -35.82 7.34 8.83
CA LEU B 372 -36.19 7.80 10.15
C LEU B 372 -35.70 9.22 10.42
N ALA B 373 -34.51 9.59 9.91
CA ALA B 373 -33.98 10.93 10.08
C ALA B 373 -34.86 11.95 9.35
N LYS B 374 -35.25 11.62 8.12
CA LYS B 374 -36.11 12.52 7.34
C LYS B 374 -37.50 12.62 7.97
N GLN B 375 -38.02 11.53 8.53
CA GLN B 375 -39.32 11.54 9.18
C GLN B 375 -39.27 12.35 10.48
N ALA B 376 -38.17 12.23 11.20
CA ALA B 376 -37.95 13.03 12.42
C ALA B 376 -37.95 14.52 12.10
N SER B 377 -37.25 14.88 11.02
CA SER B 377 -37.19 16.24 10.56
C SER B 377 -38.59 16.73 10.19
N ASP B 378 -39.34 15.87 9.49
CA ASP B 378 -40.68 16.13 8.99
C ASP B 378 -41.66 16.38 10.15
N ILE B 379 -41.61 15.51 11.17
CA ILE B 379 -42.50 15.61 12.30
C ILE B 379 -42.15 16.85 13.13
N LEU B 380 -40.84 17.14 13.26
CA LEU B 380 -40.40 18.28 14.05
C LEU B 380 -40.97 19.55 13.45
N ILE B 381 -40.93 19.68 12.11
CA ILE B 381 -41.32 20.95 11.53
C ILE B 381 -42.85 21.06 11.46
N ASN B 382 -43.55 19.96 11.15
CA ASN B 382 -44.98 20.02 10.91
C ASN B 382 -45.77 19.96 12.22
N LYS B 383 -45.31 19.16 13.18
CA LYS B 383 -46.02 18.98 14.43
C LYS B 383 -45.47 19.91 15.53
N HIS B 384 -44.15 20.14 15.58
CA HIS B 384 -43.57 20.92 16.65
C HIS B 384 -43.09 22.30 16.22
N GLN B 385 -43.22 22.65 14.93
CA GLN B 385 -42.69 23.91 14.40
C GLN B 385 -41.22 24.13 14.74
N ILE B 386 -40.42 23.07 14.62
CA ILE B 386 -38.99 23.08 14.83
C ILE B 386 -38.33 22.68 13.52
N TYR B 387 -37.45 23.56 12.99
CA TYR B 387 -36.73 23.25 11.77
C TYR B 387 -35.30 22.80 12.09
N VAL B 388 -35.07 21.50 11.86
CA VAL B 388 -33.77 20.85 11.93
C VAL B 388 -33.63 19.97 10.70
N GLN B 389 -32.48 19.94 10.04
CA GLN B 389 -32.35 19.20 8.79
C GLN B 389 -31.70 17.83 9.05
N ALA B 390 -32.21 16.82 8.35
CA ALA B 390 -31.62 15.49 8.34
C ALA B 390 -30.38 15.44 7.45
N ILE B 391 -29.32 14.81 7.95
CA ILE B 391 -28.07 14.65 7.23
C ILE B 391 -27.91 13.17 6.90
N ASN B 392 -27.92 12.84 5.60
CA ASN B 392 -27.86 11.48 5.12
C ASN B 392 -26.69 11.29 4.15
N PHE B 393 -26.49 10.04 3.71
CA PHE B 393 -25.63 9.72 2.59
C PHE B 393 -26.02 10.58 1.38
N PRO B 394 -25.07 11.12 0.58
CA PRO B 394 -23.63 10.87 0.73
C PRO B 394 -22.84 11.82 1.63
N THR B 395 -23.51 12.74 2.33
CA THR B 395 -22.81 13.69 3.19
C THR B 395 -22.16 12.96 4.37
N VAL B 396 -22.79 11.88 4.83
CA VAL B 396 -22.28 11.07 5.92
C VAL B 396 -22.46 9.60 5.54
N ALA B 397 -21.77 8.72 6.28
CA ALA B 397 -21.83 7.29 6.02
C ALA B 397 -23.25 6.78 6.29
N ARG B 398 -23.70 5.84 5.43
CA ARG B 398 -24.97 5.16 5.64
C ARG B 398 -24.92 4.46 7.00
N GLY B 399 -25.98 4.56 7.78
CA GLY B 399 -26.00 4.02 9.13
C GLY B 399 -25.62 5.04 10.19
N THR B 400 -25.13 6.21 9.78
CA THR B 400 -24.72 7.26 10.72
C THR B 400 -25.58 8.51 10.54
N GLU B 401 -26.75 8.37 9.92
CA GLU B 401 -27.57 9.53 9.59
C GLU B 401 -27.95 10.25 10.88
N ARG B 402 -28.19 11.56 10.79
CA ARG B 402 -28.34 12.39 11.97
C ARG B 402 -29.13 13.66 11.68
N LEU B 403 -29.52 14.32 12.77
CA LEU B 403 -30.07 15.67 12.74
C LEU B 403 -29.00 16.64 13.20
N ARG B 404 -28.79 17.71 12.44
CA ARG B 404 -27.79 18.70 12.83
C ARG B 404 -28.49 19.87 13.52
N ILE B 405 -28.09 20.14 14.77
CA ILE B 405 -28.63 21.21 15.56
C ILE B 405 -27.47 22.16 15.90
N THR B 406 -27.70 23.44 15.62
CA THR B 406 -26.70 24.48 15.79
C THR B 406 -27.28 25.64 16.61
N PRO B 407 -27.12 25.63 17.95
CA PRO B 407 -27.52 26.76 18.78
C PRO B 407 -26.67 28.02 18.56
N THR B 408 -27.32 29.17 18.79
CA THR B 408 -26.73 30.49 18.63
C THR B 408 -26.94 31.27 19.94
N PRO B 409 -26.37 32.50 20.06
CA PRO B 409 -26.70 33.39 21.17
C PRO B 409 -28.19 33.67 21.31
N GLY B 410 -28.96 33.48 20.23
CA GLY B 410 -30.38 33.77 20.24
C GLY B 410 -31.23 32.60 20.72
N HIS B 411 -30.65 31.40 20.82
CA HIS B 411 -31.36 30.24 21.31
C HIS B 411 -31.26 30.17 22.84
N THR B 412 -32.07 31.02 23.49
CA THR B 412 -32.13 31.08 24.93
C THR B 412 -32.77 29.79 25.49
N ASN B 413 -32.68 29.63 26.82
CA ASN B 413 -33.02 28.37 27.46
C ASN B 413 -34.49 28.02 27.27
N ASP B 414 -35.38 29.01 27.20
CA ASP B 414 -36.79 28.76 26.93
C ASP B 414 -36.99 28.07 25.56
N LEU B 415 -36.26 28.53 24.53
CA LEU B 415 -36.34 27.94 23.20
C LEU B 415 -35.71 26.55 23.20
N SER B 416 -34.58 26.42 23.90
CA SER B 416 -33.92 25.14 24.07
C SER B 416 -34.86 24.12 24.70
N ASP B 417 -35.63 24.54 25.72
CA ASP B 417 -36.51 23.66 26.44
C ASP B 417 -37.56 23.08 25.50
N ILE B 418 -38.09 23.93 24.61
CA ILE B 418 -39.07 23.50 23.63
C ILE B 418 -38.43 22.48 22.69
N LEU B 419 -37.19 22.75 22.24
CA LEU B 419 -36.49 21.83 21.35
C LEU B 419 -36.29 20.48 22.02
N ILE B 420 -35.81 20.50 23.27
CA ILE B 420 -35.51 19.29 24.02
C ILE B 420 -36.77 18.45 24.16
N ASN B 421 -37.86 19.12 24.54
CA ASN B 421 -39.14 18.48 24.72
C ASN B 421 -39.60 17.85 23.40
N ALA B 422 -39.41 18.56 22.29
CA ALA B 422 -39.93 18.13 21.00
C ALA B 422 -39.15 16.92 20.50
N VAL B 423 -37.82 16.98 20.65
CA VAL B 423 -36.95 15.90 20.19
C VAL B 423 -37.21 14.65 21.02
N ASP B 424 -37.33 14.82 22.34
CA ASP B 424 -37.70 13.73 23.23
C ASP B 424 -38.98 13.07 22.73
N ASP B 425 -39.96 13.92 22.42
CA ASP B 425 -41.28 13.47 22.00
C ASP B 425 -41.18 12.67 20.71
N VAL B 426 -40.40 13.19 19.76
CA VAL B 426 -40.24 12.56 18.44
C VAL B 426 -39.51 11.24 18.58
N PHE B 427 -38.54 11.16 19.50
CA PHE B 427 -37.85 9.91 19.74
C PHE B 427 -38.85 8.83 20.15
N ASN B 428 -39.82 9.18 21.01
CA ASN B 428 -40.81 8.20 21.43
C ASN B 428 -41.78 7.87 20.29
N GLU B 429 -42.23 8.90 19.57
CA GLU B 429 -43.19 8.70 18.50
C GLU B 429 -42.66 7.71 17.47
N LEU B 430 -41.34 7.79 17.17
CA LEU B 430 -40.73 6.93 16.18
C LEU B 430 -40.03 5.75 16.84
N GLN B 431 -40.08 5.66 18.19
CA GLN B 431 -39.38 4.62 18.93
C GLN B 431 -37.92 4.52 18.48
N LEU B 432 -37.26 5.67 18.40
CA LEU B 432 -35.87 5.76 17.98
C LEU B 432 -34.95 5.28 19.12
N PRO B 433 -33.76 4.74 18.80
CA PRO B 433 -32.81 4.28 19.83
C PRO B 433 -32.25 5.41 20.68
N ARG B 434 -32.28 5.22 22.00
CA ARG B 434 -31.65 6.10 22.99
C ARG B 434 -30.20 5.65 23.14
N VAL B 435 -29.46 6.36 24.01
CA VAL B 435 -28.05 6.08 24.26
C VAL B 435 -27.89 4.63 24.72
N ARG B 436 -28.72 4.19 25.68
CA ARG B 436 -28.67 2.85 26.24
C ARG B 436 -28.73 1.81 25.11
N ASP B 437 -29.59 2.06 24.11
CA ASP B 437 -29.82 1.13 23.01
C ASP B 437 -28.58 1.06 22.12
N TRP B 438 -27.92 2.20 21.91
CA TRP B 438 -26.67 2.24 21.16
C TRP B 438 -25.54 1.51 21.91
N GLU B 439 -25.46 1.64 23.24
CA GLU B 439 -24.49 0.91 24.03
C GLU B 439 -24.62 -0.60 23.83
N SER B 440 -25.85 -1.12 23.73
CA SER B 440 -26.07 -2.55 23.60
C SER B 440 -25.57 -3.08 22.25
N GLN B 441 -25.41 -2.21 21.25
CA GLN B 441 -24.89 -2.63 19.95
C GLN B 441 -23.39 -2.34 19.85
N GLY B 442 -22.81 -1.69 20.87
CA GLY B 442 -21.37 -1.52 20.97
C GLY B 442 -20.92 -0.06 20.83
N GLY B 443 -21.91 0.85 20.82
CA GLY B 443 -21.68 2.26 20.53
C GLY B 443 -21.41 2.52 19.05
N LEU B 444 -21.60 3.78 18.63
CA LEU B 444 -21.20 4.21 17.29
C LEU B 444 -20.86 5.69 17.29
N LEU B 445 -19.64 5.99 16.79
CA LEU B 445 -19.07 7.33 16.75
C LEU B 445 -19.09 7.96 18.14
N GLY B 446 -18.81 7.16 19.18
CA GLY B 446 -18.64 7.68 20.53
C GLY B 446 -19.95 7.77 21.31
N VAL B 447 -21.10 7.64 20.63
CA VAL B 447 -22.38 7.45 21.32
C VAL B 447 -22.38 6.07 21.96
N GLY B 448 -22.71 6.02 23.26
CA GLY B 448 -22.81 4.75 23.99
C GLY B 448 -21.47 4.00 24.05
N GLU B 449 -20.42 4.73 24.46
CA GLU B 449 -19.07 4.22 24.64
C GLU B 449 -18.88 3.78 26.11
N SER B 450 -19.87 4.11 26.97
CA SER B 450 -19.95 3.67 28.36
C SER B 450 -19.20 4.62 29.31
N GLY B 451 -18.92 5.86 28.85
CA GLY B 451 -18.18 6.85 29.61
C GLY B 451 -18.59 6.91 31.08
N SER B 456 -15.08 17.37 26.95
CA SER B 456 -13.75 18.04 26.99
C SER B 456 -13.65 19.14 25.90
N ASN B 457 -14.41 20.19 26.15
CA ASN B 457 -14.73 21.29 25.28
C ASN B 457 -13.57 22.23 25.00
N LEU B 458 -13.56 22.82 23.80
CA LEU B 458 -12.59 23.85 23.47
C LEU B 458 -12.70 25.03 24.42
N TRP B 459 -13.92 25.51 24.64
CA TRP B 459 -14.14 26.57 25.61
C TRP B 459 -14.15 25.97 27.01
N THR B 460 -13.20 26.40 27.83
CA THR B 460 -13.05 25.98 29.22
C THR B 460 -13.94 26.84 30.10
N SER B 461 -14.10 26.42 31.37
CA SER B 461 -14.86 27.19 32.36
C SER B 461 -14.28 28.59 32.52
N SER B 462 -12.94 28.63 32.59
CA SER B 462 -12.19 29.88 32.69
C SER B 462 -12.56 30.81 31.55
N GLN B 463 -12.44 30.32 30.31
CA GLN B 463 -12.69 31.15 29.13
C GLN B 463 -14.16 31.55 29.09
N LEU B 464 -15.06 30.66 29.53
CA LEU B 464 -16.51 30.89 29.45
C LEU B 464 -17.00 31.91 30.46
N SER B 465 -16.17 32.28 31.44
CA SER B 465 -16.59 33.28 32.41
C SER B 465 -16.00 34.65 32.08
N LEU B 466 -15.33 34.78 30.93
CA LEU B 466 -14.85 36.08 30.46
C LEU B 466 -16.03 36.89 29.92
N THR B 467 -15.94 38.21 30.09
CA THR B 467 -16.87 39.18 29.55
C THR B 467 -16.12 40.14 28.62
N ASN B 468 -16.87 41.07 28.02
CA ASN B 468 -16.31 42.06 27.11
C ASN B 468 -15.29 42.96 27.82
N ASP B 469 -15.44 43.14 29.15
CA ASP B 469 -14.52 43.92 29.96
C ASP B 469 -13.13 43.27 30.02
N ASP B 470 -13.07 41.95 29.77
CA ASP B 470 -11.81 41.22 29.89
C ASP B 470 -11.05 41.21 28.57
N LEU B 471 -11.53 41.98 27.57
CA LEU B 471 -10.80 42.08 26.31
C LEU B 471 -9.91 43.30 26.36
N ASN B 472 -8.86 43.29 25.53
CA ASN B 472 -8.00 44.44 25.34
C ASN B 472 -8.85 45.55 24.74
N PRO B 473 -8.86 46.78 25.30
CA PRO B 473 -9.62 47.89 24.73
C PRO B 473 -9.30 48.26 23.27
N ASN B 474 -8.16 47.77 22.74
CA ASN B 474 -7.73 48.11 21.39
C ASN B 474 -8.60 47.41 20.35
N VAL B 475 -9.46 46.47 20.79
CA VAL B 475 -10.36 45.75 19.90
C VAL B 475 -11.67 46.50 19.68
N ARG B 476 -11.95 47.59 20.44
CA ARG B 476 -13.29 48.19 20.45
C ARG B 476 -13.59 48.85 19.10
N ASP B 477 -12.91 49.94 18.77
CA ASP B 477 -13.11 50.59 17.48
C ASP B 477 -11.72 50.79 16.84
N PRO B 478 -11.04 49.70 16.43
CA PRO B 478 -9.73 49.84 15.81
C PRO B 478 -9.86 50.70 14.55
N ILE B 479 -8.85 51.55 14.31
CA ILE B 479 -8.76 52.31 13.08
C ILE B 479 -7.96 51.45 12.09
N VAL B 480 -8.67 50.50 11.44
CA VAL B 480 -8.09 49.53 10.53
C VAL B 480 -7.83 50.20 9.18
N LYS B 481 -6.57 50.21 8.74
CA LYS B 481 -6.13 50.90 7.52
C LYS B 481 -6.17 49.94 6.33
N GLN B 482 -6.45 50.48 5.15
CA GLN B 482 -6.60 49.70 3.93
C GLN B 482 -5.24 49.15 3.47
N LEU B 483 -5.25 47.95 2.87
CA LEU B 483 -4.03 47.25 2.48
C LEU B 483 -3.65 47.67 1.06
N GLU B 484 -2.34 47.81 0.82
CA GLU B 484 -1.80 48.16 -0.49
C GLU B 484 -2.04 47.00 -1.47
N VAL B 485 -1.99 45.75 -0.96
CA VAL B 485 -1.97 44.54 -1.78
C VAL B 485 -3.35 44.32 -2.43
N SER B 486 -4.42 44.79 -1.76
CA SER B 486 -5.79 44.72 -2.28
C SER B 486 -5.89 45.38 -3.66
N SER B 487 -5.11 46.46 -3.90
CA SER B 487 -5.13 47.27 -5.11
C SER B 487 -3.97 46.97 -6.05
N GLY B 488 -2.89 46.37 -5.52
CA GLY B 488 -1.66 46.17 -6.28
C GLY B 488 -0.46 46.84 -5.61
N ILE B 489 0.70 46.17 -5.68
CA ILE B 489 1.93 46.61 -5.04
C ILE B 489 2.87 47.14 -6.12
N LYS B 490 3.55 48.26 -5.81
CA LYS B 490 4.36 48.98 -6.77
C LYS B 490 5.83 48.58 -6.60
N GLN B 491 6.36 47.86 -7.62
CA GLN B 491 7.73 47.38 -7.65
C GLN B 491 8.25 47.28 -9.11
N SER C 12 -2.50 -57.61 -13.62
CA SER C 12 -2.14 -56.54 -14.60
C SER C 12 -2.64 -55.19 -14.10
N GLY C 13 -2.13 -54.12 -14.72
CA GLY C 13 -2.17 -52.80 -14.16
C GLY C 13 -3.43 -52.02 -14.51
N PHE C 14 -3.32 -50.72 -14.28
CA PHE C 14 -4.31 -49.74 -14.64
C PHE C 14 -4.61 -49.83 -16.14
N ASP C 15 -5.87 -49.61 -16.50
CA ASP C 15 -6.31 -49.64 -17.89
C ASP C 15 -6.17 -48.24 -18.49
N TYR C 16 -4.95 -47.92 -18.94
CA TYR C 16 -4.63 -46.61 -19.49
C TYR C 16 -5.39 -46.41 -20.81
N GLU C 17 -5.47 -47.47 -21.62
CA GLU C 17 -6.09 -47.41 -22.93
C GLU C 17 -7.61 -47.24 -22.78
N GLY C 18 -8.19 -47.92 -21.78
CA GLY C 18 -9.59 -47.74 -21.40
C GLY C 18 -9.94 -46.29 -21.01
N LEU C 19 -9.09 -45.64 -20.21
CA LEU C 19 -9.35 -44.28 -19.77
C LEU C 19 -9.36 -43.33 -20.97
N ILE C 20 -8.41 -43.52 -21.89
CA ILE C 20 -8.24 -42.68 -23.07
C ILE C 20 -9.43 -42.89 -24.03
N ASP C 21 -9.80 -44.16 -24.28
CA ASP C 21 -10.91 -44.51 -25.15
C ASP C 21 -12.21 -43.82 -24.70
N SER C 22 -12.54 -43.91 -23.41
CA SER C 22 -13.76 -43.32 -22.89
C SER C 22 -13.70 -41.79 -22.95
N GLU C 23 -12.51 -41.22 -22.79
CA GLU C 23 -12.30 -39.77 -22.87
C GLU C 23 -12.57 -39.25 -24.29
N LEU C 24 -12.09 -40.00 -25.29
CA LEU C 24 -12.29 -39.72 -26.71
C LEU C 24 -13.76 -39.93 -27.12
N GLN C 25 -14.43 -40.90 -26.47
CA GLN C 25 -15.82 -41.22 -26.76
C GLN C 25 -16.76 -40.11 -26.25
N LYS C 26 -16.39 -39.43 -25.16
CA LYS C 26 -17.17 -38.30 -24.65
C LYS C 26 -17.20 -37.17 -25.68
N LYS C 27 -16.07 -36.98 -26.38
CA LYS C 27 -15.96 -35.97 -27.43
C LYS C 27 -16.89 -36.31 -28.60
N ARG C 28 -16.98 -37.60 -28.98
CA ARG C 28 -17.80 -38.04 -30.10
C ARG C 28 -19.29 -37.96 -29.78
N LEU C 29 -19.68 -38.40 -28.56
CA LEU C 29 -21.06 -38.39 -28.13
C LEU C 29 -21.59 -36.96 -27.97
N ASP C 30 -20.79 -36.04 -27.39
CA ASP C 30 -21.19 -34.65 -27.21
C ASP C 30 -20.93 -33.84 -28.50
N LYS C 31 -20.27 -34.45 -29.50
CA LYS C 31 -20.19 -33.96 -30.87
C LYS C 31 -19.26 -32.74 -30.97
N SER C 32 -18.27 -32.65 -30.07
CA SER C 32 -17.25 -31.61 -30.11
C SER C 32 -15.92 -32.18 -30.60
N TYR C 33 -15.91 -33.48 -30.98
CA TYR C 33 -14.77 -34.13 -31.60
C TYR C 33 -14.49 -33.48 -32.96
N ARG C 34 -13.26 -32.96 -33.12
CA ARG C 34 -12.90 -32.06 -34.21
C ARG C 34 -12.30 -32.84 -35.39
N TYR C 35 -12.73 -32.45 -36.61
CA TYR C 35 -12.09 -32.84 -37.85
C TYR C 35 -11.46 -31.58 -38.44
N PHE C 36 -10.14 -31.60 -38.63
CA PHE C 36 -9.43 -30.50 -39.24
C PHE C 36 -9.65 -30.56 -40.76
N ASN C 37 -9.76 -29.38 -41.38
CA ASN C 37 -9.80 -29.27 -42.84
C ASN C 37 -8.39 -29.07 -43.41
N ASN C 38 -8.11 -29.81 -44.49
CA ASN C 38 -6.89 -29.66 -45.27
C ASN C 38 -6.99 -28.36 -46.08
N ILE C 39 -6.35 -27.31 -45.57
CA ILE C 39 -6.42 -25.97 -46.15
C ILE C 39 -5.00 -25.50 -46.45
N ASN C 40 -4.73 -25.34 -47.76
CA ASN C 40 -3.42 -25.01 -48.25
C ASN C 40 -3.46 -23.63 -48.89
N ARG C 41 -3.11 -22.62 -48.09
CA ARG C 41 -3.30 -21.22 -48.46
C ARG C 41 -2.28 -20.85 -49.53
N LEU C 42 -2.75 -20.15 -50.56
CA LEU C 42 -1.96 -19.84 -51.74
C LEU C 42 -1.52 -18.38 -51.69
N ALA C 43 -0.21 -18.19 -51.49
CA ALA C 43 0.42 -16.88 -51.37
C ALA C 43 0.19 -16.04 -52.63
N LYS C 44 0.20 -16.67 -53.80
CA LYS C 44 0.06 -15.97 -55.07
C LYS C 44 -1.40 -15.70 -55.41
N GLU C 45 -2.36 -16.20 -54.62
CA GLU C 45 -3.77 -16.12 -55.00
C GLU C 45 -4.65 -15.82 -53.79
N PHE C 46 -4.15 -15.01 -52.84
CA PHE C 46 -4.86 -14.75 -51.60
C PHE C 46 -6.24 -14.17 -51.92
N PRO C 47 -7.36 -14.55 -51.23
CA PRO C 47 -7.40 -15.51 -50.13
C PRO C 47 -7.86 -16.93 -50.48
N LEU C 48 -7.43 -17.42 -51.64
CA LEU C 48 -7.71 -18.79 -52.03
C LEU C 48 -6.81 -19.76 -51.29
N ALA C 49 -7.31 -21.00 -51.20
CA ALA C 49 -6.56 -22.16 -50.69
C ALA C 49 -7.00 -23.38 -51.48
N HIS C 50 -6.18 -24.42 -51.51
CA HIS C 50 -6.62 -25.69 -52.07
C HIS C 50 -6.79 -26.69 -50.92
N ARG C 51 -7.59 -27.73 -51.19
CA ARG C 51 -7.79 -28.81 -50.25
C ARG C 51 -6.78 -29.92 -50.57
N GLN C 52 -7.20 -31.18 -50.47
CA GLN C 52 -6.32 -32.32 -50.71
C GLN C 52 -5.68 -32.18 -52.09
N ARG C 53 -6.52 -31.92 -53.11
CA ARG C 53 -6.07 -31.78 -54.50
C ARG C 53 -5.80 -30.31 -54.77
N GLU C 54 -4.76 -30.02 -55.56
CA GLU C 54 -4.37 -28.66 -55.91
C GLU C 54 -5.49 -27.96 -56.68
N ALA C 55 -6.24 -28.74 -57.48
CA ALA C 55 -7.29 -28.23 -58.35
C ALA C 55 -8.52 -27.80 -57.57
N ASP C 56 -8.68 -28.28 -56.33
CA ASP C 56 -9.89 -28.06 -55.55
C ASP C 56 -9.70 -26.84 -54.63
N LYS C 57 -10.11 -25.66 -55.09
CA LYS C 57 -9.83 -24.40 -54.43
C LYS C 57 -11.08 -23.85 -53.73
N VAL C 58 -10.85 -23.14 -52.62
CA VAL C 58 -11.91 -22.49 -51.87
C VAL C 58 -11.43 -21.10 -51.49
N THR C 59 -12.36 -20.23 -51.10
CA THR C 59 -12.01 -18.92 -50.59
C THR C 59 -12.05 -18.97 -49.06
N VAL C 60 -10.94 -18.57 -48.45
CA VAL C 60 -10.81 -18.62 -47.01
C VAL C 60 -11.34 -17.32 -46.43
N TRP C 61 -12.28 -17.48 -45.49
CA TRP C 61 -12.98 -16.37 -44.85
C TRP C 61 -12.91 -16.46 -43.34
N CYS C 62 -12.03 -17.31 -42.80
CA CYS C 62 -11.92 -17.47 -41.36
C CYS C 62 -10.46 -17.54 -40.91
N SER C 63 -9.55 -17.02 -41.75
CA SER C 63 -8.14 -16.90 -41.42
C SER C 63 -7.92 -15.76 -40.43
N ASN C 64 -6.87 -15.88 -39.60
CA ASN C 64 -6.48 -14.81 -38.71
C ASN C 64 -5.27 -14.08 -39.27
N ASP C 65 -4.96 -14.35 -40.55
CA ASP C 65 -4.02 -13.55 -41.32
C ASP C 65 -4.71 -12.25 -41.70
N TYR C 66 -4.95 -11.41 -40.69
CA TYR C 66 -5.94 -10.36 -40.72
C TYR C 66 -5.63 -9.30 -41.77
N LEU C 67 -4.33 -9.05 -42.04
CA LEU C 67 -3.91 -8.02 -42.98
C LEU C 67 -3.34 -8.61 -44.27
N ALA C 68 -3.42 -9.94 -44.43
CA ALA C 68 -2.91 -10.66 -45.59
C ALA C 68 -1.39 -10.52 -45.73
N LEU C 69 -0.69 -10.29 -44.60
CA LEU C 69 0.74 -10.02 -44.65
C LEU C 69 1.55 -11.32 -44.75
N SER C 70 0.89 -12.49 -44.57
CA SER C 70 1.58 -13.77 -44.65
C SER C 70 2.20 -13.96 -46.03
N LYS C 71 1.64 -13.28 -47.04
CA LYS C 71 2.09 -13.48 -48.41
C LYS C 71 2.65 -12.18 -49.01
N HIS C 72 2.90 -11.17 -48.16
CA HIS C 72 3.33 -9.88 -48.69
C HIS C 72 4.76 -10.01 -49.24
N PRO C 73 5.07 -9.45 -50.43
CA PRO C 73 6.41 -9.55 -51.02
C PRO C 73 7.55 -9.12 -50.09
N GLU C 74 7.34 -8.10 -49.25
CA GLU C 74 8.39 -7.66 -48.36
C GLU C 74 8.65 -8.66 -47.24
N VAL C 75 7.59 -9.37 -46.83
CA VAL C 75 7.71 -10.43 -45.84
C VAL C 75 8.44 -11.63 -46.43
N LEU C 76 8.03 -12.05 -47.64
CA LEU C 76 8.61 -13.22 -48.28
C LEU C 76 10.06 -12.95 -48.63
N ASP C 77 10.35 -11.73 -49.10
CA ASP C 77 11.69 -11.36 -49.52
C ASP C 77 12.64 -11.33 -48.31
N ALA C 78 12.14 -10.83 -47.17
CA ALA C 78 12.88 -10.83 -45.92
C ALA C 78 13.23 -12.26 -45.51
N MET C 79 12.26 -13.17 -45.67
CA MET C 79 12.45 -14.57 -45.34
C MET C 79 13.53 -15.18 -46.25
N HIS C 80 13.37 -15.02 -47.56
CA HIS C 80 14.29 -15.62 -48.53
C HIS C 80 15.72 -15.18 -48.24
N LYS C 81 15.93 -13.89 -48.01
CA LYS C 81 17.27 -13.36 -47.80
C LYS C 81 17.84 -13.88 -46.47
N THR C 82 17.00 -13.98 -45.45
CA THR C 82 17.45 -14.44 -44.13
C THR C 82 17.84 -15.92 -44.20
N ILE C 83 17.07 -16.74 -44.92
CA ILE C 83 17.33 -18.16 -45.11
C ILE C 83 18.69 -18.36 -45.77
N ASP C 84 19.00 -17.54 -46.77
CA ASP C 84 20.25 -17.69 -47.50
C ASP C 84 21.45 -17.41 -46.60
N LYS C 85 21.28 -16.51 -45.62
CA LYS C 85 22.38 -16.10 -44.76
C LYS C 85 22.46 -16.98 -43.51
N TYR C 86 21.33 -17.24 -42.87
CA TYR C 86 21.26 -17.85 -41.55
C TYR C 86 20.89 -19.34 -41.58
N GLY C 87 20.28 -19.78 -42.69
CA GLY C 87 19.70 -21.11 -42.77
C GLY C 87 18.26 -21.13 -42.25
N CYS C 88 17.83 -22.30 -41.78
CA CYS C 88 16.50 -22.53 -41.25
C CYS C 88 16.50 -22.29 -39.74
N GLY C 89 16.97 -23.25 -38.95
CA GLY C 89 16.90 -23.15 -37.51
C GLY C 89 17.89 -22.14 -36.93
N ALA C 90 17.51 -21.59 -35.76
CA ALA C 90 18.36 -20.76 -34.94
C ALA C 90 19.59 -21.54 -34.46
N GLY C 91 19.41 -22.85 -34.21
CA GLY C 91 20.50 -23.73 -33.80
C GLY C 91 20.75 -23.70 -32.29
N GLY C 92 19.87 -23.05 -31.51
CA GLY C 92 19.96 -23.10 -30.07
C GLY C 92 18.92 -22.23 -29.39
N THR C 93 19.07 -22.10 -28.06
CA THR C 93 18.29 -21.22 -27.23
C THR C 93 18.95 -19.84 -27.13
N ARG C 94 18.22 -18.87 -26.59
CA ARG C 94 18.72 -17.50 -26.46
C ARG C 94 20.02 -17.47 -25.67
N ASN C 95 20.15 -18.35 -24.67
CA ASN C 95 21.36 -18.43 -23.87
C ASN C 95 22.53 -19.01 -24.67
N ILE C 96 22.25 -20.03 -25.50
CA ILE C 96 23.31 -20.80 -26.13
C ILE C 96 23.10 -20.80 -27.65
N ALA C 97 23.71 -19.84 -28.34
CA ALA C 97 23.91 -19.88 -29.79
C ALA C 97 22.67 -19.43 -30.56
N GLY C 98 21.59 -19.11 -29.86
CA GLY C 98 20.33 -18.72 -30.49
C GLY C 98 19.91 -17.28 -30.19
N HIS C 99 20.89 -16.41 -29.91
CA HIS C 99 20.67 -14.97 -29.81
C HIS C 99 21.41 -14.24 -30.95
N ASN C 100 20.71 -13.33 -31.66
CA ASN C 100 21.12 -12.90 -32.99
C ASN C 100 20.42 -11.59 -33.41
N ILE C 101 20.82 -11.05 -34.56
CA ILE C 101 20.39 -9.73 -35.03
C ILE C 101 18.89 -9.72 -35.36
N PRO C 102 18.36 -10.73 -36.09
CA PRO C 102 16.91 -10.83 -36.30
C PRO C 102 16.09 -10.78 -35.02
N THR C 103 16.60 -11.42 -33.95
CA THR C 103 15.94 -11.41 -32.66
C THR C 103 15.94 -10.00 -32.07
N LEU C 104 17.11 -9.36 -32.12
CA LEU C 104 17.28 -8.01 -31.59
C LEU C 104 16.39 -7.02 -32.35
N ASN C 105 16.37 -7.11 -33.68
CA ASN C 105 15.59 -6.17 -34.47
C ASN C 105 14.09 -6.34 -34.18
N LEU C 106 13.63 -7.58 -34.00
CA LEU C 106 12.22 -7.86 -33.80
C LEU C 106 11.77 -7.34 -32.43
N GLU C 107 12.55 -7.62 -31.38
CA GLU C 107 12.22 -7.13 -30.04
C GLU C 107 12.18 -5.60 -30.07
N ALA C 108 13.14 -4.98 -30.77
CA ALA C 108 13.18 -3.53 -30.86
C ALA C 108 11.97 -2.98 -31.60
N GLU C 109 11.51 -3.67 -32.65
CA GLU C 109 10.37 -3.23 -33.43
C GLU C 109 9.09 -3.28 -32.62
N LEU C 110 8.95 -4.31 -31.79
CA LEU C 110 7.76 -4.50 -30.97
C LEU C 110 7.68 -3.46 -29.86
N ALA C 111 8.83 -3.15 -29.25
CA ALA C 111 8.95 -2.13 -28.23
C ALA C 111 8.59 -0.77 -28.83
N THR C 112 9.08 -0.51 -30.04
CA THR C 112 8.77 0.71 -30.78
C THR C 112 7.26 0.82 -31.06
N LEU C 113 6.63 -0.30 -31.46
CA LEU C 113 5.23 -0.33 -31.82
C LEU C 113 4.36 0.10 -30.65
N HIS C 114 4.64 -0.46 -29.48
CA HIS C 114 3.85 -0.21 -28.28
C HIS C 114 4.43 0.96 -27.49
N LYS C 115 5.49 1.60 -28.01
CA LYS C 115 6.16 2.74 -27.38
C LYS C 115 6.52 2.41 -25.93
N LYS C 116 7.08 1.21 -25.72
CA LYS C 116 7.52 0.71 -24.43
C LYS C 116 9.05 0.64 -24.42
N GLU C 117 9.60 0.52 -23.21
CA GLU C 117 11.04 0.44 -23.01
C GLU C 117 11.57 -0.86 -23.61
N GLY C 118 10.79 -1.95 -23.51
CA GLY C 118 11.27 -3.26 -23.94
C GLY C 118 10.16 -4.16 -24.48
N ALA C 119 10.58 -5.22 -25.19
CA ALA C 119 9.74 -6.34 -25.57
C ALA C 119 10.57 -7.63 -25.57
N LEU C 120 9.89 -8.75 -25.31
CA LEU C 120 10.51 -10.06 -25.23
C LEU C 120 9.70 -11.02 -26.10
N VAL C 121 10.40 -11.74 -26.98
CA VAL C 121 9.75 -12.65 -27.90
C VAL C 121 9.81 -14.06 -27.32
N PHE C 122 8.68 -14.79 -27.48
CA PHE C 122 8.52 -16.18 -27.08
C PHE C 122 8.12 -16.99 -28.32
N SER C 123 8.10 -18.33 -28.19
CA SER C 123 7.68 -19.24 -29.25
C SER C 123 6.30 -18.91 -29.80
N SER C 124 5.40 -18.46 -28.92
CA SER C 124 3.99 -18.22 -29.23
C SER C 124 3.41 -17.28 -28.19
N CYS C 125 2.27 -16.64 -28.49
CA CYS C 125 1.62 -15.85 -27.45
C CYS C 125 1.01 -16.77 -26.38
N TYR C 126 0.66 -18.01 -26.74
CA TYR C 126 0.21 -18.96 -25.74
C TYR C 126 1.26 -19.07 -24.64
N VAL C 127 2.52 -19.21 -25.07
CA VAL C 127 3.66 -19.39 -24.16
C VAL C 127 3.97 -18.09 -23.41
N ALA C 128 3.88 -16.95 -24.11
CA ALA C 128 4.09 -15.66 -23.51
C ALA C 128 3.13 -15.45 -22.34
N ASN C 129 1.83 -15.65 -22.60
CA ASN C 129 0.76 -15.46 -21.62
C ASN C 129 1.00 -16.38 -20.43
N ASP C 130 1.31 -17.64 -20.69
CA ASP C 130 1.53 -18.61 -19.64
C ASP C 130 2.73 -18.19 -18.76
N ALA C 131 3.82 -17.75 -19.41
CA ALA C 131 5.07 -17.45 -18.74
C ALA C 131 4.91 -16.26 -17.79
N VAL C 132 4.29 -15.20 -18.30
CA VAL C 132 4.16 -13.95 -17.56
C VAL C 132 3.24 -14.16 -16.35
N LEU C 133 2.07 -14.78 -16.59
CA LEU C 133 1.06 -14.99 -15.56
C LEU C 133 1.58 -15.96 -14.51
N SER C 134 2.26 -17.04 -14.95
CA SER C 134 2.84 -18.03 -14.03
C SER C 134 3.79 -17.35 -13.06
N LEU C 135 4.67 -16.49 -13.60
CA LEU C 135 5.77 -15.92 -12.85
C LEU C 135 5.25 -14.93 -11.83
N LEU C 136 4.31 -14.08 -12.25
CA LEU C 136 3.71 -13.09 -11.37
C LEU C 136 3.15 -13.79 -10.12
N GLY C 137 2.35 -14.84 -10.33
CA GLY C 137 1.72 -15.58 -9.24
C GLY C 137 2.72 -16.40 -8.42
N GLN C 138 3.78 -16.88 -9.06
CA GLN C 138 4.76 -17.71 -8.39
C GLN C 138 5.71 -16.83 -7.56
N LYS C 139 5.81 -15.54 -7.87
CA LYS C 139 6.70 -14.65 -7.15
C LYS C 139 5.94 -13.74 -6.19
N MET C 140 4.61 -13.62 -6.36
CA MET C 140 3.78 -12.92 -5.40
C MET C 140 2.63 -13.85 -5.01
N LYS C 141 2.83 -14.57 -3.90
CA LYS C 141 1.92 -15.65 -3.52
C LYS C 141 0.63 -15.05 -2.96
N ASP C 142 0.68 -13.77 -2.54
CA ASP C 142 -0.46 -13.04 -2.02
C ASP C 142 -1.22 -12.33 -3.16
N LEU C 143 -0.83 -12.54 -4.43
CA LEU C 143 -1.43 -11.86 -5.56
C LEU C 143 -2.87 -12.31 -5.72
N VAL C 144 -3.73 -11.36 -6.08
CA VAL C 144 -5.09 -11.65 -6.48
C VAL C 144 -5.26 -11.24 -7.94
N ILE C 145 -5.68 -12.20 -8.77
CA ILE C 145 -5.89 -11.96 -10.19
C ILE C 145 -7.38 -11.79 -10.45
N PHE C 146 -7.71 -10.74 -11.20
CA PHE C 146 -9.08 -10.46 -11.62
C PHE C 146 -9.14 -10.66 -13.11
N SER C 147 -9.92 -11.66 -13.52
CA SER C 147 -9.90 -12.20 -14.87
C SER C 147 -11.29 -12.14 -15.50
N ASP C 148 -11.33 -11.57 -16.70
CA ASP C 148 -12.55 -11.46 -17.49
C ASP C 148 -13.00 -12.86 -17.85
N GLU C 149 -14.31 -13.12 -17.71
CA GLU C 149 -14.81 -14.47 -17.91
C GLU C 149 -14.52 -14.97 -19.32
N LEU C 150 -14.31 -14.09 -20.31
CA LEU C 150 -14.13 -14.56 -21.69
C LEU C 150 -12.65 -14.58 -22.11
N ASN C 151 -11.73 -14.54 -21.14
CA ASN C 151 -10.31 -14.62 -21.43
C ASN C 151 -9.97 -15.95 -22.09
N HIS C 152 -9.02 -15.88 -23.04
CA HIS C 152 -8.53 -17.01 -23.82
C HIS C 152 -7.95 -18.13 -22.94
N ALA C 153 -7.92 -19.35 -23.50
CA ALA C 153 -7.39 -20.53 -22.80
C ALA C 153 -5.96 -20.31 -22.30
N SER C 154 -5.11 -19.63 -23.08
CA SER C 154 -3.72 -19.35 -22.69
C SER C 154 -3.65 -18.59 -21.36
N MET C 155 -4.54 -17.61 -21.20
CA MET C 155 -4.60 -16.79 -20.00
C MET C 155 -5.18 -17.59 -18.83
N ILE C 156 -6.21 -18.41 -19.13
CA ILE C 156 -6.83 -19.25 -18.12
C ILE C 156 -5.79 -20.18 -17.51
N VAL C 157 -5.00 -20.81 -18.40
CA VAL C 157 -3.97 -21.77 -18.05
C VAL C 157 -2.86 -21.05 -17.27
N GLY C 158 -2.40 -19.90 -17.78
CA GLY C 158 -1.47 -19.06 -17.05
C GLY C 158 -1.96 -18.72 -15.62
N ILE C 159 -3.24 -18.40 -15.48
CA ILE C 159 -3.80 -18.00 -14.19
C ILE C 159 -3.89 -19.20 -13.25
N LYS C 160 -4.26 -20.38 -13.75
CA LYS C 160 -4.19 -21.62 -12.97
C LYS C 160 -2.74 -21.88 -12.51
N HIS C 161 -1.79 -21.80 -13.45
CA HIS C 161 -0.37 -22.02 -13.16
C HIS C 161 0.16 -21.04 -12.10
N ALA C 162 -0.29 -19.79 -12.15
CA ALA C 162 0.10 -18.76 -11.18
C ALA C 162 -0.18 -19.22 -9.76
N ASN C 163 -1.29 -19.96 -9.59
CA ASN C 163 -1.56 -20.69 -8.36
C ASN C 163 -1.75 -19.70 -7.20
N VAL C 164 -2.67 -18.74 -7.39
CA VAL C 164 -2.98 -17.68 -6.45
C VAL C 164 -4.50 -17.50 -6.41
N LYS C 165 -5.00 -16.64 -5.53
CA LYS C 165 -6.41 -16.31 -5.49
C LYS C 165 -6.80 -15.60 -6.80
N LYS C 166 -7.94 -16.00 -7.38
CA LYS C 166 -8.41 -15.46 -8.66
C LYS C 166 -9.91 -15.18 -8.54
N HIS C 167 -10.36 -14.04 -9.10
CA HIS C 167 -11.76 -13.73 -9.21
C HIS C 167 -12.11 -13.54 -10.69
N ILE C 168 -13.19 -14.17 -11.13
CA ILE C 168 -13.67 -14.01 -12.49
C ILE C 168 -14.80 -12.98 -12.50
N PHE C 169 -14.70 -11.93 -13.33
CA PHE C 169 -15.77 -10.96 -13.42
C PHE C 169 -16.56 -11.17 -14.71
N LYS C 170 -17.86 -10.91 -14.65
CA LYS C 170 -18.73 -10.96 -15.82
C LYS C 170 -18.11 -10.14 -16.93
N HIS C 171 -18.27 -10.63 -18.17
CA HIS C 171 -17.59 -10.10 -19.33
C HIS C 171 -17.81 -8.58 -19.46
N ASN C 172 -16.70 -7.83 -19.41
CA ASN C 172 -16.66 -6.40 -19.63
C ASN C 172 -17.45 -5.64 -18.56
N ASP C 173 -17.71 -6.28 -17.42
CA ASP C 173 -18.55 -5.67 -16.38
C ASP C 173 -17.63 -5.01 -15.34
N LEU C 174 -17.43 -3.69 -15.48
CA LEU C 174 -16.45 -2.96 -14.70
C LEU C 174 -17.03 -2.52 -13.35
N ASN C 175 -18.37 -2.63 -13.20
CA ASN C 175 -19.01 -2.50 -11.90
C ASN C 175 -18.65 -3.69 -11.03
N GLU C 176 -18.79 -4.89 -11.58
CA GLU C 176 -18.45 -6.11 -10.84
C GLU C 176 -16.96 -6.14 -10.56
N LEU C 177 -16.13 -5.71 -11.53
CA LEU C 177 -14.69 -5.70 -11.31
C LEU C 177 -14.35 -4.75 -10.16
N GLU C 178 -14.97 -3.56 -10.14
CA GLU C 178 -14.68 -2.59 -9.10
C GLU C 178 -15.11 -3.12 -7.75
N GLN C 179 -16.24 -3.83 -7.67
CA GLN C 179 -16.71 -4.36 -6.40
C GLN C 179 -15.74 -5.41 -5.86
N LEU C 180 -15.11 -6.18 -6.78
CA LEU C 180 -14.16 -7.20 -6.38
C LEU C 180 -12.87 -6.53 -5.92
N LEU C 181 -12.41 -5.52 -6.66
CA LEU C 181 -11.18 -4.79 -6.35
C LEU C 181 -11.31 -4.12 -4.98
N GLN C 182 -12.48 -3.52 -4.73
CA GLN C 182 -12.79 -2.76 -3.52
C GLN C 182 -12.77 -3.65 -2.27
N SER C 183 -12.98 -4.96 -2.40
CA SER C 183 -13.14 -5.80 -1.22
C SER C 183 -11.78 -6.28 -0.70
N TYR C 184 -10.70 -5.74 -1.27
CA TYR C 184 -9.35 -5.97 -0.80
C TYR C 184 -8.72 -4.65 -0.40
N PRO C 185 -7.84 -4.62 0.63
CA PRO C 185 -7.01 -3.45 0.90
C PRO C 185 -6.16 -3.10 -0.32
N LYS C 186 -5.83 -1.81 -0.47
CA LYS C 186 -5.07 -1.30 -1.61
C LYS C 186 -3.68 -1.94 -1.65
N SER C 187 -3.11 -2.23 -0.47
CA SER C 187 -1.75 -2.73 -0.39
C SER C 187 -1.64 -4.19 -0.81
N VAL C 188 -2.76 -4.89 -1.01
CA VAL C 188 -2.72 -6.26 -1.51
C VAL C 188 -2.32 -6.18 -2.99
N PRO C 189 -1.32 -6.99 -3.43
CA PRO C 189 -0.95 -7.03 -4.85
C PRO C 189 -2.09 -7.62 -5.67
N LYS C 190 -2.36 -6.98 -6.82
CA LYS C 190 -3.48 -7.35 -7.67
C LYS C 190 -3.06 -7.32 -9.12
N LEU C 191 -3.72 -8.16 -9.95
CA LEU C 191 -3.51 -8.13 -11.39
C LEU C 191 -4.86 -8.17 -12.09
N ILE C 192 -5.07 -7.25 -13.03
CA ILE C 192 -6.25 -7.31 -13.88
C ILE C 192 -5.83 -7.84 -15.26
N ALA C 193 -6.38 -9.01 -15.60
CA ALA C 193 -6.03 -9.70 -16.83
C ALA C 193 -7.22 -9.70 -17.77
N PHE C 194 -6.99 -9.19 -18.99
CA PHE C 194 -8.07 -9.01 -19.96
C PHE C 194 -7.48 -8.93 -21.37
N GLU C 195 -8.38 -9.03 -22.36
CA GLU C 195 -8.06 -8.82 -23.76
C GLU C 195 -8.67 -7.50 -24.24
N SER C 196 -8.08 -6.93 -25.29
CA SER C 196 -8.62 -5.75 -25.93
C SER C 196 -9.83 -6.14 -26.79
N VAL C 197 -9.63 -7.12 -27.68
CA VAL C 197 -10.66 -7.63 -28.56
C VAL C 197 -10.82 -9.13 -28.32
N TYR C 198 -12.05 -9.53 -28.01
CA TYR C 198 -12.38 -10.92 -27.77
C TYR C 198 -12.88 -11.51 -29.10
N SER C 199 -12.24 -12.61 -29.51
CA SER C 199 -12.29 -13.08 -30.89
C SER C 199 -13.63 -13.71 -31.25
N MET C 200 -14.38 -14.24 -30.28
CA MET C 200 -15.51 -15.08 -30.63
C MET C 200 -16.76 -14.25 -30.87
N ALA C 201 -16.84 -13.06 -30.28
CA ALA C 201 -17.93 -12.17 -30.66
C ALA C 201 -17.45 -10.77 -30.99
N GLY C 202 -16.15 -10.47 -30.89
CA GLY C 202 -15.63 -9.21 -31.36
C GLY C 202 -15.85 -8.03 -30.42
N SER C 203 -16.19 -8.33 -29.15
CA SER C 203 -16.37 -7.29 -28.14
C SER C 203 -15.02 -6.71 -27.75
N VAL C 204 -15.07 -5.49 -27.22
CA VAL C 204 -13.88 -4.71 -26.95
C VAL C 204 -13.89 -4.26 -25.49
N ALA C 205 -12.73 -4.26 -24.84
CA ALA C 205 -12.61 -3.80 -23.47
C ALA C 205 -12.46 -2.28 -23.43
N ASP C 206 -12.97 -1.68 -22.36
CA ASP C 206 -12.72 -0.29 -22.04
C ASP C 206 -11.39 -0.21 -21.28
N ILE C 207 -10.31 -0.18 -22.07
CA ILE C 207 -8.98 -0.25 -21.51
C ILE C 207 -8.75 0.94 -20.57
N GLU C 208 -9.26 2.11 -20.94
CA GLU C 208 -8.98 3.31 -20.15
C GLU C 208 -9.62 3.21 -18.76
N LYS C 209 -10.86 2.75 -18.69
CA LYS C 209 -11.56 2.66 -17.42
C LYS C 209 -10.86 1.60 -16.55
N ILE C 210 -10.34 0.53 -17.15
CA ILE C 210 -9.63 -0.50 -16.39
C ILE C 210 -8.33 0.07 -15.82
N CYS C 211 -7.62 0.90 -16.60
CA CYS C 211 -6.42 1.55 -16.10
C CYS C 211 -6.74 2.47 -14.91
N ASP C 212 -7.89 3.15 -14.97
CA ASP C 212 -8.35 4.01 -13.90
C ASP C 212 -8.59 3.19 -12.63
N LEU C 213 -9.24 2.01 -12.78
CA LEU C 213 -9.49 1.10 -11.67
C LEU C 213 -8.18 0.56 -11.10
N ALA C 214 -7.21 0.28 -11.96
CA ALA C 214 -5.90 -0.20 -11.53
C ALA C 214 -5.21 0.86 -10.67
N ASP C 215 -5.27 2.13 -11.11
CA ASP C 215 -4.67 3.23 -10.37
C ASP C 215 -5.29 3.32 -8.97
N LYS C 216 -6.61 3.25 -8.92
CA LYS C 216 -7.35 3.48 -7.70
C LYS C 216 -7.15 2.33 -6.71
N TYR C 217 -7.04 1.09 -7.17
CA TYR C 217 -7.01 -0.05 -6.26
C TYR C 217 -5.64 -0.73 -6.22
N GLY C 218 -4.66 -0.17 -6.93
CA GLY C 218 -3.28 -0.61 -6.81
C GLY C 218 -3.02 -1.97 -7.47
N ALA C 219 -3.48 -2.11 -8.73
CA ALA C 219 -3.34 -3.33 -9.49
C ALA C 219 -2.41 -3.10 -10.67
N LEU C 220 -1.68 -4.16 -11.05
CA LEU C 220 -1.07 -4.26 -12.37
C LEU C 220 -2.14 -4.56 -13.41
N THR C 221 -1.85 -4.17 -14.66
CA THR C 221 -2.69 -4.52 -15.79
C THR C 221 -1.92 -5.41 -16.76
N PHE C 222 -2.62 -6.47 -17.18
CA PHE C 222 -2.12 -7.42 -18.18
C PHE C 222 -3.14 -7.46 -19.31
N LEU C 223 -2.70 -7.03 -20.50
CA LEU C 223 -3.57 -6.81 -21.64
C LEU C 223 -3.11 -7.67 -22.81
N ASP C 224 -4.01 -8.53 -23.29
CA ASP C 224 -3.77 -9.32 -24.49
C ASP C 224 -4.42 -8.62 -25.69
N GLU C 225 -3.57 -8.13 -26.59
CA GLU C 225 -3.98 -7.42 -27.81
C GLU C 225 -3.81 -8.30 -29.06
N VAL C 226 -3.97 -9.62 -28.91
CA VAL C 226 -3.66 -10.57 -29.96
C VAL C 226 -4.57 -10.36 -31.17
N HIS C 227 -5.85 -10.07 -30.94
CA HIS C 227 -6.79 -9.83 -32.02
C HIS C 227 -6.90 -8.34 -32.37
N ALA C 228 -5.93 -7.51 -31.94
CA ALA C 228 -5.97 -6.07 -32.13
C ALA C 228 -4.72 -5.53 -32.80
N VAL C 229 -3.55 -6.13 -32.55
CA VAL C 229 -2.32 -5.61 -33.13
C VAL C 229 -2.38 -5.78 -34.64
N GLY C 230 -1.93 -4.71 -35.34
CA GLY C 230 -2.05 -4.60 -36.78
C GLY C 230 -3.30 -3.84 -37.20
N LEU C 231 -4.32 -3.83 -36.33
CA LEU C 231 -5.69 -3.56 -36.74
C LEU C 231 -6.25 -2.26 -36.17
N TYR C 232 -5.79 -1.84 -34.99
CA TYR C 232 -6.31 -0.67 -34.31
C TYR C 232 -5.17 0.29 -34.01
N GLY C 233 -5.52 1.57 -33.82
CA GLY C 233 -4.56 2.65 -33.75
C GLY C 233 -4.07 3.03 -35.14
N PRO C 234 -3.49 4.24 -35.33
CA PRO C 234 -3.02 4.65 -36.66
C PRO C 234 -1.89 3.76 -37.20
N HIS C 235 -1.16 3.08 -36.30
CA HIS C 235 0.02 2.33 -36.67
C HIS C 235 -0.15 0.84 -36.38
N GLY C 236 -1.36 0.42 -36.00
CA GLY C 236 -1.64 -0.97 -35.70
C GLY C 236 -1.06 -1.44 -34.36
N ALA C 237 -0.85 -0.54 -33.40
CA ALA C 237 -0.31 -0.94 -32.11
C ALA C 237 -1.40 -1.50 -31.19
N GLY C 238 -2.67 -1.41 -31.62
CA GLY C 238 -3.77 -2.04 -30.91
C GLY C 238 -4.80 -1.03 -30.43
N VAL C 239 -5.77 -1.55 -29.65
CA VAL C 239 -6.88 -0.75 -29.15
C VAL C 239 -6.35 0.27 -28.15
N ALA C 240 -5.28 -0.07 -27.41
CA ALA C 240 -4.69 0.86 -26.47
C ALA C 240 -4.22 2.11 -27.21
N GLU C 241 -3.65 1.92 -28.41
CA GLU C 241 -3.22 3.04 -29.25
C GLU C 241 -4.45 3.80 -29.77
N HIS C 242 -5.50 3.04 -30.15
CA HIS C 242 -6.73 3.63 -30.70
C HIS C 242 -7.37 4.59 -29.70
N CYS C 243 -7.21 4.32 -28.40
CA CYS C 243 -7.71 5.19 -27.34
C CYS C 243 -7.18 6.61 -27.45
N ASP C 244 -5.95 6.79 -27.97
CA ASP C 244 -5.38 8.11 -28.16
C ASP C 244 -4.94 8.25 -29.61
N PHE C 245 -5.89 7.99 -30.51
CA PHE C 245 -5.63 7.82 -31.93
C PHE C 245 -4.90 9.04 -32.48
N GLU C 246 -5.43 10.24 -32.16
CA GLU C 246 -4.96 11.46 -32.79
C GLU C 246 -3.62 11.90 -32.21
N SER C 247 -3.42 11.73 -30.90
CA SER C 247 -2.13 11.97 -30.26
C SER C 247 -1.05 11.09 -30.88
N HIS C 248 -1.35 9.79 -31.02
CA HIS C 248 -0.38 8.85 -31.59
C HIS C 248 -0.14 9.17 -33.06
N ARG C 249 -1.19 9.49 -33.80
CA ARG C 249 -1.04 9.80 -35.22
C ARG C 249 -0.12 11.00 -35.41
N ALA C 250 -0.32 12.07 -34.62
CA ALA C 250 0.49 13.27 -34.73
C ALA C 250 1.97 12.98 -34.41
N SER C 251 2.22 12.20 -33.35
CA SER C 251 3.57 11.97 -32.86
C SER C 251 4.27 10.84 -33.62
N GLY C 252 3.51 10.02 -34.36
CA GLY C 252 4.09 8.89 -35.09
C GLY C 252 4.72 7.84 -34.17
N ILE C 253 6.05 7.69 -34.30
CA ILE C 253 6.76 6.71 -33.48
C ILE C 253 7.12 7.29 -32.12
N ALA C 254 7.14 8.63 -31.98
CA ALA C 254 7.46 9.25 -30.69
C ALA C 254 6.31 9.09 -29.71
N THR C 255 6.63 9.08 -28.42
CA THR C 255 5.63 9.21 -27.37
C THR C 255 4.98 10.59 -27.47
N PRO C 256 3.64 10.73 -27.55
CA PRO C 256 3.00 12.05 -27.64
C PRO C 256 3.18 12.86 -26.35
N LYS C 257 3.19 14.19 -26.49
CA LYS C 257 3.29 15.10 -25.36
C LYS C 257 2.06 14.96 -24.47
N THR C 258 0.88 14.73 -25.07
CA THR C 258 -0.35 14.58 -24.30
C THR C 258 -1.20 13.45 -24.89
N ASN C 259 -2.14 12.94 -24.09
CA ASN C 259 -3.15 12.00 -24.58
C ASN C 259 -4.26 12.79 -25.28
N ASP C 260 -5.30 12.08 -25.76
CA ASP C 260 -6.33 12.67 -26.61
C ASP C 260 -7.23 13.62 -25.82
N LYS C 261 -7.15 13.62 -24.48
CA LYS C 261 -7.94 14.51 -23.66
C LYS C 261 -7.08 15.65 -23.10
N GLY C 262 -5.80 15.71 -23.46
CA GLY C 262 -4.91 16.75 -22.99
C GLY C 262 -4.20 16.40 -21.68
N GLY C 263 -4.42 15.19 -21.15
CA GLY C 263 -3.66 14.67 -20.01
C GLY C 263 -2.24 14.24 -20.40
N ALA C 264 -1.44 13.85 -19.40
CA ALA C 264 -0.01 13.62 -19.58
C ALA C 264 0.29 12.26 -20.22
N LYS C 265 -0.49 11.23 -19.90
CA LYS C 265 -0.14 9.84 -20.20
C LYS C 265 -1.20 9.20 -21.10
N THR C 266 -0.74 8.57 -22.18
CA THR C 266 -1.61 7.79 -23.03
C THR C 266 -2.03 6.50 -22.30
N VAL C 267 -3.14 5.90 -22.79
CA VAL C 267 -3.63 4.64 -22.27
C VAL C 267 -2.57 3.56 -22.48
N MET C 268 -1.95 3.53 -23.66
CA MET C 268 -0.99 2.48 -24.01
C MET C 268 0.21 2.55 -23.04
N ASP C 269 0.56 3.76 -22.61
CA ASP C 269 1.63 3.99 -21.65
C ASP C 269 1.25 3.48 -20.25
N ARG C 270 -0.03 3.57 -19.88
CA ARG C 270 -0.49 3.24 -18.54
C ARG C 270 -0.66 1.74 -18.33
N VAL C 271 -0.81 0.96 -19.41
CA VAL C 271 -0.91 -0.49 -19.30
C VAL C 271 0.46 -1.06 -18.96
N ASP C 272 0.55 -1.90 -17.93
CA ASP C 272 1.84 -2.39 -17.47
C ASP C 272 2.43 -3.42 -18.43
N MET C 273 1.60 -4.34 -18.91
CA MET C 273 2.07 -5.45 -19.74
C MET C 273 1.11 -5.67 -20.89
N ILE C 274 1.63 -5.62 -22.12
CA ILE C 274 0.86 -5.87 -23.33
C ILE C 274 1.46 -7.09 -24.04
N THR C 275 0.63 -8.11 -24.30
CA THR C 275 1.05 -9.27 -25.08
C THR C 275 0.39 -9.23 -26.46
N GLY C 276 1.16 -9.70 -27.45
CA GLY C 276 0.64 -9.89 -28.78
C GLY C 276 1.16 -11.20 -29.38
N THR C 277 0.70 -11.45 -30.62
CA THR C 277 1.15 -12.58 -31.43
C THR C 277 1.82 -12.02 -32.66
N LEU C 278 2.71 -12.84 -33.24
CA LEU C 278 3.25 -12.58 -34.55
C LEU C 278 2.51 -13.46 -35.57
N GLY C 279 1.51 -14.22 -35.12
CA GLY C 279 0.95 -15.32 -35.87
C GLY C 279 -0.36 -14.95 -36.57
N LYS C 280 -0.78 -13.68 -36.45
CA LYS C 280 -2.05 -13.26 -37.04
C LYS C 280 -1.78 -12.13 -38.03
N SER C 281 -2.00 -10.87 -37.61
CA SER C 281 -1.78 -9.69 -38.44
C SER C 281 -0.36 -9.69 -39.01
N PHE C 282 0.63 -10.06 -38.18
CA PHE C 282 2.04 -9.94 -38.54
C PHE C 282 2.54 -11.13 -39.36
N GLY C 283 1.65 -12.06 -39.70
CA GLY C 283 1.82 -12.93 -40.85
C GLY C 283 2.87 -14.03 -40.68
N SER C 284 3.20 -14.38 -39.42
CA SER C 284 4.31 -15.28 -39.11
C SER C 284 3.92 -16.24 -37.99
N VAL C 285 4.75 -16.32 -36.95
CA VAL C 285 4.47 -17.10 -35.75
C VAL C 285 5.29 -16.52 -34.61
N GLY C 286 4.78 -16.71 -33.38
CA GLY C 286 5.49 -16.23 -32.21
C GLY C 286 4.61 -15.37 -31.31
N GLY C 287 5.14 -15.08 -30.13
CA GLY C 287 4.44 -14.24 -29.17
C GLY C 287 5.39 -13.23 -28.56
N TYR C 288 4.84 -12.26 -27.82
CA TYR C 288 5.67 -11.27 -27.16
C TYR C 288 4.92 -10.58 -26.04
N VAL C 289 5.70 -9.98 -25.16
CA VAL C 289 5.19 -9.04 -24.18
C VAL C 289 6.02 -7.75 -24.31
N ALA C 290 5.28 -6.61 -24.28
CA ALA C 290 5.91 -5.30 -24.25
C ALA C 290 5.63 -4.64 -22.90
N ALA C 291 6.67 -4.03 -22.31
CA ALA C 291 6.62 -3.58 -20.94
C ALA C 291 7.90 -2.81 -20.61
N SER C 292 8.01 -2.37 -19.35
CA SER C 292 9.18 -1.68 -18.85
C SER C 292 10.39 -2.61 -18.93
N ARG C 293 11.58 -2.00 -19.01
CA ARG C 293 12.84 -2.70 -19.05
C ARG C 293 12.93 -3.67 -17.87
N LYS C 294 12.48 -3.25 -16.69
CA LYS C 294 12.60 -4.04 -15.48
C LYS C 294 11.76 -5.32 -15.59
N LEU C 295 10.51 -5.18 -16.02
CA LEU C 295 9.63 -6.34 -16.20
C LEU C 295 10.21 -7.30 -17.25
N ILE C 296 10.68 -6.76 -18.38
CA ILE C 296 11.25 -7.58 -19.45
C ILE C 296 12.46 -8.35 -18.94
N ASP C 297 13.33 -7.68 -18.18
CA ASP C 297 14.55 -8.29 -17.70
C ASP C 297 14.20 -9.44 -16.75
N TRP C 298 13.12 -9.24 -16.01
CA TRP C 298 12.60 -10.21 -15.06
C TRP C 298 12.11 -11.49 -15.76
N PHE C 299 11.30 -11.30 -16.81
CA PHE C 299 10.80 -12.44 -17.58
C PHE C 299 11.97 -13.19 -18.25
N ARG C 300 12.90 -12.40 -18.80
CA ARG C 300 14.07 -12.92 -19.48
C ARG C 300 14.87 -13.80 -18.53
N SER C 301 14.97 -13.35 -17.26
CA SER C 301 15.87 -13.93 -16.29
C SER C 301 15.26 -15.16 -15.61
N PHE C 302 13.92 -15.25 -15.58
CA PHE C 302 13.24 -16.19 -14.71
C PHE C 302 12.26 -17.12 -15.42
N ALA C 303 11.72 -16.76 -16.58
CA ALA C 303 10.65 -17.54 -17.19
C ALA C 303 11.22 -18.78 -17.86
N PRO C 304 10.95 -20.01 -17.36
CA PRO C 304 11.48 -21.23 -17.98
C PRO C 304 11.00 -21.44 -19.42
N GLY C 305 9.78 -20.98 -19.73
CA GLY C 305 9.20 -21.07 -21.05
C GLY C 305 9.91 -20.19 -22.08
N PHE C 306 10.68 -19.20 -21.57
CA PHE C 306 11.54 -18.36 -22.39
C PHE C 306 12.94 -18.98 -22.50
N ILE C 307 13.47 -19.44 -21.37
CA ILE C 307 14.88 -19.76 -21.24
C ILE C 307 15.20 -21.08 -21.95
N PHE C 308 14.33 -22.10 -21.77
CA PHE C 308 14.69 -23.48 -22.04
C PHE C 308 14.04 -24.01 -23.31
N THR C 309 14.09 -23.20 -24.37
CA THR C 309 13.41 -23.54 -25.62
C THR C 309 14.18 -22.93 -26.79
N THR C 310 14.21 -23.68 -27.90
CA THR C 310 14.86 -23.25 -29.13
C THR C 310 14.27 -21.90 -29.54
N THR C 311 15.15 -21.00 -29.96
CA THR C 311 14.79 -19.71 -30.52
C THR C 311 14.07 -19.94 -31.85
N LEU C 312 13.06 -19.12 -32.13
CA LEU C 312 12.38 -19.16 -33.42
C LEU C 312 13.41 -18.98 -34.54
N PRO C 313 13.20 -19.60 -35.71
CA PRO C 313 14.09 -19.39 -36.86
C PRO C 313 14.27 -17.91 -37.15
N PRO C 314 15.50 -17.48 -37.51
CA PRO C 314 15.76 -16.10 -37.91
C PRO C 314 14.82 -15.60 -39.01
N SER C 315 14.50 -16.45 -39.99
CA SER C 315 13.70 -16.06 -41.14
C SER C 315 12.27 -15.74 -40.70
N VAL C 316 11.79 -16.45 -39.69
CA VAL C 316 10.44 -16.29 -39.18
C VAL C 316 10.34 -14.96 -38.44
N MET C 317 11.42 -14.61 -37.71
CA MET C 317 11.54 -13.34 -37.05
C MET C 317 11.67 -12.22 -38.08
N ALA C 318 12.51 -12.41 -39.10
CA ALA C 318 12.73 -11.41 -40.15
C ALA C 318 11.44 -11.09 -40.88
N GLY C 319 10.64 -12.13 -41.15
CA GLY C 319 9.32 -11.97 -41.76
C GLY C 319 8.40 -11.08 -40.93
N ALA C 320 8.29 -11.38 -39.64
CA ALA C 320 7.45 -10.63 -38.73
C ALA C 320 7.91 -9.19 -38.60
N THR C 321 9.23 -8.96 -38.53
CA THR C 321 9.80 -7.62 -38.46
C THR C 321 9.38 -6.82 -39.69
N ALA C 322 9.53 -7.43 -40.87
CA ALA C 322 9.11 -6.80 -42.13
C ALA C 322 7.63 -6.48 -42.12
N ALA C 323 6.80 -7.41 -41.60
CA ALA C 323 5.36 -7.22 -41.55
C ALA C 323 5.02 -6.06 -40.64
N ILE C 324 5.66 -5.99 -39.46
CA ILE C 324 5.40 -4.94 -38.47
C ILE C 324 5.77 -3.57 -39.06
N ARG C 325 6.98 -3.46 -39.64
CA ARG C 325 7.47 -2.24 -40.25
C ARG C 325 6.54 -1.77 -41.38
N TYR C 326 6.12 -2.70 -42.24
CA TYR C 326 5.27 -2.37 -43.38
C TYR C 326 3.93 -1.84 -42.86
N GLN C 327 3.30 -2.55 -41.92
CA GLN C 327 1.93 -2.22 -41.51
C GLN C 327 1.92 -0.91 -40.74
N ARG C 328 3.02 -0.55 -40.07
CA ARG C 328 3.05 0.65 -39.25
C ARG C 328 2.73 1.88 -40.11
N CYS C 329 3.27 1.91 -41.34
CA CYS C 329 3.14 3.07 -42.21
C CYS C 329 2.15 2.82 -43.35
N HIS C 330 1.41 1.70 -43.32
CA HIS C 330 0.35 1.44 -44.28
C HIS C 330 -0.99 1.36 -43.55
N ILE C 331 -1.54 2.53 -43.17
CA ILE C 331 -2.84 2.60 -42.54
C ILE C 331 -3.93 2.16 -43.53
N ASP C 332 -3.64 2.14 -44.83
CA ASP C 332 -4.59 1.70 -45.83
C ASP C 332 -4.94 0.23 -45.61
N LEU C 333 -4.06 -0.55 -44.97
CA LEU C 333 -4.37 -1.92 -44.63
C LEU C 333 -5.56 -1.98 -43.67
N ARG C 334 -5.57 -1.09 -42.67
CA ARG C 334 -6.64 -1.10 -41.68
C ARG C 334 -7.91 -0.48 -42.24
N THR C 335 -7.78 0.60 -43.00
CA THR C 335 -8.98 1.26 -43.51
C THR C 335 -9.67 0.31 -44.47
N SER C 336 -8.91 -0.40 -45.32
CA SER C 336 -9.55 -1.30 -46.27
C SER C 336 -10.10 -2.54 -45.55
N GLN C 337 -9.44 -3.05 -44.51
CA GLN C 337 -10.02 -4.12 -43.73
C GLN C 337 -11.35 -3.71 -43.11
N GLN C 338 -11.37 -2.54 -42.48
CA GLN C 338 -12.58 -2.09 -41.80
C GLN C 338 -13.70 -1.91 -42.82
N LYS C 339 -13.38 -1.37 -43.99
CA LYS C 339 -14.39 -1.13 -45.02
C LYS C 339 -14.93 -2.47 -45.52
N HIS C 340 -14.06 -3.44 -45.76
CA HIS C 340 -14.47 -4.77 -46.17
C HIS C 340 -15.42 -5.37 -45.14
N THR C 341 -15.03 -5.28 -43.85
CA THR C 341 -15.85 -5.79 -42.76
C THR C 341 -17.21 -5.10 -42.75
N MET C 342 -17.21 -3.77 -42.83
CA MET C 342 -18.42 -2.98 -42.78
C MET C 342 -19.33 -3.30 -43.96
N TYR C 343 -18.74 -3.55 -45.13
CA TYR C 343 -19.47 -3.92 -46.33
C TYR C 343 -20.20 -5.23 -46.10
N VAL C 344 -19.51 -6.25 -45.60
CA VAL C 344 -20.13 -7.53 -45.30
C VAL C 344 -21.20 -7.38 -44.22
N LYS C 345 -20.91 -6.63 -43.15
CA LYS C 345 -21.86 -6.44 -42.05
C LYS C 345 -23.16 -5.79 -42.53
N LYS C 346 -23.06 -4.77 -43.39
CA LYS C 346 -24.23 -4.01 -43.81
C LYS C 346 -25.04 -4.79 -44.83
N ALA C 347 -24.37 -5.57 -45.67
CA ALA C 347 -25.04 -6.47 -46.61
C ALA C 347 -25.84 -7.54 -45.84
N PHE C 348 -25.22 -8.11 -44.80
CA PHE C 348 -25.90 -9.08 -43.94
C PHE C 348 -27.11 -8.43 -43.26
N HIS C 349 -26.94 -7.21 -42.74
CA HIS C 349 -28.05 -6.52 -42.11
C HIS C 349 -29.21 -6.38 -43.10
N GLU C 350 -28.94 -5.93 -44.35
CA GLU C 350 -29.97 -5.75 -45.35
C GLU C 350 -30.70 -7.06 -45.65
N LEU C 351 -29.99 -8.21 -45.58
CA LEU C 351 -30.59 -9.50 -45.91
C LEU C 351 -31.16 -10.17 -44.66
N GLY C 352 -31.06 -9.54 -43.49
CA GLY C 352 -31.56 -10.13 -42.25
C GLY C 352 -30.74 -11.35 -41.82
N ILE C 353 -29.50 -11.44 -42.29
CA ILE C 353 -28.56 -12.45 -41.79
C ILE C 353 -28.04 -11.96 -40.45
N PRO C 354 -28.28 -12.69 -39.33
CA PRO C 354 -27.97 -12.18 -38.00
C PRO C 354 -26.49 -12.18 -37.66
N VAL C 355 -25.94 -10.98 -37.46
CA VAL C 355 -24.57 -10.82 -37.00
C VAL C 355 -24.59 -10.33 -35.56
N ILE C 356 -23.85 -11.01 -34.68
CA ILE C 356 -23.64 -10.50 -33.33
C ILE C 356 -22.99 -9.11 -33.45
N PRO C 357 -23.70 -8.03 -33.02
CA PRO C 357 -23.16 -6.68 -33.13
C PRO C 357 -21.93 -6.50 -32.25
N ASN C 358 -20.91 -5.89 -32.84
CA ASN C 358 -19.64 -5.61 -32.20
C ASN C 358 -18.99 -4.43 -32.93
N PRO C 359 -18.07 -3.69 -32.30
CA PRO C 359 -17.40 -2.57 -32.94
C PRO C 359 -16.04 -2.87 -33.58
N SER C 360 -15.80 -4.16 -33.89
CA SER C 360 -14.51 -4.62 -34.35
C SER C 360 -14.59 -5.24 -35.74
N HIS C 361 -13.55 -5.99 -36.13
CA HIS C 361 -13.36 -6.47 -37.51
C HIS C 361 -13.94 -7.88 -37.69
N ILE C 362 -14.57 -8.43 -36.64
CA ILE C 362 -15.06 -9.79 -36.68
C ILE C 362 -16.55 -9.80 -37.00
N VAL C 363 -16.95 -10.78 -37.82
CA VAL C 363 -18.33 -10.97 -38.25
C VAL C 363 -18.80 -12.34 -37.75
N PRO C 364 -19.37 -12.43 -36.53
CA PRO C 364 -19.94 -13.65 -36.01
C PRO C 364 -21.40 -13.78 -36.46
N VAL C 365 -21.65 -14.76 -37.33
CA VAL C 365 -22.99 -15.01 -37.85
C VAL C 365 -23.65 -16.03 -36.94
N LEU C 366 -24.78 -15.62 -36.35
CA LEU C 366 -25.45 -16.41 -35.34
C LEU C 366 -26.29 -17.49 -36.02
N ILE C 367 -26.09 -18.75 -35.59
CA ILE C 367 -26.81 -19.90 -36.09
C ILE C 367 -27.77 -20.36 -35.00
N GLY C 368 -27.21 -20.68 -33.81
CA GLY C 368 -27.98 -20.97 -32.63
C GLY C 368 -28.08 -22.47 -32.35
N ASN C 369 -27.40 -23.30 -33.16
CA ASN C 369 -27.55 -24.74 -33.11
C ASN C 369 -26.26 -25.38 -33.60
N ALA C 370 -25.73 -26.34 -32.84
CA ALA C 370 -24.42 -26.94 -33.09
C ALA C 370 -24.42 -27.64 -34.45
N ASP C 371 -25.44 -28.51 -34.67
CA ASP C 371 -25.52 -29.33 -35.87
C ASP C 371 -25.74 -28.45 -37.11
N LEU C 372 -26.58 -27.43 -36.97
CA LEU C 372 -26.87 -26.53 -38.09
C LEU C 372 -25.64 -25.67 -38.44
N ALA C 373 -24.85 -25.26 -37.45
CA ALA C 373 -23.63 -24.48 -37.71
C ALA C 373 -22.62 -25.32 -38.48
N LYS C 374 -22.43 -26.58 -38.06
CA LYS C 374 -21.52 -27.48 -38.76
C LYS C 374 -21.99 -27.76 -40.18
N GLN C 375 -23.31 -27.93 -40.37
CA GLN C 375 -23.86 -28.20 -41.69
C GLN C 375 -23.72 -26.98 -42.60
N ALA C 376 -23.93 -25.79 -42.04
CA ALA C 376 -23.74 -24.54 -42.78
C ALA C 376 -22.31 -24.41 -43.27
N SER C 377 -21.36 -24.72 -42.38
CA SER C 377 -19.94 -24.68 -42.70
C SER C 377 -19.65 -25.68 -43.83
N ASP C 378 -20.23 -26.88 -43.69
CA ASP C 378 -20.06 -27.99 -44.62
C ASP C 378 -20.58 -27.64 -46.03
N ILE C 379 -21.76 -27.04 -46.08
CA ILE C 379 -22.39 -26.68 -47.34
C ILE C 379 -21.60 -25.54 -47.99
N LEU C 380 -21.13 -24.59 -47.17
CA LEU C 380 -20.41 -23.44 -47.69
C LEU C 380 -19.16 -23.91 -48.41
N ILE C 381 -18.44 -24.86 -47.82
CA ILE C 381 -17.17 -25.25 -48.39
C ILE C 381 -17.37 -26.18 -49.59
N ASN C 382 -18.34 -27.11 -49.51
CA ASN C 382 -18.50 -28.15 -50.52
C ASN C 382 -19.31 -27.65 -51.70
N LYS C 383 -20.33 -26.83 -51.46
CA LYS C 383 -21.20 -26.34 -52.52
C LYS C 383 -20.76 -24.97 -53.03
N HIS C 384 -20.31 -24.08 -52.12
CA HIS C 384 -20.00 -22.71 -52.51
C HIS C 384 -18.49 -22.41 -52.53
N GLN C 385 -17.64 -23.38 -52.20
CA GLN C 385 -16.21 -23.17 -52.09
C GLN C 385 -15.84 -21.98 -51.21
N ILE C 386 -16.53 -21.85 -50.08
CA ILE C 386 -16.30 -20.82 -49.08
C ILE C 386 -15.90 -21.53 -47.78
N TYR C 387 -14.72 -21.22 -47.24
CA TYR C 387 -14.27 -21.82 -46.00
C TYR C 387 -14.48 -20.86 -44.84
N VAL C 388 -15.44 -21.22 -43.97
CA VAL C 388 -15.75 -20.53 -42.73
C VAL C 388 -15.92 -21.58 -41.65
N GLN C 389 -15.41 -21.36 -40.44
CA GLN C 389 -15.46 -22.42 -39.42
C GLN C 389 -16.64 -22.19 -38.47
N ALA C 390 -17.30 -23.30 -38.10
CA ALA C 390 -18.37 -23.28 -37.11
C ALA C 390 -17.76 -23.25 -35.71
N ILE C 391 -18.29 -22.39 -34.85
CA ILE C 391 -17.84 -22.25 -33.47
C ILE C 391 -18.95 -22.75 -32.56
N ASN C 392 -18.65 -23.84 -31.81
CA ASN C 392 -19.60 -24.50 -30.94
C ASN C 392 -19.08 -24.59 -29.51
N PHE C 393 -19.93 -25.09 -28.61
CA PHE C 393 -19.52 -25.53 -27.28
C PHE C 393 -18.34 -26.50 -27.41
N PRO C 394 -17.29 -26.42 -26.55
CA PRO C 394 -17.26 -25.50 -25.41
C PRO C 394 -16.63 -24.12 -25.64
N THR C 395 -16.31 -23.76 -26.89
CA THR C 395 -15.72 -22.44 -27.16
C THR C 395 -16.73 -21.32 -26.88
N VAL C 396 -18.03 -21.59 -27.08
CA VAL C 396 -19.08 -20.64 -26.78
C VAL C 396 -20.22 -21.39 -26.08
N ALA C 397 -21.17 -20.63 -25.53
CA ALA C 397 -22.31 -21.24 -24.85
C ALA C 397 -23.19 -21.99 -25.84
N ARG C 398 -23.71 -23.15 -25.41
CA ARG C 398 -24.70 -23.91 -26.18
C ARG C 398 -25.89 -23.00 -26.47
N GLY C 399 -26.36 -23.02 -27.72
CA GLY C 399 -27.44 -22.13 -28.13
C GLY C 399 -26.93 -20.84 -28.76
N THR C 400 -25.62 -20.58 -28.70
CA THR C 400 -25.04 -19.36 -29.24
C THR C 400 -24.08 -19.68 -30.40
N GLU C 401 -24.17 -20.90 -30.96
CA GLU C 401 -23.22 -21.36 -31.96
C GLU C 401 -23.27 -20.42 -33.16
N ARG C 402 -22.15 -20.34 -33.89
CA ARG C 402 -21.98 -19.32 -34.91
C ARG C 402 -20.93 -19.72 -35.94
N LEU C 403 -20.94 -18.95 -37.03
CA LEU C 403 -19.88 -18.95 -38.03
C LEU C 403 -18.98 -17.73 -37.80
N ARG C 404 -17.67 -17.94 -37.79
CA ARG C 404 -16.76 -16.82 -37.65
C ARG C 404 -16.21 -16.43 -39.02
N ILE C 405 -16.48 -15.17 -39.41
CA ILE C 405 -16.00 -14.62 -40.65
C ILE C 405 -15.09 -13.44 -40.31
N THR C 406 -13.89 -13.45 -40.93
CA THR C 406 -12.85 -12.46 -40.68
C THR C 406 -12.34 -11.89 -42.01
N PRO C 407 -12.95 -10.79 -42.51
CA PRO C 407 -12.43 -10.10 -43.69
C PRO C 407 -11.07 -9.43 -43.50
N THR C 408 -10.32 -9.36 -44.61
CA THR C 408 -8.99 -8.78 -44.66
C THR C 408 -8.96 -7.71 -45.76
N PRO C 409 -7.82 -6.97 -45.92
CA PRO C 409 -7.62 -6.10 -47.08
C PRO C 409 -7.75 -6.83 -48.42
N GLY C 410 -7.58 -8.14 -48.41
CA GLY C 410 -7.64 -8.92 -49.63
C GLY C 410 -9.04 -9.38 -50.01
N HIS C 411 -9.99 -9.26 -49.09
CA HIS C 411 -11.38 -9.60 -49.37
C HIS C 411 -12.11 -8.41 -49.98
N THR C 412 -11.83 -8.15 -51.27
CA THR C 412 -12.46 -7.07 -52.01
C THR C 412 -13.95 -7.36 -52.20
N ASN C 413 -14.68 -6.35 -52.67
CA ASN C 413 -16.13 -6.37 -52.68
C ASN C 413 -16.67 -7.49 -53.59
N ASP C 414 -15.98 -7.81 -54.67
CA ASP C 414 -16.38 -8.94 -55.52
C ASP C 414 -16.40 -10.26 -54.73
N LEU C 415 -15.40 -10.49 -53.89
CA LEU C 415 -15.32 -11.70 -53.07
C LEU C 415 -16.39 -11.65 -51.97
N SER C 416 -16.56 -10.47 -51.38
CA SER C 416 -17.61 -10.25 -50.39
C SER C 416 -18.98 -10.60 -50.95
N ASP C 417 -19.23 -10.19 -52.19
CA ASP C 417 -20.52 -10.37 -52.84
C ASP C 417 -20.83 -11.86 -52.95
N ILE C 418 -19.82 -12.65 -53.32
CA ILE C 418 -19.97 -14.09 -53.44
C ILE C 418 -20.29 -14.68 -52.06
N LEU C 419 -19.57 -14.22 -51.02
CA LEU C 419 -19.80 -14.70 -49.67
C LEU C 419 -21.25 -14.42 -49.24
N ILE C 420 -21.68 -13.17 -49.44
CA ILE C 420 -22.99 -12.71 -49.01
C ILE C 420 -24.07 -13.57 -49.67
N ASN C 421 -23.90 -13.74 -50.98
CA ASN C 421 -24.83 -14.52 -51.77
C ASN C 421 -24.91 -15.96 -51.26
N ALA C 422 -23.74 -16.53 -50.93
CA ALA C 422 -23.68 -17.93 -50.55
C ALA C 422 -24.32 -18.15 -49.18
N VAL C 423 -24.03 -17.23 -48.23
CA VAL C 423 -24.53 -17.34 -46.88
C VAL C 423 -26.05 -17.16 -46.90
N ASP C 424 -26.53 -16.20 -47.69
CA ASP C 424 -27.96 -15.98 -47.87
C ASP C 424 -28.60 -17.27 -48.35
N ASP C 425 -27.95 -17.89 -49.35
CA ASP C 425 -28.46 -19.11 -49.98
C ASP C 425 -28.55 -20.22 -48.92
N VAL C 426 -27.48 -20.37 -48.12
CA VAL C 426 -27.40 -21.43 -47.12
C VAL C 426 -28.45 -21.20 -46.03
N PHE C 427 -28.69 -19.94 -45.67
CA PHE C 427 -29.73 -19.64 -44.68
C PHE C 427 -31.07 -20.16 -45.15
N ASN C 428 -31.40 -20.00 -46.45
CA ASN C 428 -32.66 -20.49 -46.98
C ASN C 428 -32.67 -22.01 -47.04
N GLU C 429 -31.57 -22.60 -47.52
CA GLU C 429 -31.51 -24.05 -47.68
C GLU C 429 -31.78 -24.75 -46.35
N LEU C 430 -31.25 -24.19 -45.25
CA LEU C 430 -31.38 -24.80 -43.93
C LEU C 430 -32.52 -24.14 -43.14
N GLN C 431 -33.21 -23.17 -43.76
CA GLN C 431 -34.32 -22.46 -43.12
C GLN C 431 -33.86 -21.95 -41.75
N LEU C 432 -32.68 -21.30 -41.74
CA LEU C 432 -32.12 -20.75 -40.51
C LEU C 432 -32.85 -19.46 -40.16
N PRO C 433 -32.92 -19.09 -38.85
CA PRO C 433 -33.59 -17.86 -38.43
C PRO C 433 -32.85 -16.60 -38.91
N ARG C 434 -33.64 -15.66 -39.46
CA ARG C 434 -33.18 -14.33 -39.81
C ARG C 434 -33.29 -13.45 -38.56
N VAL C 435 -32.87 -12.19 -38.70
CA VAL C 435 -32.89 -11.23 -37.60
C VAL C 435 -34.31 -11.11 -37.05
N ARG C 436 -35.30 -10.96 -37.95
CA ARG C 436 -36.70 -10.79 -37.59
C ARG C 436 -37.13 -11.94 -36.66
N ASP C 437 -36.67 -13.15 -36.96
CA ASP C 437 -37.07 -14.35 -36.22
C ASP C 437 -36.47 -14.31 -34.82
N TRP C 438 -35.23 -13.83 -34.69
CA TRP C 438 -34.58 -13.68 -33.40
C TRP C 438 -35.28 -12.61 -32.55
N GLU C 439 -35.73 -11.51 -33.16
CA GLU C 439 -36.47 -10.49 -32.43
C GLU C 439 -37.74 -11.06 -31.79
N SER C 440 -38.44 -11.96 -32.48
CA SER C 440 -39.69 -12.52 -31.98
C SER C 440 -39.46 -13.42 -30.76
N GLN C 441 -38.22 -13.90 -30.55
CA GLN C 441 -37.92 -14.73 -29.38
C GLN C 441 -37.29 -13.88 -28.27
N GLY C 442 -37.03 -12.60 -28.55
CA GLY C 442 -36.59 -11.66 -27.53
C GLY C 442 -35.15 -11.17 -27.75
N GLY C 443 -34.59 -11.49 -28.92
CA GLY C 443 -33.21 -11.18 -29.25
C GLY C 443 -32.23 -12.12 -28.55
N LEU C 444 -31.02 -12.24 -29.12
CA LEU C 444 -29.95 -12.92 -28.42
C LEU C 444 -28.61 -12.31 -28.81
N LEU C 445 -27.85 -11.90 -27.78
CA LEU C 445 -26.55 -11.25 -27.93
C LEU C 445 -26.67 -10.02 -28.83
N GLY C 446 -27.78 -9.28 -28.71
CA GLY C 446 -27.92 -7.99 -29.35
C GLY C 446 -28.49 -8.09 -30.76
N VAL C 447 -28.69 -9.33 -31.27
CA VAL C 447 -29.25 -9.53 -32.59
C VAL C 447 -30.68 -8.99 -32.61
N GLY C 448 -31.59 -9.55 -31.80
CA GLY C 448 -32.88 -8.92 -31.54
C GLY C 448 -32.72 -7.63 -30.74
N GLU C 449 -32.00 -7.73 -29.60
CA GLU C 449 -31.77 -6.62 -28.68
C GLU C 449 -30.87 -7.08 -27.52
N SER C 456 -20.74 3.31 -32.54
CA SER C 456 -19.89 2.62 -31.52
C SER C 456 -18.67 1.97 -32.17
N ASN C 457 -18.68 1.69 -33.50
CA ASN C 457 -17.55 1.17 -34.25
C ASN C 457 -16.25 1.88 -33.88
N LEU C 458 -15.19 1.12 -33.57
CA LEU C 458 -13.94 1.71 -33.16
C LEU C 458 -13.40 2.63 -34.24
N TRP C 459 -13.35 2.16 -35.49
CA TRP C 459 -12.95 3.02 -36.59
C TRP C 459 -14.14 3.88 -37.02
N THR C 460 -13.97 5.20 -36.89
CA THR C 460 -14.94 6.19 -37.30
C THR C 460 -14.77 6.48 -38.79
N SER C 461 -15.77 7.18 -39.39
CA SER C 461 -15.68 7.58 -40.79
C SER C 461 -14.48 8.50 -41.01
N SER C 462 -14.27 9.40 -40.06
CA SER C 462 -13.14 10.30 -40.06
C SER C 462 -11.83 9.50 -40.15
N GLN C 463 -11.62 8.55 -39.25
CA GLN C 463 -10.40 7.77 -39.22
C GLN C 463 -10.27 6.92 -40.49
N LEU C 464 -11.40 6.44 -41.01
CA LEU C 464 -11.43 5.55 -42.16
C LEU C 464 -11.11 6.27 -43.47
N SER C 465 -11.11 7.60 -43.47
CA SER C 465 -10.79 8.33 -44.68
C SER C 465 -9.35 8.85 -44.65
N LEU C 466 -8.58 8.47 -43.64
CA LEU C 466 -7.15 8.76 -43.61
C LEU C 466 -6.43 7.84 -44.60
N THR C 467 -5.34 8.36 -45.19
CA THR C 467 -4.45 7.61 -46.07
C THR C 467 -3.04 7.63 -45.48
N ASN C 468 -2.12 6.94 -46.16
CA ASN C 468 -0.73 6.86 -45.75
C ASN C 468 -0.06 8.24 -45.70
N ASP C 469 -0.56 9.20 -46.50
CA ASP C 469 -0.07 10.57 -46.53
C ASP C 469 -0.35 11.29 -45.21
N ASP C 470 -1.36 10.82 -44.45
CA ASP C 470 -1.78 11.49 -43.25
C ASP C 470 -1.03 10.94 -42.03
N LEU C 471 -0.03 10.09 -42.24
CA LEU C 471 0.78 9.59 -41.13
C LEU C 471 2.01 10.47 -40.97
N ASN C 472 2.56 10.47 -39.75
CA ASN C 472 3.81 11.15 -39.48
C ASN C 472 4.90 10.48 -40.33
N PRO C 473 5.69 11.24 -41.13
CA PRO C 473 6.77 10.64 -41.93
C PRO C 473 7.83 9.87 -41.13
N ASN C 474 7.88 10.01 -39.80
CA ASN C 474 8.88 9.35 -38.98
C ASN C 474 8.58 7.84 -38.87
N VAL C 475 7.40 7.41 -39.34
CA VAL C 475 7.03 6.00 -39.31
C VAL C 475 7.51 5.28 -40.58
N ARG C 476 8.03 5.99 -41.61
CA ARG C 476 8.33 5.39 -42.91
C ARG C 476 9.44 4.35 -42.80
N ASP C 477 10.69 4.78 -42.57
CA ASP C 477 11.79 3.83 -42.43
C ASP C 477 12.56 4.18 -41.16
N PRO C 478 11.95 4.05 -39.96
CA PRO C 478 12.61 4.44 -38.73
C PRO C 478 13.89 3.62 -38.56
N ILE C 479 14.94 4.27 -38.04
CA ILE C 479 16.17 3.60 -37.65
C ILE C 479 15.99 3.13 -36.20
N VAL C 480 15.31 1.97 -36.06
CA VAL C 480 14.99 1.37 -34.78
C VAL C 480 16.24 0.67 -34.21
N LYS C 481 16.70 1.13 -33.02
CA LYS C 481 17.93 0.65 -32.41
C LYS C 481 17.65 -0.52 -31.45
N GLN C 482 18.61 -1.44 -31.36
CA GLN C 482 18.48 -2.67 -30.59
C GLN C 482 18.52 -2.37 -29.09
N LEU C 483 17.77 -3.14 -28.29
CA LEU C 483 17.60 -2.91 -26.86
C LEU C 483 18.70 -3.65 -26.09
N GLU C 484 19.21 -3.02 -25.04
CA GLU C 484 20.26 -3.58 -24.20
C GLU C 484 19.73 -4.79 -23.41
N VAL C 485 18.44 -4.72 -23.04
CA VAL C 485 17.79 -5.68 -22.14
C VAL C 485 17.61 -7.03 -22.83
N SER C 486 17.47 -7.04 -24.16
CA SER C 486 17.36 -8.25 -24.98
C SER C 486 18.55 -9.18 -24.73
N SER C 487 19.75 -8.60 -24.47
CA SER C 487 21.00 -9.34 -24.29
C SER C 487 21.41 -9.45 -22.81
N GLY C 488 20.90 -8.56 -21.96
CA GLY C 488 21.32 -8.46 -20.57
C GLY C 488 21.94 -7.09 -20.25
N ILE C 489 21.65 -6.63 -19.03
CA ILE C 489 22.04 -5.33 -18.51
C ILE C 489 23.00 -5.59 -17.35
N LYS C 490 24.03 -4.75 -17.17
CA LYS C 490 24.86 -4.75 -15.98
C LYS C 490 24.36 -3.70 -14.97
N SER D 12 -25.65 -9.46 33.57
CA SER D 12 -24.81 -10.41 34.32
C SER D 12 -23.39 -10.42 33.73
N GLY D 13 -22.43 -10.90 34.52
CA GLY D 13 -21.02 -10.58 34.34
C GLY D 13 -20.34 -11.39 33.24
N PHE D 14 -19.22 -10.85 32.75
CA PHE D 14 -18.46 -11.46 31.68
C PHE D 14 -17.98 -12.83 32.15
N ASP D 15 -17.92 -13.80 31.22
CA ASP D 15 -17.44 -15.13 31.52
C ASP D 15 -15.93 -15.20 31.32
N TYR D 16 -15.17 -14.78 32.34
CA TYR D 16 -13.72 -14.71 32.29
C TYR D 16 -13.16 -16.13 32.22
N GLU D 17 -13.76 -17.06 32.97
CA GLU D 17 -13.27 -18.44 33.05
C GLU D 17 -13.53 -19.15 31.73
N GLY D 18 -14.68 -18.87 31.10
CA GLY D 18 -15.00 -19.35 29.75
C GLY D 18 -14.00 -18.91 28.68
N LEU D 19 -13.58 -17.63 28.72
CA LEU D 19 -12.63 -17.12 27.74
C LEU D 19 -11.28 -17.84 27.87
N ILE D 20 -10.85 -18.04 29.13
CA ILE D 20 -9.56 -18.69 29.43
C ILE D 20 -9.59 -20.17 29.02
N ASP D 21 -10.68 -20.88 29.38
CA ASP D 21 -10.87 -22.29 29.03
C ASP D 21 -10.73 -22.53 27.53
N SER D 22 -11.45 -21.72 26.72
CA SER D 22 -11.44 -21.89 25.28
C SER D 22 -10.06 -21.53 24.71
N GLU D 23 -9.36 -20.57 25.34
CA GLU D 23 -8.03 -20.15 24.93
C GLU D 23 -7.02 -21.29 25.15
N LEU D 24 -7.13 -21.98 26.29
CA LEU D 24 -6.30 -23.13 26.65
C LEU D 24 -6.62 -24.34 25.76
N GLN D 25 -7.88 -24.45 25.34
CA GLN D 25 -8.34 -25.54 24.49
C GLN D 25 -7.78 -25.39 23.07
N LYS D 26 -7.56 -24.18 22.58
CA LYS D 26 -6.95 -23.94 21.27
C LYS D 26 -5.51 -24.47 21.24
N LYS D 27 -4.82 -24.35 22.39
CA LYS D 27 -3.46 -24.88 22.53
C LYS D 27 -3.46 -26.41 22.44
N ARG D 28 -4.45 -27.06 23.06
CA ARG D 28 -4.56 -28.52 23.08
C ARG D 28 -4.97 -29.07 21.71
N LEU D 29 -5.94 -28.43 21.05
CA LEU D 29 -6.42 -28.85 19.74
C LEU D 29 -5.35 -28.68 18.66
N ASP D 30 -4.60 -27.57 18.68
CA ASP D 30 -3.52 -27.32 17.71
C ASP D 30 -2.23 -28.04 18.15
N LYS D 31 -2.21 -28.59 19.37
CA LYS D 31 -1.20 -29.53 19.85
C LYS D 31 0.13 -28.81 20.10
N SER D 32 0.07 -27.52 20.46
CA SER D 32 1.23 -26.75 20.86
C SER D 32 1.25 -26.54 22.37
N TYR D 33 0.26 -27.14 23.08
CA TYR D 33 0.22 -27.10 24.54
C TYR D 33 1.40 -27.91 25.10
N ARG D 34 2.25 -27.22 25.89
CA ARG D 34 3.57 -27.72 26.26
C ARG D 34 3.52 -28.39 27.64
N TYR D 35 4.26 -29.51 27.74
CA TYR D 35 4.53 -30.19 29.00
C TYR D 35 6.02 -30.05 29.26
N PHE D 36 6.37 -29.36 30.36
CA PHE D 36 7.76 -29.10 30.70
C PHE D 36 8.34 -30.36 31.34
N ASN D 37 9.62 -30.64 31.03
CA ASN D 37 10.34 -31.77 31.60
C ASN D 37 11.08 -31.35 32.87
N ASN D 38 10.97 -32.20 33.91
CA ASN D 38 11.72 -32.04 35.15
C ASN D 38 13.19 -32.41 34.87
N ILE D 39 14.03 -31.38 34.68
CA ILE D 39 15.42 -31.55 34.30
C ILE D 39 16.29 -30.84 35.34
N ASN D 40 17.06 -31.64 36.07
CA ASN D 40 17.88 -31.17 37.18
C ASN D 40 19.36 -31.35 36.82
N ARG D 41 19.95 -30.29 36.27
CA ARG D 41 21.27 -30.35 35.66
C ARG D 41 22.32 -30.48 36.77
N LEU D 42 23.27 -31.40 36.56
CA LEU D 42 24.24 -31.78 37.58
C LEU D 42 25.58 -31.12 37.23
N ALA D 43 25.97 -30.15 38.08
CA ALA D 43 27.22 -29.42 37.98
C ALA D 43 28.44 -30.33 37.98
N LYS D 44 28.39 -31.40 38.80
CA LYS D 44 29.52 -32.30 38.95
C LYS D 44 29.57 -33.35 37.85
N GLU D 45 28.57 -33.41 36.97
CA GLU D 45 28.48 -34.50 36.01
C GLU D 45 27.98 -33.98 34.66
N PHE D 46 28.39 -32.77 34.25
CA PHE D 46 27.91 -32.16 33.03
C PHE D 46 28.21 -33.10 31.84
N PRO D 47 27.31 -33.33 30.84
CA PRO D 47 25.99 -32.71 30.73
C PRO D 47 24.81 -33.56 31.17
N LEU D 48 24.99 -34.31 32.25
CA LEU D 48 23.92 -35.13 32.81
C LEU D 48 22.95 -34.25 33.61
N ALA D 49 21.73 -34.78 33.74
CA ALA D 49 20.68 -34.22 34.58
C ALA D 49 19.88 -35.38 35.14
N HIS D 50 19.20 -35.17 36.26
CA HIS D 50 18.25 -36.16 36.73
C HIS D 50 16.84 -35.62 36.55
N ARG D 51 15.87 -36.55 36.52
CA ARG D 51 14.47 -36.20 36.42
C ARG D 51 13.90 -36.13 37.84
N GLN D 52 12.69 -36.66 38.06
CA GLN D 52 12.03 -36.63 39.36
C GLN D 52 12.95 -37.26 40.41
N ARG D 53 13.45 -38.47 40.12
CA ARG D 53 14.32 -39.18 41.04
C ARG D 53 15.77 -38.87 40.68
N GLU D 54 16.64 -38.79 41.71
CA GLU D 54 18.04 -38.51 41.53
C GLU D 54 18.72 -39.59 40.68
N ALA D 55 18.24 -40.83 40.83
CA ALA D 55 18.82 -42.01 40.19
C ALA D 55 18.49 -42.06 38.71
N ASP D 56 17.47 -41.31 38.26
CA ASP D 56 17.01 -41.36 36.88
C ASP D 56 17.68 -40.24 36.06
N LYS D 57 18.80 -40.56 35.41
CA LYS D 57 19.66 -39.58 34.76
C LYS D 57 19.51 -39.64 33.23
N VAL D 58 19.70 -38.47 32.59
CA VAL D 58 19.67 -38.35 31.14
C VAL D 58 20.84 -37.46 30.72
N THR D 59 21.20 -37.48 29.46
CA THR D 59 22.18 -36.56 28.91
C THR D 59 21.45 -35.43 28.20
N VAL D 60 21.78 -34.21 28.61
CA VAL D 60 21.13 -33.03 28.07
C VAL D 60 21.88 -32.59 26.81
N TRP D 61 21.11 -32.46 25.72
CA TRP D 61 21.63 -32.12 24.41
C TRP D 61 20.93 -30.92 23.79
N CYS D 62 20.15 -30.18 24.59
CA CYS D 62 19.39 -29.06 24.06
C CYS D 62 19.46 -27.84 25.00
N SER D 63 20.44 -27.83 25.90
CA SER D 63 20.69 -26.70 26.79
C SER D 63 21.34 -25.57 26.00
N ASN D 64 21.13 -24.34 26.49
CA ASN D 64 21.77 -23.18 25.92
C ASN D 64 22.96 -22.74 26.79
N ASP D 65 23.36 -23.62 27.71
CA ASP D 65 24.60 -23.47 28.45
C ASP D 65 25.76 -23.85 27.51
N TYR D 66 25.99 -23.01 26.51
CA TYR D 66 26.68 -23.39 25.29
C TYR D 66 28.14 -23.75 25.53
N LEU D 67 28.79 -23.17 26.55
CA LEU D 67 30.20 -23.41 26.85
C LEU D 67 30.37 -24.21 28.14
N ALA D 68 29.27 -24.68 28.74
CA ALA D 68 29.26 -25.46 29.98
C ALA D 68 29.79 -24.65 31.16
N LEU D 69 29.67 -23.32 31.10
CA LEU D 69 30.27 -22.46 32.11
C LEU D 69 29.36 -22.35 33.34
N SER D 70 28.10 -22.86 33.26
CA SER D 70 27.19 -22.81 34.40
C SER D 70 27.76 -23.56 35.60
N LYS D 71 28.68 -24.50 35.34
CA LYS D 71 29.21 -25.35 36.40
C LYS D 71 30.72 -25.19 36.52
N HIS D 72 31.30 -24.15 35.87
CA HIS D 72 32.75 -23.99 35.89
C HIS D 72 33.20 -23.62 37.30
N PRO D 73 34.29 -24.22 37.83
CA PRO D 73 34.75 -23.92 39.19
C PRO D 73 34.97 -22.43 39.47
N GLU D 74 35.45 -21.65 38.49
CA GLU D 74 35.69 -20.23 38.72
C GLU D 74 34.36 -19.47 38.83
N VAL D 75 33.32 -19.96 38.14
CA VAL D 75 31.97 -19.39 38.23
C VAL D 75 31.37 -19.68 39.59
N LEU D 76 31.45 -20.96 40.01
CA LEU D 76 30.86 -21.40 41.27
C LEU D 76 31.59 -20.73 42.44
N ASP D 77 32.91 -20.64 42.33
CA ASP D 77 33.74 -20.05 43.38
C ASP D 77 33.42 -18.56 43.55
N ALA D 78 33.23 -17.86 42.43
CA ALA D 78 32.85 -16.46 42.42
C ALA D 78 31.50 -16.28 43.13
N MET D 79 30.57 -17.20 42.85
CA MET D 79 29.26 -17.17 43.48
C MET D 79 29.39 -17.38 44.98
N HIS D 80 30.08 -18.44 45.40
CA HIS D 80 30.20 -18.79 46.80
C HIS D 80 30.79 -17.62 47.59
N LYS D 81 31.88 -17.02 47.09
CA LYS D 81 32.55 -15.92 47.79
C LYS D 81 31.63 -14.69 47.85
N THR D 82 30.89 -14.42 46.78
CA THR D 82 30.03 -13.25 46.73
C THR D 82 28.86 -13.40 47.71
N ILE D 83 28.28 -14.60 47.78
CA ILE D 83 27.20 -14.92 48.70
C ILE D 83 27.65 -14.71 50.15
N ASP D 84 28.87 -15.12 50.49
CA ASP D 84 29.38 -14.97 51.84
C ASP D 84 29.51 -13.50 52.24
N LYS D 85 29.78 -12.63 51.26
CA LYS D 85 30.04 -11.24 51.55
C LYS D 85 28.76 -10.41 51.45
N TYR D 86 27.97 -10.65 50.38
CA TYR D 86 26.85 -9.80 50.01
C TYR D 86 25.50 -10.38 50.41
N GLY D 87 25.45 -11.71 50.62
CA GLY D 87 24.19 -12.42 50.77
C GLY D 87 23.63 -12.85 49.42
N CYS D 88 22.30 -13.02 49.38
CA CYS D 88 21.58 -13.47 48.20
C CYS D 88 21.11 -12.26 47.38
N GLY D 89 20.02 -11.62 47.80
CA GLY D 89 19.45 -10.50 47.04
C GLY D 89 20.27 -9.22 47.09
N ALA D 90 20.15 -8.42 46.03
CA ALA D 90 20.70 -7.07 45.95
C ALA D 90 20.11 -6.16 47.02
N GLY D 91 18.83 -6.38 47.33
CA GLY D 91 18.15 -5.64 48.38
C GLY D 91 17.60 -4.28 47.92
N GLY D 92 17.59 -4.05 46.61
CA GLY D 92 16.97 -2.85 46.06
C GLY D 92 17.19 -2.75 44.54
N THR D 93 16.76 -1.59 44.01
CA THR D 93 16.99 -1.21 42.62
C THR D 93 18.31 -0.44 42.51
N ARG D 94 18.77 -0.22 41.27
CA ARG D 94 20.03 0.48 41.04
C ARG D 94 20.01 1.87 41.70
N ASN D 95 18.84 2.53 41.69
CA ASN D 95 18.70 3.83 42.28
C ASN D 95 18.79 3.76 43.80
N ILE D 96 18.20 2.71 44.40
CA ILE D 96 18.05 2.66 45.85
C ILE D 96 18.67 1.37 46.38
N ALA D 97 19.96 1.42 46.75
CA ALA D 97 20.63 0.42 47.57
C ALA D 97 21.05 -0.81 46.79
N GLY D 98 20.76 -0.85 45.48
CA GLY D 98 21.06 -1.99 44.64
C GLY D 98 22.09 -1.69 43.55
N HIS D 99 22.98 -0.72 43.80
CA HIS D 99 24.12 -0.42 42.94
C HIS D 99 25.42 -0.68 43.72
N ASN D 100 26.37 -1.42 43.10
CA ASN D 100 27.42 -2.11 43.85
C ASN D 100 28.58 -2.55 42.93
N ILE D 101 29.65 -3.08 43.53
CA ILE D 101 30.89 -3.38 42.82
C ILE D 101 30.69 -4.53 41.83
N PRO D 102 30.01 -5.63 42.18
CA PRO D 102 29.68 -6.68 41.21
C PRO D 102 28.96 -6.16 39.96
N THR D 103 28.06 -5.19 40.15
CA THR D 103 27.35 -4.55 39.04
C THR D 103 28.33 -3.78 38.16
N LEU D 104 29.18 -2.98 38.81
CA LEU D 104 30.17 -2.17 38.11
C LEU D 104 31.16 -3.06 37.33
N ASN D 105 31.65 -4.12 37.97
CA ASN D 105 32.60 -5.02 37.31
C ASN D 105 31.98 -5.70 36.10
N LEU D 106 30.72 -6.10 36.19
CA LEU D 106 30.04 -6.83 35.12
C LEU D 106 29.81 -5.91 33.93
N GLU D 107 29.29 -4.70 34.18
CA GLU D 107 29.05 -3.76 33.09
C GLU D 107 30.38 -3.42 32.42
N ALA D 108 31.45 -3.26 33.20
CA ALA D 108 32.76 -2.96 32.65
C ALA D 108 33.26 -4.13 31.80
N GLU D 109 33.02 -5.36 32.23
CA GLU D 109 33.47 -6.53 31.50
C GLU D 109 32.79 -6.66 30.15
N LEU D 110 31.49 -6.35 30.12
CA LEU D 110 30.70 -6.45 28.90
C LEU D 110 31.11 -5.38 27.89
N ALA D 111 31.36 -4.16 28.37
CA ALA D 111 31.83 -3.06 27.55
C ALA D 111 33.19 -3.39 26.96
N THR D 112 34.06 -3.98 27.77
CA THR D 112 35.37 -4.44 27.33
C THR D 112 35.23 -5.50 26.24
N LEU D 113 34.30 -6.45 26.42
CA LEU D 113 34.10 -7.56 25.49
C LEU D 113 33.74 -7.06 24.09
N HIS D 114 32.80 -6.12 24.04
CA HIS D 114 32.29 -5.58 22.80
C HIS D 114 33.10 -4.36 22.37
N LYS D 115 34.13 -3.98 23.16
CA LYS D 115 35.00 -2.85 22.88
C LYS D 115 34.18 -1.59 22.66
N LYS D 116 33.20 -1.37 23.54
CA LYS D 116 32.31 -0.21 23.53
C LYS D 116 32.62 0.67 24.73
N GLU D 117 32.12 1.90 24.65
CA GLU D 117 32.25 2.88 25.72
C GLU D 117 31.50 2.42 26.97
N GLY D 118 30.31 1.80 26.78
CA GLY D 118 29.49 1.42 27.91
C GLY D 118 28.69 0.15 27.68
N ALA D 119 28.19 -0.41 28.80
CA ALA D 119 27.20 -1.49 28.80
C ALA D 119 26.28 -1.33 30.00
N LEU D 120 25.05 -1.82 29.87
CA LEU D 120 24.02 -1.68 30.90
C LEU D 120 23.37 -3.05 31.07
N VAL D 121 23.30 -3.49 32.33
CA VAL D 121 22.75 -4.79 32.67
C VAL D 121 21.28 -4.62 33.05
N PHE D 122 20.46 -5.57 32.57
CA PHE D 122 19.04 -5.67 32.85
C PHE D 122 18.76 -7.05 33.47
N SER D 123 17.52 -7.23 33.97
CA SER D 123 17.04 -8.50 34.51
C SER D 123 17.28 -9.68 33.58
N SER D 124 17.10 -9.43 32.28
CA SER D 124 17.10 -10.46 31.26
C SER D 124 17.35 -9.79 29.90
N CYS D 125 17.75 -10.53 28.87
CA CYS D 125 17.85 -9.94 27.55
C CYS D 125 16.44 -9.69 27.00
N TYR D 126 15.43 -10.46 27.44
CA TYR D 126 14.07 -10.14 27.04
C TYR D 126 13.75 -8.70 27.41
N VAL D 127 14.10 -8.33 28.65
CA VAL D 127 13.83 -7.00 29.20
C VAL D 127 14.71 -5.94 28.52
N ALA D 128 15.99 -6.29 28.26
CA ALA D 128 16.90 -5.39 27.58
C ALA D 128 16.36 -4.99 26.22
N ASN D 129 15.97 -6.01 25.43
CA ASN D 129 15.48 -5.83 24.06
C ASN D 129 14.22 -4.98 24.11
N ASP D 130 13.30 -5.29 25.03
CA ASP D 130 12.05 -4.57 25.15
C ASP D 130 12.31 -3.10 25.50
N ALA D 131 13.22 -2.87 26.45
CA ALA D 131 13.51 -1.53 26.97
C ALA D 131 14.11 -0.64 25.88
N VAL D 132 15.11 -1.15 25.16
CA VAL D 132 15.83 -0.37 24.17
C VAL D 132 14.89 -0.02 23.01
N LEU D 133 14.19 -1.03 22.49
CA LEU D 133 13.31 -0.87 21.36
C LEU D 133 12.12 0.02 21.72
N SER D 134 11.54 -0.16 22.91
CA SER D 134 10.43 0.66 23.38
C SER D 134 10.81 2.13 23.41
N LEU D 135 12.00 2.42 23.93
CA LEU D 135 12.44 3.78 24.21
C LEU D 135 12.73 4.49 22.90
N LEU D 136 13.43 3.81 21.99
CA LEU D 136 13.77 4.38 20.70
C LEU D 136 12.51 4.83 19.98
N GLY D 137 11.50 3.95 19.92
CA GLY D 137 10.23 4.24 19.27
C GLY D 137 9.40 5.28 20.00
N GLN D 138 9.51 5.31 21.33
CA GLN D 138 8.71 6.23 22.12
C GLN D 138 9.31 7.63 22.06
N LYS D 139 10.60 7.74 21.74
CA LYS D 139 11.27 9.03 21.70
C LYS D 139 11.51 9.51 20.27
N MET D 140 11.37 8.63 19.29
CA MET D 140 11.33 9.01 17.88
C MET D 140 10.09 8.38 17.25
N LYS D 141 8.97 9.11 17.26
CA LYS D 141 7.69 8.60 16.81
C LYS D 141 7.68 8.43 15.30
N ASP D 142 8.59 9.12 14.61
CA ASP D 142 8.78 9.06 13.18
C ASP D 142 9.71 7.90 12.77
N LEU D 143 10.20 7.12 13.73
CA LEU D 143 11.17 6.06 13.45
C LEU D 143 10.48 4.98 12.62
N VAL D 144 11.25 4.42 11.68
CA VAL D 144 10.81 3.26 10.93
C VAL D 144 11.76 2.10 11.24
N ILE D 145 11.18 1.00 11.72
CA ILE D 145 11.95 -0.17 12.11
C ILE D 145 11.85 -1.20 10.99
N PHE D 146 13.01 -1.74 10.61
CA PHE D 146 13.13 -2.79 9.62
C PHE D 146 13.59 -4.04 10.38
N SER D 147 12.72 -5.04 10.38
CA SER D 147 12.84 -6.19 11.27
C SER D 147 12.82 -7.48 10.45
N ASP D 148 13.83 -8.32 10.73
CA ASP D 148 13.97 -9.61 10.10
C ASP D 148 12.79 -10.47 10.53
N GLU D 149 12.22 -11.21 9.57
CA GLU D 149 11.00 -11.95 9.87
C GLU D 149 11.25 -12.97 10.98
N LEU D 150 12.48 -13.44 11.19
CA LEU D 150 12.72 -14.49 12.17
C LEU D 150 13.26 -13.95 13.50
N ASN D 151 13.09 -12.65 13.75
CA ASN D 151 13.47 -12.05 15.02
C ASN D 151 12.71 -12.69 16.18
N HIS D 152 13.42 -12.83 17.30
CA HIS D 152 12.92 -13.39 18.56
C HIS D 152 11.68 -12.63 19.08
N ALA D 153 10.87 -13.30 19.90
CA ALA D 153 9.68 -12.72 20.50
C ALA D 153 9.99 -11.45 21.26
N SER D 154 11.11 -11.40 21.99
CA SER D 154 11.52 -10.22 22.76
C SER D 154 11.62 -8.97 21.88
N MET D 155 12.19 -9.15 20.68
CA MET D 155 12.37 -8.06 19.73
C MET D 155 11.02 -7.69 19.09
N ILE D 156 10.22 -8.69 18.77
CA ILE D 156 8.90 -8.47 18.19
C ILE D 156 8.07 -7.62 19.15
N VAL D 157 8.09 -7.99 20.43
CA VAL D 157 7.33 -7.34 21.49
C VAL D 157 7.88 -5.93 21.71
N GLY D 158 9.21 -5.78 21.79
CA GLY D 158 9.83 -4.47 21.83
C GLY D 158 9.41 -3.57 20.65
N ILE D 159 9.35 -4.13 19.43
CA ILE D 159 8.98 -3.37 18.26
C ILE D 159 7.51 -2.95 18.29
N LYS D 160 6.61 -3.84 18.74
CA LYS D 160 5.22 -3.49 18.98
C LYS D 160 5.14 -2.35 20.01
N HIS D 161 5.82 -2.49 21.14
CA HIS D 161 5.82 -1.50 22.20
C HIS D 161 6.35 -0.15 21.73
N ALA D 162 7.37 -0.15 20.86
CA ALA D 162 7.94 1.07 20.28
C ALA D 162 6.83 1.90 19.63
N ASN D 163 5.88 1.20 19.01
CA ASN D 163 4.63 1.79 18.53
C ASN D 163 4.96 2.77 17.41
N VAL D 164 5.67 2.27 16.38
CA VAL D 164 6.14 3.05 15.25
C VAL D 164 5.90 2.21 13.99
N LYS D 165 6.12 2.82 12.81
CA LYS D 165 6.00 2.09 11.56
C LYS D 165 7.10 1.02 11.50
N LYS D 166 6.71 -0.20 11.06
CA LYS D 166 7.62 -1.32 10.96
C LYS D 166 7.48 -1.98 9.59
N HIS D 167 8.62 -2.41 9.03
CA HIS D 167 8.62 -3.26 7.85
C HIS D 167 9.32 -4.56 8.20
N ILE D 168 8.71 -5.69 7.84
CA ILE D 168 9.34 -6.98 8.03
C ILE D 168 9.98 -7.43 6.72
N PHE D 169 11.28 -7.75 6.73
CA PHE D 169 11.92 -8.26 5.53
C PHE D 169 12.10 -9.76 5.62
N LYS D 170 11.97 -10.44 4.46
CA LYS D 170 12.22 -11.87 4.37
C LYS D 170 13.59 -12.19 5.00
N HIS D 171 13.65 -13.34 5.66
CA HIS D 171 14.78 -13.72 6.48
C HIS D 171 16.10 -13.60 5.71
N ASN D 172 16.99 -12.74 6.22
CA ASN D 172 18.35 -12.57 5.75
C ASN D 172 18.38 -12.05 4.31
N ASP D 173 17.29 -11.46 3.84
CA ASP D 173 17.17 -11.03 2.46
C ASP D 173 17.50 -9.54 2.40
N LEU D 174 18.77 -9.22 2.06
CA LEU D 174 19.28 -7.86 2.14
C LEU D 174 18.99 -7.10 0.85
N ASN D 175 18.54 -7.80 -0.20
CA ASN D 175 18.00 -7.17 -1.39
C ASN D 175 16.65 -6.53 -1.04
N GLU D 176 15.78 -7.31 -0.36
CA GLU D 176 14.48 -6.79 0.05
C GLU D 176 14.68 -5.68 1.09
N LEU D 177 15.64 -5.84 2.00
CA LEU D 177 15.90 -4.81 3.00
C LEU D 177 16.34 -3.52 2.32
N GLU D 178 17.23 -3.62 1.32
CA GLU D 178 17.71 -2.45 0.62
C GLU D 178 16.56 -1.75 -0.09
N GLN D 179 15.64 -2.52 -0.70
CA GLN D 179 14.54 -1.91 -1.43
C GLN D 179 13.61 -1.16 -0.48
N LEU D 180 13.45 -1.67 0.75
CA LEU D 180 12.64 -1.02 1.77
C LEU D 180 13.31 0.26 2.25
N LEU D 181 14.61 0.17 2.51
CA LEU D 181 15.39 1.30 3.00
C LEU D 181 15.39 2.43 1.98
N GLN D 182 15.54 2.06 0.71
CA GLN D 182 15.62 2.97 -0.43
C GLN D 182 14.33 3.74 -0.63
N SER D 183 13.18 3.24 -0.17
CA SER D 183 11.91 3.89 -0.49
C SER D 183 11.60 5.01 0.51
N TYR D 184 12.57 5.32 1.38
CA TYR D 184 12.49 6.45 2.30
C TYR D 184 13.66 7.40 2.03
N PRO D 185 13.48 8.73 2.20
CA PRO D 185 14.61 9.65 2.25
C PRO D 185 15.60 9.26 3.35
N LYS D 186 16.86 9.61 3.16
CA LYS D 186 17.95 9.31 4.08
C LYS D 186 17.68 9.93 5.46
N SER D 187 17.07 11.12 5.47
CA SER D 187 16.89 11.88 6.69
C SER D 187 15.76 11.33 7.56
N VAL D 188 14.99 10.34 7.07
CA VAL D 188 14.03 9.67 7.92
C VAL D 188 14.79 8.82 8.93
N PRO D 189 14.46 8.89 10.25
CA PRO D 189 15.09 8.02 11.24
C PRO D 189 14.68 6.57 11.03
N LYS D 190 15.65 5.67 11.06
CA LYS D 190 15.42 4.27 10.75
C LYS D 190 16.21 3.39 11.72
N LEU D 191 15.68 2.19 11.99
CA LEU D 191 16.37 1.21 12.80
C LEU D 191 16.31 -0.15 12.12
N ILE D 192 17.46 -0.79 11.96
CA ILE D 192 17.49 -2.16 11.46
C ILE D 192 17.72 -3.08 12.67
N ALA D 193 16.74 -3.95 12.92
CA ALA D 193 16.76 -4.84 14.08
C ALA D 193 16.90 -6.27 13.58
N PHE D 194 17.93 -6.97 14.09
CA PHE D 194 18.25 -8.30 13.62
C PHE D 194 19.09 -9.03 14.67
N GLU D 195 19.23 -10.34 14.47
CA GLU D 195 20.08 -11.18 15.27
C GLU D 195 21.31 -11.60 14.45
N SER D 196 22.38 -11.95 15.16
CA SER D 196 23.57 -12.49 14.53
C SER D 196 23.34 -13.95 14.14
N VAL D 197 22.90 -14.75 15.12
CA VAL D 197 22.62 -16.17 14.95
C VAL D 197 21.18 -16.43 15.37
N TYR D 198 20.41 -17.02 14.45
CA TYR D 198 19.01 -17.36 14.68
C TYR D 198 18.96 -18.81 15.17
N SER D 199 18.35 -19.00 16.34
CA SER D 199 18.54 -20.20 17.15
C SER D 199 17.82 -21.41 16.57
N MET D 200 16.77 -21.23 15.78
CA MET D 200 15.92 -22.37 15.45
C MET D 200 16.45 -23.10 14.22
N ALA D 201 17.18 -22.39 13.34
CA ALA D 201 17.85 -23.13 12.28
C ALA D 201 19.34 -22.78 12.17
N GLY D 202 19.86 -21.88 13.00
CA GLY D 202 21.30 -21.68 13.06
C GLY D 202 21.84 -20.78 11.96
N SER D 203 20.95 -20.06 11.25
CA SER D 203 21.38 -19.14 10.20
C SER D 203 22.04 -17.91 10.80
N VAL D 204 22.88 -17.26 9.99
CA VAL D 204 23.71 -16.17 10.45
C VAL D 204 23.47 -14.94 9.57
N ALA D 205 23.46 -13.75 10.18
CA ALA D 205 23.28 -12.51 9.44
C ALA D 205 24.61 -12.05 8.87
N ASP D 206 24.53 -11.37 7.72
CA ASP D 206 25.65 -10.62 7.17
C ASP D 206 25.68 -9.25 7.81
N ILE D 207 26.27 -9.19 9.00
CA ILE D 207 26.27 -7.98 9.81
C ILE D 207 26.97 -6.87 9.05
N GLU D 208 28.05 -7.20 8.32
CA GLU D 208 28.82 -6.16 7.64
C GLU D 208 27.98 -5.48 6.56
N LYS D 209 27.28 -6.26 5.74
CA LYS D 209 26.47 -5.72 4.67
C LYS D 209 25.34 -4.87 5.27
N ILE D 210 24.78 -5.28 6.42
CA ILE D 210 23.73 -4.50 7.04
C ILE D 210 24.28 -3.15 7.53
N CYS D 211 25.50 -3.14 8.08
CA CYS D 211 26.13 -1.89 8.51
C CYS D 211 26.35 -0.96 7.31
N ASP D 212 26.71 -1.55 6.16
CA ASP D 212 26.91 -0.80 4.92
C ASP D 212 25.58 -0.16 4.48
N LEU D 213 24.48 -0.92 4.56
CA LEU D 213 23.16 -0.44 4.21
C LEU D 213 22.72 0.66 5.18
N ALA D 214 23.06 0.52 6.47
CA ALA D 214 22.73 1.52 7.47
C ALA D 214 23.46 2.83 7.16
N ASP D 215 24.74 2.75 6.78
CA ASP D 215 25.52 3.93 6.41
C ASP D 215 24.89 4.65 5.24
N LYS D 216 24.51 3.88 4.22
CA LYS D 216 24.02 4.41 2.96
C LYS D 216 22.63 5.04 3.14
N TYR D 217 21.78 4.47 3.99
CA TYR D 217 20.39 4.93 4.08
C TYR D 217 20.10 5.56 5.43
N GLY D 218 21.11 5.77 6.26
CA GLY D 218 20.98 6.59 7.46
C GLY D 218 20.14 5.92 8.57
N ALA D 219 20.47 4.67 8.88
CA ALA D 219 19.76 3.89 9.90
C ALA D 219 20.69 3.60 11.08
N LEU D 220 20.12 3.51 12.27
CA LEU D 220 20.71 2.82 13.40
C LEU D 220 20.65 1.32 13.20
N THR D 221 21.60 0.62 13.85
CA THR D 221 21.59 -0.85 13.89
C THR D 221 21.40 -1.33 15.32
N PHE D 222 20.49 -2.31 15.46
CA PHE D 222 20.23 -3.02 16.70
C PHE D 222 20.46 -4.51 16.47
N LEU D 223 21.47 -5.05 17.18
CA LEU D 223 21.96 -6.39 16.94
C LEU D 223 21.82 -7.24 18.20
N ASP D 224 21.07 -8.33 18.08
CA ASP D 224 20.94 -9.31 19.15
C ASP D 224 21.93 -10.46 18.90
N GLU D 225 22.94 -10.54 19.77
CA GLU D 225 24.00 -11.55 19.70
C GLU D 225 23.82 -12.61 20.79
N VAL D 226 22.58 -12.90 21.18
CA VAL D 226 22.27 -13.76 22.31
C VAL D 226 22.79 -15.19 22.06
N HIS D 227 22.65 -15.70 20.83
CA HIS D 227 23.12 -17.04 20.50
C HIS D 227 24.52 -17.02 19.91
N ALA D 228 25.27 -15.92 20.11
CA ALA D 228 26.60 -15.77 19.52
C ALA D 228 27.66 -15.40 20.56
N VAL D 229 27.30 -14.67 21.62
CA VAL D 229 28.30 -14.28 22.60
C VAL D 229 28.82 -15.52 23.30
N GLY D 230 30.14 -15.54 23.49
CA GLY D 230 30.85 -16.70 24.00
C GLY D 230 31.41 -17.58 22.88
N LEU D 231 30.80 -17.49 21.68
CA LEU D 231 30.87 -18.55 20.67
C LEU D 231 31.62 -18.11 19.41
N TYR D 232 31.56 -16.83 19.06
CA TYR D 232 32.14 -16.33 17.82
C TYR D 232 33.13 -15.21 18.14
N GLY D 233 34.06 -14.94 17.20
CA GLY D 233 35.18 -14.05 17.44
C GLY D 233 36.24 -14.77 18.26
N PRO D 234 37.51 -14.29 18.28
CA PRO D 234 38.56 -14.95 19.05
C PRO D 234 38.30 -14.93 20.56
N HIS D 235 37.49 -13.97 21.02
CA HIS D 235 37.28 -13.73 22.45
C HIS D 235 35.83 -13.98 22.84
N GLY D 236 35.01 -14.49 21.92
CA GLY D 236 33.61 -14.76 22.20
C GLY D 236 32.74 -13.49 22.26
N ALA D 237 33.14 -12.42 21.58
CA ALA D 237 32.36 -11.19 21.59
C ALA D 237 31.22 -11.25 20.59
N GLY D 238 31.20 -12.30 19.75
CA GLY D 238 30.08 -12.56 18.86
C GLY D 238 30.48 -12.53 17.40
N VAL D 239 29.46 -12.62 16.53
CA VAL D 239 29.66 -12.67 15.08
C VAL D 239 30.22 -11.33 14.60
N ALA D 240 29.83 -10.23 15.26
CA ALA D 240 30.35 -8.92 14.91
C ALA D 240 31.88 -8.91 15.05
N GLU D 241 32.38 -9.56 16.10
CA GLU D 241 33.83 -9.68 16.31
C GLU D 241 34.43 -10.61 15.24
N HIS D 242 33.71 -11.70 14.92
CA HIS D 242 34.17 -12.68 13.95
C HIS D 242 34.39 -12.03 12.57
N CYS D 243 33.63 -10.99 12.25
CA CYS D 243 33.77 -10.24 11.02
C CYS D 243 35.17 -9.63 10.85
N ASP D 244 35.83 -9.31 11.97
CA ASP D 244 37.21 -8.79 11.93
C ASP D 244 38.07 -9.65 12.83
N PHE D 245 38.04 -10.97 12.55
CA PHE D 245 38.58 -11.97 13.45
C PHE D 245 40.05 -11.69 13.73
N GLU D 246 40.80 -11.43 12.65
CA GLU D 246 42.25 -11.34 12.75
C GLU D 246 42.69 -10.03 13.39
N SER D 247 42.02 -8.92 13.06
CA SER D 247 42.23 -7.63 13.70
C SER D 247 42.00 -7.75 15.20
N HIS D 248 40.87 -8.34 15.60
CA HIS D 248 40.55 -8.49 17.01
C HIS D 248 41.54 -9.42 17.69
N ARG D 249 41.90 -10.53 17.03
CA ARG D 249 42.83 -11.47 17.64
C ARG D 249 44.17 -10.79 17.92
N ALA D 250 44.70 -10.02 16.95
CA ALA D 250 45.98 -9.35 17.11
C ALA D 250 45.92 -8.34 18.25
N SER D 251 44.84 -7.55 18.34
CA SER D 251 44.74 -6.45 19.29
C SER D 251 44.30 -6.93 20.66
N GLY D 252 43.74 -8.13 20.77
CA GLY D 252 43.24 -8.64 22.03
C GLY D 252 42.06 -7.82 22.58
N ILE D 253 42.28 -7.20 23.75
CA ILE D 253 41.22 -6.43 24.39
C ILE D 253 41.23 -5.00 23.85
N ALA D 254 42.34 -4.55 23.26
CA ALA D 254 42.40 -3.20 22.70
C ALA D 254 41.56 -3.12 21.41
N THR D 255 41.09 -1.91 21.13
CA THR D 255 40.55 -1.57 19.82
C THR D 255 41.63 -1.76 18.77
N PRO D 256 41.38 -2.51 17.67
CA PRO D 256 42.38 -2.69 16.63
C PRO D 256 42.70 -1.41 15.88
N LYS D 257 43.93 -1.32 15.37
CA LYS D 257 44.37 -0.18 14.58
C LYS D 257 43.52 -0.07 13.31
N THR D 258 43.19 -1.22 12.72
CA THR D 258 42.41 -1.30 11.50
C THR D 258 41.46 -2.50 11.61
N ASN D 259 40.44 -2.51 10.75
CA ASN D 259 39.57 -3.67 10.58
C ASN D 259 40.26 -4.65 9.62
N ASP D 260 39.60 -5.77 9.29
CA ASP D 260 40.21 -6.86 8.53
C ASP D 260 40.42 -6.46 7.06
N LYS D 261 39.89 -5.31 6.62
CA LYS D 261 40.12 -4.83 5.26
C LYS D 261 41.10 -3.67 5.25
N GLY D 262 41.65 -3.28 6.41
CA GLY D 262 42.57 -2.15 6.48
C GLY D 262 41.87 -0.80 6.68
N GLY D 263 40.55 -0.80 6.82
CA GLY D 263 39.79 0.40 7.16
C GLY D 263 39.90 0.76 8.64
N ALA D 264 39.30 1.89 9.02
CA ALA D 264 39.48 2.46 10.35
C ALA D 264 38.61 1.78 11.40
N LYS D 265 37.40 1.34 11.06
CA LYS D 265 36.39 0.92 12.02
C LYS D 265 35.98 -0.53 11.79
N THR D 266 35.99 -1.32 12.86
CA THR D 266 35.52 -2.70 12.81
C THR D 266 34.00 -2.73 12.67
N VAL D 267 33.45 -3.87 12.27
CA VAL D 267 32.00 -4.08 12.22
C VAL D 267 31.41 -3.92 13.61
N MET D 268 32.05 -4.49 14.64
CA MET D 268 31.52 -4.45 16.00
C MET D 268 31.45 -3.00 16.48
N ASP D 269 32.38 -2.17 16.04
CA ASP D 269 32.37 -0.75 16.34
C ASP D 269 31.25 0.00 15.63
N ARG D 270 30.89 -0.45 14.42
CA ARG D 270 29.91 0.23 13.56
C ARG D 270 28.48 -0.07 13.98
N VAL D 271 28.26 -1.17 14.70
CA VAL D 271 26.93 -1.51 15.22
C VAL D 271 26.62 -0.58 16.38
N ASP D 272 25.46 0.09 16.33
CA ASP D 272 25.14 1.11 17.31
C ASP D 272 24.78 0.49 18.65
N MET D 273 24.00 -0.61 18.63
CA MET D 273 23.53 -1.24 19.86
C MET D 273 23.64 -2.76 19.73
N ILE D 274 24.34 -3.38 20.68
CA ILE D 274 24.49 -4.84 20.73
C ILE D 274 23.91 -5.34 22.05
N THR D 275 22.94 -6.26 21.96
CA THR D 275 22.39 -6.89 23.15
C THR D 275 22.88 -8.33 23.24
N GLY D 276 23.05 -8.78 24.47
CA GLY D 276 23.34 -10.18 24.74
C GLY D 276 22.60 -10.65 26.00
N THR D 277 22.81 -11.92 26.33
CA THR D 277 22.30 -12.54 27.53
C THR D 277 23.49 -12.98 28.37
N LEU D 278 23.26 -13.09 29.68
CA LEU D 278 24.18 -13.75 30.58
C LEU D 278 23.70 -15.16 30.86
N GLY D 279 22.61 -15.58 30.22
CA GLY D 279 21.87 -16.76 30.61
C GLY D 279 22.17 -17.97 29.74
N LYS D 280 23.11 -17.81 28.78
CA LYS D 280 23.46 -18.92 27.90
C LYS D 280 24.93 -19.28 28.08
N SER D 281 25.79 -18.81 27.16
CA SER D 281 27.23 -19.04 27.21
C SER D 281 27.81 -18.64 28.56
N PHE D 282 27.35 -17.49 29.10
CA PHE D 282 27.94 -16.90 30.29
C PHE D 282 27.37 -17.52 31.59
N GLY D 283 26.50 -18.52 31.46
CA GLY D 283 26.29 -19.53 32.50
C GLY D 283 25.50 -19.03 33.70
N SER D 284 24.72 -17.95 33.53
CA SER D 284 24.08 -17.25 34.65
C SER D 284 22.66 -16.85 34.28
N VAL D 285 22.34 -15.56 34.49
CA VAL D 285 21.07 -14.99 34.06
C VAL D 285 21.26 -13.49 33.91
N GLY D 286 20.44 -12.88 33.06
CA GLY D 286 20.50 -11.44 32.86
C GLY D 286 20.64 -11.08 31.41
N GLY D 287 20.50 -9.78 31.14
CA GLY D 287 20.66 -9.25 29.79
C GLY D 287 21.49 -7.98 29.82
N TYR D 288 21.89 -7.52 28.63
CA TYR D 288 22.64 -6.29 28.55
C TYR D 288 22.56 -5.68 27.16
N VAL D 289 22.87 -4.38 27.11
CA VAL D 289 23.15 -3.71 25.85
C VAL D 289 24.52 -3.03 25.97
N ALA D 290 25.31 -3.14 24.90
CA ALA D 290 26.58 -2.44 24.79
C ALA D 290 26.49 -1.41 23.66
N ALA D 291 27.02 -0.21 23.93
CA ALA D 291 26.79 0.94 23.08
C ALA D 291 27.64 2.11 23.56
N SER D 292 27.50 3.25 22.90
CA SER D 292 28.14 4.49 23.28
C SER D 292 27.68 4.91 24.67
N ARG D 293 28.52 5.69 25.35
CA ARG D 293 28.24 6.26 26.66
C ARG D 293 26.91 7.01 26.60
N LYS D 294 26.66 7.77 25.53
CA LYS D 294 25.44 8.57 25.43
C LYS D 294 24.19 7.70 25.42
N LEU D 295 24.20 6.66 24.57
CA LEU D 295 23.07 5.74 24.50
C LEU D 295 22.84 5.05 25.83
N ILE D 296 23.92 4.56 26.46
CA ILE D 296 23.81 3.85 27.73
C ILE D 296 23.22 4.77 28.80
N ASP D 297 23.68 6.01 28.84
CA ASP D 297 23.24 6.95 29.87
C ASP D 297 21.75 7.21 29.69
N TRP D 298 21.32 7.23 28.42
CA TRP D 298 19.95 7.45 28.04
C TRP D 298 19.05 6.30 28.52
N PHE D 299 19.46 5.05 28.28
CA PHE D 299 18.70 3.90 28.73
C PHE D 299 18.61 3.87 30.26
N ARG D 300 19.76 4.16 30.90
CA ARG D 300 19.89 4.17 32.34
C ARG D 300 18.91 5.20 32.93
N SER D 301 18.77 6.34 32.25
CA SER D 301 18.05 7.50 32.77
C SER D 301 16.54 7.39 32.51
N PHE D 302 16.14 6.63 31.49
CA PHE D 302 14.78 6.72 30.96
C PHE D 302 14.04 5.38 30.87
N ALA D 303 14.74 4.23 30.81
CA ALA D 303 14.06 2.97 30.58
C ALA D 303 13.40 2.48 31.87
N PRO D 304 12.04 2.47 31.98
CA PRO D 304 11.38 2.02 33.21
C PRO D 304 11.68 0.56 33.58
N GLY D 305 11.93 -0.28 32.57
CA GLY D 305 12.26 -1.68 32.77
C GLY D 305 13.64 -1.88 33.38
N PHE D 306 14.48 -0.82 33.31
CA PHE D 306 15.78 -0.77 33.98
C PHE D 306 15.61 -0.20 35.40
N ILE D 307 14.85 0.89 35.50
CA ILE D 307 14.83 1.75 36.67
C ILE D 307 14.06 1.09 37.81
N PHE D 308 12.90 0.48 37.52
CA PHE D 308 11.88 0.16 38.51
C PHE D 308 11.83 -1.33 38.81
N THR D 309 13.00 -1.95 38.95
CA THR D 309 13.08 -3.39 39.15
C THR D 309 14.31 -3.73 40.01
N THR D 310 14.16 -4.74 40.86
CA THR D 310 15.22 -5.20 41.74
C THR D 310 16.43 -5.57 40.89
N THR D 311 17.61 -5.15 41.35
CA THR D 311 18.87 -5.50 40.74
C THR D 311 19.10 -6.99 40.89
N LEU D 312 19.71 -7.61 39.86
CA LEU D 312 20.10 -9.01 39.94
C LEU D 312 21.00 -9.22 41.16
N PRO D 313 20.93 -10.40 41.81
CA PRO D 313 21.80 -10.71 42.95
C PRO D 313 23.26 -10.49 42.59
N PRO D 314 24.07 -9.95 43.53
CA PRO D 314 25.51 -9.79 43.31
C PRO D 314 26.21 -11.08 42.85
N SER D 315 25.81 -12.22 43.43
CA SER D 315 26.44 -13.50 43.15
C SER D 315 26.22 -13.92 41.70
N VAL D 316 25.06 -13.57 41.18
CA VAL D 316 24.65 -13.93 39.83
C VAL D 316 25.47 -13.10 38.83
N MET D 317 25.73 -11.85 39.18
CA MET D 317 26.59 -10.96 38.43
C MET D 317 28.05 -11.41 38.50
N ALA D 318 28.50 -11.77 39.70
CA ALA D 318 29.86 -12.23 39.91
C ALA D 318 30.15 -13.49 39.10
N GLY D 319 29.16 -14.41 39.06
CA GLY D 319 29.25 -15.61 38.25
C GLY D 319 29.48 -15.29 36.78
N ALA D 320 28.63 -14.40 36.23
CA ALA D 320 28.69 -14.03 34.84
C ALA D 320 30.03 -13.36 34.51
N THR D 321 30.50 -12.49 35.39
CA THR D 321 31.77 -11.81 35.23
C THR D 321 32.90 -12.82 35.11
N ALA D 322 32.91 -13.80 36.03
CA ALA D 322 33.91 -14.87 36.02
C ALA D 322 33.83 -15.67 34.71
N ALA D 323 32.61 -15.96 34.23
CA ALA D 323 32.42 -16.72 33.03
C ALA D 323 32.95 -15.94 31.82
N ILE D 324 32.65 -14.64 31.74
CA ILE D 324 33.09 -13.78 30.66
C ILE D 324 34.61 -13.71 30.61
N ARG D 325 35.25 -13.42 31.76
CA ARG D 325 36.70 -13.32 31.89
C ARG D 325 37.38 -14.62 31.47
N TYR D 326 36.85 -15.76 31.93
CA TYR D 326 37.42 -17.06 31.61
C TYR D 326 37.35 -17.31 30.10
N GLN D 327 36.18 -17.12 29.51
CA GLN D 327 35.94 -17.51 28.12
C GLN D 327 36.73 -16.61 27.17
N ARG D 328 37.03 -15.37 27.59
CA ARG D 328 37.71 -14.42 26.73
C ARG D 328 39.06 -14.98 26.28
N CYS D 329 39.75 -15.64 27.23
CA CYS D 329 41.10 -16.09 27.00
C CYS D 329 41.17 -17.60 26.84
N HIS D 330 40.02 -18.29 26.74
CA HIS D 330 39.97 -19.71 26.46
C HIS D 330 39.28 -19.92 25.12
N ILE D 331 39.97 -19.66 24.02
CA ILE D 331 39.44 -19.90 22.68
C ILE D 331 39.24 -21.39 22.46
N ASP D 332 39.88 -22.24 23.26
CA ASP D 332 39.71 -23.68 23.13
C ASP D 332 38.27 -24.07 23.44
N LEU D 333 37.52 -23.26 24.20
CA LEU D 333 36.11 -23.51 24.42
C LEU D 333 35.34 -23.47 23.11
N ARG D 334 35.66 -22.50 22.24
CA ARG D 334 34.98 -22.33 20.97
C ARG D 334 35.42 -23.37 19.96
N THR D 335 36.74 -23.63 19.91
CA THR D 335 37.27 -24.57 18.94
C THR D 335 36.70 -25.94 19.26
N SER D 336 36.64 -26.32 20.53
CA SER D 336 36.14 -27.64 20.88
C SER D 336 34.62 -27.71 20.69
N GLN D 337 33.88 -26.64 20.94
CA GLN D 337 32.46 -26.65 20.62
C GLN D 337 32.23 -26.84 19.11
N GLN D 338 32.97 -26.10 18.29
CA GLN D 338 32.78 -26.20 16.85
C GLN D 338 33.13 -27.61 16.38
N LYS D 339 34.18 -28.21 16.93
CA LYS D 339 34.58 -29.54 16.55
C LYS D 339 33.51 -30.57 16.94
N HIS D 340 32.99 -30.45 18.15
CA HIS D 340 31.92 -31.31 18.61
C HIS D 340 30.72 -31.21 17.67
N THR D 341 30.32 -29.98 17.34
CA THR D 341 29.20 -29.74 16.44
C THR D 341 29.47 -30.37 15.08
N MET D 342 30.67 -30.13 14.54
CA MET D 342 31.03 -30.63 13.23
C MET D 342 31.03 -32.17 13.20
N TYR D 343 31.48 -32.78 14.31
CA TYR D 343 31.50 -34.23 14.47
C TYR D 343 30.07 -34.77 14.38
N VAL D 344 29.14 -34.19 15.15
CA VAL D 344 27.75 -34.61 15.11
C VAL D 344 27.15 -34.38 13.74
N LYS D 345 27.40 -33.22 13.13
CA LYS D 345 26.85 -32.90 11.81
C LYS D 345 27.29 -33.88 10.73
N LYS D 346 28.57 -34.25 10.74
CA LYS D 346 29.11 -35.10 9.68
C LYS D 346 28.72 -36.55 9.90
N ALA D 347 28.57 -36.97 11.15
CA ALA D 347 28.05 -38.29 11.47
C ALA D 347 26.60 -38.43 11.00
N PHE D 348 25.79 -37.39 11.24
CA PHE D 348 24.42 -37.36 10.76
C PHE D 348 24.39 -37.39 9.24
N HIS D 349 25.26 -36.63 8.58
CA HIS D 349 25.33 -36.65 7.13
C HIS D 349 25.59 -38.05 6.62
N GLU D 350 26.59 -38.74 7.19
CA GLU D 350 26.93 -40.10 6.78
C GLU D 350 25.76 -41.06 6.97
N LEU D 351 24.92 -40.86 8.00
CA LEU D 351 23.81 -41.75 8.29
C LEU D 351 22.53 -41.30 7.60
N GLY D 352 22.58 -40.20 6.84
CA GLY D 352 21.40 -39.70 6.15
C GLY D 352 20.36 -39.15 7.14
N ILE D 353 20.80 -38.76 8.34
CA ILE D 353 19.94 -38.06 9.28
C ILE D 353 19.87 -36.60 8.82
N PRO D 354 18.69 -36.07 8.45
CA PRO D 354 18.60 -34.75 7.81
C PRO D 354 18.80 -33.57 8.78
N VAL D 355 19.88 -32.82 8.59
CA VAL D 355 20.18 -31.64 9.38
C VAL D 355 19.99 -30.40 8.51
N ILE D 356 19.24 -29.43 9.01
CA ILE D 356 19.14 -28.14 8.33
C ILE D 356 20.54 -27.55 8.26
N PRO D 357 21.12 -27.38 7.04
CA PRO D 357 22.48 -26.86 6.90
C PRO D 357 22.55 -25.40 7.36
N ASN D 358 23.60 -25.11 8.14
CA ASN D 358 23.84 -23.79 8.69
C ASN D 358 25.34 -23.67 8.99
N PRO D 359 25.91 -22.46 9.11
CA PRO D 359 27.33 -22.28 9.44
C PRO D 359 27.67 -22.09 10.92
N SER D 360 26.75 -22.50 11.81
CA SER D 360 26.86 -22.19 13.23
C SER D 360 26.91 -23.45 14.07
N HIS D 361 26.66 -23.31 15.38
CA HIS D 361 26.90 -24.36 16.36
C HIS D 361 25.62 -25.16 16.62
N ILE D 362 24.53 -24.85 15.90
CA ILE D 362 23.26 -25.52 16.14
C ILE D 362 23.03 -26.66 15.14
N VAL D 363 22.48 -27.77 15.66
CA VAL D 363 22.20 -28.96 14.86
C VAL D 363 20.68 -29.21 14.85
N PRO D 364 19.93 -28.63 13.87
CA PRO D 364 18.48 -28.82 13.80
C PRO D 364 18.20 -30.04 12.92
N VAL D 365 17.66 -31.10 13.54
CA VAL D 365 17.35 -32.32 12.83
C VAL D 365 15.90 -32.22 12.38
N LEU D 366 15.70 -32.33 11.06
CA LEU D 366 14.41 -32.18 10.44
C LEU D 366 13.58 -33.46 10.62
N ILE D 367 12.36 -33.29 11.14
CA ILE D 367 11.41 -34.36 11.35
C ILE D 367 10.29 -34.20 10.32
N GLY D 368 9.64 -33.03 10.35
CA GLY D 368 8.68 -32.64 9.34
C GLY D 368 7.24 -32.80 9.79
N ASN D 369 7.04 -33.19 11.06
CA ASN D 369 5.73 -33.57 11.57
C ASN D 369 5.74 -33.34 13.08
N ALA D 370 4.70 -32.65 13.57
CA ALA D 370 4.65 -32.22 14.97
C ALA D 370 4.61 -33.45 15.90
N ASP D 371 3.73 -34.41 15.61
CA ASP D 371 3.53 -35.58 16.44
C ASP D 371 4.76 -36.47 16.45
N LEU D 372 5.38 -36.64 15.28
CA LEU D 372 6.58 -37.47 15.17
C LEU D 372 7.77 -36.83 15.89
N ALA D 373 7.88 -35.48 15.88
CA ALA D 373 8.96 -34.80 16.59
C ALA D 373 8.82 -35.00 18.10
N LYS D 374 7.59 -34.87 18.61
CA LYS D 374 7.34 -35.07 20.04
C LYS D 374 7.59 -36.53 20.44
N GLN D 375 7.22 -37.49 19.57
CA GLN D 375 7.43 -38.91 19.85
C GLN D 375 8.91 -39.24 19.84
N ALA D 376 9.67 -38.64 18.92
CA ALA D 376 11.11 -38.80 18.85
C ALA D 376 11.76 -38.31 20.12
N SER D 377 11.33 -37.14 20.60
CA SER D 377 11.83 -36.54 21.82
C SER D 377 11.53 -37.47 23.00
N ASP D 378 10.30 -38.00 23.01
CA ASP D 378 9.79 -38.89 24.05
C ASP D 378 10.60 -40.19 24.13
N ILE D 379 10.86 -40.79 22.98
CA ILE D 379 11.58 -42.05 22.91
C ILE D 379 13.03 -41.82 23.31
N LEU D 380 13.61 -40.70 22.88
CA LEU D 380 15.00 -40.41 23.17
C LEU D 380 15.19 -40.33 24.66
N ILE D 381 14.28 -39.66 25.38
CA ILE D 381 14.51 -39.44 26.80
C ILE D 381 14.18 -40.70 27.61
N ASN D 382 13.12 -41.42 27.24
CA ASN D 382 12.62 -42.54 28.04
C ASN D 382 13.39 -43.83 27.72
N LYS D 383 13.75 -44.05 26.46
CA LYS D 383 14.43 -45.26 26.06
C LYS D 383 15.95 -45.07 26.00
N HIS D 384 16.44 -43.92 25.56
CA HIS D 384 17.86 -43.72 25.37
C HIS D 384 18.49 -42.76 26.39
N GLN D 385 17.69 -42.21 27.31
CA GLN D 385 18.17 -41.22 28.28
C GLN D 385 18.91 -40.05 27.61
N ILE D 386 18.34 -39.55 26.51
CA ILE D 386 18.85 -38.41 25.78
C ILE D 386 17.76 -37.35 25.79
N TYR D 387 18.10 -36.15 26.30
CA TYR D 387 17.14 -35.06 26.34
C TYR D 387 17.41 -34.07 25.21
N VAL D 388 16.51 -34.06 24.23
CA VAL D 388 16.49 -33.13 23.11
C VAL D 388 15.05 -32.65 22.94
N GLN D 389 14.84 -31.36 22.68
CA GLN D 389 13.47 -30.85 22.65
C GLN D 389 12.97 -30.75 21.21
N ALA D 390 11.70 -31.10 21.02
CA ALA D 390 10.98 -30.91 19.76
C ALA D 390 10.58 -29.44 19.61
N ILE D 391 10.80 -28.90 18.42
CA ILE D 391 10.43 -27.54 18.08
C ILE D 391 9.32 -27.61 17.03
N ASN D 392 8.13 -27.11 17.41
CA ASN D 392 6.94 -27.17 16.58
C ASN D 392 6.36 -25.77 16.35
N PHE D 393 5.32 -25.70 15.51
CA PHE D 393 4.47 -24.53 15.40
C PHE D 393 3.97 -24.12 16.80
N PRO D 394 3.92 -22.80 17.16
CA PRO D 394 4.23 -21.70 16.25
C PRO D 394 5.68 -21.21 16.19
N THR D 395 6.61 -21.90 16.86
CA THR D 395 8.00 -21.49 16.88
C THR D 395 8.62 -21.63 15.48
N VAL D 396 8.16 -22.61 14.70
CA VAL D 396 8.59 -22.78 13.33
C VAL D 396 7.37 -23.09 12.48
N ALA D 397 7.55 -23.04 11.15
CA ALA D 397 6.48 -23.33 10.21
C ALA D 397 6.04 -24.79 10.32
N ARG D 398 4.74 -25.01 10.19
CA ARG D 398 4.18 -26.36 10.14
C ARG D 398 4.80 -27.09 8.95
N GLY D 399 5.22 -28.34 9.16
CA GLY D 399 5.90 -29.10 8.14
C GLY D 399 7.43 -29.01 8.26
N THR D 400 7.92 -28.11 9.13
CA THR D 400 9.36 -27.93 9.29
C THR D 400 9.79 -28.32 10.71
N GLU D 401 8.95 -29.07 11.44
CA GLU D 401 9.21 -29.39 12.83
C GLU D 401 10.53 -30.12 12.94
N ARG D 402 11.20 -29.98 14.09
CA ARG D 402 12.57 -30.44 14.23
C ARG D 402 12.96 -30.71 15.69
N LEU D 403 14.08 -31.40 15.84
CA LEU D 403 14.76 -31.56 17.11
C LEU D 403 15.97 -30.62 17.15
N ARG D 404 16.10 -29.84 18.21
CA ARG D 404 17.22 -28.93 18.35
C ARG D 404 18.29 -29.56 19.24
N ILE D 405 19.49 -29.71 18.66
CA ILE D 405 20.63 -30.26 19.37
C ILE D 405 21.71 -29.18 19.39
N THR D 406 22.26 -28.93 20.58
CA THR D 406 23.25 -27.89 20.82
C THR D 406 24.44 -28.46 21.58
N PRO D 407 25.47 -28.96 20.86
CA PRO D 407 26.71 -29.42 21.49
C PRO D 407 27.51 -28.30 22.18
N THR D 408 28.25 -28.70 23.23
CA THR D 408 29.08 -27.82 24.02
C THR D 408 30.49 -28.40 24.06
N PRO D 409 31.48 -27.69 24.65
CA PRO D 409 32.79 -28.27 24.94
C PRO D 409 32.74 -29.56 25.77
N GLY D 410 31.62 -29.75 26.50
CA GLY D 410 31.50 -30.89 27.37
C GLY D 410 30.90 -32.11 26.68
N HIS D 411 30.35 -31.94 25.48
CA HIS D 411 29.86 -33.05 24.69
C HIS D 411 31.01 -33.64 23.86
N THR D 412 31.84 -34.42 24.54
CA THR D 412 32.95 -35.11 23.91
C THR D 412 32.43 -36.20 22.98
N ASN D 413 33.34 -36.77 22.18
CA ASN D 413 32.96 -37.64 21.07
C ASN D 413 32.29 -38.91 21.58
N ASP D 414 32.64 -39.40 22.77
CA ASP D 414 31.96 -40.56 23.36
C ASP D 414 30.47 -40.28 23.57
N LEU D 415 30.13 -39.08 24.07
CA LEU D 415 28.74 -38.68 24.27
C LEU D 415 28.05 -38.47 22.93
N SER D 416 28.76 -37.85 21.99
CA SER D 416 28.26 -37.66 20.62
C SER D 416 27.89 -38.99 19.99
N ASP D 417 28.73 -40.00 20.19
CA ASP D 417 28.55 -41.32 19.61
C ASP D 417 27.25 -41.92 20.11
N ILE D 418 26.97 -41.76 21.41
CA ILE D 418 25.75 -42.25 22.01
C ILE D 418 24.55 -41.53 21.38
N LEU D 419 24.65 -40.21 21.22
CA LEU D 419 23.59 -39.44 20.61
C LEU D 419 23.29 -39.92 19.19
N ILE D 420 24.37 -40.05 18.40
CA ILE D 420 24.26 -40.41 16.99
C ILE D 420 23.57 -41.76 16.88
N ASN D 421 24.03 -42.71 17.71
CA ASN D 421 23.49 -44.05 17.74
C ASN D 421 22.00 -44.01 18.08
N ALA D 422 21.63 -43.19 19.06
CA ALA D 422 20.27 -43.15 19.56
C ALA D 422 19.34 -42.54 18.51
N VAL D 423 19.77 -41.46 17.89
CA VAL D 423 18.96 -40.76 16.89
C VAL D 423 18.78 -41.66 15.66
N ASP D 424 19.86 -42.33 15.24
CA ASP D 424 19.78 -43.29 14.17
C ASP D 424 18.72 -44.35 14.49
N ASP D 425 18.78 -44.84 15.72
CA ASP D 425 17.89 -45.88 16.19
C ASP D 425 16.44 -45.41 16.14
N VAL D 426 16.19 -44.18 16.62
CA VAL D 426 14.88 -43.58 16.69
C VAL D 426 14.33 -43.35 15.28
N PHE D 427 15.21 -42.95 14.34
CA PHE D 427 14.78 -42.76 12.97
C PHE D 427 14.19 -44.07 12.43
N ASN D 428 14.83 -45.22 12.73
CA ASN D 428 14.33 -46.50 12.26
C ASN D 428 13.04 -46.88 12.98
N GLU D 429 13.01 -46.69 14.31
CA GLU D 429 11.87 -47.09 15.10
C GLU D 429 10.60 -46.40 14.59
N LEU D 430 10.73 -45.12 14.20
CA LEU D 430 9.57 -44.35 13.75
C LEU D 430 9.51 -44.29 12.22
N GLN D 431 10.45 -44.98 11.54
CA GLN D 431 10.55 -44.97 10.09
C GLN D 431 10.48 -43.53 9.57
N LEU D 432 11.29 -42.65 10.18
CA LEU D 432 11.34 -41.24 9.80
C LEU D 432 12.10 -41.07 8.50
N PRO D 433 11.80 -40.02 7.70
CA PRO D 433 12.52 -39.81 6.44
C PRO D 433 13.98 -39.42 6.65
N ARG D 434 14.87 -40.09 5.91
CA ARG D 434 16.28 -39.79 5.82
C ARG D 434 16.44 -38.73 4.75
N VAL D 435 17.69 -38.26 4.55
CA VAL D 435 18.02 -37.27 3.54
C VAL D 435 17.53 -37.74 2.18
N ARG D 436 17.83 -39.01 1.83
CA ARG D 436 17.46 -39.56 0.53
C ARG D 436 15.97 -39.38 0.28
N ASP D 437 15.16 -39.60 1.33
CA ASP D 437 13.70 -39.58 1.21
C ASP D 437 13.24 -38.14 0.97
N TRP D 438 13.87 -37.16 1.63
CA TRP D 438 13.56 -35.76 1.41
C TRP D 438 13.93 -35.34 -0.02
N GLU D 439 15.07 -35.80 -0.54
CA GLU D 439 15.49 -35.47 -1.90
C GLU D 439 14.47 -35.93 -2.94
N SER D 440 13.83 -37.10 -2.71
CA SER D 440 12.85 -37.64 -3.64
C SER D 440 11.61 -36.76 -3.76
N GLN D 441 11.32 -35.98 -2.71
CA GLN D 441 10.16 -35.10 -2.70
C GLN D 441 10.55 -33.68 -3.07
N GLY D 442 11.85 -33.42 -3.26
CA GLY D 442 12.32 -32.17 -3.85
C GLY D 442 13.11 -31.32 -2.86
N GLY D 443 13.48 -31.92 -1.72
CA GLY D 443 14.25 -31.27 -0.69
C GLY D 443 13.42 -30.29 0.13
N LEU D 444 13.90 -29.94 1.32
CA LEU D 444 13.31 -28.88 2.12
C LEU D 444 14.40 -28.27 2.99
N LEU D 445 14.49 -26.92 2.96
CA LEU D 445 15.38 -26.13 3.79
C LEU D 445 16.83 -26.60 3.62
N GLY D 446 17.21 -26.98 2.39
CA GLY D 446 18.59 -27.27 2.05
C GLY D 446 19.03 -28.69 2.41
N VAL D 447 18.14 -29.47 3.05
CA VAL D 447 18.33 -30.89 3.26
C VAL D 447 18.34 -31.54 1.87
N GLY D 448 19.51 -32.13 1.57
CA GLY D 448 19.90 -32.52 0.22
C GLY D 448 21.40 -32.74 0.14
N SER D 456 29.05 -22.56 3.87
CA SER D 456 30.33 -22.97 4.49
C SER D 456 30.11 -22.96 6.01
N ASN D 457 31.04 -22.35 6.75
CA ASN D 457 31.12 -22.45 8.20
C ASN D 457 31.83 -21.21 8.74
N LEU D 458 31.29 -20.60 9.79
CA LEU D 458 31.86 -19.37 10.31
C LEU D 458 33.30 -19.59 10.78
N TRP D 459 33.48 -20.65 11.57
CA TRP D 459 34.82 -21.05 11.99
C TRP D 459 35.48 -21.81 10.84
N THR D 460 36.59 -21.25 10.33
CA THR D 460 37.40 -21.85 9.28
C THR D 460 38.39 -22.83 9.91
N SER D 461 39.03 -23.67 9.07
CA SER D 461 40.06 -24.60 9.53
C SER D 461 41.21 -23.84 10.20
N SER D 462 41.59 -22.72 9.59
CA SER D 462 42.61 -21.84 10.12
C SER D 462 42.25 -21.41 11.54
N GLN D 463 41.04 -20.85 11.72
CA GLN D 463 40.63 -20.34 13.01
C GLN D 463 40.51 -21.49 14.02
N LEU D 464 40.08 -22.68 13.57
CA LEU D 464 39.83 -23.83 14.42
C LEU D 464 41.11 -24.49 14.92
N SER D 465 42.25 -24.13 14.34
CA SER D 465 43.51 -24.69 14.80
C SER D 465 44.27 -23.72 15.71
N LEU D 466 43.63 -22.60 16.08
CA LEU D 466 44.20 -21.69 17.06
C LEU D 466 44.05 -22.28 18.44
N THR D 467 45.02 -21.98 19.31
CA THR D 467 44.99 -22.32 20.73
C THR D 467 45.05 -21.04 21.56
N ASN D 468 44.98 -21.19 22.89
CA ASN D 468 45.03 -20.06 23.81
C ASN D 468 46.35 -19.31 23.70
N ASP D 469 47.43 -20.00 23.28
CA ASP D 469 48.75 -19.40 23.09
C ASP D 469 48.72 -18.40 21.93
N ASP D 470 47.74 -18.52 21.02
CA ASP D 470 47.68 -17.65 19.85
C ASP D 470 46.86 -16.40 20.14
N LEU D 471 46.46 -16.18 21.39
CA LEU D 471 45.75 -14.96 21.74
C LEU D 471 46.76 -13.93 22.25
N ASN D 472 46.36 -12.65 22.14
CA ASN D 472 47.11 -11.56 22.71
C ASN D 472 47.16 -11.75 24.22
N PRO D 473 48.36 -11.71 24.87
CA PRO D 473 48.45 -11.86 26.32
C PRO D 473 47.66 -10.86 27.15
N ASN D 474 47.22 -9.74 26.55
CA ASN D 474 46.49 -8.71 27.27
C ASN D 474 45.07 -9.17 27.63
N VAL D 475 44.62 -10.32 27.10
CA VAL D 475 43.32 -10.88 27.42
C VAL D 475 43.36 -11.75 28.68
N ARG D 476 44.55 -12.09 29.23
CA ARG D 476 44.66 -13.10 30.28
C ARG D 476 43.98 -12.62 31.57
N ASP D 477 44.54 -11.60 32.23
CA ASP D 477 43.93 -11.07 33.44
C ASP D 477 43.83 -9.55 33.28
N PRO D 478 42.99 -9.04 32.35
CA PRO D 478 42.87 -7.61 32.17
C PRO D 478 42.45 -6.93 33.46
N ILE D 479 43.06 -5.76 33.74
CA ILE D 479 42.66 -4.91 34.85
C ILE D 479 41.55 -3.98 34.33
N VAL D 480 40.32 -4.52 34.28
CA VAL D 480 39.17 -3.83 33.71
C VAL D 480 38.65 -2.80 34.73
N LYS D 481 38.61 -1.53 34.33
CA LYS D 481 38.23 -0.42 35.21
C LYS D 481 36.73 -0.15 35.08
N GLN D 482 36.12 0.28 36.20
CA GLN D 482 34.69 0.52 36.28
C GLN D 482 34.30 1.77 35.50
N LEU D 483 33.10 1.77 34.90
CA LEU D 483 32.66 2.83 34.01
C LEU D 483 31.94 3.90 34.84
N GLU D 484 32.16 5.17 34.48
CA GLU D 484 31.51 6.29 35.16
C GLU D 484 30.01 6.30 34.86
N VAL D 485 29.63 5.85 33.66
CA VAL D 485 28.26 5.94 33.15
C VAL D 485 27.32 4.99 33.91
N SER D 486 27.87 3.87 34.43
CA SER D 486 27.15 2.90 35.25
C SER D 486 26.50 3.58 36.46
N SER D 487 27.15 4.63 37.02
CA SER D 487 26.72 5.35 38.22
C SER D 487 26.07 6.70 37.90
N GLY D 488 26.37 7.25 36.71
CA GLY D 488 25.96 8.60 36.35
C GLY D 488 27.17 9.49 36.04
N ILE D 489 27.00 10.35 35.02
CA ILE D 489 28.03 11.24 34.53
C ILE D 489 27.67 12.66 34.95
N LYS D 490 28.69 13.44 35.35
CA LYS D 490 28.52 14.86 35.68
C LYS D 490 28.85 15.74 34.46
N GLU E 11 -2.82 3.81 0.70
CA GLU E 11 -2.85 5.07 -0.10
C GLU E 11 -1.92 4.92 -1.31
N SER E 12 -0.78 4.24 -1.14
CA SER E 12 -0.11 3.60 -2.27
C SER E 12 0.03 2.10 -2.03
N GLY E 13 0.22 1.36 -3.13
CA GLY E 13 -0.04 -0.07 -3.12
C GLY E 13 1.20 -0.88 -2.82
N PHE E 14 1.15 -2.14 -3.27
CA PHE E 14 2.28 -3.03 -3.25
C PHE E 14 3.40 -2.43 -4.08
N ASP E 15 4.66 -2.62 -3.63
CA ASP E 15 5.83 -2.12 -4.32
C ASP E 15 6.29 -3.19 -5.33
N TYR E 16 5.66 -3.18 -6.52
CA TYR E 16 5.94 -4.16 -7.56
C TYR E 16 7.34 -3.94 -8.11
N GLU E 17 7.75 -2.68 -8.25
CA GLU E 17 9.05 -2.33 -8.79
C GLU E 17 10.16 -2.74 -7.82
N GLY E 18 9.90 -2.57 -6.51
CA GLY E 18 10.79 -3.04 -5.45
C GLY E 18 11.00 -4.56 -5.47
N LEU E 19 9.93 -5.34 -5.67
CA LEU E 19 10.02 -6.80 -5.70
C LEU E 19 10.90 -7.23 -6.87
N ILE E 20 10.71 -6.60 -8.04
CA ILE E 20 11.42 -6.94 -9.25
C ILE E 20 12.90 -6.58 -9.12
N ASP E 21 13.19 -5.37 -8.62
CA ASP E 21 14.56 -4.88 -8.42
C ASP E 21 15.38 -5.85 -7.56
N SER E 22 14.81 -6.26 -6.41
CA SER E 22 15.51 -7.14 -5.50
C SER E 22 15.68 -8.53 -6.10
N GLU E 23 14.71 -8.96 -6.92
CA GLU E 23 14.75 -10.25 -7.60
C GLU E 23 15.88 -10.30 -8.64
N LEU E 24 16.04 -9.19 -9.39
CA LEU E 24 17.10 -9.02 -10.38
C LEU E 24 18.47 -8.91 -9.72
N GLN E 25 18.51 -8.31 -8.51
CA GLN E 25 19.74 -8.11 -7.77
C GLN E 25 20.28 -9.45 -7.24
N LYS E 26 19.37 -10.39 -6.88
CA LYS E 26 19.77 -11.71 -6.42
C LYS E 26 20.49 -12.47 -7.52
N LYS E 27 20.05 -12.28 -8.78
CA LYS E 27 20.66 -12.91 -9.93
C LYS E 27 22.08 -12.39 -10.15
N ARG E 28 22.29 -11.08 -9.96
CA ARG E 28 23.60 -10.46 -10.16
C ARG E 28 24.59 -10.84 -9.05
N LEU E 29 24.12 -10.82 -7.79
CA LEU E 29 24.96 -11.16 -6.64
C LEU E 29 25.37 -12.63 -6.65
N ASP E 30 24.44 -13.55 -7.00
CA ASP E 30 24.74 -14.99 -7.07
C ASP E 30 25.38 -15.34 -8.42
N LYS E 31 25.42 -14.37 -9.36
CA LYS E 31 26.22 -14.44 -10.59
C LYS E 31 25.65 -15.46 -11.58
N SER E 32 24.32 -15.64 -11.55
CA SER E 32 23.62 -16.47 -12.51
C SER E 32 22.86 -15.59 -13.52
N TYR E 33 23.00 -14.27 -13.39
CA TYR E 33 22.42 -13.32 -14.34
C TYR E 33 23.12 -13.46 -15.69
N ARG E 34 22.35 -13.76 -16.75
CA ARG E 34 22.90 -14.21 -18.04
C ARG E 34 23.05 -13.05 -19.04
N TYR E 35 24.16 -13.03 -19.79
CA TYR E 35 24.41 -12.12 -20.89
C TYR E 35 24.44 -12.91 -22.19
N PHE E 36 23.51 -12.63 -23.11
CA PHE E 36 23.44 -13.35 -24.38
C PHE E 36 24.51 -12.81 -25.33
N ASN E 37 25.12 -13.70 -26.11
CA ASN E 37 26.04 -13.33 -27.19
C ASN E 37 25.29 -13.21 -28.53
N ASN E 38 25.61 -12.12 -29.24
CA ASN E 38 25.15 -11.88 -30.59
C ASN E 38 25.90 -12.83 -31.54
N ILE E 39 25.23 -13.92 -31.92
CA ILE E 39 25.80 -14.98 -32.73
C ILE E 39 24.94 -15.18 -33.97
N ASN E 40 25.54 -14.87 -35.13
CA ASN E 40 24.84 -14.88 -36.40
C ASN E 40 25.42 -15.98 -37.29
N ARG E 41 24.79 -17.15 -37.24
CA ARG E 41 25.33 -18.37 -37.83
C ARG E 41 25.21 -18.27 -39.34
N LEU E 42 26.28 -18.64 -40.05
CA LEU E 42 26.40 -18.43 -41.48
C LEU E 42 26.16 -19.77 -42.19
N ALA E 43 25.04 -19.86 -42.91
CA ALA E 43 24.66 -21.02 -43.70
C ALA E 43 25.72 -21.37 -44.75
N LYS E 44 26.35 -20.34 -45.33
CA LYS E 44 27.33 -20.49 -46.40
C LYS E 44 28.73 -20.80 -45.85
N GLU E 45 28.91 -20.80 -44.52
CA GLU E 45 30.25 -20.95 -43.96
C GLU E 45 30.22 -21.76 -42.67
N PHE E 46 29.38 -22.78 -42.59
CA PHE E 46 29.21 -23.55 -41.36
C PHE E 46 30.57 -24.13 -40.93
N PRO E 47 30.98 -24.15 -39.63
CA PRO E 47 30.22 -23.65 -38.48
C PRO E 47 30.62 -22.25 -37.97
N LEU E 48 30.92 -21.35 -38.90
CA LEU E 48 31.24 -19.97 -38.55
C LEU E 48 29.96 -19.18 -38.28
N ALA E 49 30.16 -18.08 -37.54
CA ALA E 49 29.13 -17.09 -37.23
C ALA E 49 29.82 -15.73 -37.16
N HIS E 50 29.04 -14.65 -37.33
CA HIS E 50 29.57 -13.33 -37.04
C HIS E 50 28.89 -12.79 -35.78
N ARG E 51 29.55 -11.84 -35.14
CA ARG E 51 29.01 -11.15 -33.99
C ARG E 51 28.27 -9.90 -34.47
N GLN E 52 28.38 -8.78 -33.73
CA GLN E 52 27.69 -7.55 -34.07
C GLN E 52 28.05 -7.15 -35.50
N ARG E 53 29.36 -7.12 -35.82
CA ARG E 53 29.84 -6.77 -37.14
C ARG E 53 29.99 -8.04 -37.99
N GLU E 54 29.68 -7.92 -39.28
CA GLU E 54 29.74 -9.04 -40.22
C GLU E 54 31.16 -9.58 -40.35
N ALA E 55 32.15 -8.66 -40.25
CA ALA E 55 33.56 -8.96 -40.44
C ALA E 55 34.13 -9.73 -39.25
N ASP E 56 33.47 -9.68 -38.09
CA ASP E 56 33.98 -10.31 -36.88
C ASP E 56 33.41 -11.72 -36.71
N LYS E 57 34.17 -12.73 -37.17
CA LYS E 57 33.72 -14.11 -37.26
C LYS E 57 34.32 -14.99 -36.16
N VAL E 58 33.57 -16.00 -35.75
CA VAL E 58 34.01 -16.97 -34.75
C VAL E 58 33.57 -18.36 -35.20
N THR E 59 34.18 -19.39 -34.60
CA THR E 59 33.75 -20.74 -34.86
C THR E 59 32.85 -21.21 -33.73
N VAL E 60 31.65 -21.66 -34.11
CA VAL E 60 30.66 -22.08 -33.15
C VAL E 60 30.88 -23.55 -32.85
N TRP E 61 31.01 -23.82 -31.54
CA TRP E 61 31.29 -25.15 -31.01
C TRP E 61 30.27 -25.56 -29.96
N CYS E 62 29.14 -24.84 -29.84
CA CYS E 62 28.15 -25.14 -28.82
C CYS E 62 26.74 -25.09 -29.36
N SER E 63 26.57 -25.15 -30.68
CA SER E 63 25.26 -25.19 -31.31
C SER E 63 24.67 -26.58 -31.16
N ASN E 64 23.34 -26.65 -31.18
CA ASN E 64 22.63 -27.93 -31.16
C ASN E 64 22.13 -28.27 -32.54
N ASP E 65 22.65 -27.57 -33.56
CA ASP E 65 22.47 -27.95 -34.95
C ASP E 65 23.40 -29.11 -35.22
N TYR E 66 23.07 -30.27 -34.63
CA TYR E 66 24.04 -31.33 -34.36
C TYR E 66 24.59 -31.94 -35.65
N LEU E 67 23.76 -31.96 -36.73
CA LEU E 67 24.14 -32.57 -37.99
C LEU E 67 24.37 -31.52 -39.08
N ALA E 68 24.32 -30.23 -38.73
CA ALA E 68 24.51 -29.12 -39.65
C ALA E 68 23.39 -29.05 -40.70
N LEU E 69 22.21 -29.57 -40.37
CA LEU E 69 21.11 -29.66 -41.33
C LEU E 69 20.36 -28.33 -41.45
N SER E 70 20.63 -27.35 -40.58
CA SER E 70 19.99 -26.05 -40.66
C SER E 70 20.33 -25.37 -41.99
N LYS E 71 21.45 -25.75 -42.62
CA LYS E 71 21.89 -25.10 -43.85
C LYS E 71 21.98 -26.12 -44.98
N HIS E 72 21.38 -27.30 -44.81
CA HIS E 72 21.41 -28.33 -45.85
C HIS E 72 20.59 -27.87 -47.06
N PRO E 73 21.10 -28.04 -48.30
CA PRO E 73 20.38 -27.59 -49.50
C PRO E 73 18.94 -28.10 -49.60
N GLU E 74 18.67 -29.33 -49.16
CA GLU E 74 17.32 -29.88 -49.26
C GLU E 74 16.39 -29.17 -48.28
N VAL E 75 16.93 -28.75 -47.13
CA VAL E 75 16.18 -28.02 -46.13
C VAL E 75 15.87 -26.60 -46.63
N LEU E 76 16.89 -25.91 -47.16
CA LEU E 76 16.75 -24.55 -47.65
C LEU E 76 15.81 -24.51 -48.86
N ASP E 77 15.96 -25.49 -49.75
CA ASP E 77 15.16 -25.57 -50.96
C ASP E 77 13.69 -25.82 -50.62
N ALA E 78 13.44 -26.68 -49.65
CA ALA E 78 12.09 -26.97 -49.18
C ALA E 78 11.46 -25.70 -48.60
N MET E 79 12.26 -24.92 -47.87
CA MET E 79 11.77 -23.67 -47.31
C MET E 79 11.41 -22.69 -48.42
N HIS E 80 12.35 -22.45 -49.33
CA HIS E 80 12.16 -21.48 -50.40
C HIS E 80 10.91 -21.79 -51.21
N LYS E 81 10.74 -23.06 -51.61
CA LYS E 81 9.60 -23.45 -52.43
C LYS E 81 8.30 -23.33 -51.64
N THR E 82 8.31 -23.68 -50.35
CA THR E 82 7.11 -23.65 -49.54
C THR E 82 6.66 -22.21 -49.32
N ILE E 83 7.61 -21.29 -49.07
CA ILE E 83 7.33 -19.87 -48.88
C ILE E 83 6.66 -19.30 -50.12
N ASP E 84 7.14 -19.68 -51.31
CA ASP E 84 6.60 -19.16 -52.55
C ASP E 84 5.16 -19.59 -52.76
N LYS E 85 4.79 -20.77 -52.24
CA LYS E 85 3.47 -21.32 -52.44
C LYS E 85 2.51 -20.92 -51.32
N TYR E 86 2.97 -21.04 -50.07
CA TYR E 86 2.12 -20.93 -48.88
C TYR E 86 2.25 -19.56 -48.17
N GLY E 87 3.36 -18.86 -48.42
CA GLY E 87 3.68 -17.65 -47.68
C GLY E 87 4.49 -17.98 -46.42
N CYS E 88 4.40 -17.07 -45.43
CA CYS E 88 5.13 -17.17 -44.18
C CYS E 88 4.28 -17.90 -43.14
N GLY E 89 3.33 -17.20 -42.51
CA GLY E 89 2.51 -17.79 -41.46
C GLY E 89 1.51 -18.83 -41.98
N ALA E 90 1.16 -19.77 -41.09
CA ALA E 90 0.09 -20.74 -41.29
C ALA E 90 -1.26 -20.03 -41.47
N GLY E 91 -1.42 -18.92 -40.75
CA GLY E 91 -2.64 -18.11 -40.83
C GLY E 91 -3.76 -18.63 -39.95
N GLY E 92 -3.46 -19.58 -39.05
CA GLY E 92 -4.43 -20.01 -38.07
C GLY E 92 -3.90 -21.12 -37.17
N THR E 93 -4.82 -21.66 -36.36
CA THR E 93 -4.60 -22.84 -35.55
C THR E 93 -5.03 -24.09 -36.34
N ARG E 94 -4.66 -25.27 -35.82
CA ARG E 94 -4.98 -26.52 -36.49
C ARG E 94 -6.49 -26.66 -36.70
N ASN E 95 -7.28 -26.16 -35.74
CA ASN E 95 -8.73 -26.20 -35.87
C ASN E 95 -9.22 -25.28 -36.99
N ILE E 96 -8.63 -24.09 -37.11
CA ILE E 96 -9.18 -23.05 -37.99
C ILE E 96 -8.08 -22.59 -38.94
N ALA E 97 -8.03 -23.20 -40.13
CA ALA E 97 -7.32 -22.66 -41.30
C ALA E 97 -5.82 -22.94 -41.24
N GLY E 98 -5.34 -23.59 -40.16
CA GLY E 98 -3.92 -23.86 -39.97
C GLY E 98 -3.58 -25.34 -39.95
N HIS E 99 -4.40 -26.14 -40.65
CA HIS E 99 -4.13 -27.55 -40.93
C HIS E 99 -3.94 -27.73 -42.44
N ASN E 100 -2.86 -28.43 -42.84
CA ASN E 100 -2.33 -28.35 -44.19
C ASN E 100 -1.40 -29.52 -44.50
N ILE E 101 -0.95 -29.62 -45.75
CA ILE E 101 -0.19 -30.74 -46.26
C ILE E 101 1.19 -30.82 -45.62
N PRO E 102 1.93 -29.68 -45.50
CA PRO E 102 3.21 -29.70 -44.76
C PRO E 102 3.11 -30.26 -43.34
N THR E 103 2.00 -29.95 -42.65
CA THR E 103 1.74 -30.48 -41.32
C THR E 103 1.55 -31.99 -41.38
N LEU E 104 0.72 -32.45 -42.34
CA LEU E 104 0.44 -33.86 -42.54
C LEU E 104 1.73 -34.63 -42.87
N ASN E 105 2.53 -34.11 -43.79
CA ASN E 105 3.75 -34.78 -44.20
C ASN E 105 4.73 -34.93 -43.03
N LEU E 106 4.82 -33.89 -42.19
CA LEU E 106 5.77 -33.88 -41.08
C LEU E 106 5.36 -34.88 -40.01
N GLU E 107 4.08 -34.87 -39.62
CA GLU E 107 3.60 -35.82 -38.63
C GLU E 107 3.81 -37.25 -39.15
N ALA E 108 3.55 -37.46 -40.44
CA ALA E 108 3.73 -38.79 -41.02
C ALA E 108 5.20 -39.21 -40.99
N GLU E 109 6.11 -38.27 -41.25
CA GLU E 109 7.53 -38.56 -41.28
C GLU E 109 8.05 -38.96 -39.89
N LEU E 110 7.56 -38.26 -38.86
CA LEU E 110 7.99 -38.52 -37.49
C LEU E 110 7.48 -39.87 -37.00
N ALA E 111 6.23 -40.20 -37.34
CA ALA E 111 5.65 -41.49 -37.00
C ALA E 111 6.42 -42.62 -37.66
N THR E 112 6.80 -42.41 -38.94
CA THR E 112 7.61 -43.35 -39.67
C THR E 112 8.98 -43.55 -39.01
N LEU E 113 9.61 -42.44 -38.56
CA LEU E 113 10.93 -42.47 -37.97
C LEU E 113 10.95 -43.35 -36.71
N HIS E 114 9.95 -43.15 -35.85
CA HIS E 114 9.88 -43.85 -34.58
C HIS E 114 9.08 -45.15 -34.74
N LYS E 115 8.62 -45.46 -35.96
CA LYS E 115 7.85 -46.67 -36.25
C LYS E 115 6.66 -46.79 -35.30
N LYS E 116 5.95 -45.66 -35.12
CA LYS E 116 4.76 -45.57 -34.28
C LYS E 116 3.55 -45.32 -35.17
N GLU E 117 2.36 -45.56 -34.62
CA GLU E 117 1.10 -45.36 -35.32
C GLU E 117 0.90 -43.88 -35.65
N GLY E 118 1.31 -42.97 -34.74
CA GLY E 118 1.05 -41.55 -34.90
C GLY E 118 2.16 -40.67 -34.34
N ALA E 119 2.15 -39.39 -34.77
CA ALA E 119 2.93 -38.32 -34.15
C ALA E 119 2.13 -37.02 -34.22
N LEU E 120 2.38 -36.12 -33.25
CA LEU E 120 1.69 -34.84 -33.15
C LEU E 120 2.74 -33.75 -32.97
N VAL E 121 2.63 -32.70 -33.79
CA VAL E 121 3.58 -31.61 -33.74
C VAL E 121 3.01 -30.49 -32.89
N PHE E 122 3.90 -29.89 -32.08
CA PHE E 122 3.63 -28.75 -31.21
C PHE E 122 4.59 -27.62 -31.58
N SER E 123 4.37 -26.42 -31.01
CA SER E 123 5.22 -25.24 -31.22
C SER E 123 6.68 -25.53 -30.94
N SER E 124 6.92 -26.37 -29.92
CA SER E 124 8.25 -26.64 -29.39
C SER E 124 8.19 -27.94 -28.59
N CYS E 125 9.35 -28.57 -28.34
CA CYS E 125 9.33 -29.73 -27.45
C CYS E 125 9.06 -29.29 -26.01
N TYR E 126 9.40 -28.05 -25.64
CA TYR E 126 9.06 -27.56 -24.32
C TYR E 126 7.55 -27.70 -24.12
N VAL E 127 6.78 -27.27 -25.14
CA VAL E 127 5.33 -27.30 -25.12
C VAL E 127 4.79 -28.73 -25.20
N ALA E 128 5.42 -29.56 -26.03
CA ALA E 128 5.03 -30.97 -26.15
C ALA E 128 5.13 -31.67 -24.78
N ASN E 129 6.30 -31.52 -24.13
CA ASN E 129 6.57 -32.15 -22.85
C ASN E 129 5.56 -31.68 -21.80
N ASP E 130 5.32 -30.37 -21.77
CA ASP E 130 4.39 -29.80 -20.79
C ASP E 130 2.98 -30.35 -21.04
N ALA E 131 2.56 -30.40 -22.32
CA ALA E 131 1.21 -30.78 -22.70
C ALA E 131 0.91 -32.23 -22.33
N VAL E 132 1.83 -33.13 -22.68
CA VAL E 132 1.64 -34.55 -22.47
C VAL E 132 1.60 -34.86 -20.97
N LEU E 133 2.60 -34.35 -20.24
CA LEU E 133 2.73 -34.59 -18.81
C LEU E 133 1.57 -33.98 -18.03
N SER E 134 1.16 -32.74 -18.40
CA SER E 134 0.05 -32.07 -17.75
C SER E 134 -1.23 -32.90 -17.86
N LEU E 135 -1.49 -33.42 -19.07
CA LEU E 135 -2.74 -34.07 -19.39
C LEU E 135 -2.84 -35.41 -18.67
N LEU E 136 -1.73 -36.16 -18.70
CA LEU E 136 -1.67 -37.46 -18.04
C LEU E 136 -2.05 -37.31 -16.57
N GLY E 137 -1.42 -36.35 -15.88
CA GLY E 137 -1.65 -36.11 -14.47
C GLY E 137 -3.04 -35.52 -14.19
N GLN E 138 -3.54 -34.71 -15.12
CA GLN E 138 -4.81 -34.04 -14.92
C GLN E 138 -5.96 -35.02 -15.18
N LYS E 139 -5.71 -36.11 -15.92
CA LYS E 139 -6.74 -37.08 -16.24
C LYS E 139 -6.61 -38.33 -15.39
N MET E 140 -5.45 -38.58 -14.76
CA MET E 140 -5.28 -39.67 -13.82
C MET E 140 -4.68 -39.09 -12.53
N LYS E 141 -5.57 -38.76 -11.59
CA LYS E 141 -5.19 -38.01 -10.40
C LYS E 141 -4.45 -38.94 -9.43
N ASP E 142 -4.62 -40.26 -9.60
CA ASP E 142 -3.92 -41.27 -8.82
C ASP E 142 -2.55 -41.61 -9.41
N LEU E 143 -2.14 -40.93 -10.50
CA LEU E 143 -0.88 -41.23 -11.17
C LEU E 143 0.28 -40.90 -10.24
N VAL E 144 1.31 -41.76 -10.30
CA VAL E 144 2.58 -41.49 -9.66
C VAL E 144 3.64 -41.41 -10.75
N ILE E 145 4.35 -40.30 -10.79
CA ILE E 145 5.40 -40.06 -11.77
C ILE E 145 6.75 -40.29 -11.09
N PHE E 146 7.59 -41.06 -11.77
CA PHE E 146 8.94 -41.37 -11.34
C PHE E 146 9.87 -40.67 -12.32
N SER E 147 10.63 -39.70 -11.79
CA SER E 147 11.34 -38.73 -12.60
C SER E 147 12.81 -38.73 -12.23
N ASP E 148 13.64 -38.85 -13.27
CA ASP E 148 15.09 -38.82 -13.13
C ASP E 148 15.50 -37.43 -12.63
N GLU E 149 16.42 -37.39 -11.68
CA GLU E 149 16.77 -36.13 -11.06
C GLU E 149 17.32 -35.15 -12.10
N LEU E 150 17.87 -35.61 -13.23
CA LEU E 150 18.48 -34.70 -14.19
C LEU E 150 17.56 -34.35 -15.37
N ASN E 151 16.25 -34.59 -15.21
CA ASN E 151 15.28 -34.26 -16.23
C ASN E 151 15.26 -32.76 -16.50
N HIS E 152 15.07 -32.42 -17.78
CA HIS E 152 14.98 -31.08 -18.30
C HIS E 152 13.91 -30.22 -17.62
N ALA E 153 14.07 -28.89 -17.65
CA ALA E 153 13.12 -27.94 -17.10
C ALA E 153 11.70 -28.16 -17.64
N SER E 154 11.57 -28.44 -18.95
CA SER E 154 10.27 -28.66 -19.58
C SER E 154 9.51 -29.81 -18.90
N MET E 155 10.23 -30.89 -18.57
CA MET E 155 9.65 -32.06 -17.93
C MET E 155 9.34 -31.77 -16.47
N ILE E 156 10.22 -31.03 -15.81
CA ILE E 156 10.00 -30.65 -14.41
C ILE E 156 8.69 -29.86 -14.29
N VAL E 157 8.54 -28.90 -15.20
CA VAL E 157 7.39 -28.00 -15.26
C VAL E 157 6.12 -28.80 -15.60
N GLY E 158 6.22 -29.67 -16.61
CA GLY E 158 5.13 -30.58 -16.92
C GLY E 158 4.71 -31.45 -15.74
N ILE E 159 5.68 -31.94 -14.95
CA ILE E 159 5.39 -32.80 -13.81
C ILE E 159 4.73 -32.00 -12.70
N LYS E 160 5.17 -30.77 -12.45
CA LYS E 160 4.49 -29.87 -11.51
C LYS E 160 3.04 -29.65 -11.97
N HIS E 161 2.86 -29.30 -13.25
CA HIS E 161 1.55 -29.02 -13.83
C HIS E 161 0.62 -30.22 -13.72
N ALA E 162 1.15 -31.44 -13.90
CA ALA E 162 0.40 -32.68 -13.80
C ALA E 162 -0.31 -32.76 -12.44
N ASN E 163 0.36 -32.24 -11.40
CA ASN E 163 -0.26 -32.02 -10.09
C ASN E 163 -0.66 -33.36 -9.49
N VAL E 164 0.30 -34.29 -9.42
CA VAL E 164 0.14 -35.65 -8.93
C VAL E 164 1.35 -35.99 -8.06
N LYS E 165 1.31 -37.16 -7.39
CA LYS E 165 2.44 -37.63 -6.61
C LYS E 165 3.62 -37.88 -7.56
N LYS E 166 4.82 -37.45 -7.14
CA LYS E 166 6.04 -37.63 -7.90
C LYS E 166 7.14 -38.19 -6.97
N HIS E 167 7.99 -39.06 -7.52
CA HIS E 167 9.23 -39.44 -6.88
C HIS E 167 10.37 -39.07 -7.81
N ILE E 168 11.41 -38.45 -7.28
CA ILE E 168 12.64 -38.22 -8.02
C ILE E 168 13.65 -39.31 -7.67
N PHE E 169 14.20 -40.02 -8.66
CA PHE E 169 15.23 -41.03 -8.38
C PHE E 169 16.59 -40.47 -8.78
N LYS E 170 17.62 -40.90 -8.04
CA LYS E 170 18.99 -40.51 -8.36
C LYS E 170 19.28 -40.85 -9.81
N HIS E 171 20.09 -39.99 -10.44
CA HIS E 171 20.34 -40.03 -11.87
C HIS E 171 20.77 -41.43 -12.32
N ASN E 172 19.97 -42.02 -13.20
CA ASN E 172 20.27 -43.30 -13.85
C ASN E 172 20.35 -44.44 -12.85
N ASP E 173 19.75 -44.27 -11.67
CA ASP E 173 19.85 -45.26 -10.60
C ASP E 173 18.59 -46.13 -10.63
N LEU E 174 18.71 -47.29 -11.29
CA LEU E 174 17.57 -48.16 -11.57
C LEU E 174 17.30 -49.10 -10.39
N ASN E 175 18.24 -49.18 -9.44
CA ASN E 175 18.01 -49.83 -8.15
C ASN E 175 17.01 -48.99 -7.35
N GLU E 176 17.27 -47.68 -7.25
CA GLU E 176 16.39 -46.78 -6.53
C GLU E 176 15.03 -46.72 -7.23
N LEU E 177 15.03 -46.69 -8.57
CA LEU E 177 13.77 -46.64 -9.31
C LEU E 177 12.94 -47.88 -9.01
N GLU E 178 13.60 -49.05 -9.03
CA GLU E 178 12.88 -50.30 -8.80
C GLU E 178 12.31 -50.33 -7.39
N GLN E 179 13.06 -49.82 -6.41
CA GLN E 179 12.59 -49.83 -5.03
C GLN E 179 11.35 -48.97 -4.87
N LEU E 180 11.31 -47.85 -5.63
CA LEU E 180 10.17 -46.95 -5.56
C LEU E 180 8.97 -47.60 -6.24
N LEU E 181 9.20 -48.21 -7.42
CA LEU E 181 8.15 -48.87 -8.18
C LEU E 181 7.52 -50.00 -7.38
N GLN E 182 8.38 -50.78 -6.70
CA GLN E 182 8.00 -51.93 -5.92
C GLN E 182 7.08 -51.59 -4.75
N SER E 183 7.16 -50.35 -4.24
CA SER E 183 6.46 -50.04 -3.00
C SER E 183 5.02 -49.61 -3.29
N TYR E 184 4.59 -49.76 -4.56
CA TYR E 184 3.22 -49.50 -4.97
C TYR E 184 2.62 -50.78 -5.54
N PRO E 185 1.30 -51.03 -5.34
CA PRO E 185 0.59 -52.07 -6.08
C PRO E 185 0.73 -51.85 -7.59
N LYS E 186 0.71 -52.96 -8.35
CA LYS E 186 0.87 -52.92 -9.79
C LYS E 186 -0.22 -52.08 -10.45
N SER E 187 -1.43 -52.16 -9.89
CA SER E 187 -2.61 -51.55 -10.48
C SER E 187 -2.64 -50.04 -10.26
N VAL E 188 -1.73 -49.48 -9.45
CA VAL E 188 -1.62 -48.03 -9.35
C VAL E 188 -1.04 -47.51 -10.67
N PRO E 189 -1.65 -46.48 -11.30
CA PRO E 189 -1.10 -45.89 -12.51
C PRO E 189 0.22 -45.19 -12.23
N LYS E 190 1.20 -45.45 -13.09
CA LYS E 190 2.55 -44.94 -12.90
C LYS E 190 3.08 -44.43 -14.24
N LEU E 191 3.98 -43.44 -14.17
CA LEU E 191 4.67 -42.94 -15.34
C LEU E 191 6.14 -42.81 -15.00
N ILE E 192 6.99 -43.38 -15.85
CA ILE E 192 8.43 -43.19 -15.73
C ILE E 192 8.83 -42.17 -16.80
N ALA E 193 9.34 -41.03 -16.33
CA ALA E 193 9.71 -39.93 -17.19
C ALA E 193 11.23 -39.76 -17.15
N PHE E 194 11.85 -39.79 -18.32
CA PHE E 194 13.30 -39.76 -18.43
C PHE E 194 13.69 -39.31 -19.84
N GLU E 195 14.97 -38.98 -19.98
CA GLU E 195 15.59 -38.66 -21.26
C GLU E 195 16.50 -39.82 -21.70
N SER E 196 16.70 -39.94 -23.01
CA SER E 196 17.65 -40.89 -23.55
C SER E 196 19.07 -40.39 -23.33
N VAL E 197 19.33 -39.15 -23.78
CA VAL E 197 20.61 -38.48 -23.61
C VAL E 197 20.37 -37.18 -22.84
N TYR E 198 21.11 -37.02 -21.75
CA TYR E 198 21.05 -35.85 -20.90
C TYR E 198 22.10 -34.85 -21.37
N SER E 199 21.66 -33.62 -21.69
CA SER E 199 22.45 -32.71 -22.51
C SER E 199 23.63 -32.13 -21.75
N MET E 200 23.54 -32.03 -20.42
CA MET E 200 24.54 -31.26 -19.71
C MET E 200 25.73 -32.14 -19.35
N ALA E 201 25.48 -33.46 -19.26
CA ALA E 201 26.44 -34.49 -18.87
C ALA E 201 26.80 -35.43 -20.04
N GLY E 202 25.86 -35.55 -20.99
CA GLY E 202 25.95 -36.50 -22.09
C GLY E 202 25.65 -37.95 -21.67
N SER E 203 25.14 -38.16 -20.45
CA SER E 203 24.87 -39.49 -19.96
C SER E 203 23.65 -40.06 -20.67
N VAL E 204 23.56 -41.39 -20.68
CA VAL E 204 22.55 -42.09 -21.45
C VAL E 204 21.76 -43.00 -20.52
N ALA E 205 20.44 -43.06 -20.73
CA ALA E 205 19.60 -43.94 -19.94
C ALA E 205 19.65 -45.36 -20.52
N ASP E 206 19.47 -46.34 -19.62
CA ASP E 206 19.26 -47.71 -20.02
C ASP E 206 17.77 -47.90 -20.30
N ILE E 207 17.37 -47.52 -21.51
CA ILE E 207 15.98 -47.50 -21.89
C ILE E 207 15.40 -48.90 -21.76
N GLU E 208 16.17 -49.93 -22.14
CA GLU E 208 15.63 -51.28 -22.14
C GLU E 208 15.29 -51.74 -20.73
N LYS E 209 16.20 -51.49 -19.78
CA LYS E 209 15.98 -51.91 -18.40
C LYS E 209 14.77 -51.16 -17.83
N ILE E 210 14.58 -49.89 -18.22
CA ILE E 210 13.44 -49.12 -17.73
C ILE E 210 12.16 -49.69 -18.30
N CYS E 211 12.15 -50.12 -19.56
CA CYS E 211 10.97 -50.74 -20.17
C CYS E 211 10.62 -52.04 -19.45
N ASP E 212 11.65 -52.79 -19.03
CA ASP E 212 11.47 -54.02 -18.27
C ASP E 212 10.81 -53.71 -16.94
N LEU E 213 11.27 -52.65 -16.26
CA LEU E 213 10.71 -52.20 -14.98
C LEU E 213 9.26 -51.75 -15.18
N ALA E 214 8.97 -51.07 -16.29
CA ALA E 214 7.62 -50.61 -16.60
C ALA E 214 6.69 -51.80 -16.78
N ASP E 215 7.15 -52.84 -17.49
CA ASP E 215 6.35 -54.04 -17.71
C ASP E 215 6.01 -54.70 -16.38
N LYS E 216 7.03 -54.82 -15.53
CA LYS E 216 6.91 -55.57 -14.29
C LYS E 216 6.03 -54.83 -13.29
N TYR E 217 6.08 -53.50 -13.24
CA TYR E 217 5.38 -52.76 -12.20
C TYR E 217 4.23 -51.93 -12.77
N GLY E 218 3.90 -52.09 -14.06
CA GLY E 218 2.68 -51.55 -14.63
C GLY E 218 2.70 -50.03 -14.82
N ALA E 219 3.80 -49.52 -15.41
CA ALA E 219 3.98 -48.09 -15.65
C ALA E 219 3.97 -47.80 -17.14
N LEU E 220 3.49 -46.61 -17.50
CA LEU E 220 3.78 -45.99 -18.78
C LEU E 220 5.21 -45.45 -18.78
N THR E 221 5.77 -45.34 -19.98
CA THR E 221 7.07 -44.73 -20.18
C THR E 221 6.92 -43.47 -21.04
N PHE E 222 7.60 -42.41 -20.59
CA PHE E 222 7.71 -41.14 -21.29
C PHE E 222 9.19 -40.85 -21.48
N LEU E 223 9.62 -40.79 -22.75
CA LEU E 223 11.01 -40.73 -23.13
C LEU E 223 11.26 -39.49 -23.96
N ASP E 224 12.15 -38.63 -23.47
CA ASP E 224 12.58 -37.46 -24.21
C ASP E 224 13.90 -37.77 -24.93
N GLU E 225 13.82 -37.82 -26.28
CA GLU E 225 14.93 -38.13 -27.16
C GLU E 225 15.44 -36.87 -27.88
N VAL E 226 15.32 -35.70 -27.24
CA VAL E 226 15.61 -34.41 -27.86
C VAL E 226 17.08 -34.33 -28.27
N HIS E 227 17.99 -34.82 -27.44
CA HIS E 227 19.42 -34.81 -27.76
C HIS E 227 19.87 -36.11 -28.41
N ALA E 228 18.94 -36.90 -28.96
CA ALA E 228 19.25 -38.22 -29.53
C ALA E 228 18.74 -38.38 -30.95
N VAL E 229 17.60 -37.76 -31.29
CA VAL E 229 17.06 -37.91 -32.62
C VAL E 229 18.02 -37.26 -33.62
N GLY E 230 18.21 -37.96 -34.74
CA GLY E 230 19.21 -37.60 -35.75
C GLY E 230 20.54 -38.32 -35.54
N LEU E 231 20.80 -38.75 -34.28
CA LEU E 231 22.16 -39.02 -33.82
C LEU E 231 22.40 -40.49 -33.49
N TYR E 232 21.35 -41.22 -33.06
CA TYR E 232 21.50 -42.62 -32.63
C TYR E 232 20.54 -43.50 -33.43
N GLY E 233 20.86 -44.78 -33.50
CA GLY E 233 20.16 -45.70 -34.38
C GLY E 233 20.67 -45.58 -35.82
N PRO E 234 20.45 -46.58 -36.69
CA PRO E 234 20.91 -46.49 -38.07
C PRO E 234 20.27 -45.35 -38.86
N HIS E 235 19.08 -44.92 -38.42
CA HIS E 235 18.29 -43.95 -39.16
C HIS E 235 18.10 -42.67 -38.36
N GLY E 236 18.77 -42.54 -37.20
CA GLY E 236 18.66 -41.35 -36.36
C GLY E 236 17.34 -41.27 -35.59
N ALA E 237 16.69 -42.41 -35.32
CA ALA E 237 15.42 -42.40 -34.60
C ALA E 237 15.66 -42.30 -33.10
N GLY E 238 16.92 -42.40 -32.67
CA GLY E 238 17.27 -42.16 -31.28
C GLY E 238 17.93 -43.37 -30.63
N VAL E 239 18.15 -43.24 -29.31
CA VAL E 239 18.81 -44.28 -28.53
C VAL E 239 17.89 -45.51 -28.47
N ALA E 240 16.57 -45.30 -28.48
CA ALA E 240 15.64 -46.41 -28.47
C ALA E 240 15.86 -47.30 -29.69
N GLU E 241 16.12 -46.67 -30.84
CA GLU E 241 16.42 -47.39 -32.06
C GLU E 241 17.79 -48.07 -31.96
N HIS E 242 18.76 -47.37 -31.35
CA HIS E 242 20.12 -47.89 -31.20
C HIS E 242 20.13 -49.18 -30.38
N CYS E 243 19.17 -49.33 -29.44
CA CYS E 243 19.04 -50.53 -28.63
C CYS E 243 18.84 -51.78 -29.50
N ASP E 244 18.22 -51.63 -30.67
CA ASP E 244 18.01 -52.74 -31.59
C ASP E 244 18.55 -52.35 -32.95
N PHE E 245 19.83 -51.95 -32.96
CA PHE E 245 20.46 -51.29 -34.09
C PHE E 245 20.35 -52.20 -35.32
N GLU E 246 20.70 -53.48 -35.14
CA GLU E 246 20.86 -54.38 -36.26
C GLU E 246 19.50 -54.82 -36.81
N SER E 247 18.52 -55.05 -35.92
CA SER E 247 17.15 -55.33 -36.31
C SER E 247 16.59 -54.18 -37.13
N HIS E 248 16.77 -52.94 -36.65
CA HIS E 248 16.25 -51.78 -37.35
C HIS E 248 16.98 -51.60 -38.69
N ARG E 249 18.30 -51.79 -38.68
CA ARG E 249 19.07 -51.61 -39.91
C ARG E 249 18.60 -52.61 -40.99
N ALA E 250 18.38 -53.87 -40.62
CA ALA E 250 17.93 -54.88 -41.55
C ALA E 250 16.56 -54.54 -42.13
N SER E 251 15.63 -54.11 -41.28
CA SER E 251 14.25 -53.89 -41.68
C SER E 251 14.04 -52.51 -42.31
N GLY E 252 14.99 -51.59 -42.11
CA GLY E 252 14.86 -50.23 -42.62
C GLY E 252 13.69 -49.47 -41.98
N ILE E 253 12.71 -49.13 -42.82
CA ILE E 253 11.55 -48.36 -42.42
C ILE E 253 10.51 -49.28 -41.80
N ALA E 254 10.52 -50.57 -42.14
CA ALA E 254 9.55 -51.51 -41.60
C ALA E 254 9.88 -51.81 -40.13
N THR E 255 8.83 -52.17 -39.38
CA THR E 255 8.99 -52.74 -38.06
C THR E 255 9.72 -54.09 -38.18
N PRO E 256 10.83 -54.33 -37.45
CA PRO E 256 11.52 -55.62 -37.54
C PRO E 256 10.69 -56.76 -36.96
N LYS E 257 10.90 -57.97 -37.49
CA LYS E 257 10.22 -59.16 -37.00
C LYS E 257 10.60 -59.43 -35.55
N THR E 258 11.87 -59.18 -35.21
CA THR E 258 12.40 -59.46 -33.88
C THR E 258 13.30 -58.30 -33.45
N ASN E 259 13.52 -58.19 -32.13
CA ASN E 259 14.51 -57.28 -31.58
C ASN E 259 15.88 -57.93 -31.67
N ASP E 260 16.92 -57.23 -31.18
CA ASP E 260 18.31 -57.64 -31.37
C ASP E 260 18.64 -58.89 -30.56
N LYS E 261 17.76 -59.31 -29.64
CA LYS E 261 17.99 -60.51 -28.86
C LYS E 261 17.11 -61.66 -29.34
N GLY E 262 16.33 -61.44 -30.40
CA GLY E 262 15.44 -62.47 -30.92
C GLY E 262 14.04 -62.47 -30.29
N GLY E 263 13.78 -61.52 -29.36
CA GLY E 263 12.45 -61.31 -28.81
C GLY E 263 11.50 -60.61 -29.79
N ALA E 264 10.24 -60.46 -29.39
CA ALA E 264 9.18 -60.07 -30.31
C ALA E 264 9.15 -58.55 -30.55
N LYS E 265 9.48 -57.76 -29.52
CA LYS E 265 9.25 -56.32 -29.54
C LYS E 265 10.56 -55.55 -29.36
N THR E 266 10.78 -54.55 -30.22
CA THR E 266 11.91 -53.65 -30.06
C THR E 266 11.68 -52.72 -28.87
N VAL E 267 12.76 -52.14 -28.36
CA VAL E 267 12.70 -51.18 -27.27
C VAL E 267 11.87 -49.96 -27.72
N MET E 268 12.10 -49.49 -28.95
CA MET E 268 11.43 -48.30 -29.46
C MET E 268 9.91 -48.52 -29.49
N ASP E 269 9.52 -49.76 -29.78
CA ASP E 269 8.12 -50.16 -29.80
C ASP E 269 7.51 -50.21 -28.40
N ARG E 270 8.32 -50.55 -27.39
CA ARG E 270 7.84 -50.74 -26.03
C ARG E 270 7.67 -49.42 -25.28
N VAL E 271 8.34 -48.36 -25.72
CA VAL E 271 8.20 -47.05 -25.11
C VAL E 271 6.85 -46.46 -25.50
N ASP E 272 6.05 -46.02 -24.53
CA ASP E 272 4.70 -45.58 -24.82
C ASP E 272 4.67 -44.23 -25.51
N MET E 273 5.53 -43.29 -25.06
CA MET E 273 5.52 -41.93 -25.56
C MET E 273 6.96 -41.47 -25.77
N ILE E 274 7.29 -41.05 -27.00
CA ILE E 274 8.59 -40.51 -27.33
C ILE E 274 8.40 -39.07 -27.79
N THR E 275 9.09 -38.12 -27.12
CA THR E 275 9.09 -36.74 -27.56
C THR E 275 10.45 -36.41 -28.18
N GLY E 276 10.40 -35.54 -29.19
CA GLY E 276 11.60 -34.96 -29.76
C GLY E 276 11.41 -33.49 -30.10
N THR E 277 12.47 -32.89 -30.63
CA THR E 277 12.47 -31.52 -31.13
C THR E 277 12.75 -31.58 -32.64
N LEU E 278 12.31 -30.53 -33.33
CA LEU E 278 12.72 -30.28 -34.70
C LEU E 278 13.83 -29.22 -34.73
N GLY E 279 14.24 -28.77 -33.53
CA GLY E 279 15.02 -27.54 -33.38
C GLY E 279 16.51 -27.80 -33.22
N LYS E 280 16.92 -29.07 -33.29
CA LYS E 280 18.33 -29.42 -33.09
C LYS E 280 18.84 -30.12 -34.33
N SER E 281 18.91 -31.48 -34.30
CA SER E 281 19.39 -32.26 -35.43
C SER E 281 18.62 -31.92 -36.71
N PHE E 282 17.30 -31.75 -36.57
CA PHE E 282 16.41 -31.60 -37.71
C PHE E 282 16.35 -30.15 -38.22
N GLY E 283 17.15 -29.25 -37.62
CA GLY E 283 17.61 -28.03 -38.28
C GLY E 283 16.53 -26.95 -38.46
N SER E 284 15.48 -26.99 -37.62
CA SER E 284 14.33 -26.11 -37.77
C SER E 284 13.84 -25.64 -36.40
N VAL E 285 12.54 -25.82 -36.12
CA VAL E 285 11.95 -25.51 -34.83
C VAL E 285 10.66 -26.32 -34.68
N GLY E 286 10.30 -26.60 -33.43
CA GLY E 286 9.09 -27.35 -33.14
C GLY E 286 9.36 -28.54 -32.24
N GLY E 287 8.27 -29.15 -31.77
CA GLY E 287 8.36 -30.35 -30.94
C GLY E 287 7.34 -31.36 -31.39
N TYR E 288 7.43 -32.57 -30.85
CA TYR E 288 6.49 -33.62 -31.20
C TYR E 288 6.47 -34.72 -30.15
N VAL E 289 5.39 -35.50 -30.19
CA VAL E 289 5.32 -36.76 -29.50
C VAL E 289 4.91 -37.84 -30.52
N ALA E 290 5.58 -38.99 -30.43
CA ALA E 290 5.24 -40.16 -31.23
C ALA E 290 4.74 -41.25 -30.30
N ALA E 291 3.63 -41.90 -30.70
CA ALA E 291 2.88 -42.77 -29.81
C ALA E 291 1.78 -43.47 -30.60
N SER E 292 0.97 -44.26 -29.88
CA SER E 292 -0.17 -44.95 -30.46
C SER E 292 -1.18 -43.91 -30.98
N ARG E 293 -1.98 -44.33 -31.95
CA ARG E 293 -3.02 -43.51 -32.55
C ARG E 293 -3.93 -42.97 -31.44
N LYS E 294 -4.26 -43.81 -30.45
CA LYS E 294 -5.18 -43.42 -29.38
C LYS E 294 -4.61 -42.28 -28.55
N LEU E 295 -3.35 -42.40 -28.12
CA LEU E 295 -2.68 -41.37 -27.35
C LEU E 295 -2.61 -40.07 -28.15
N ILE E 296 -2.23 -40.16 -29.43
CA ILE E 296 -2.08 -38.98 -30.27
C ILE E 296 -3.43 -38.28 -30.42
N ASP E 297 -4.49 -39.05 -30.63
CA ASP E 297 -5.81 -38.48 -30.84
C ASP E 297 -6.24 -37.75 -29.58
N TRP E 298 -5.85 -38.29 -28.43
CA TRP E 298 -6.15 -37.75 -27.11
C TRP E 298 -5.46 -36.41 -26.92
N PHE E 299 -4.17 -36.31 -27.24
CA PHE E 299 -3.44 -35.04 -27.12
C PHE E 299 -4.05 -34.00 -28.07
N ARG E 300 -4.34 -34.45 -29.30
CA ARG E 300 -4.91 -33.60 -30.33
C ARG E 300 -6.24 -33.01 -29.83
N SER E 301 -7.03 -33.85 -29.14
CA SER E 301 -8.39 -33.52 -28.76
C SER E 301 -8.46 -32.68 -27.48
N PHE E 302 -7.44 -32.76 -26.62
CA PHE E 302 -7.55 -32.26 -25.24
C PHE E 302 -6.43 -31.31 -24.84
N ALA E 303 -5.26 -31.32 -25.48
CA ALA E 303 -4.12 -30.54 -25.00
C ALA E 303 -4.30 -29.07 -25.38
N PRO E 304 -4.53 -28.14 -24.41
CA PRO E 304 -4.74 -26.73 -24.76
C PRO E 304 -3.51 -26.08 -25.42
N GLY E 305 -2.31 -26.56 -25.06
CA GLY E 305 -1.07 -26.07 -25.65
C GLY E 305 -0.91 -26.46 -27.12
N PHE E 306 -1.69 -27.47 -27.55
CA PHE E 306 -1.79 -27.86 -28.95
C PHE E 306 -2.90 -27.07 -29.67
N ILE E 307 -4.04 -26.95 -29.01
CA ILE E 307 -5.27 -26.52 -29.65
C ILE E 307 -5.26 -25.00 -29.89
N PHE E 308 -4.78 -24.24 -28.89
CA PHE E 308 -5.06 -22.81 -28.80
C PHE E 308 -3.86 -21.95 -29.17
N THR E 309 -3.19 -22.32 -30.26
CA THR E 309 -1.94 -21.68 -30.66
C THR E 309 -1.79 -21.77 -32.18
N THR E 310 -1.24 -20.70 -32.77
CA THR E 310 -0.95 -20.64 -34.18
C THR E 310 -0.07 -21.84 -34.56
N THR E 311 -0.45 -22.47 -35.70
CA THR E 311 0.35 -23.54 -36.28
C THR E 311 1.69 -22.97 -36.76
N LEU E 312 2.76 -23.77 -36.61
CA LEU E 312 4.06 -23.38 -37.13
C LEU E 312 3.94 -23.08 -38.63
N PRO E 313 4.74 -22.14 -39.16
CA PRO E 313 4.76 -21.86 -40.59
C PRO E 313 4.96 -23.14 -41.40
N PRO E 314 4.25 -23.28 -42.55
CA PRO E 314 4.45 -24.40 -43.45
C PRO E 314 5.92 -24.63 -43.85
N SER E 315 6.65 -23.52 -44.09
CA SER E 315 8.03 -23.59 -44.56
C SER E 315 8.94 -24.24 -43.51
N VAL E 316 8.61 -23.96 -42.25
CA VAL E 316 9.39 -24.44 -41.12
C VAL E 316 9.18 -25.95 -40.97
N MET E 317 7.94 -26.38 -41.21
CA MET E 317 7.58 -27.78 -41.23
C MET E 317 8.22 -28.49 -42.41
N ALA E 318 8.15 -27.87 -43.60
CA ALA E 318 8.72 -28.44 -44.81
C ALA E 318 10.23 -28.66 -44.64
N GLY E 319 10.92 -27.68 -44.04
CA GLY E 319 12.32 -27.79 -43.72
C GLY E 319 12.66 -29.01 -42.86
N ALA E 320 11.92 -29.17 -41.76
CA ALA E 320 12.14 -30.26 -40.83
C ALA E 320 11.89 -31.62 -41.51
N THR E 321 10.83 -31.68 -42.31
CA THR E 321 10.51 -32.90 -43.05
C THR E 321 11.66 -33.30 -43.96
N ALA E 322 12.19 -32.31 -44.72
CA ALA E 322 13.32 -32.53 -45.61
C ALA E 322 14.56 -33.01 -44.83
N ALA E 323 14.80 -32.42 -43.65
CA ALA E 323 15.92 -32.79 -42.81
C ALA E 323 15.78 -34.23 -42.34
N ILE E 324 14.58 -34.60 -41.88
CA ILE E 324 14.32 -35.94 -41.35
C ILE E 324 14.52 -36.98 -42.44
N ARG E 325 13.92 -36.75 -43.64
CA ARG E 325 14.03 -37.65 -44.77
C ARG E 325 15.49 -37.85 -45.18
N TYR E 326 16.25 -36.73 -45.26
CA TYR E 326 17.65 -36.82 -45.66
C TYR E 326 18.46 -37.64 -44.67
N GLN E 327 18.31 -37.33 -43.37
CA GLN E 327 19.19 -37.92 -42.36
C GLN E 327 18.88 -39.40 -42.18
N ARG E 328 17.64 -39.82 -42.48
CA ARG E 328 17.25 -41.21 -42.29
C ARG E 328 18.16 -42.13 -43.10
N CYS E 329 18.50 -41.73 -44.33
CA CYS E 329 19.27 -42.57 -45.22
C CYS E 329 20.73 -42.10 -45.36
N HIS E 330 21.16 -41.13 -44.55
CA HIS E 330 22.55 -40.68 -44.53
C HIS E 330 23.18 -40.95 -43.17
N ILE E 331 23.51 -42.21 -42.91
CA ILE E 331 24.18 -42.63 -41.68
C ILE E 331 25.57 -42.00 -41.58
N ASP E 332 26.12 -41.51 -42.70
CA ASP E 332 27.41 -40.86 -42.72
C ASP E 332 27.39 -39.63 -41.82
N LEU E 333 26.21 -39.02 -41.61
CA LEU E 333 26.10 -37.84 -40.75
C LEU E 333 26.46 -38.22 -39.32
N ARG E 334 25.99 -39.39 -38.88
CA ARG E 334 26.21 -39.85 -37.52
C ARG E 334 27.63 -40.37 -37.34
N THR E 335 28.12 -41.14 -38.33
CA THR E 335 29.45 -41.72 -38.20
C THR E 335 30.47 -40.58 -38.15
N SER E 336 30.30 -39.55 -38.99
CA SER E 336 31.28 -38.48 -39.01
C SER E 336 31.15 -37.60 -37.76
N GLN E 337 29.94 -37.39 -37.25
CA GLN E 337 29.80 -36.68 -35.99
C GLN E 337 30.51 -37.44 -34.85
N GLN E 338 30.27 -38.75 -34.76
CA GLN E 338 30.85 -39.53 -33.69
C GLN E 338 32.37 -39.47 -33.77
N LYS E 339 32.91 -39.55 -35.00
CA LYS E 339 34.35 -39.55 -35.18
C LYS E 339 34.95 -38.22 -34.74
N HIS E 340 34.30 -37.13 -35.16
CA HIS E 340 34.72 -35.79 -34.77
C HIS E 340 34.73 -35.66 -33.24
N THR E 341 33.63 -36.10 -32.60
CA THR E 341 33.52 -36.06 -31.14
C THR E 341 34.65 -36.88 -30.50
N MET E 342 34.86 -38.11 -30.98
CA MET E 342 35.84 -38.99 -30.41
C MET E 342 37.25 -38.41 -30.58
N TYR E 343 37.50 -37.73 -31.71
CA TYR E 343 38.78 -37.07 -31.97
C TYR E 343 39.04 -36.00 -30.91
N VAL E 344 38.05 -35.12 -30.68
CA VAL E 344 38.19 -34.07 -29.68
C VAL E 344 38.35 -34.69 -28.28
N LYS E 345 37.54 -35.71 -27.95
CA LYS E 345 37.59 -36.36 -26.64
C LYS E 345 38.97 -36.96 -26.35
N LYS E 346 39.57 -37.64 -27.33
CA LYS E 346 40.83 -38.34 -27.13
C LYS E 346 41.99 -37.35 -27.06
N ALA E 347 41.90 -36.26 -27.83
CA ALA E 347 42.89 -35.19 -27.74
C ALA E 347 42.86 -34.54 -26.36
N PHE E 348 41.66 -34.27 -25.84
CA PHE E 348 41.49 -33.72 -24.50
C PHE E 348 42.05 -34.69 -23.44
N HIS E 349 41.76 -35.98 -23.60
CA HIS E 349 42.28 -36.97 -22.67
C HIS E 349 43.81 -36.90 -22.63
N GLU E 350 44.46 -36.90 -23.81
CA GLU E 350 45.91 -36.86 -23.89
C GLU E 350 46.48 -35.60 -23.22
N LEU E 351 45.76 -34.48 -23.27
CA LEU E 351 46.26 -33.21 -22.72
C LEU E 351 45.81 -33.03 -21.28
N GLY E 352 45.06 -33.99 -20.72
CA GLY E 352 44.58 -33.88 -19.36
C GLY E 352 43.55 -32.78 -19.19
N ILE E 353 42.88 -32.41 -20.29
CA ILE E 353 41.73 -31.51 -20.24
C ILE E 353 40.53 -32.33 -19.76
N PRO E 354 39.94 -31.98 -18.59
CA PRO E 354 38.94 -32.84 -17.96
C PRO E 354 37.58 -32.79 -18.64
N VAL E 355 37.17 -33.93 -19.19
CA VAL E 355 35.87 -34.08 -19.83
C VAL E 355 35.03 -35.01 -18.96
N ILE E 356 33.81 -34.60 -18.63
CA ILE E 356 32.87 -35.51 -17.99
C ILE E 356 32.68 -36.72 -18.90
N PRO E 357 33.10 -37.93 -18.46
CA PRO E 357 33.04 -39.12 -19.32
C PRO E 357 31.60 -39.51 -19.60
N ASN E 358 31.31 -39.78 -20.87
CA ASN E 358 29.97 -40.13 -21.30
C ASN E 358 30.08 -40.94 -22.59
N PRO E 359 29.06 -41.74 -22.96
CA PRO E 359 29.10 -42.50 -24.22
C PRO E 359 28.41 -41.85 -25.43
N SER E 360 28.25 -40.52 -25.37
CA SER E 360 27.46 -39.79 -26.35
C SER E 360 28.32 -38.76 -27.11
N HIS E 361 27.66 -37.83 -27.80
CA HIS E 361 28.28 -36.91 -28.72
C HIS E 361 28.63 -35.59 -28.02
N ILE E 362 28.38 -35.49 -26.71
CA ILE E 362 28.61 -34.23 -26.00
C ILE E 362 29.95 -34.27 -25.29
N VAL E 363 30.65 -33.12 -25.31
CA VAL E 363 31.95 -32.96 -24.70
C VAL E 363 31.85 -31.87 -23.61
N PRO E 364 31.49 -32.23 -22.36
CA PRO E 364 31.40 -31.25 -21.28
C PRO E 364 32.75 -31.14 -20.59
N VAL E 365 33.39 -29.97 -20.76
CA VAL E 365 34.71 -29.72 -20.20
C VAL E 365 34.49 -29.08 -18.82
N LEU E 366 35.02 -29.76 -17.80
CA LEU E 366 34.78 -29.40 -16.42
C LEU E 366 35.72 -28.25 -16.04
N ILE E 367 35.13 -27.19 -15.47
CA ILE E 367 35.85 -26.02 -15.00
C ILE E 367 35.82 -26.03 -13.47
N GLY E 368 34.62 -26.03 -12.90
CA GLY E 368 34.41 -26.23 -11.48
C GLY E 368 34.14 -24.91 -10.73
N ASN E 369 34.03 -23.81 -11.47
CA ASN E 369 33.92 -22.48 -10.89
C ASN E 369 33.18 -21.57 -11.87
N ALA E 370 32.16 -20.84 -11.38
CA ALA E 370 31.27 -20.07 -12.22
C ALA E 370 32.05 -18.97 -12.95
N ASP E 371 32.85 -18.19 -12.19
CA ASP E 371 33.57 -17.06 -12.74
C ASP E 371 34.65 -17.52 -13.72
N LEU E 372 35.34 -18.61 -13.39
CA LEU E 372 36.38 -19.15 -14.28
C LEU E 372 35.79 -19.70 -15.58
N ALA E 373 34.59 -20.31 -15.52
CA ALA E 373 33.94 -20.82 -16.72
C ALA E 373 33.55 -19.66 -17.65
N LYS E 374 33.00 -18.59 -17.09
CA LYS E 374 32.62 -17.42 -17.88
C LYS E 374 33.86 -16.74 -18.47
N GLN E 375 34.97 -16.70 -17.72
CA GLN E 375 36.20 -16.08 -18.20
C GLN E 375 36.82 -16.91 -19.31
N ALA E 376 36.75 -18.24 -19.16
CA ALA E 376 37.23 -19.16 -20.20
C ALA E 376 36.44 -18.96 -21.50
N SER E 377 35.12 -18.83 -21.37
CA SER E 377 34.24 -18.59 -22.50
C SER E 377 34.60 -17.27 -23.17
N ASP E 378 34.84 -16.26 -22.34
CA ASP E 378 35.18 -14.89 -22.76
C ASP E 378 36.50 -14.86 -23.54
N ILE E 379 37.52 -15.54 -23.01
CA ILE E 379 38.83 -15.56 -23.64
C ILE E 379 38.75 -16.34 -24.96
N LEU E 380 37.99 -17.44 -24.96
CA LEU E 380 37.89 -18.27 -26.14
C LEU E 380 37.31 -17.47 -27.29
N ILE E 381 36.26 -16.69 -27.02
CA ILE E 381 35.58 -16.01 -28.11
C ILE E 381 36.37 -14.78 -28.56
N ASN E 382 36.95 -14.02 -27.61
CA ASN E 382 37.57 -12.74 -27.93
C ASN E 382 39.00 -12.92 -28.45
N LYS E 383 39.74 -13.87 -27.88
CA LYS E 383 41.14 -14.08 -28.23
C LYS E 383 41.29 -15.19 -29.26
N HIS E 384 40.49 -16.26 -29.18
CA HIS E 384 40.66 -17.39 -30.08
C HIS E 384 39.54 -17.49 -31.13
N GLN E 385 38.54 -16.61 -31.11
CA GLN E 385 37.38 -16.69 -32.01
C GLN E 385 36.71 -18.06 -31.97
N ILE E 386 36.57 -18.62 -30.77
CA ILE E 386 35.90 -19.88 -30.52
C ILE E 386 34.70 -19.60 -29.62
N TYR E 387 33.49 -19.95 -30.08
CA TYR E 387 32.29 -19.76 -29.27
C TYR E 387 31.86 -21.08 -28.64
N VAL E 388 32.04 -21.13 -27.31
CA VAL E 388 31.59 -22.20 -26.44
C VAL E 388 30.96 -21.52 -25.24
N GLN E 389 29.79 -21.99 -24.78
CA GLN E 389 29.08 -21.29 -23.71
C GLN E 389 29.38 -21.98 -22.37
N ALA E 390 29.51 -21.12 -21.33
CA ALA E 390 29.66 -21.57 -19.96
C ALA E 390 28.28 -21.99 -19.41
N ILE E 391 28.26 -23.14 -18.73
CA ILE E 391 27.06 -23.67 -18.12
C ILE E 391 27.26 -23.61 -16.60
N ASN E 392 26.42 -22.78 -15.95
CA ASN E 392 26.49 -22.54 -14.51
C ASN E 392 25.13 -22.85 -13.89
N PHE E 393 25.09 -22.73 -12.56
CA PHE E 393 23.85 -22.71 -11.79
C PHE E 393 22.92 -21.64 -12.38
N PRO E 394 21.59 -21.88 -12.52
CA PRO E 394 20.92 -23.09 -12.03
C PRO E 394 20.85 -24.30 -12.95
N THR E 395 21.47 -24.24 -14.15
CA THR E 395 21.36 -25.32 -15.11
C THR E 395 22.10 -26.56 -14.60
N VAL E 396 23.17 -26.35 -13.82
CA VAL E 396 23.93 -27.44 -13.23
C VAL E 396 24.27 -27.07 -11.79
N ALA E 397 24.72 -28.05 -11.02
CA ALA E 397 25.09 -27.83 -9.62
C ALA E 397 26.28 -26.89 -9.53
N ARG E 398 26.25 -26.00 -8.53
CA ARG E 398 27.39 -25.14 -8.22
C ARG E 398 28.59 -26.04 -7.90
N GLY E 399 29.76 -25.68 -8.44
CA GLY E 399 30.96 -26.49 -8.29
C GLY E 399 31.17 -27.46 -9.46
N THR E 400 30.16 -27.59 -10.34
CA THR E 400 30.25 -28.51 -11.48
C THR E 400 30.20 -27.73 -12.79
N GLU E 401 30.48 -26.41 -12.75
CA GLU E 401 30.34 -25.56 -13.92
C GLU E 401 31.24 -26.08 -15.03
N ARG E 402 30.84 -25.81 -16.28
CA ARG E 402 31.50 -26.43 -17.42
C ARG E 402 31.30 -25.64 -18.70
N LEU E 403 32.10 -26.00 -19.70
CA LEU E 403 31.94 -25.54 -21.07
C LEU E 403 31.35 -26.67 -21.89
N ARG E 404 30.26 -26.39 -22.60
CA ARG E 404 29.63 -27.45 -23.38
C ARG E 404 30.07 -27.36 -24.84
N ILE E 405 30.69 -28.43 -25.34
CA ILE E 405 31.18 -28.50 -26.71
C ILE E 405 30.43 -29.62 -27.41
N THR E 406 29.89 -29.30 -28.59
CA THR E 406 29.05 -30.20 -29.37
C THR E 406 29.56 -30.25 -30.82
N PRO E 407 30.48 -31.18 -31.15
CA PRO E 407 30.94 -31.35 -32.53
C PRO E 407 29.87 -31.90 -33.48
N THR E 408 29.99 -31.52 -34.77
CA THR E 408 29.07 -31.89 -35.82
C THR E 408 29.85 -32.53 -36.96
N PRO E 409 29.16 -33.05 -38.00
CA PRO E 409 29.84 -33.48 -39.23
C PRO E 409 30.66 -32.38 -39.89
N GLY E 410 30.40 -31.10 -39.56
CA GLY E 410 31.12 -29.98 -40.14
C GLY E 410 32.41 -29.63 -39.40
N HIS E 411 32.58 -30.14 -38.18
CA HIS E 411 33.78 -29.87 -37.39
C HIS E 411 34.89 -30.87 -37.74
N THR E 412 35.55 -30.58 -38.86
CA THR E 412 36.64 -31.43 -39.34
C THR E 412 37.85 -31.28 -38.41
N ASN E 413 38.83 -32.17 -38.60
CA ASN E 413 39.94 -32.32 -37.67
C ASN E 413 40.80 -31.05 -37.61
N ASP E 414 40.91 -30.30 -38.71
CA ASP E 414 41.64 -29.04 -38.71
C ASP E 414 40.99 -28.04 -37.75
N LEU E 415 39.65 -27.95 -37.74
CA LEU E 415 38.94 -27.07 -36.82
C LEU E 415 39.06 -27.60 -35.39
N SER E 416 38.96 -28.92 -35.21
CA SER E 416 39.15 -29.55 -33.92
C SER E 416 40.52 -29.19 -33.34
N ASP E 417 41.56 -29.22 -34.19
CA ASP E 417 42.93 -28.97 -33.76
C ASP E 417 43.04 -27.56 -33.19
N ILE E 418 42.39 -26.61 -33.85
CA ILE E 418 42.36 -25.22 -33.39
C ILE E 418 41.66 -25.16 -32.03
N LEU E 419 40.52 -25.84 -31.90
CA LEU E 419 39.78 -25.87 -30.65
C LEU E 419 40.64 -26.43 -29.52
N ILE E 420 41.27 -27.59 -29.77
CA ILE E 420 42.06 -28.29 -28.78
C ILE E 420 43.18 -27.38 -28.31
N ASN E 421 43.86 -26.76 -29.27
CA ASN E 421 44.97 -25.85 -29.00
C ASN E 421 44.49 -24.70 -28.13
N ALA E 422 43.32 -24.14 -28.46
CA ALA E 422 42.82 -22.94 -27.79
C ALA E 422 42.41 -23.27 -26.35
N VAL E 423 41.73 -24.40 -26.16
CA VAL E 423 41.25 -24.81 -24.85
C VAL E 423 42.45 -25.11 -23.96
N ASP E 424 43.44 -25.84 -24.51
CA ASP E 424 44.67 -26.12 -23.81
C ASP E 424 45.31 -24.81 -23.36
N ASP E 425 45.37 -23.84 -24.28
CA ASP E 425 46.00 -22.55 -24.05
C ASP E 425 45.28 -21.83 -22.91
N VAL E 426 43.94 -21.85 -22.94
CA VAL E 426 43.12 -21.15 -21.96
C VAL E 426 43.28 -21.82 -20.59
N PHE E 427 43.40 -23.14 -20.57
CA PHE E 427 43.61 -23.85 -19.32
C PHE E 427 44.89 -23.34 -18.65
N ASN E 428 45.96 -23.12 -19.43
CA ASN E 428 47.22 -22.64 -18.87
C ASN E 428 47.08 -21.18 -18.43
N GLU E 429 46.45 -20.35 -19.28
CA GLU E 429 46.33 -18.93 -18.99
C GLU E 429 45.63 -18.71 -17.65
N LEU E 430 44.61 -19.53 -17.36
CA LEU E 430 43.84 -19.39 -16.13
C LEU E 430 44.31 -20.38 -15.06
N GLN E 431 45.34 -21.18 -15.38
CA GLN E 431 45.86 -22.20 -14.49
C GLN E 431 44.72 -23.06 -13.94
N LEU E 432 43.85 -23.53 -14.85
CA LEU E 432 42.71 -24.35 -14.49
C LEU E 432 43.17 -25.78 -14.18
N PRO E 433 42.44 -26.52 -13.32
CA PRO E 433 42.79 -27.90 -12.99
C PRO E 433 42.67 -28.86 -14.17
N ARG E 434 43.73 -29.67 -14.35
CA ARG E 434 43.77 -30.78 -15.30
C ARG E 434 43.17 -32.01 -14.62
N VAL E 435 43.12 -33.12 -15.36
CA VAL E 435 42.58 -34.39 -14.87
C VAL E 435 43.33 -34.80 -13.60
N ARG E 436 44.67 -34.74 -13.64
CA ARG E 436 45.51 -35.13 -12.52
C ARG E 436 45.09 -34.40 -11.25
N ASP E 437 44.76 -33.10 -11.38
CA ASP E 437 44.42 -32.25 -10.26
C ASP E 437 43.08 -32.68 -9.66
N TRP E 438 42.13 -33.05 -10.53
CA TRP E 438 40.83 -33.54 -10.08
C TRP E 438 40.97 -34.88 -9.35
N GLU E 439 41.85 -35.77 -9.81
CA GLU E 439 42.30 -36.87 -8.96
C GLU E 439 43.61 -36.48 -8.28
N SER E 456 32.35 -48.03 -23.27
CA SER E 456 31.72 -46.71 -23.03
C SER E 456 31.78 -45.86 -24.32
N ASN E 457 31.04 -46.33 -25.32
CA ASN E 457 30.56 -45.50 -26.41
C ASN E 457 29.38 -46.19 -27.10
N LEU E 458 28.27 -45.47 -27.28
CA LEU E 458 27.11 -46.07 -27.90
C LEU E 458 27.42 -46.57 -29.31
N TRP E 459 28.06 -45.72 -30.12
CA TRP E 459 28.50 -46.14 -31.44
C TRP E 459 29.78 -46.96 -31.32
N THR E 460 29.67 -48.22 -31.74
CA THR E 460 30.78 -49.17 -31.73
C THR E 460 31.60 -48.98 -33.01
N SER E 461 32.79 -49.59 -33.05
CA SER E 461 33.66 -49.55 -34.22
C SER E 461 32.92 -50.15 -35.43
N SER E 462 32.23 -51.27 -35.17
CA SER E 462 31.43 -51.97 -36.15
C SER E 462 30.41 -51.02 -36.78
N GLN E 463 29.61 -50.37 -35.93
CA GLN E 463 28.57 -49.47 -36.41
C GLN E 463 29.17 -48.27 -37.13
N LEU E 464 30.34 -47.79 -36.66
CA LEU E 464 30.99 -46.59 -37.18
C LEU E 464 31.63 -46.81 -38.55
N SER E 465 31.73 -48.07 -38.99
CA SER E 465 32.31 -48.35 -40.29
C SER E 465 31.23 -48.66 -41.34
N LEU E 466 29.95 -48.49 -40.96
CA LEU E 466 28.85 -48.62 -41.90
C LEU E 466 28.81 -47.40 -42.80
N THR E 467 28.36 -47.59 -44.05
CA THR E 467 28.08 -46.50 -44.97
C THR E 467 26.59 -46.53 -45.35
N ASN E 468 26.17 -45.57 -46.16
CA ASN E 468 24.79 -45.45 -46.61
C ASN E 468 24.37 -46.67 -47.45
N ASP E 469 25.32 -47.36 -48.08
CA ASP E 469 25.06 -48.58 -48.84
C ASP E 469 24.65 -49.73 -47.92
N ASP E 470 24.98 -49.63 -46.64
CA ASP E 470 24.65 -50.69 -45.69
C ASP E 470 23.28 -50.48 -45.07
N LEU E 471 22.51 -49.51 -45.56
CA LEU E 471 21.16 -49.31 -45.09
C LEU E 471 20.21 -50.04 -46.04
N ASN E 472 19.02 -50.37 -45.51
CA ASN E 472 17.97 -50.93 -46.32
C ASN E 472 17.56 -49.90 -47.35
N PRO E 473 17.52 -50.22 -48.67
CA PRO E 473 17.09 -49.28 -49.70
C PRO E 473 15.70 -48.68 -49.53
N ASN E 474 14.85 -49.26 -48.66
CA ASN E 474 13.49 -48.78 -48.46
C ASN E 474 13.48 -47.46 -47.69
N VAL E 475 14.64 -47.03 -47.15
CA VAL E 475 14.76 -45.78 -46.42
C VAL E 475 15.06 -44.62 -47.36
N ARG E 476 15.40 -44.87 -48.65
CA ARG E 476 15.96 -43.84 -49.52
C ARG E 476 14.93 -42.75 -49.82
N ASP E 477 13.89 -43.06 -50.60
CA ASP E 477 12.87 -42.04 -50.89
C ASP E 477 11.49 -42.64 -50.62
N PRO E 478 11.18 -42.98 -49.35
CA PRO E 478 9.91 -43.63 -49.05
C PRO E 478 8.76 -42.73 -49.46
N ILE E 479 7.69 -43.33 -50.00
CA ILE E 479 6.41 -42.68 -50.19
C ILE E 479 5.64 -42.82 -48.88
N VAL E 480 5.93 -41.90 -47.95
CA VAL E 480 5.31 -41.82 -46.64
C VAL E 480 3.92 -41.18 -46.79
N LYS E 481 2.87 -41.95 -46.41
CA LYS E 481 1.48 -41.55 -46.57
C LYS E 481 1.00 -40.84 -45.30
N GLN E 482 0.06 -39.90 -45.49
CA GLN E 482 -0.43 -39.04 -44.42
C GLN E 482 -1.30 -39.84 -43.45
N LEU E 483 -1.26 -39.47 -42.16
CA LEU E 483 -1.97 -40.18 -41.11
C LEU E 483 -3.39 -39.61 -40.99
N GLU E 484 -4.37 -40.51 -40.75
CA GLU E 484 -5.76 -40.10 -40.59
C GLU E 484 -5.93 -39.32 -39.28
N VAL E 485 -5.15 -39.68 -38.26
CA VAL E 485 -5.28 -39.17 -36.89
C VAL E 485 -4.89 -37.68 -36.81
N SER E 486 -3.98 -37.25 -37.70
CA SER E 486 -3.56 -35.85 -37.82
C SER E 486 -4.76 -34.92 -38.04
N SER E 487 -5.79 -35.40 -38.76
CA SER E 487 -7.00 -34.63 -39.12
C SER E 487 -8.20 -35.00 -38.26
N GLY E 488 -8.19 -36.19 -37.65
CA GLY E 488 -9.34 -36.75 -36.95
C GLY E 488 -9.81 -38.06 -37.59
N ILE E 489 -10.28 -38.99 -36.75
CA ILE E 489 -10.55 -40.36 -37.17
C ILE E 489 -12.07 -40.56 -37.28
N LYS E 490 -12.49 -41.20 -38.37
CA LYS E 490 -13.88 -41.63 -38.58
C LYS E 490 -13.98 -43.10 -38.17
N SER F 12 16.78 21.83 3.99
CA SER F 12 15.77 22.92 3.91
C SER F 12 14.80 22.64 2.75
N GLY F 13 13.65 23.32 2.80
CA GLY F 13 12.51 22.94 1.99
C GLY F 13 12.54 23.56 0.60
N PHE F 14 11.48 23.32 -0.16
CA PHE F 14 11.20 24.04 -1.39
C PHE F 14 11.13 25.53 -1.09
N ASP F 15 11.61 26.35 -2.04
CA ASP F 15 11.57 27.80 -1.90
C ASP F 15 10.24 28.31 -2.48
N TYR F 16 9.19 28.27 -1.66
CA TYR F 16 7.85 28.68 -2.05
C TYR F 16 7.83 30.19 -2.32
N GLU F 17 8.56 30.96 -1.48
CA GLU F 17 8.57 32.41 -1.58
C GLU F 17 9.32 32.83 -2.85
N GLY F 18 10.40 32.10 -3.17
CA GLY F 18 11.14 32.28 -4.42
C GLY F 18 10.30 32.04 -5.67
N LEU F 19 9.48 30.98 -5.68
CA LEU F 19 8.64 30.68 -6.83
C LEU F 19 7.65 31.81 -7.05
N ILE F 20 7.05 32.31 -5.96
CA ILE F 20 6.02 33.36 -6.02
C ILE F 20 6.65 34.67 -6.47
N ASP F 21 7.80 35.05 -5.88
CA ASP F 21 8.53 36.27 -6.24
C ASP F 21 8.78 36.37 -7.74
N SER F 22 9.34 35.28 -8.31
CA SER F 22 9.72 35.28 -9.71
C SER F 22 8.46 35.29 -10.60
N GLU F 23 7.38 34.67 -10.12
CA GLU F 23 6.11 34.61 -10.84
C GLU F 23 5.49 36.00 -10.94
N LEU F 24 5.55 36.77 -9.83
CA LEU F 24 5.06 38.15 -9.75
C LEU F 24 5.94 39.09 -10.57
N GLN F 25 7.24 38.79 -10.65
CA GLN F 25 8.19 39.60 -11.39
C GLN F 25 7.97 39.49 -12.90
N LYS F 26 7.53 38.32 -13.37
CA LYS F 26 7.23 38.11 -14.79
C LYS F 26 6.05 39.01 -15.20
N LYS F 27 5.08 39.21 -14.29
CA LYS F 27 3.92 40.05 -14.50
C LYS F 27 4.36 41.52 -14.64
N ARG F 28 5.32 41.96 -13.83
CA ARG F 28 5.79 43.34 -13.83
C ARG F 28 6.63 43.64 -15.07
N LEU F 29 7.53 42.72 -15.43
CA LEU F 29 8.40 42.88 -16.59
C LEU F 29 7.60 42.87 -17.90
N ASP F 30 6.59 41.98 -18.03
CA ASP F 30 5.76 41.90 -19.23
C ASP F 30 4.62 42.93 -19.16
N LYS F 31 4.47 43.61 -18.01
CA LYS F 31 3.64 44.80 -17.84
C LYS F 31 2.15 44.45 -17.89
N SER F 32 1.80 43.23 -17.48
CA SER F 32 0.41 42.81 -17.35
C SER F 32 -0.01 42.79 -15.87
N TYR F 33 0.90 43.18 -14.97
CA TYR F 33 0.62 43.31 -13.55
C TYR F 33 -0.37 44.45 -13.35
N ARG F 34 -1.52 44.14 -12.74
CA ARG F 34 -2.69 45.00 -12.74
C ARG F 34 -2.74 45.87 -11.47
N TYR F 35 -3.09 47.15 -11.66
CA TYR F 35 -3.39 48.07 -10.57
C TYR F 35 -4.88 48.38 -10.62
N PHE F 36 -5.62 47.97 -9.58
CA PHE F 36 -7.03 48.25 -9.47
C PHE F 36 -7.22 49.70 -9.06
N ASN F 37 -8.25 50.35 -9.66
CA ASN F 37 -8.65 51.68 -9.24
C ASN F 37 -9.74 51.60 -8.19
N ASN F 38 -9.59 52.45 -7.16
CA ASN F 38 -10.62 52.72 -6.17
C ASN F 38 -11.73 53.53 -6.84
N ILE F 39 -12.82 52.82 -7.21
CA ILE F 39 -13.94 53.38 -7.94
C ILE F 39 -15.21 53.15 -7.15
N ASN F 40 -15.79 54.27 -6.70
CA ASN F 40 -16.94 54.24 -5.81
C ASN F 40 -18.14 54.83 -6.57
N ARG F 41 -18.93 53.94 -7.18
CA ARG F 41 -19.97 54.32 -8.09
C ARG F 41 -21.11 54.92 -7.28
N LEU F 42 -21.65 56.04 -7.80
CA LEU F 42 -22.62 56.84 -7.08
C LEU F 42 -24.00 56.56 -7.64
N ALA F 43 -24.83 55.92 -6.80
CA ALA F 43 -26.22 55.58 -7.12
C ALA F 43 -27.03 56.84 -7.42
N LYS F 44 -26.71 57.96 -6.72
CA LYS F 44 -27.42 59.21 -6.86
C LYS F 44 -26.95 60.00 -8.09
N GLU F 45 -25.87 59.59 -8.75
CA GLU F 45 -25.25 60.44 -9.75
C GLU F 45 -24.69 59.61 -10.90
N PHE F 46 -25.41 58.57 -11.31
CA PHE F 46 -24.93 57.68 -12.35
C PHE F 46 -24.65 58.48 -13.64
N PRO F 47 -23.56 58.24 -14.43
CA PRO F 47 -22.53 57.21 -14.17
C PRO F 47 -21.23 57.72 -13.54
N LEU F 48 -21.35 58.65 -12.59
CA LEU F 48 -20.19 59.16 -11.87
C LEU F 48 -19.75 58.16 -10.79
N ALA F 49 -18.47 58.30 -10.40
CA ALA F 49 -17.88 57.60 -9.28
C ALA F 49 -16.87 58.53 -8.61
N HIS F 50 -16.57 58.28 -7.33
CA HIS F 50 -15.48 58.97 -6.69
C HIS F 50 -14.34 57.98 -6.47
N ARG F 51 -13.13 58.54 -6.33
CA ARG F 51 -11.95 57.75 -6.03
C ARG F 51 -11.76 57.69 -4.51
N GLN F 52 -10.51 57.78 -4.04
CA GLN F 52 -10.22 57.70 -2.62
C GLN F 52 -11.02 58.78 -1.90
N ARG F 53 -10.98 60.03 -2.40
CA ARG F 53 -11.70 61.14 -1.78
C ARG F 53 -13.07 61.27 -2.47
N GLU F 54 -14.08 61.64 -1.67
CA GLU F 54 -15.45 61.78 -2.14
C GLU F 54 -15.54 62.89 -3.20
N ALA F 55 -14.71 63.93 -3.04
CA ALA F 55 -14.71 65.12 -3.88
C ALA F 55 -14.13 64.84 -5.27
N ASP F 56 -13.35 63.76 -5.41
CA ASP F 56 -12.61 63.47 -6.63
C ASP F 56 -13.42 62.51 -7.52
N LYS F 57 -14.19 63.10 -8.45
CA LYS F 57 -15.18 62.37 -9.23
C LYS F 57 -14.72 62.16 -10.66
N VAL F 58 -15.15 61.03 -11.23
CA VAL F 58 -14.83 60.67 -12.61
C VAL F 58 -16.10 60.14 -13.26
N THR F 59 -16.11 60.07 -14.58
CA THR F 59 -17.21 59.44 -15.30
C THR F 59 -16.81 58.03 -15.69
N VAL F 60 -17.64 57.07 -15.27
CA VAL F 60 -17.37 55.67 -15.52
C VAL F 60 -17.93 55.31 -16.88
N TRP F 61 -17.05 54.74 -17.70
CA TRP F 61 -17.32 54.37 -19.08
C TRP F 61 -16.99 52.92 -19.36
N CYS F 62 -16.77 52.11 -18.32
CA CYS F 62 -16.38 50.71 -18.50
C CYS F 62 -17.10 49.78 -17.56
N SER F 63 -18.21 50.24 -16.95
CA SER F 63 -19.03 49.40 -16.08
C SER F 63 -19.85 48.42 -16.90
N ASN F 64 -20.19 47.29 -16.30
CA ASN F 64 -21.08 46.33 -16.96
C ASN F 64 -22.48 46.44 -16.38
N ASP F 65 -22.73 47.54 -15.65
CA ASP F 65 -24.06 47.94 -15.24
C ASP F 65 -24.76 48.55 -16.46
N TYR F 66 -25.07 47.67 -17.43
CA TYR F 66 -25.30 48.07 -18.80
C TYR F 66 -26.54 48.96 -18.95
N LEU F 67 -27.54 48.75 -18.08
CA LEU F 67 -28.82 49.44 -18.17
C LEU F 67 -28.99 50.41 -16.98
N ALA F 68 -27.96 50.56 -16.15
CA ALA F 68 -27.97 51.44 -14.98
C ALA F 68 -28.97 50.97 -13.92
N LEU F 69 -29.27 49.66 -13.90
CA LEU F 69 -30.30 49.14 -13.01
C LEU F 69 -29.76 48.90 -11.59
N SER F 70 -28.43 49.02 -11.38
CA SER F 70 -27.84 48.87 -10.06
C SER F 70 -28.40 49.92 -9.09
N LYS F 71 -28.88 51.05 -9.63
CA LYS F 71 -29.36 52.14 -8.80
C LYS F 71 -30.82 52.44 -9.09
N HIS F 72 -31.53 51.53 -9.77
CA HIS F 72 -32.93 51.73 -10.10
C HIS F 72 -33.78 51.73 -8.83
N PRO F 73 -34.73 52.67 -8.65
CA PRO F 73 -35.55 52.74 -7.44
C PRO F 73 -36.23 51.45 -7.05
N GLU F 74 -36.70 50.67 -8.05
CA GLU F 74 -37.39 49.43 -7.76
C GLU F 74 -36.42 48.37 -7.24
N VAL F 75 -35.17 48.41 -7.71
CA VAL F 75 -34.13 47.52 -7.25
C VAL F 75 -33.73 47.88 -5.80
N LEU F 76 -33.50 49.17 -5.54
CA LEU F 76 -33.07 49.62 -4.23
C LEU F 76 -34.17 49.38 -3.20
N ASP F 77 -35.42 49.66 -3.60
CA ASP F 77 -36.55 49.52 -2.72
C ASP F 77 -36.76 48.05 -2.34
N ALA F 78 -36.61 47.16 -3.33
CA ALA F 78 -36.71 45.73 -3.11
C ALA F 78 -35.65 45.25 -2.12
N MET F 79 -34.43 45.81 -2.24
CA MET F 79 -33.34 45.50 -1.33
C MET F 79 -33.69 45.95 0.09
N HIS F 80 -34.05 47.24 0.23
CA HIS F 80 -34.31 47.81 1.55
C HIS F 80 -35.39 47.01 2.27
N LYS F 81 -36.49 46.71 1.58
CA LYS F 81 -37.61 46.02 2.20
C LYS F 81 -37.22 44.59 2.57
N THR F 82 -36.43 43.93 1.71
CA THR F 82 -36.05 42.55 1.95
C THR F 82 -35.10 42.47 3.16
N ILE F 83 -34.16 43.41 3.27
CA ILE F 83 -33.23 43.50 4.38
C ILE F 83 -33.98 43.63 5.71
N ASP F 84 -35.03 44.47 5.72
CA ASP F 84 -35.78 44.71 6.94
C ASP F 84 -36.50 43.44 7.42
N LYS F 85 -36.89 42.57 6.47
CA LYS F 85 -37.67 41.39 6.79
C LYS F 85 -36.77 40.17 7.02
N TYR F 86 -35.75 39.99 6.15
CA TYR F 86 -34.94 38.78 6.11
C TYR F 86 -33.57 38.94 6.75
N GLY F 87 -33.11 40.20 6.87
CA GLY F 87 -31.74 40.47 7.29
C GLY F 87 -30.79 40.51 6.10
N CYS F 88 -29.50 40.23 6.39
CA CYS F 88 -28.44 40.26 5.38
C CYS F 88 -28.28 38.86 4.77
N GLY F 89 -27.60 37.95 5.50
CA GLY F 89 -27.30 36.64 4.96
C GLY F 89 -28.54 35.74 4.85
N ALA F 90 -28.48 34.80 3.88
CA ALA F 90 -29.43 33.70 3.76
C ALA F 90 -29.37 32.81 5.01
N GLY F 91 -28.18 32.68 5.60
CA GLY F 91 -27.98 31.92 6.82
C GLY F 91 -27.84 30.43 6.58
N GLY F 92 -27.57 30.04 5.33
CA GLY F 92 -27.38 28.63 5.01
C GLY F 92 -27.26 28.39 3.51
N THR F 93 -27.13 27.10 3.16
CA THR F 93 -27.19 26.61 1.79
C THR F 93 -28.63 26.26 1.41
N ARG F 94 -28.86 26.04 0.11
CA ARG F 94 -30.19 25.72 -0.39
C ARG F 94 -30.78 24.51 0.32
N ASN F 95 -29.92 23.53 0.63
CA ASN F 95 -30.36 22.33 1.31
C ASN F 95 -30.73 22.62 2.76
N ILE F 96 -29.97 23.48 3.44
CA ILE F 96 -30.12 23.67 4.87
C ILE F 96 -30.34 25.15 5.18
N ALA F 97 -31.62 25.56 5.25
CA ALA F 97 -32.01 26.83 5.86
C ALA F 97 -31.87 28.01 4.91
N GLY F 98 -31.36 27.77 3.69
CA GLY F 98 -31.09 28.84 2.74
C GLY F 98 -31.93 28.74 1.46
N HIS F 99 -33.13 28.16 1.56
CA HIS F 99 -34.12 28.14 0.48
C HIS F 99 -35.37 28.91 0.92
N ASN F 100 -35.90 29.81 0.05
CA ASN F 100 -36.79 30.88 0.48
C ASN F 100 -37.53 31.49 -0.72
N ILE F 101 -38.46 32.41 -0.43
CA ILE F 101 -39.39 32.97 -1.41
C ILE F 101 -38.65 33.84 -2.43
N PRO F 102 -37.71 34.73 -2.00
CA PRO F 102 -36.89 35.47 -2.96
C PRO F 102 -36.16 34.60 -3.96
N THR F 103 -35.67 33.43 -3.51
CA THR F 103 -35.01 32.47 -4.38
C THR F 103 -36.01 31.92 -5.40
N LEU F 104 -37.18 31.51 -4.91
CA LEU F 104 -38.22 30.96 -5.77
C LEU F 104 -38.69 31.99 -6.80
N ASN F 105 -38.92 33.23 -6.38
CA ASN F 105 -39.38 34.26 -7.30
C ASN F 105 -38.34 34.53 -8.39
N LEU F 106 -37.06 34.52 -8.02
CA LEU F 106 -35.99 34.84 -8.95
C LEU F 106 -35.85 33.73 -10.00
N GLU F 107 -35.84 32.48 -9.55
CA GLU F 107 -35.70 31.37 -10.48
C GLU F 107 -36.90 31.37 -11.42
N ALA F 108 -38.10 31.66 -10.90
CA ALA F 108 -39.29 31.71 -11.73
C ALA F 108 -39.19 32.84 -12.76
N GLU F 109 -38.64 33.99 -12.37
CA GLU F 109 -38.53 35.14 -13.25
C GLU F 109 -37.57 34.85 -14.41
N LEU F 110 -36.47 34.15 -14.12
CA LEU F 110 -35.47 33.84 -15.11
C LEU F 110 -36.00 32.82 -16.12
N ALA F 111 -36.72 31.81 -15.62
CA ALA F 111 -37.36 30.80 -16.46
C ALA F 111 -38.39 31.46 -17.38
N THR F 112 -39.17 32.40 -16.83
CA THR F 112 -40.13 33.18 -17.60
C THR F 112 -39.44 34.00 -18.69
N LEU F 113 -38.29 34.63 -18.36
CA LEU F 113 -37.57 35.49 -19.29
C LEU F 113 -37.12 34.72 -20.53
N HIS F 114 -36.56 33.54 -20.30
CA HIS F 114 -36.03 32.70 -21.37
C HIS F 114 -37.09 31.74 -21.89
N LYS F 115 -38.32 31.82 -21.34
CA LYS F 115 -39.45 30.97 -21.74
C LYS F 115 -39.04 29.49 -21.68
N LYS F 116 -38.38 29.12 -20.58
CA LYS F 116 -37.92 27.77 -20.30
C LYS F 116 -38.73 27.19 -19.14
N GLU F 117 -38.67 25.87 -19.00
CA GLU F 117 -39.35 25.15 -17.94
C GLU F 117 -38.75 25.52 -16.58
N GLY F 118 -37.43 25.71 -16.51
CA GLY F 118 -36.76 25.96 -15.25
C GLY F 118 -35.56 26.89 -15.36
N ALA F 119 -35.14 27.41 -14.20
CA ALA F 119 -33.86 28.10 -14.04
C ALA F 119 -33.31 27.80 -12.64
N LEU F 120 -31.97 27.81 -12.53
CA LEU F 120 -31.28 27.54 -11.28
C LEU F 120 -30.26 28.64 -11.04
N VAL F 121 -30.29 29.22 -9.83
CA VAL F 121 -29.42 30.32 -9.48
C VAL F 121 -28.18 29.79 -8.76
N PHE F 122 -27.02 30.35 -9.11
CA PHE F 122 -25.73 30.06 -8.52
C PHE F 122 -25.12 31.36 -7.98
N SER F 123 -24.04 31.24 -7.20
CA SER F 123 -23.30 32.36 -6.65
C SER F 123 -22.91 33.40 -7.69
N SER F 124 -22.56 32.91 -8.88
CA SER F 124 -22.03 33.73 -9.98
C SER F 124 -22.21 32.97 -11.29
N CYS F 125 -22.14 33.66 -12.43
CA CYS F 125 -22.16 32.92 -13.69
C CYS F 125 -20.82 32.17 -13.88
N TYR F 126 -19.74 32.65 -13.28
CA TYR F 126 -18.50 31.90 -13.33
C TYR F 126 -18.74 30.50 -12.80
N VAL F 127 -19.43 30.43 -11.65
CA VAL F 127 -19.71 29.16 -10.97
C VAL F 127 -20.75 28.33 -11.73
N ALA F 128 -21.78 29.01 -12.29
CA ALA F 128 -22.79 28.34 -13.10
C ALA F 128 -22.13 27.61 -14.28
N ASN F 129 -21.30 28.34 -15.04
CA ASN F 129 -20.62 27.83 -16.23
C ASN F 129 -19.75 26.64 -15.83
N ASP F 130 -18.98 26.79 -14.75
CA ASP F 130 -18.07 25.74 -14.30
C ASP F 130 -18.87 24.50 -13.90
N ALA F 131 -19.99 24.70 -13.17
CA ALA F 131 -20.80 23.61 -12.63
C ALA F 131 -21.44 22.78 -13.74
N VAL F 132 -22.05 23.46 -14.70
CA VAL F 132 -22.77 22.80 -15.78
C VAL F 132 -21.80 22.02 -16.67
N LEU F 133 -20.72 22.69 -17.09
CA LEU F 133 -19.73 22.10 -17.98
C LEU F 133 -19.01 20.94 -17.30
N SER F 134 -18.64 21.12 -16.02
CA SER F 134 -17.95 20.08 -15.26
C SER F 134 -18.79 18.81 -15.21
N LEU F 135 -20.10 18.99 -14.93
CA LEU F 135 -21.00 17.88 -14.64
C LEU F 135 -21.25 17.09 -15.93
N LEU F 136 -21.51 17.82 -17.02
CA LEU F 136 -21.76 17.20 -18.32
C LEU F 136 -20.60 16.26 -18.68
N GLY F 137 -19.37 16.77 -18.58
CA GLY F 137 -18.17 16.00 -18.92
C GLY F 137 -17.90 14.88 -17.93
N GLN F 138 -18.25 15.09 -16.67
CA GLN F 138 -17.97 14.10 -15.63
C GLN F 138 -19.00 12.97 -15.70
N LYS F 139 -20.17 13.22 -16.29
CA LYS F 139 -21.22 12.21 -16.38
C LYS F 139 -21.34 11.61 -17.76
N MET F 140 -20.73 12.24 -18.77
CA MET F 140 -20.60 11.65 -20.10
C MET F 140 -19.13 11.72 -20.50
N LYS F 141 -18.39 10.64 -20.20
CA LYS F 141 -16.95 10.63 -20.33
C LYS F 141 -16.55 10.58 -21.80
N ASP F 142 -17.51 10.14 -22.66
CA ASP F 142 -17.35 10.10 -24.10
C ASP F 142 -17.69 11.43 -24.77
N LEU F 143 -18.02 12.47 -23.98
CA LEU F 143 -18.47 13.74 -24.52
C LEU F 143 -17.33 14.41 -25.27
N VAL F 144 -17.68 15.05 -26.38
CA VAL F 144 -16.76 15.90 -27.11
C VAL F 144 -17.33 17.31 -27.10
N ILE F 145 -16.51 18.25 -26.61
CA ILE F 145 -16.91 19.64 -26.49
C ILE F 145 -16.26 20.42 -27.63
N PHE F 146 -17.09 21.24 -28.29
CA PHE F 146 -16.67 22.11 -29.37
C PHE F 146 -16.81 23.53 -28.85
N SER F 147 -15.67 24.22 -28.72
CA SER F 147 -15.57 25.47 -27.99
C SER F 147 -15.01 26.56 -28.89
N ASP F 148 -15.72 27.70 -28.93
CA ASP F 148 -15.30 28.87 -29.68
C ASP F 148 -14.00 29.39 -29.05
N GLU F 149 -13.03 29.75 -29.90
CA GLU F 149 -11.73 30.13 -29.41
C GLU F 149 -11.82 31.34 -28.48
N LEU F 150 -12.86 32.18 -28.59
CA LEU F 150 -12.92 33.39 -27.77
C LEU F 150 -13.82 33.23 -26.53
N ASN F 151 -14.13 31.99 -26.15
CA ASN F 151 -14.95 31.73 -24.97
C ASN F 151 -14.25 32.27 -23.72
N HIS F 152 -15.08 32.79 -22.80
CA HIS F 152 -14.69 33.34 -21.51
C HIS F 152 -13.90 32.34 -20.66
N ALA F 153 -13.10 32.86 -19.72
CA ALA F 153 -12.29 32.04 -18.82
C ALA F 153 -13.13 31.02 -18.07
N SER F 154 -14.34 31.40 -17.62
CA SER F 154 -15.22 30.52 -16.87
C SER F 154 -15.55 29.26 -17.68
N MET F 155 -15.80 29.44 -18.98
CA MET F 155 -16.14 28.33 -19.86
C MET F 155 -14.90 27.49 -20.17
N ILE F 156 -13.75 28.15 -20.36
CA ILE F 156 -12.51 27.44 -20.60
C ILE F 156 -12.20 26.51 -19.43
N VAL F 157 -12.35 27.05 -18.22
CA VAL F 157 -12.09 26.36 -16.96
C VAL F 157 -13.09 25.22 -16.80
N GLY F 158 -14.37 25.49 -17.02
CA GLY F 158 -15.41 24.46 -17.02
C GLY F 158 -15.08 23.31 -17.99
N ILE F 159 -14.59 23.66 -19.19
CA ILE F 159 -14.30 22.66 -20.20
C ILE F 159 -13.09 21.81 -19.82
N LYS F 160 -12.04 22.44 -19.24
CA LYS F 160 -10.92 21.69 -18.67
C LYS F 160 -11.41 20.74 -17.57
N HIS F 161 -12.21 21.27 -16.63
CA HIS F 161 -12.74 20.50 -15.52
C HIS F 161 -13.57 19.31 -15.99
N ALA F 162 -14.35 19.50 -17.07
CA ALA F 162 -15.17 18.44 -17.66
C ALA F 162 -14.31 17.22 -17.98
N ASN F 163 -13.07 17.46 -18.40
CA ASN F 163 -12.05 16.43 -18.52
C ASN F 163 -12.47 15.42 -19.59
N VAL F 164 -12.74 15.93 -20.80
CA VAL F 164 -13.20 15.17 -21.95
C VAL F 164 -12.45 15.70 -23.18
N LYS F 165 -12.63 15.04 -24.31
CA LYS F 165 -12.09 15.49 -25.58
C LYS F 165 -12.71 16.85 -25.96
N LYS F 166 -11.87 17.78 -26.41
CA LYS F 166 -12.32 19.15 -26.71
C LYS F 166 -11.67 19.62 -28.01
N HIS F 167 -12.48 20.29 -28.85
CA HIS F 167 -11.97 20.91 -30.06
C HIS F 167 -12.29 22.39 -29.99
N ILE F 168 -11.28 23.23 -30.28
CA ILE F 168 -11.48 24.66 -30.34
C ILE F 168 -11.64 25.07 -31.80
N PHE F 169 -12.72 25.78 -32.15
CA PHE F 169 -12.90 26.23 -33.51
C PHE F 169 -12.58 27.73 -33.60
N LYS F 170 -12.04 28.13 -34.76
CA LYS F 170 -11.77 29.54 -35.02
C LYS F 170 -13.04 30.35 -34.75
N HIS F 171 -12.83 31.56 -34.23
CA HIS F 171 -13.91 32.41 -33.73
C HIS F 171 -15.01 32.59 -34.78
N ASN F 172 -16.22 32.13 -34.45
CA ASN F 172 -17.43 32.31 -35.24
C ASN F 172 -17.31 31.61 -36.60
N ASP F 173 -16.41 30.64 -36.73
CA ASP F 173 -16.18 29.95 -37.99
C ASP F 173 -16.99 28.66 -38.02
N LEU F 174 -18.17 28.72 -38.65
CA LEU F 174 -19.13 27.62 -38.59
C LEU F 174 -18.85 26.57 -39.67
N ASN F 175 -17.98 26.90 -40.63
CA ASN F 175 -17.44 25.92 -41.56
C ASN F 175 -16.52 24.96 -40.80
N GLU F 176 -15.60 25.54 -40.01
CA GLU F 176 -14.68 24.73 -39.22
C GLU F 176 -15.46 23.94 -38.18
N LEU F 177 -16.48 24.55 -37.56
CA LEU F 177 -17.25 23.83 -36.56
C LEU F 177 -17.94 22.63 -37.19
N GLU F 178 -18.53 22.83 -38.39
CA GLU F 178 -19.24 21.75 -39.06
C GLU F 178 -18.27 20.61 -39.40
N GLN F 179 -17.05 20.96 -39.83
CA GLN F 179 -16.08 19.95 -40.22
C GLN F 179 -15.65 19.11 -39.02
N LEU F 180 -15.59 19.75 -37.85
CA LEU F 180 -15.23 19.06 -36.61
C LEU F 180 -16.37 18.13 -36.20
N LEU F 181 -17.60 18.64 -36.25
CA LEU F 181 -18.78 17.87 -35.88
C LEU F 181 -18.93 16.64 -36.77
N GLN F 182 -18.69 16.83 -38.07
CA GLN F 182 -18.82 15.81 -39.10
C GLN F 182 -17.82 14.66 -38.91
N SER F 183 -16.69 14.89 -38.22
CA SER F 183 -15.65 13.87 -38.16
C SER F 183 -15.90 12.89 -37.03
N TYR F 184 -17.07 13.00 -36.38
CA TYR F 184 -17.52 12.07 -35.36
C TYR F 184 -18.82 11.40 -35.79
N PRO F 185 -19.07 10.14 -35.38
CA PRO F 185 -20.41 9.55 -35.51
C PRO F 185 -21.45 10.41 -34.80
N LYS F 186 -22.69 10.40 -35.31
CA LYS F 186 -23.79 11.17 -34.75
C LYS F 186 -24.07 10.73 -33.32
N SER F 187 -23.89 9.43 -33.04
CA SER F 187 -24.25 8.87 -31.75
C SER F 187 -23.24 9.22 -30.66
N VAL F 188 -22.11 9.83 -31.02
CA VAL F 188 -21.18 10.31 -30.00
C VAL F 188 -21.81 11.53 -29.36
N PRO F 189 -21.84 11.61 -28.00
CA PRO F 189 -22.36 12.81 -27.32
C PRO F 189 -21.45 14.00 -27.57
N LYS F 190 -22.08 15.15 -27.87
CA LYS F 190 -21.36 16.34 -28.22
C LYS F 190 -21.97 17.54 -27.51
N LEU F 191 -21.13 18.55 -27.27
CA LEU F 191 -21.59 19.81 -26.70
C LEU F 191 -20.94 20.94 -27.47
N ILE F 192 -21.77 21.89 -27.95
CA ILE F 192 -21.26 23.11 -28.53
C ILE F 192 -21.42 24.22 -27.50
N ALA F 193 -20.27 24.78 -27.08
CA ALA F 193 -20.22 25.79 -26.05
C ALA F 193 -19.77 27.10 -26.69
N PHE F 194 -20.57 28.15 -26.50
CA PHE F 194 -20.34 29.43 -27.14
C PHE F 194 -21.06 30.53 -26.39
N GLU F 195 -20.72 31.78 -26.72
CA GLU F 195 -21.39 32.95 -26.20
C GLU F 195 -22.21 33.60 -27.31
N SER F 196 -23.25 34.33 -26.90
CA SER F 196 -24.06 35.12 -27.83
C SER F 196 -23.29 36.38 -28.23
N VAL F 197 -22.84 37.13 -27.22
CA VAL F 197 -22.04 38.32 -27.39
C VAL F 197 -20.74 38.11 -26.61
N TYR F 198 -19.63 38.27 -27.34
CA TYR F 198 -18.29 38.13 -26.80
C TYR F 198 -17.83 39.48 -26.27
N SER F 199 -17.47 39.56 -24.98
CA SER F 199 -17.36 40.84 -24.30
C SER F 199 -16.15 41.64 -24.74
N MET F 200 -15.09 40.98 -25.21
CA MET F 200 -13.84 41.68 -25.41
C MET F 200 -13.80 42.29 -26.81
N ALA F 201 -14.59 41.73 -27.73
CA ALA F 201 -14.66 42.10 -29.13
C ALA F 201 -16.03 42.69 -29.52
N GLY F 202 -17.06 42.29 -28.77
CA GLY F 202 -18.44 42.64 -29.05
C GLY F 202 -19.05 41.83 -30.20
N SER F 203 -18.35 40.79 -30.68
CA SER F 203 -18.85 40.01 -31.81
C SER F 203 -20.02 39.12 -31.34
N VAL F 204 -20.83 38.68 -32.28
CA VAL F 204 -22.07 38.00 -32.00
C VAL F 204 -22.08 36.66 -32.74
N ALA F 205 -22.60 35.62 -32.08
CA ALA F 205 -22.69 34.30 -32.68
C ALA F 205 -23.95 34.21 -33.52
N ASP F 206 -23.87 33.38 -34.58
CA ASP F 206 -25.04 32.99 -35.34
C ASP F 206 -25.71 31.80 -34.64
N ILE F 207 -26.53 32.14 -33.64
CA ILE F 207 -27.05 31.11 -32.76
C ILE F 207 -27.91 30.15 -33.57
N GLU F 208 -28.66 30.66 -34.55
CA GLU F 208 -29.58 29.81 -35.30
C GLU F 208 -28.83 28.76 -36.12
N LYS F 209 -27.74 29.17 -36.79
CA LYS F 209 -26.97 28.25 -37.60
C LYS F 209 -26.33 27.18 -36.70
N ILE F 210 -25.92 27.57 -35.49
CA ILE F 210 -25.32 26.63 -34.57
C ILE F 210 -26.36 25.61 -34.09
N CYS F 211 -27.60 26.06 -33.85
CA CYS F 211 -28.68 25.15 -33.47
C CYS F 211 -28.96 24.15 -34.59
N ASP F 212 -28.88 24.61 -35.85
CA ASP F 212 -29.06 23.75 -37.01
C ASP F 212 -27.98 22.67 -37.04
N LEU F 213 -26.72 23.07 -36.78
CA LEU F 213 -25.60 22.15 -36.75
C LEU F 213 -25.75 21.14 -35.60
N ALA F 214 -26.28 21.60 -34.45
CA ALA F 214 -26.50 20.74 -33.31
C ALA F 214 -27.55 19.66 -33.65
N ASP F 215 -28.62 20.07 -34.34
CA ASP F 215 -29.68 19.15 -34.75
C ASP F 215 -29.09 18.07 -35.67
N LYS F 216 -28.28 18.50 -36.63
CA LYS F 216 -27.77 17.62 -37.67
C LYS F 216 -26.75 16.63 -37.10
N TYR F 217 -25.91 17.05 -36.14
CA TYR F 217 -24.81 16.20 -35.69
C TYR F 217 -25.02 15.69 -34.26
N GLY F 218 -26.20 15.98 -33.68
CA GLY F 218 -26.62 15.34 -32.44
C GLY F 218 -25.88 15.88 -31.22
N ALA F 219 -25.80 17.20 -31.10
CA ALA F 219 -25.06 17.89 -30.05
C ALA F 219 -26.03 18.66 -29.17
N LEU F 220 -25.70 18.75 -27.88
CA LEU F 220 -26.26 19.75 -27.00
C LEU F 220 -25.63 21.10 -27.30
N THR F 221 -26.38 22.15 -26.94
CA THR F 221 -25.96 23.53 -27.14
C THR F 221 -25.92 24.18 -25.75
N PHE F 222 -24.80 24.84 -25.48
CA PHE F 222 -24.56 25.59 -24.25
C PHE F 222 -24.22 27.02 -24.64
N LEU F 223 -25.07 27.97 -24.23
CA LEU F 223 -25.04 29.33 -24.70
C LEU F 223 -24.90 30.28 -23.51
N ASP F 224 -23.82 31.07 -23.52
CA ASP F 224 -23.57 32.08 -22.50
C ASP F 224 -24.05 33.43 -23.05
N GLU F 225 -25.14 33.94 -22.44
CA GLU F 225 -25.76 35.20 -22.81
C GLU F 225 -25.47 36.29 -21.77
N VAL F 226 -24.30 36.23 -21.12
CA VAL F 226 -23.97 37.08 -19.99
C VAL F 226 -23.92 38.56 -20.43
N HIS F 227 -23.37 38.82 -21.62
CA HIS F 227 -23.28 40.18 -22.14
C HIS F 227 -24.45 40.51 -23.06
N ALA F 228 -25.56 39.75 -22.98
CA ALA F 228 -26.70 39.91 -23.87
C ALA F 228 -28.01 40.09 -23.09
N VAL F 229 -28.15 39.43 -21.94
CA VAL F 229 -29.40 39.54 -21.19
C VAL F 229 -29.57 40.97 -20.71
N GLY F 230 -30.81 41.46 -20.84
CA GLY F 230 -31.17 42.84 -20.60
C GLY F 230 -31.14 43.69 -21.87
N LEU F 231 -30.36 43.25 -22.87
CA LEU F 231 -29.87 44.13 -23.93
C LEU F 231 -30.44 43.78 -25.30
N TYR F 232 -30.76 42.50 -25.54
CA TYR F 232 -31.21 42.04 -26.85
C TYR F 232 -32.55 41.34 -26.70
N GLY F 233 -33.31 41.29 -27.80
CA GLY F 233 -34.69 40.86 -27.78
C GLY F 233 -35.59 41.99 -27.30
N PRO F 234 -36.91 41.93 -27.59
CA PRO F 234 -37.81 42.99 -27.12
C PRO F 234 -37.92 43.09 -25.60
N HIS F 235 -37.59 41.99 -24.90
CA HIS F 235 -37.75 41.91 -23.46
C HIS F 235 -36.42 41.73 -22.73
N GLY F 236 -35.31 41.81 -23.47
CA GLY F 236 -33.99 41.65 -22.88
C GLY F 236 -33.65 40.19 -22.52
N ALA F 237 -34.26 39.21 -23.21
CA ALA F 237 -33.99 37.82 -22.92
C ALA F 237 -32.71 37.35 -23.63
N GLY F 238 -32.14 38.21 -24.48
CA GLY F 238 -30.84 37.95 -25.09
C GLY F 238 -30.91 37.87 -26.60
N VAL F 239 -29.77 37.49 -27.21
CA VAL F 239 -29.63 37.43 -28.66
C VAL F 239 -30.51 36.29 -29.19
N ALA F 240 -30.68 35.22 -28.42
CA ALA F 240 -31.54 34.12 -28.83
C ALA F 240 -32.97 34.65 -29.04
N GLU F 241 -33.42 35.56 -28.18
CA GLU F 241 -34.73 36.17 -28.32
C GLU F 241 -34.74 37.11 -29.53
N HIS F 242 -33.64 37.84 -29.73
CA HIS F 242 -33.52 38.79 -30.83
C HIS F 242 -33.65 38.10 -32.18
N CYS F 243 -33.23 36.83 -32.26
CA CYS F 243 -33.35 36.02 -33.46
C CYS F 243 -34.80 35.92 -33.92
N ASP F 244 -35.76 35.97 -32.98
CA ASP F 244 -37.18 35.91 -33.32
C ASP F 244 -37.89 37.10 -32.68
N PHE F 245 -37.34 38.28 -32.97
CA PHE F 245 -37.70 39.52 -32.31
C PHE F 245 -39.20 39.75 -32.38
N GLU F 246 -39.76 39.62 -33.58
CA GLU F 246 -41.13 40.02 -33.86
C GLU F 246 -42.12 39.00 -33.30
N SER F 247 -41.79 37.71 -33.42
CA SER F 247 -42.57 36.64 -32.80
C SER F 247 -42.65 36.84 -31.29
N HIS F 248 -41.49 37.09 -30.65
CA HIS F 248 -41.45 37.28 -29.21
C HIS F 248 -42.20 38.55 -28.83
N ARG F 249 -42.01 39.62 -29.61
CA ARG F 249 -42.67 40.88 -29.30
C ARG F 249 -44.19 40.72 -29.31
N ALA F 250 -44.72 40.04 -30.34
CA ALA F 250 -46.16 39.82 -30.46
C ALA F 250 -46.70 38.99 -29.28
N SER F 251 -46.00 37.92 -28.90
CA SER F 251 -46.50 36.98 -27.91
C SER F 251 -46.20 37.44 -26.49
N GLY F 252 -45.28 38.41 -26.31
CA GLY F 252 -44.91 38.89 -25.00
C GLY F 252 -44.24 37.81 -24.14
N ILE F 253 -44.93 37.43 -23.05
CA ILE F 253 -44.47 36.43 -22.10
C ILE F 253 -44.72 35.02 -22.62
N ALA F 254 -45.72 34.85 -23.48
CA ALA F 254 -46.08 33.54 -23.98
C ALA F 254 -45.05 33.06 -24.99
N THR F 255 -44.92 31.74 -25.12
CA THR F 255 -44.21 31.13 -26.23
C THR F 255 -44.94 31.48 -27.54
N PRO F 256 -44.26 32.04 -28.57
CA PRO F 256 -44.93 32.35 -29.82
C PRO F 256 -45.38 31.11 -30.58
N LYS F 257 -46.43 31.27 -31.39
CA LYS F 257 -46.97 30.19 -32.21
C LYS F 257 -45.92 29.72 -33.23
N THR F 258 -45.16 30.68 -33.78
CA THR F 258 -44.17 30.42 -34.81
C THR F 258 -42.94 31.29 -34.53
N ASN F 259 -41.81 30.92 -35.13
CA ASN F 259 -40.62 31.75 -35.14
C ASN F 259 -40.77 32.79 -36.25
N ASP F 260 -39.72 33.64 -36.41
CA ASP F 260 -39.80 34.79 -37.29
C ASP F 260 -39.82 34.39 -38.77
N LYS F 261 -39.55 33.11 -39.09
CA LYS F 261 -39.58 32.64 -40.46
C LYS F 261 -40.83 31.80 -40.71
N GLY F 262 -41.71 31.66 -39.71
CA GLY F 262 -42.93 30.88 -39.84
C GLY F 262 -42.76 29.42 -39.48
N GLY F 263 -41.56 29.03 -39.00
CA GLY F 263 -41.32 27.69 -38.48
C GLY F 263 -41.90 27.51 -37.07
N ALA F 264 -41.84 26.31 -36.52
CA ALA F 264 -42.58 25.97 -35.31
C ALA F 264 -41.84 26.40 -34.05
N LYS F 265 -40.50 26.37 -34.06
CA LYS F 265 -39.70 26.59 -32.86
C LYS F 265 -38.80 27.82 -32.97
N THR F 266 -38.83 28.64 -31.91
CA THR F 266 -37.92 29.77 -31.82
C THR F 266 -36.50 29.27 -31.53
N VAL F 267 -35.52 30.12 -31.82
CA VAL F 267 -34.11 29.81 -31.53
C VAL F 267 -33.94 29.64 -30.02
N MET F 268 -34.55 30.52 -29.23
CA MET F 268 -34.36 30.51 -27.78
C MET F 268 -34.90 29.20 -27.20
N ASP F 269 -35.96 28.66 -27.82
CA ASP F 269 -36.54 27.38 -27.43
C ASP F 269 -35.62 26.21 -27.79
N ARG F 270 -34.85 26.32 -28.88
CA ARG F 270 -34.04 25.22 -29.38
C ARG F 270 -32.72 25.08 -28.62
N VAL F 271 -32.26 26.14 -27.95
CA VAL F 271 -31.04 26.10 -27.19
C VAL F 271 -31.27 25.27 -25.93
N ASP F 272 -30.40 24.29 -25.66
CA ASP F 272 -30.63 23.37 -24.55
C ASP F 272 -30.34 24.06 -23.21
N MET F 273 -29.25 24.84 -23.14
CA MET F 273 -28.84 25.44 -21.88
C MET F 273 -28.39 26.88 -22.13
N ILE F 274 -29.02 27.81 -21.42
CA ILE F 274 -28.67 29.23 -21.48
C ILE F 274 -28.21 29.68 -20.11
N THR F 275 -26.99 30.22 -20.04
CA THR F 275 -26.50 30.81 -18.80
C THR F 275 -26.51 32.33 -18.91
N GLY F 276 -26.79 32.98 -17.79
CA GLY F 276 -26.67 34.42 -17.67
C GLY F 276 -26.07 34.81 -16.33
N THR F 277 -25.92 36.13 -16.14
CA THR F 277 -25.48 36.72 -14.89
C THR F 277 -26.60 37.62 -14.39
N LEU F 278 -26.60 37.85 -13.07
CA LEU F 278 -27.41 38.87 -12.45
C LEU F 278 -26.55 40.10 -12.17
N GLY F 279 -25.27 40.05 -12.56
CA GLY F 279 -24.25 40.97 -12.08
C GLY F 279 -23.97 42.11 -13.06
N LYS F 280 -24.69 42.15 -14.19
CA LYS F 280 -24.45 43.16 -15.19
C LYS F 280 -25.71 43.98 -15.41
N SER F 281 -26.47 43.67 -16.48
CA SER F 281 -27.72 44.35 -16.80
C SER F 281 -28.66 44.36 -15.61
N PHE F 282 -28.73 43.22 -14.89
CA PHE F 282 -29.71 43.01 -13.84
C PHE F 282 -29.25 43.60 -12.49
N GLY F 283 -28.09 44.26 -12.48
CA GLY F 283 -27.76 45.27 -11.48
C GLY F 283 -27.46 44.71 -10.08
N SER F 284 -27.05 43.43 -9.99
CA SER F 284 -26.92 42.74 -8.72
C SER F 284 -25.67 41.85 -8.73
N VAL F 285 -25.85 40.57 -8.36
CA VAL F 285 -24.78 39.58 -8.43
C VAL F 285 -25.42 38.20 -8.52
N GLY F 286 -24.70 37.27 -9.14
CA GLY F 286 -25.16 35.91 -9.25
C GLY F 286 -25.14 35.39 -10.67
N GLY F 287 -25.38 34.09 -10.81
CA GLY F 287 -25.44 33.44 -12.11
C GLY F 287 -26.67 32.54 -12.18
N TYR F 288 -26.94 32.03 -13.38
CA TYR F 288 -28.03 31.10 -13.55
C TYR F 288 -27.88 30.31 -14.84
N VAL F 289 -28.59 29.19 -14.87
CA VAL F 289 -28.83 28.46 -16.10
C VAL F 289 -30.33 28.27 -16.27
N ALA F 290 -30.80 28.49 -17.49
CA ALA F 290 -32.19 28.23 -17.86
C ALA F 290 -32.22 27.08 -18.86
N ALA F 291 -33.16 26.14 -18.63
CA ALA F 291 -33.17 24.87 -19.32
C ALA F 291 -34.44 24.10 -18.97
N SER F 292 -34.53 22.88 -19.50
CA SER F 292 -35.62 21.97 -19.21
C SER F 292 -35.61 21.64 -17.72
N ARG F 293 -36.80 21.27 -17.21
CA ARG F 293 -36.98 20.87 -15.82
C ARG F 293 -35.99 19.75 -15.47
N LYS F 294 -35.79 18.80 -16.40
CA LYS F 294 -34.94 17.65 -16.15
C LYS F 294 -33.49 18.08 -15.92
N LEU F 295 -32.97 18.92 -16.82
CA LEU F 295 -31.60 19.42 -16.70
C LEU F 295 -31.42 20.21 -15.40
N ILE F 296 -32.39 21.08 -15.08
CA ILE F 296 -32.29 21.91 -13.89
C ILE F 296 -32.27 21.02 -12.64
N ASP F 297 -33.13 20.00 -12.61
CA ASP F 297 -33.22 19.13 -11.45
C ASP F 297 -31.90 18.39 -11.25
N TRP F 298 -31.26 18.07 -12.38
CA TRP F 298 -29.98 17.38 -12.43
C TRP F 298 -28.87 18.25 -11.82
N PHE F 299 -28.79 19.51 -12.23
CA PHE F 299 -27.79 20.42 -11.68
C PHE F 299 -28.01 20.64 -10.19
N ARG F 300 -29.29 20.81 -9.83
CA ARG F 300 -29.71 21.03 -8.46
C ARG F 300 -29.27 19.85 -7.59
N SER F 301 -29.38 18.64 -8.14
CA SER F 301 -29.19 17.40 -7.38
C SER F 301 -27.71 17.02 -7.29
N PHE F 302 -26.88 17.46 -8.25
CA PHE F 302 -25.56 16.89 -8.44
C PHE F 302 -24.42 17.90 -8.47
N ALA F 303 -24.65 19.17 -8.79
CA ALA F 303 -23.56 20.12 -8.95
C ALA F 303 -23.03 20.56 -7.57
N PRO F 304 -21.79 20.17 -7.19
CA PRO F 304 -21.26 20.54 -5.86
C PRO F 304 -21.11 22.06 -5.66
N GLY F 305 -20.86 22.79 -6.76
CA GLY F 305 -20.75 24.24 -6.75
C GLY F 305 -22.08 24.94 -6.48
N PHE F 306 -23.20 24.20 -6.67
CA PHE F 306 -24.53 24.67 -6.30
C PHE F 306 -24.85 24.28 -4.86
N ILE F 307 -24.51 23.02 -4.50
CA ILE F 307 -25.04 22.38 -3.30
C ILE F 307 -24.33 22.91 -2.06
N PHE F 308 -23.00 23.08 -2.14
CA PHE F 308 -22.14 23.18 -0.96
C PHE F 308 -21.65 24.61 -0.72
N THR F 309 -22.55 25.57 -0.90
CA THR F 309 -22.20 26.98 -0.85
C THR F 309 -23.40 27.79 -0.34
N THR F 310 -23.08 28.83 0.45
CA THR F 310 -24.07 29.70 1.04
C THR F 310 -24.92 30.29 -0.09
N THR F 311 -26.25 30.32 0.15
CA THR F 311 -27.19 30.96 -0.75
C THR F 311 -26.93 32.46 -0.75
N LEU F 312 -27.08 33.08 -1.92
CA LEU F 312 -27.01 34.54 -2.03
C LEU F 312 -28.00 35.18 -1.07
N PRO F 313 -27.66 36.36 -0.50
CA PRO F 313 -28.60 37.08 0.36
C PRO F 313 -29.94 37.27 -0.32
N PRO F 314 -31.06 37.14 0.44
CA PRO F 314 -32.40 37.38 -0.11
C PRO F 314 -32.53 38.74 -0.81
N SER F 315 -31.91 39.78 -0.23
CA SER F 315 -32.02 41.14 -0.74
C SER F 315 -31.38 41.27 -2.12
N VAL F 316 -30.30 40.52 -2.33
CA VAL F 316 -29.55 40.54 -3.57
C VAL F 316 -30.38 39.88 -4.66
N MET F 317 -31.09 38.80 -4.29
CA MET F 317 -32.01 38.12 -5.18
C MET F 317 -33.21 39.01 -5.48
N ALA F 318 -33.77 39.63 -4.45
CA ALA F 318 -34.94 40.50 -4.60
C ALA F 318 -34.63 41.64 -5.58
N GLY F 319 -33.43 42.23 -5.43
CA GLY F 319 -32.96 43.26 -6.33
C GLY F 319 -32.95 42.83 -7.79
N ALA F 320 -32.35 41.67 -8.07
CA ALA F 320 -32.24 41.12 -9.40
C ALA F 320 -33.63 40.85 -9.99
N THR F 321 -34.53 40.28 -9.17
CA THR F 321 -35.89 40.01 -9.59
C THR F 321 -36.58 41.29 -10.06
N ALA F 322 -36.46 42.34 -9.23
CA ALA F 322 -37.03 43.64 -9.53
C ALA F 322 -36.46 44.21 -10.85
N ALA F 323 -35.14 44.04 -11.03
CA ALA F 323 -34.46 44.54 -12.22
C ALA F 323 -34.98 43.81 -13.46
N ILE F 324 -35.11 42.49 -13.37
CA ILE F 324 -35.57 41.67 -14.49
C ILE F 324 -36.99 42.07 -14.90
N ARG F 325 -37.91 42.16 -13.92
CA ARG F 325 -39.30 42.53 -14.15
C ARG F 325 -39.38 43.92 -14.80
N TYR F 326 -38.61 44.88 -14.29
CA TYR F 326 -38.66 46.24 -14.81
C TYR F 326 -38.19 46.26 -16.27
N GLN F 327 -37.04 45.63 -16.54
CA GLN F 327 -36.42 45.76 -17.85
C GLN F 327 -37.25 45.03 -18.91
N ARG F 328 -38.02 44.00 -18.50
CA ARG F 328 -38.78 43.19 -19.45
C ARG F 328 -39.73 44.09 -20.23
N CYS F 329 -40.36 45.05 -19.55
CA CYS F 329 -41.38 45.89 -20.17
C CYS F 329 -40.88 47.31 -20.45
N HIS F 330 -39.57 47.58 -20.28
CA HIS F 330 -38.98 48.86 -20.63
C HIS F 330 -37.94 48.71 -21.74
N ILE F 331 -38.42 48.56 -22.98
CA ILE F 331 -37.56 48.44 -24.15
C ILE F 331 -36.80 49.75 -24.39
N ASP F 332 -37.26 50.86 -23.78
CA ASP F 332 -36.59 52.14 -23.94
C ASP F 332 -35.16 52.06 -23.40
N LEU F 333 -34.91 51.15 -22.43
CA LEU F 333 -33.57 50.96 -21.88
C LEU F 333 -32.60 50.53 -22.98
N ARG F 334 -33.06 49.60 -23.83
CA ARG F 334 -32.24 49.04 -24.88
C ARG F 334 -32.07 50.01 -26.05
N THR F 335 -33.18 50.67 -26.43
CA THR F 335 -33.13 51.56 -27.58
C THR F 335 -32.17 52.72 -27.25
N SER F 336 -32.26 53.25 -26.01
CA SER F 336 -31.42 54.38 -25.69
C SER F 336 -29.94 53.97 -25.52
N GLN F 337 -29.70 52.74 -24.99
CA GLN F 337 -28.34 52.26 -24.95
C GLN F 337 -27.74 52.13 -26.36
N GLN F 338 -28.51 51.53 -27.27
CA GLN F 338 -28.00 51.30 -28.61
C GLN F 338 -27.69 52.64 -29.28
N LYS F 339 -28.56 53.64 -29.07
CA LYS F 339 -28.36 54.93 -29.70
C LYS F 339 -27.09 55.61 -29.16
N HIS F 340 -26.92 55.55 -27.84
CA HIS F 340 -25.72 56.08 -27.21
C HIS F 340 -24.47 55.42 -27.78
N THR F 341 -24.49 54.08 -27.87
CA THR F 341 -23.37 53.33 -28.41
C THR F 341 -23.08 53.75 -29.84
N MET F 342 -24.14 53.82 -30.67
CA MET F 342 -23.96 54.16 -32.08
C MET F 342 -23.37 55.56 -32.24
N TYR F 343 -23.78 56.49 -31.35
CA TYR F 343 -23.28 57.85 -31.34
C TYR F 343 -21.76 57.87 -31.11
N VAL F 344 -21.33 57.15 -30.06
CA VAL F 344 -19.90 57.05 -29.73
C VAL F 344 -19.13 56.38 -30.88
N LYS F 345 -19.67 55.28 -31.41
CA LYS F 345 -19.02 54.53 -32.48
C LYS F 345 -18.78 55.38 -33.73
N LYS F 346 -19.78 56.19 -34.12
CA LYS F 346 -19.70 56.95 -35.36
C LYS F 346 -18.76 58.13 -35.19
N ALA F 347 -18.76 58.73 -33.99
CA ALA F 347 -17.81 59.79 -33.68
C ALA F 347 -16.37 59.27 -33.75
N PHE F 348 -16.11 58.09 -33.16
CA PHE F 348 -14.80 57.46 -33.22
C PHE F 348 -14.39 57.14 -34.67
N HIS F 349 -15.34 56.63 -35.46
CA HIS F 349 -15.05 56.34 -36.85
C HIS F 349 -14.59 57.63 -37.55
N GLU F 350 -15.32 58.73 -37.37
CA GLU F 350 -15.00 59.99 -38.03
C GLU F 350 -13.62 60.49 -37.61
N LEU F 351 -13.20 60.23 -36.36
CA LEU F 351 -11.90 60.72 -35.87
C LEU F 351 -10.79 59.70 -36.12
N GLY F 352 -11.11 58.55 -36.73
CA GLY F 352 -10.10 57.54 -36.99
C GLY F 352 -9.59 56.88 -35.71
N ILE F 353 -10.40 56.94 -34.64
CA ILE F 353 -10.12 56.22 -33.41
C ILE F 353 -10.47 54.75 -33.64
N PRO F 354 -9.48 53.82 -33.57
CA PRO F 354 -9.69 52.45 -34.04
C PRO F 354 -10.49 51.59 -33.07
N VAL F 355 -11.71 51.26 -33.50
CA VAL F 355 -12.66 50.50 -32.74
C VAL F 355 -12.81 49.16 -33.44
N ILE F 356 -12.70 48.06 -32.68
CA ILE F 356 -13.00 46.75 -33.23
C ILE F 356 -14.46 46.75 -33.71
N PRO F 357 -14.71 46.62 -35.04
CA PRO F 357 -16.07 46.68 -35.57
C PRO F 357 -16.89 45.48 -35.09
N ASN F 358 -18.10 45.75 -34.61
CA ASN F 358 -18.98 44.73 -34.06
C ASN F 358 -20.43 45.21 -34.17
N PRO F 359 -21.44 44.31 -34.14
CA PRO F 359 -22.85 44.74 -34.18
C PRO F 359 -23.56 44.88 -32.84
N SER F 360 -22.79 45.06 -31.76
CA SER F 360 -23.31 45.03 -30.40
C SER F 360 -23.07 46.37 -29.68
N HIS F 361 -23.19 46.37 -28.35
CA HIS F 361 -23.21 47.57 -27.54
C HIS F 361 -21.80 47.91 -27.02
N ILE F 362 -20.80 47.10 -27.40
CA ILE F 362 -19.46 47.28 -26.86
C ILE F 362 -18.58 48.07 -27.84
N VAL F 363 -17.76 48.96 -27.27
CA VAL F 363 -16.87 49.84 -28.04
C VAL F 363 -15.43 49.55 -27.62
N PRO F 364 -14.74 48.55 -28.23
CA PRO F 364 -13.36 48.24 -27.86
C PRO F 364 -12.39 49.07 -28.70
N VAL F 365 -11.68 49.98 -28.04
CA VAL F 365 -10.66 50.78 -28.72
C VAL F 365 -9.32 50.07 -28.60
N LEU F 366 -8.75 49.81 -29.79
CA LEU F 366 -7.50 49.04 -29.86
C LEU F 366 -6.29 49.94 -29.54
N ILE F 367 -5.43 49.47 -28.62
CA ILE F 367 -4.18 50.13 -28.28
C ILE F 367 -3.02 49.32 -28.86
N GLY F 368 -2.91 48.05 -28.45
CA GLY F 368 -1.97 47.08 -29.01
C GLY F 368 -0.74 46.86 -28.13
N ASN F 369 -0.72 47.50 -26.96
CA ASN F 369 0.47 47.53 -26.13
C ASN F 369 0.07 47.71 -24.67
N ALA F 370 0.61 46.87 -23.79
CA ALA F 370 0.22 46.81 -22.39
C ALA F 370 0.49 48.15 -21.70
N ASP F 371 1.73 48.66 -21.84
CA ASP F 371 2.19 49.88 -21.18
C ASP F 371 1.40 51.09 -21.69
N LEU F 372 1.19 51.15 -23.02
CA LEU F 372 0.46 52.26 -23.62
C LEU F 372 -1.01 52.27 -23.22
N ALA F 373 -1.62 51.08 -23.07
CA ALA F 373 -3.02 50.99 -22.65
C ALA F 373 -3.18 51.48 -21.22
N LYS F 374 -2.26 51.09 -20.33
CA LYS F 374 -2.30 51.54 -18.95
C LYS F 374 -2.06 53.05 -18.86
N GLN F 375 -1.16 53.59 -19.69
CA GLN F 375 -0.89 55.03 -19.68
C GLN F 375 -2.08 55.81 -20.20
N ALA F 376 -2.75 55.29 -21.23
CA ALA F 376 -3.95 55.88 -21.77
C ALA F 376 -5.07 55.95 -20.73
N SER F 377 -5.22 54.84 -20.00
CA SER F 377 -6.17 54.74 -18.91
C SER F 377 -5.85 55.76 -17.82
N ASP F 378 -4.56 55.87 -17.51
CA ASP F 378 -4.02 56.75 -16.48
C ASP F 378 -4.29 58.22 -16.83
N ILE F 379 -4.04 58.60 -18.08
CA ILE F 379 -4.22 59.98 -18.51
C ILE F 379 -5.72 60.32 -18.52
N LEU F 380 -6.54 59.36 -18.98
CA LEU F 380 -7.97 59.58 -19.06
C LEU F 380 -8.53 59.89 -17.67
N ILE F 381 -8.11 59.13 -16.67
CA ILE F 381 -8.74 59.27 -15.36
C ILE F 381 -8.17 60.46 -14.61
N ASN F 382 -6.86 60.73 -14.73
CA ASN F 382 -6.21 61.75 -13.92
C ASN F 382 -6.36 63.13 -14.55
N LYS F 383 -6.30 63.21 -15.90
CA LYS F 383 -6.38 64.48 -16.59
C LYS F 383 -7.82 64.78 -17.05
N HIS F 384 -8.55 63.77 -17.51
CA HIS F 384 -9.87 64.00 -18.09
C HIS F 384 -11.03 63.53 -17.21
N GLN F 385 -10.74 62.94 -16.03
CA GLN F 385 -11.76 62.37 -15.17
C GLN F 385 -12.70 61.41 -15.92
N ILE F 386 -12.10 60.56 -16.76
CA ILE F 386 -12.80 59.52 -17.50
C ILE F 386 -12.21 58.18 -17.04
N TYR F 387 -13.06 57.29 -16.52
CA TYR F 387 -12.61 55.96 -16.13
C TYR F 387 -13.00 54.94 -17.20
N VAL F 388 -11.96 54.48 -17.89
CA VAL F 388 -11.99 53.35 -18.78
C VAL F 388 -10.79 52.51 -18.41
N GLN F 389 -10.98 51.20 -18.24
CA GLN F 389 -9.90 50.35 -17.74
C GLN F 389 -9.21 49.70 -18.94
N ALA F 390 -7.87 49.57 -18.79
CA ALA F 390 -7.02 48.92 -19.77
C ALA F 390 -7.15 47.41 -19.62
N ILE F 391 -7.35 46.73 -20.76
CA ILE F 391 -7.63 45.30 -20.74
C ILE F 391 -6.42 44.62 -21.41
N ASN F 392 -5.72 43.82 -20.59
CA ASN F 392 -4.49 43.15 -20.93
C ASN F 392 -4.63 41.67 -20.60
N PHE F 393 -3.59 40.91 -20.97
CA PHE F 393 -3.45 39.51 -20.59
C PHE F 393 -3.60 39.39 -19.07
N PRO F 394 -4.31 38.36 -18.53
CA PRO F 394 -4.88 37.26 -19.31
C PRO F 394 -6.29 37.43 -19.91
N THR F 395 -6.90 38.61 -19.74
CA THR F 395 -8.27 38.79 -20.22
C THR F 395 -8.31 38.82 -21.74
N VAL F 396 -7.25 39.27 -22.39
CA VAL F 396 -7.14 39.28 -23.84
C VAL F 396 -5.74 38.85 -24.23
N ALA F 397 -5.53 38.55 -25.52
CA ALA F 397 -4.20 38.18 -26.00
C ALA F 397 -3.24 39.36 -25.88
N ARG F 398 -1.99 39.08 -25.51
CA ARG F 398 -0.92 40.06 -25.53
C ARG F 398 -0.76 40.57 -26.97
N GLY F 399 -0.62 41.89 -27.13
CA GLY F 399 -0.56 42.51 -28.45
C GLY F 399 -1.92 43.00 -28.92
N THR F 400 -3.00 42.63 -28.19
CA THR F 400 -4.35 43.04 -28.58
C THR F 400 -4.96 43.96 -27.52
N GLU F 401 -4.12 44.52 -26.62
CA GLU F 401 -4.60 45.26 -25.46
C GLU F 401 -5.51 46.39 -25.93
N ARG F 402 -6.47 46.75 -25.07
CA ARG F 402 -7.50 47.70 -25.49
C ARG F 402 -8.12 48.38 -24.28
N LEU F 403 -8.85 49.46 -24.62
CA LEU F 403 -9.73 50.11 -23.65
C LEU F 403 -11.16 49.72 -24.03
N ARG F 404 -11.89 49.19 -23.05
CA ARG F 404 -13.23 48.73 -23.29
C ARG F 404 -14.21 49.79 -22.80
N ILE F 405 -15.06 50.29 -23.70
CA ILE F 405 -16.02 51.33 -23.41
C ILE F 405 -17.42 50.76 -23.62
N THR F 406 -18.26 50.94 -22.60
CA THR F 406 -19.59 50.35 -22.55
C THR F 406 -20.64 51.41 -22.22
N PRO F 407 -21.22 52.10 -23.23
CA PRO F 407 -22.29 53.09 -22.98
C PRO F 407 -23.59 52.45 -22.47
N THR F 408 -24.33 53.23 -21.69
CA THR F 408 -25.58 52.83 -21.05
C THR F 408 -26.66 53.85 -21.41
N PRO F 409 -27.93 53.61 -21.00
CA PRO F 409 -28.94 54.66 -21.13
C PRO F 409 -28.59 55.97 -20.42
N GLY F 410 -27.64 55.93 -19.47
CA GLY F 410 -27.25 57.09 -18.69
C GLY F 410 -26.17 57.93 -19.37
N HIS F 411 -25.50 57.37 -20.40
CA HIS F 411 -24.45 58.09 -21.11
C HIS F 411 -25.03 58.94 -22.24
N THR F 412 -25.58 60.08 -21.84
CA THR F 412 -26.18 61.03 -22.79
C THR F 412 -25.09 61.65 -23.67
N ASN F 413 -25.54 62.32 -24.74
CA ASN F 413 -24.64 62.77 -25.81
C ASN F 413 -23.64 63.81 -25.30
N ASP F 414 -24.02 64.62 -24.31
CA ASP F 414 -23.10 65.58 -23.71
C ASP F 414 -21.92 64.86 -23.05
N LEU F 415 -22.17 63.75 -22.34
CA LEU F 415 -21.13 62.95 -21.71
C LEU F 415 -20.29 62.24 -22.78
N SER F 416 -20.97 61.73 -23.82
CA SER F 416 -20.29 61.11 -24.95
C SER F 416 -19.29 62.08 -25.58
N ASP F 417 -19.72 63.34 -25.75
CA ASP F 417 -18.91 64.35 -26.41
C ASP F 417 -17.61 64.56 -25.64
N ILE F 418 -17.72 64.59 -24.30
CA ILE F 418 -16.56 64.75 -23.45
C ILE F 418 -15.64 63.54 -23.61
N LEU F 419 -16.21 62.33 -23.63
CA LEU F 419 -15.42 61.11 -23.82
C LEU F 419 -14.66 61.16 -25.15
N ILE F 420 -15.38 61.49 -26.22
CA ILE F 420 -14.82 61.48 -27.56
C ILE F 420 -13.65 62.45 -27.62
N ASN F 421 -13.87 63.65 -27.08
CA ASN F 421 -12.86 64.69 -27.03
C ASN F 421 -11.62 64.19 -26.27
N ALA F 422 -11.85 63.52 -25.14
CA ALA F 422 -10.77 63.12 -24.25
C ALA F 422 -9.94 62.01 -24.91
N VAL F 423 -10.62 61.03 -25.52
CA VAL F 423 -9.95 59.90 -26.14
C VAL F 423 -9.13 60.38 -27.33
N ASP F 424 -9.74 61.28 -28.13
CA ASP F 424 -9.03 61.89 -29.24
C ASP F 424 -7.76 62.57 -28.73
N ASP F 425 -7.90 63.32 -27.64
CA ASP F 425 -6.81 64.07 -27.05
C ASP F 425 -5.69 63.13 -26.61
N VAL F 426 -6.06 62.02 -25.95
CA VAL F 426 -5.10 61.06 -25.43
C VAL F 426 -4.39 60.36 -26.58
N PHE F 427 -5.12 60.08 -27.67
CA PHE F 427 -4.49 59.47 -28.83
C PHE F 427 -3.36 60.37 -29.35
N ASN F 428 -3.57 61.70 -29.36
CA ASN F 428 -2.54 62.63 -29.83
C ASN F 428 -1.40 62.70 -28.81
N GLU F 429 -1.72 62.78 -27.51
CA GLU F 429 -0.71 62.88 -26.48
C GLU F 429 0.28 61.72 -26.57
N LEU F 430 -0.23 60.52 -26.85
CA LEU F 430 0.61 59.31 -26.93
C LEU F 430 0.98 59.00 -28.38
N GLN F 431 0.53 59.83 -29.33
CA GLN F 431 0.77 59.63 -30.76
C GLN F 431 0.41 58.22 -31.16
N LEU F 432 -0.78 57.76 -30.72
CA LEU F 432 -1.27 56.41 -31.01
C LEU F 432 -1.79 56.38 -32.45
N PRO F 433 -1.73 55.20 -33.13
CA PRO F 433 -2.19 55.08 -34.51
C PRO F 433 -3.70 55.27 -34.67
N ARG F 434 -4.05 56.04 -35.71
CA ARG F 434 -5.41 56.13 -36.24
C ARG F 434 -5.67 54.96 -37.19
N VAL F 435 -6.92 54.83 -37.68
CA VAL F 435 -7.42 53.58 -38.26
C VAL F 435 -6.50 53.11 -39.41
N ASN F 457 -25.59 45.74 -37.62
CA ASN F 457 -26.03 46.07 -36.24
C ASN F 457 -27.24 45.22 -35.86
N LEU F 458 -27.19 44.60 -34.69
CA LEU F 458 -28.26 43.70 -34.25
C LEU F 458 -29.58 44.45 -34.15
N TRP F 459 -29.54 45.61 -33.48
CA TRP F 459 -30.71 46.47 -33.42
C TRP F 459 -30.80 47.27 -34.72
N THR F 460 -31.90 47.05 -35.46
CA THR F 460 -32.20 47.74 -36.70
C THR F 460 -32.87 49.08 -36.39
N SER F 461 -32.97 49.96 -37.39
CA SER F 461 -33.66 51.24 -37.24
C SER F 461 -35.12 51.02 -36.84
N SER F 462 -35.74 50.03 -37.50
CA SER F 462 -37.10 49.60 -37.20
C SER F 462 -37.25 49.28 -35.71
N GLN F 463 -36.40 48.38 -35.21
CA GLN F 463 -36.49 47.94 -33.83
C GLN F 463 -36.19 49.11 -32.87
N LEU F 464 -35.27 50.00 -33.27
CA LEU F 464 -34.81 51.10 -32.44
C LEU F 464 -35.86 52.20 -32.31
N SER F 465 -36.91 52.18 -33.11
CA SER F 465 -37.95 53.18 -33.01
C SER F 465 -39.17 52.65 -32.26
N LEU F 466 -39.08 51.43 -31.70
CA LEU F 466 -40.14 50.89 -30.87
C LEU F 466 -40.12 51.57 -29.50
N THR F 467 -41.31 51.70 -28.89
CA THR F 467 -41.46 52.20 -27.53
C THR F 467 -42.12 51.11 -26.66
N ASN F 468 -42.28 51.42 -25.37
CA ASN F 468 -42.89 50.50 -24.41
C ASN F 468 -44.35 50.20 -24.78
N ASP F 469 -45.03 51.12 -25.50
CA ASP F 469 -46.39 50.94 -25.96
C ASP F 469 -46.48 49.83 -27.01
N ASP F 470 -45.35 49.50 -27.66
CA ASP F 470 -45.35 48.51 -28.73
C ASP F 470 -45.11 47.12 -28.17
N LEU F 471 -45.06 46.97 -26.84
CA LEU F 471 -44.89 45.66 -26.23
C LEU F 471 -46.26 45.08 -25.91
N ASN F 472 -46.32 43.76 -25.83
CA ASN F 472 -47.50 43.06 -25.38
C ASN F 472 -47.77 43.46 -23.94
N PRO F 473 -48.99 43.92 -23.59
CA PRO F 473 -49.29 44.28 -22.20
C PRO F 473 -49.14 43.17 -21.16
N ASN F 474 -49.01 41.91 -21.59
CA ASN F 474 -48.88 40.79 -20.67
C ASN F 474 -47.50 40.78 -20.00
N VAL F 475 -46.57 41.63 -20.48
CA VAL F 475 -45.23 41.72 -19.90
C VAL F 475 -45.19 42.72 -18.74
N ARG F 476 -46.26 43.52 -18.51
CA ARG F 476 -46.18 44.64 -17.58
C ARG F 476 -46.08 44.13 -16.14
N ASP F 477 -47.10 43.47 -15.58
CA ASP F 477 -46.98 42.94 -14.22
C ASP F 477 -47.43 41.49 -14.23
N PRO F 478 -46.67 40.59 -14.89
CA PRO F 478 -47.07 39.18 -14.94
C PRO F 478 -47.13 38.61 -13.52
N ILE F 479 -48.12 37.75 -13.27
CA ILE F 479 -48.18 36.96 -12.06
C ILE F 479 -47.40 35.67 -12.31
N VAL F 480 -46.07 35.77 -12.15
CA VAL F 480 -45.14 34.68 -12.35
C VAL F 480 -45.18 33.74 -11.15
N LYS F 481 -45.51 32.46 -11.41
CA LYS F 481 -45.69 31.44 -10.37
C LYS F 481 -44.38 30.69 -10.10
N GLN F 482 -44.20 30.27 -8.85
CA GLN F 482 -42.97 29.62 -8.41
C GLN F 482 -42.85 28.22 -9.01
N LEU F 483 -41.60 27.79 -9.30
CA LEU F 483 -41.34 26.51 -9.95
C LEU F 483 -41.21 25.41 -8.89
N GLU F 484 -41.75 24.22 -9.21
CA GLU F 484 -41.68 23.07 -8.33
C GLU F 484 -40.23 22.57 -8.25
N VAL F 485 -39.49 22.69 -9.37
CA VAL F 485 -38.16 22.10 -9.54
C VAL F 485 -37.13 22.82 -8.64
N SER F 486 -37.36 24.12 -8.35
CA SER F 486 -36.54 24.91 -7.45
C SER F 486 -36.39 24.23 -6.08
N SER F 487 -37.45 23.54 -5.62
CA SER F 487 -37.53 22.90 -4.30
C SER F 487 -37.32 21.39 -4.38
N GLY F 488 -37.55 20.79 -5.56
CA GLY F 488 -37.55 19.35 -5.72
C GLY F 488 -38.89 18.83 -6.24
N ILE F 489 -38.83 17.78 -7.07
CA ILE F 489 -39.98 17.29 -7.80
C ILE F 489 -40.47 15.99 -7.16
N LYS F 490 -41.80 15.90 -6.96
CA LYS F 490 -42.40 14.84 -6.15
C LYS F 490 -43.00 13.84 -7.15
N GLN F 491 -42.37 12.65 -7.20
CA GLN F 491 -42.77 11.58 -8.11
C GLN F 491 -43.68 10.65 -7.34
N1 PLG G . 5.49 -3.18 42.26
C2 PLG G . 6.01 -2.28 43.11
C2A PLG G . 5.06 -1.51 43.98
C3 PLG G . 7.41 -2.05 43.15
O3 PLG G . 7.85 -1.12 44.05
C4 PLG G . 8.27 -2.78 42.30
C4A PLG G . 9.83 -2.60 42.35
C5 PLG G . 7.68 -3.73 41.43
C6 PLG G . 6.30 -3.88 41.46
C5A PLG G . 8.50 -4.59 40.52
OP4 PLG G . 8.91 -5.81 41.24
P PLG G . 10.43 -6.33 41.07
OP1 PLG G . 11.25 -5.38 41.97
OP2 PLG G . 10.78 -6.16 39.57
OP3 PLG G . 10.48 -7.80 41.55
C PLG G . 10.05 0.54 44.39
O PLG G . 9.09 1.03 43.71
OXT PLG G . 10.66 1.15 45.33
CA PLG G . 10.49 -0.88 44.03
N PLG G . 10.31 -1.23 42.60
N1 PLG H . -15.69 24.95 3.79
C2 PLG H . -16.58 24.39 4.61
C2A PLG H . -16.07 23.53 5.72
C3 PLG H . -17.96 24.62 4.45
O3 PLG H . -18.73 23.94 5.40
C4 PLG H . -18.41 25.48 3.41
C4A PLG H . -19.89 25.78 3.14
C5 PLG H . -17.44 26.03 2.54
C6 PLG H . -16.12 25.74 2.79
C5A PLG H . -17.83 26.94 1.41
OP4 PLG H . -18.22 28.23 1.97
P PLG H . -19.31 29.22 1.28
OP1 PLG H . -18.94 30.65 1.74
OP2 PLG H . -19.11 29.00 -0.25
OP3 PLG H . -20.69 28.74 1.81
C PLG H . -21.32 22.95 5.10
O PLG H . -20.55 21.95 5.08
OXT PLG H . -22.12 23.27 6.05
CA PLG H . -21.23 23.85 3.86
N PLG H . -20.82 25.23 4.13
C1 PEG I . 12.44 41.87 26.28
O1 PEG I . 11.51 41.13 27.12
C2 PEG I . 12.19 41.60 24.81
O2 PEG I . 12.59 42.68 23.95
C3 PEG I . 11.56 43.63 23.65
C4 PEG I . 11.14 43.62 22.22
O4 PEG I . 9.88 44.34 22.02
C1 PEG J . 2.36 38.40 25.23
O1 PEG J . 2.09 36.99 25.29
C2 PEG J . 1.14 39.21 24.90
O2 PEG J . 1.39 40.60 25.14
C3 PEG J . 1.33 41.44 23.99
C4 PEG J . 2.40 42.47 24.07
O4 PEG J . 3.19 42.57 22.90
C1 PEG K . -30.92 37.46 19.66
O1 PEG K . -32.20 37.84 19.13
C2 PEG K . -29.90 38.55 19.55
O2 PEG K . -28.59 38.00 19.70
C3 PEG K . -27.74 38.14 18.54
C4 PEG K . -27.11 39.53 18.44
O4 PEG K . -26.90 39.93 17.07
C1 PEG L . 6.56 27.02 7.49
O1 PEG L . 6.04 26.99 8.83
C2 PEG L . 6.69 25.63 6.85
O2 PEG L . 7.94 25.41 6.18
C3 PEG L . 7.92 25.72 4.78
C4 PEG L . 8.12 27.22 4.58
O4 PEG L . 6.94 27.92 4.15
C1 PEG M . -19.34 -1.38 12.98
O1 PEG M . -19.14 -0.41 11.96
C2 PEG M . -20.41 -0.97 13.96
O2 PEG M . -21.70 -1.35 13.47
C3 PEG M . -22.78 -0.48 13.85
C4 PEG M . -23.70 -0.17 12.66
O4 PEG M . -23.19 0.86 11.78
C1 PEG N . -24.37 14.87 -4.59
O1 PEG N . -24.21 15.27 -3.23
C2 PEG N . -23.70 13.54 -4.92
O2 PEG N . -24.66 12.49 -5.05
C3 PEG N . -24.18 11.31 -5.72
C4 PEG N . -24.43 10.04 -4.90
O4 PEG N . -25.80 9.82 -4.56
N1 PLG O . -4.55 -14.73 -26.94
C2 PLG O . -5.61 -14.73 -27.75
C2A PLG O . -6.72 -13.74 -27.52
C3 PLG O . -5.70 -15.66 -28.83
O3 PLG O . -6.81 -15.70 -29.66
C4 PLG O . -4.65 -16.57 -29.05
C4A PLG O . -4.75 -17.58 -30.21
C5 PLG O . -3.54 -16.55 -28.18
C6 PLG O . -3.55 -15.59 -27.15
C5A PLG O . -2.35 -17.45 -28.34
OP4 PLG O . -1.44 -16.83 -29.30
P PLG O . -0.51 -17.67 -30.35
OP1 PLG O . 0.52 -16.61 -30.81
OP2 PLG O . 0.09 -18.86 -29.53
OP3 PLG O . -1.41 -18.16 -31.48
C PLG O . -8.33 -17.83 -31.62
O PLG O . -8.95 -17.32 -32.61
OXT PLG O . -8.88 -18.41 -30.62
CA PLG O . -6.81 -17.70 -31.61
N PLG O . -6.13 -18.15 -30.38
C1 PEG P . 3.68 21.33 -29.14
O1 PEG P . 4.93 20.78 -29.52
C2 PEG P . 3.81 22.51 -28.20
O2 PEG P . 4.29 22.09 -26.92
C3 PEG P . 4.50 23.16 -25.99
C4 PEG P . 5.39 22.71 -24.83
O4 PEG P . 6.60 23.49 -24.67
C1 PEG Q . -0.41 0.91 -10.36
O1 PEG Q . 0.53 -0.04 -9.82
C2 PEG Q . -0.56 0.78 -11.88
O2 PEG Q . -1.08 1.98 -12.44
C3 PEG Q . -0.13 2.76 -13.18
C4 PEG Q . -0.65 3.10 -14.57
O4 PEG Q . -1.91 3.84 -14.57
C1 PEG R . 10.60 12.02 -25.97
O1 PEG R . 9.70 12.01 -27.08
C2 PEG R . 10.99 10.63 -25.51
O2 PEG R . 11.24 9.79 -26.64
C3 PEG R . 10.06 9.20 -27.19
C4 PEG R . 10.39 8.58 -28.52
O4 PEG R . 10.04 7.19 -28.58
C1 PEG S . -0.16 -10.06 -53.50
O1 PEG S . 0.99 -9.42 -53.99
C2 PEG S . -0.59 -11.27 -54.33
O2 PEG S . -2.01 -11.33 -54.54
C3 PEG S . -2.88 -11.18 -53.40
C4 PEG S . -3.72 -9.90 -53.47
O4 PEG S . -4.18 -9.39 -52.20
N1 PLG T . 16.95 -12.86 21.91
C2 PLG T . 17.01 -14.13 21.50
C2A PLG T . 17.36 -14.41 20.07
C3 PLG T . 16.77 -15.18 22.40
O3 PLG T . 16.81 -16.48 21.94
C4 PLG T . 16.47 -14.89 23.74
C4A PLG T . 16.18 -16.01 24.72
C5 PLG T . 16.40 -13.55 24.15
C6 PLG T . 16.67 -12.57 23.20
C5A PLG T . 16.08 -13.17 25.57
OP4 PLG T . 17.22 -13.44 26.44
P PLG T . 17.02 -13.77 28.04
OP1 PLG T . 15.78 -12.96 28.52
OP2 PLG T . 16.75 -15.26 28.08
OP3 PLG T . 18.36 -13.34 28.72
C PLG T . 15.10 -18.96 22.58
O PLG T . 16.19 -19.58 22.48
OXT PLG T . 14.10 -19.13 21.86
CA PLG T . 14.97 -17.93 23.70
N PLG T . 16.26 -17.37 24.14
C1 PEG U . 44.04 -7.46 9.59
O1 PEG U . 45.14 -7.42 10.53
C2 PEG U . 44.21 -6.66 8.27
O2 PEG U . 44.64 -5.30 8.44
C3 PEG U . 45.63 -4.93 7.47
C4 PEG U . 46.21 -3.56 7.76
O4 PEG U . 47.53 -3.43 7.25
C1 PEG V . 35.62 -5.20 7.47
O1 PEG V . 35.45 -4.77 8.80
C2 PEG V . 35.35 -6.69 7.29
O2 PEG V . 36.42 -7.30 6.55
C3 PEG V . 36.20 -8.66 6.17
C4 PEG V . 37.20 -9.07 5.11
O4 PEG V . 36.96 -8.48 3.82
C1 PEG W . 51.61 -0.44 12.68
O1 PEG W . 50.73 -0.58 13.82
C2 PEG W . 50.93 0.26 11.48
O2 PEG W . 51.61 1.46 11.11
C3 PEG W . 50.84 2.56 10.61
C4 PEG W . 51.59 3.86 10.85
O4 PEG W . 50.85 4.82 11.61
C1 PEG X . 48.77 2.12 17.01
O1 PEG X . 49.07 0.85 16.38
C2 PEG X . 48.60 3.28 16.02
O2 PEG X . 48.78 4.56 16.62
C3 PEG X . 49.67 5.42 15.88
C4 PEG X . 49.02 5.93 14.60
O4 PEG X . 49.80 5.67 13.41
C1 PEG Y . 46.05 -1.67 17.64
O1 PEG Y . 46.69 -0.72 18.47
C2 PEG Y . 46.47 -3.09 17.93
O2 PEG Y . 46.82 -3.78 16.72
C3 PEG Y . 45.72 -4.36 16.01
C4 PEG Y . 46.08 -4.55 14.56
O4 PEG Y . 44.97 -4.92 13.75
C1 PEG Z . 31.88 -13.61 8.15
O1 PEG Z . 33.24 -13.32 8.31
C2 PEG Z . 31.10 -13.45 9.43
O2 PEG Z . 29.87 -12.74 9.19
C3 PEG Z . 28.75 -13.54 8.79
C4 PEG Z . 28.92 -14.08 7.37
O4 PEG Z . 27.69 -14.58 6.84
C1 PEG AA . 10.83 -16.73 18.53
O1 PEG AA . 10.79 -16.71 19.93
C2 PEG AA . 9.58 -16.14 17.92
O2 PEG AA . 9.87 -15.56 16.64
C3 PEG AA . 10.37 -16.47 15.68
C4 PEG AA . 9.59 -16.35 14.41
O4 PEG AA . 8.33 -16.95 14.53
C1 PEG BA . 18.17 -15.42 2.54
O1 PEG BA . 18.01 -16.82 2.34
C2 PEG BA . 19.14 -14.78 1.58
O2 PEG BA . 18.78 -15.09 0.23
C3 PEG BA . 17.54 -14.52 -0.23
C4 PEG BA . 16.44 -15.56 -0.22
O4 PEG BA . 15.40 -15.27 -1.15
C1 PEG CA . 32.61 -30.67 31.11
O1 PEG CA . 32.41 -31.36 32.37
C2 PEG CA . 34.02 -30.11 30.93
O2 PEG CA . 34.15 -29.31 29.74
C3 PEG CA . 33.74 -27.93 29.85
C4 PEG CA . 34.83 -26.99 30.38
O4 PEG CA . 34.32 -25.82 31.08
C1 PEG DA . 6.77 4.76 0.69
O1 PEG DA . 5.50 4.89 0.05
C2 PEG DA . 6.69 3.95 1.96
O2 PEG DA . 7.73 2.99 1.96
C3 PEG DA . 7.29 1.63 1.98
C4 PEG DA . 7.09 1.10 0.58
O4 PEG DA . 6.53 -0.21 0.55
C1 PEG EA . 38.10 -28.86 26.00
O1 PEG EA . 37.14 -29.91 26.01
C2 PEG EA . 37.58 -27.61 26.66
O2 PEG EA . 38.67 -26.73 26.94
C3 PEG EA . 39.43 -27.11 28.09
C4 PEG EA . 40.20 -25.94 28.66
O4 PEG EA . 39.40 -24.76 28.74
N1 PLG FA . 13.93 -31.59 -23.66
C2 PLG FA . 15.25 -31.45 -23.53
C2A PLG FA . 16.05 -32.57 -22.94
C3 PLG FA . 15.86 -30.26 -23.94
O3 PLG FA . 17.23 -30.11 -23.82
C4 PLG FA . 15.10 -29.23 -24.52
C4A PLG FA . 15.80 -27.95 -24.97
C5 PLG FA . 13.70 -29.40 -24.64
C6 PLG FA . 13.18 -30.60 -24.20
C5A PLG FA . 12.78 -28.35 -25.21
OP4 PLG FA . 12.50 -28.60 -26.62
P PLG FA . 12.58 -27.42 -27.74
OP1 PLG FA . 14.05 -27.05 -27.84
OP2 PLG FA . 12.03 -28.10 -29.00
OP3 PLG FA . 11.76 -26.21 -27.23
C PLG FA . 18.03 -26.57 -22.90
O PLG FA . 18.92 -27.28 -22.30
OXT PLG FA . 17.24 -25.71 -22.38
CA PLG FA . 17.86 -26.75 -24.40
N PLG FA . 17.25 -28.04 -24.72
C1 PEG GA . 22.62 -47.32 -22.84
O1 PEG GA . 23.61 -48.12 -22.20
C2 PEG GA . 21.46 -48.15 -23.40
O2 PEG GA . 21.58 -48.33 -24.82
C3 PEG GA . 22.73 -49.09 -25.19
C4 PEG GA . 22.76 -49.28 -26.68
O4 PEG GA . 22.43 -50.60 -27.04
N1 PLG HA . -19.42 34.54 -18.88
C2 PLG HA . -18.90 35.60 -19.51
C2A PLG HA . -18.91 35.60 -21.01
C3 PLG HA . -18.38 36.69 -18.76
O3 PLG HA . -17.87 37.78 -19.46
C4 PLG HA . -18.41 36.67 -17.35
C4A PLG HA . -17.85 37.84 -16.48
C5 PLG HA . -18.96 35.52 -16.73
C6 PLG HA . -19.45 34.51 -17.54
C5A PLG HA . -19.05 35.39 -15.25
OP4 PLG HA . -20.33 35.93 -14.76
P PLG HA . -20.24 36.49 -13.23
OP1 PLG HA . -19.60 37.90 -13.39
OP2 PLG HA . -21.70 36.43 -12.71
OP3 PLG HA . -19.30 35.55 -12.43
C PLG HA . -15.68 40.40 -18.20
O PLG HA . -16.20 41.53 -17.98
OXT PLG HA . -14.44 40.13 -18.42
CA PLG HA . -16.65 39.21 -18.22
N PLG HA . -17.68 39.17 -17.16
C1 PEG IA . -40.61 43.50 -1.32
O1 PEG IA . -40.58 42.68 -0.15
C2 PEG IA . -40.74 42.68 -2.58
O2 PEG IA . -40.38 43.46 -3.72
C3 PEG IA . -40.52 42.74 -4.95
C4 PEG IA . -39.17 42.63 -5.68
O4 PEG IA . -38.57 41.32 -5.63
#